data_7OJ5
#
_entry.id   7OJ5
#
_cell.length_a   1.00
_cell.length_b   1.00
_cell.length_c   1.00
_cell.angle_alpha   90.00
_cell.angle_beta   90.00
_cell.angle_gamma   90.00
#
_symmetry.space_group_name_H-M   'P 1'
#
loop_
_entity.id
_entity.type
_entity.pdbx_description
1 polymer 'Imidazoleglycerol-phosphate dehydratase'
2 non-polymer 'MANGANESE (II) ION'
3 water water
#
_entity_poly.entity_id   1
_entity_poly.type   'polypeptide(L)'
_entity_poly.pdbx_seq_one_letter_code
;MSTFPIDSGARIGEMKRVTKETNVSVKINLDGTGVADNSSGIPFLDHMLDQLASHGLFDVHVKATGDTHIDDHHTNEDVA
LAIGTALLQALGDRKGINRFGNFSAPLDEALVHVSLDLSGRPHLGYDLNIPTQRVGKYDTQLVEHFFQSLVNTSGMTLHI
RQFSGTNSHHIIEATFKAFARALRQATEYDTRRRGTIPSSKGVLSRS
;
_entity_poly.pdbx_strand_id   A,B,C,D,E,F,G,H,I,J,K,L,M,N,O,P,Q,R,S,T,V,W,X,Y
#
loop_
_chem_comp.id
_chem_comp.type
_chem_comp.name
_chem_comp.formula
MN non-polymer 'MANGANESE (II) ION' 'Mn 2'
#
# COMPACT_ATOMS: atom_id res chain seq x y z
N ALA A 10 -21.82 -1.02 -63.53
CA ALA A 10 -20.81 -0.38 -62.70
C ALA A 10 -21.43 0.72 -61.84
N ARG A 11 -21.12 0.70 -60.54
CA ARG A 11 -21.65 1.66 -59.58
C ARG A 11 -20.64 2.77 -59.38
N ILE A 12 -21.05 4.01 -59.65
CA ILE A 12 -20.17 5.17 -59.63
C ILE A 12 -20.83 6.27 -58.82
N GLY A 13 -20.05 6.90 -57.95
CA GLY A 13 -20.54 8.02 -57.16
C GLY A 13 -19.67 9.24 -57.32
N GLU A 14 -20.30 10.42 -57.31
CA GLU A 14 -19.59 11.68 -57.44
C GLU A 14 -20.19 12.71 -56.50
N MET A 15 -19.40 13.73 -56.17
CA MET A 15 -19.83 14.77 -55.25
C MET A 15 -19.04 16.05 -55.53
N LYS A 16 -19.71 17.18 -55.36
CA LYS A 16 -19.07 18.49 -55.55
C LYS A 16 -19.67 19.46 -54.53
N ARG A 17 -18.82 20.03 -53.68
CA ARG A 17 -19.25 20.97 -52.66
C ARG A 17 -18.33 22.18 -52.64
N VAL A 18 -18.92 23.37 -52.58
CA VAL A 18 -18.18 24.62 -52.51
C VAL A 18 -18.59 25.34 -51.23
N THR A 19 -17.63 25.61 -50.35
CA THR A 19 -17.85 26.38 -49.14
C THR A 19 -16.89 27.56 -49.14
N LYS A 20 -16.95 28.37 -48.07
CA LYS A 20 -16.07 29.52 -47.94
C LYS A 20 -14.63 29.13 -47.66
N GLU A 21 -14.36 27.87 -47.34
CA GLU A 21 -13.01 27.42 -47.01
C GLU A 21 -12.42 26.45 -48.02
N THR A 22 -13.23 25.60 -48.65
CA THR A 22 -12.71 24.51 -49.45
C THR A 22 -13.54 24.34 -50.72
N ASN A 23 -12.90 23.80 -51.76
CA ASN A 23 -13.56 23.35 -52.98
C ASN A 23 -13.13 21.92 -53.23
N VAL A 24 -14.09 20.99 -53.30
CA VAL A 24 -13.81 19.57 -53.34
C VAL A 24 -14.64 18.91 -54.44
N SER A 25 -14.00 18.07 -55.24
CA SER A 25 -14.66 17.20 -56.20
C SER A 25 -14.13 15.78 -56.04
N VAL A 26 -15.03 14.81 -55.90
CA VAL A 26 -14.67 13.44 -55.59
C VAL A 26 -15.45 12.50 -56.49
N LYS A 27 -14.77 11.48 -57.03
CA LYS A 27 -15.41 10.46 -57.85
C LYS A 27 -14.92 9.08 -57.42
N ILE A 28 -15.85 8.16 -57.19
CA ILE A 28 -15.56 6.81 -56.70
C ILE A 28 -16.26 5.80 -57.61
N ASN A 29 -15.53 4.74 -57.96
CA ASN A 29 -16.07 3.64 -58.77
C ASN A 29 -15.80 2.34 -58.01
N LEU A 30 -16.87 1.63 -57.66
CA LEU A 30 -16.72 0.41 -56.87
C LEU A 30 -16.23 -0.77 -57.71
N ASP A 31 -16.57 -0.79 -59.00
CA ASP A 31 -16.10 -1.83 -59.92
C ASP A 31 -14.97 -1.26 -60.75
N GLY A 32 -13.77 -1.26 -60.17
CA GLY A 32 -12.61 -0.66 -60.79
C GLY A 32 -11.43 -1.63 -60.85
N THR A 33 -10.31 -1.10 -61.34
CA THR A 33 -9.08 -1.87 -61.48
C THR A 33 -7.93 -1.27 -60.68
N GLY A 34 -8.18 -0.26 -59.86
CA GLY A 34 -7.16 0.34 -59.04
C GLY A 34 -6.56 1.63 -59.54
N VAL A 35 -7.27 2.38 -60.37
CA VAL A 35 -6.76 3.66 -60.84
C VAL A 35 -6.84 4.68 -59.72
N ALA A 36 -5.73 5.39 -59.48
CA ALA A 36 -5.64 6.38 -58.42
C ALA A 36 -5.20 7.71 -59.01
N ASP A 37 -6.04 8.73 -58.85
CA ASP A 37 -5.72 10.10 -59.25
C ASP A 37 -6.16 11.03 -58.11
N ASN A 38 -5.25 11.25 -57.16
CA ASN A 38 -5.55 12.02 -55.97
C ASN A 38 -4.63 13.23 -55.90
N SER A 39 -5.22 14.42 -55.74
CA SER A 39 -4.43 15.65 -55.68
C SER A 39 -5.17 16.64 -54.78
N SER A 40 -4.77 16.69 -53.52
CA SER A 40 -5.21 17.70 -52.58
C SER A 40 -3.98 18.46 -52.07
N GLY A 41 -4.19 19.33 -51.10
CA GLY A 41 -3.10 20.07 -50.50
C GLY A 41 -2.36 19.35 -49.40
N ILE A 42 -2.70 18.10 -49.13
CA ILE A 42 -2.10 17.31 -48.07
C ILE A 42 -1.41 16.10 -48.71
N PRO A 43 -0.10 16.15 -48.89
CA PRO A 43 0.60 15.04 -49.57
C PRO A 43 0.49 13.70 -48.87
N PHE A 44 0.46 13.68 -47.53
CA PHE A 44 0.39 12.39 -46.83
C PHE A 44 -0.97 11.75 -46.99
N LEU A 45 -2.04 12.55 -47.05
CA LEU A 45 -3.37 12.00 -47.28
C LEU A 45 -3.49 11.39 -48.67
N ASP A 46 -2.80 11.99 -49.65
CA ASP A 46 -2.79 11.43 -50.99
C ASP A 46 -2.09 10.07 -51.03
N HIS A 47 -1.03 9.93 -50.23
CA HIS A 47 -0.36 8.64 -50.10
C HIS A 47 -1.30 7.59 -49.51
N MET A 48 -2.15 8.00 -48.57
CA MET A 48 -3.08 7.06 -47.95
C MET A 48 -4.20 6.68 -48.91
N LEU A 49 -4.70 7.64 -49.69
CA LEU A 49 -5.82 7.36 -50.59
C LEU A 49 -5.40 6.48 -51.75
N ASP A 50 -4.11 6.49 -52.11
CA ASP A 50 -3.64 5.61 -53.18
C ASP A 50 -3.69 4.15 -52.76
N GLN A 51 -3.40 3.85 -51.48
CA GLN A 51 -3.47 2.48 -51.01
C GLN A 51 -4.88 1.95 -50.99
N LEU A 52 -5.88 2.82 -50.82
CA LEU A 52 -7.27 2.37 -50.87
C LEU A 52 -7.65 1.91 -52.27
N ALA A 53 -7.07 2.54 -53.30
CA ALA A 53 -7.35 2.13 -54.67
C ALA A 53 -6.63 0.83 -55.03
N SER A 54 -5.38 0.68 -54.61
CA SER A 54 -4.60 -0.50 -55.01
C SER A 54 -5.07 -1.74 -54.28
N HIS A 55 -5.27 -1.64 -52.96
CA HIS A 55 -5.64 -2.81 -52.17
C HIS A 55 -7.13 -3.13 -52.28
N GLY A 56 -7.97 -2.12 -52.50
CA GLY A 56 -9.39 -2.35 -52.62
C GLY A 56 -9.90 -2.52 -54.04
N LEU A 57 -9.04 -2.32 -55.03
CA LEU A 57 -9.41 -2.38 -56.45
C LEU A 57 -10.53 -1.40 -56.77
N PHE A 58 -10.49 -0.22 -56.16
CA PHE A 58 -11.41 0.87 -56.45
C PHE A 58 -10.75 1.90 -57.36
N ASP A 59 -11.58 2.73 -57.98
CA ASP A 59 -11.12 3.88 -58.75
C ASP A 59 -11.46 5.13 -57.93
N VAL A 60 -10.44 5.81 -57.45
CA VAL A 60 -10.59 6.95 -56.56
C VAL A 60 -9.99 8.19 -57.23
N HIS A 61 -10.80 9.25 -57.32
CA HIS A 61 -10.36 10.53 -57.87
C HIS A 61 -10.77 11.64 -56.92
N VAL A 62 -9.79 12.36 -56.39
CA VAL A 62 -10.03 13.46 -55.46
C VAL A 62 -9.29 14.69 -55.94
N LYS A 63 -10.00 15.81 -56.03
CA LYS A 63 -9.41 17.11 -56.35
C LYS A 63 -9.90 18.11 -55.32
N ALA A 64 -8.98 18.77 -54.62
CA ALA A 64 -9.37 19.67 -53.55
C ALA A 64 -8.36 20.80 -53.41
N THR A 65 -8.86 22.00 -53.11
CA THR A 65 -8.04 23.14 -52.75
C THR A 65 -8.72 23.85 -51.59
N GLY A 66 -7.92 24.50 -50.75
CA GLY A 66 -8.47 25.11 -49.56
C GLY A 66 -7.46 25.96 -48.82
N ASP A 67 -7.87 26.40 -47.64
CA ASP A 67 -7.07 27.32 -46.82
C ASP A 67 -6.08 26.52 -45.95
N THR A 68 -5.11 25.91 -46.62
CA THR A 68 -4.08 25.16 -45.91
C THR A 68 -3.06 26.05 -45.23
N HIS A 69 -3.07 27.36 -45.50
CA HIS A 69 -2.16 28.26 -44.82
C HIS A 69 -2.48 28.42 -43.35
N ILE A 70 -3.73 28.15 -42.95
CA ILE A 70 -4.09 28.12 -41.54
C ILE A 70 -3.81 26.76 -40.92
N ASP A 71 -4.40 25.71 -41.48
CA ASP A 71 -4.28 24.36 -40.97
C ASP A 71 -4.75 23.40 -42.04
N ASP A 72 -4.49 22.12 -41.82
CA ASP A 72 -5.02 21.06 -42.66
C ASP A 72 -6.38 20.55 -42.18
N HIS A 73 -6.91 21.12 -41.10
CA HIS A 73 -8.13 20.60 -40.49
C HIS A 73 -9.33 20.72 -41.42
N HIS A 74 -9.55 21.92 -41.97
CA HIS A 74 -10.77 22.15 -42.75
C HIS A 74 -10.74 21.36 -44.07
N THR A 75 -9.56 21.22 -44.67
CA THR A 75 -9.46 20.44 -45.91
C THR A 75 -9.63 18.95 -45.64
N ASN A 76 -9.04 18.45 -44.55
CA ASN A 76 -9.16 17.03 -44.21
C ASN A 76 -10.60 16.65 -43.91
N GLU A 77 -11.33 17.52 -43.21
CA GLU A 77 -12.71 17.23 -42.85
C GLU A 77 -13.62 17.21 -44.08
N ASP A 78 -13.43 18.15 -45.01
CA ASP A 78 -14.31 18.24 -46.16
C ASP A 78 -14.10 17.12 -47.16
N VAL A 79 -12.87 16.62 -47.29
CA VAL A 79 -12.59 15.49 -48.17
C VAL A 79 -13.29 14.24 -47.67
N ALA A 80 -13.25 14.01 -46.36
CA ALA A 80 -13.85 12.80 -45.79
C ALA A 80 -15.36 12.81 -45.94
N LEU A 81 -16.00 13.98 -45.79
CA LEU A 81 -17.44 14.06 -45.96
C LEU A 81 -17.85 13.78 -47.41
N ALA A 82 -17.06 14.25 -48.37
CA ALA A 82 -17.39 14.05 -49.78
C ALA A 82 -17.23 12.60 -50.19
N ILE A 83 -16.22 11.91 -49.66
CA ILE A 83 -16.01 10.50 -49.98
C ILE A 83 -17.16 9.66 -49.43
N GLY A 84 -17.62 9.98 -48.22
CA GLY A 84 -18.72 9.23 -47.63
C GLY A 84 -20.02 9.40 -48.39
N THR A 85 -20.30 10.61 -48.86
CA THR A 85 -21.54 10.84 -49.62
C THR A 85 -21.50 10.12 -50.97
N ALA A 86 -20.36 10.16 -51.66
CA ALA A 86 -20.25 9.49 -52.95
C ALA A 86 -20.35 7.97 -52.80
N LEU A 87 -19.85 7.43 -51.69
CA LEU A 87 -19.96 6.00 -51.44
C LEU A 87 -21.42 5.60 -51.24
N LEU A 88 -22.20 6.42 -50.54
CA LEU A 88 -23.60 6.10 -50.28
C LEU A 88 -24.41 6.05 -51.58
N GLN A 89 -24.15 6.99 -52.50
CA GLN A 89 -24.95 7.04 -53.72
C GLN A 89 -24.58 5.91 -54.67
N ALA A 90 -23.31 5.49 -54.65
CA ALA A 90 -22.89 4.38 -55.50
C ALA A 90 -23.48 3.04 -55.00
N LEU A 91 -23.67 2.91 -53.69
CA LEU A 91 -24.22 1.67 -53.15
C LEU A 91 -25.67 1.48 -53.57
N GLY A 92 -26.46 2.54 -53.57
CA GLY A 92 -27.86 2.43 -53.96
C GLY A 92 -28.67 1.65 -52.95
N ASP A 93 -29.40 0.65 -53.43
CA ASP A 93 -30.29 -0.13 -52.58
C ASP A 93 -29.56 -1.21 -51.78
N ARG A 94 -28.30 -1.49 -52.10
CA ARG A 94 -27.48 -2.48 -51.38
C ARG A 94 -28.12 -3.86 -51.40
N LYS A 95 -28.69 -4.25 -52.54
CA LYS A 95 -29.38 -5.53 -52.67
C LYS A 95 -28.45 -6.56 -53.28
N GLY A 96 -28.34 -7.71 -52.61
CA GLY A 96 -27.51 -8.80 -53.10
C GLY A 96 -26.05 -8.73 -52.73
N ILE A 97 -25.66 -7.84 -51.82
CA ILE A 97 -24.28 -7.70 -51.42
C ILE A 97 -24.07 -8.35 -50.06
N ASN A 98 -22.80 -8.56 -49.71
CA ASN A 98 -22.46 -9.26 -48.47
C ASN A 98 -22.78 -8.42 -47.24
N ARG A 99 -22.55 -7.10 -47.33
CA ARG A 99 -22.76 -6.08 -46.30
C ARG A 99 -21.83 -6.20 -45.10
N PHE A 100 -20.95 -7.21 -45.06
CA PHE A 100 -20.05 -7.41 -43.94
C PHE A 100 -18.62 -7.61 -44.44
N GLY A 101 -17.67 -7.04 -43.71
CA GLY A 101 -16.27 -7.18 -44.06
C GLY A 101 -15.34 -7.25 -42.86
N ASN A 102 -14.36 -8.15 -42.91
CA ASN A 102 -13.40 -8.32 -41.83
C ASN A 102 -12.02 -8.55 -42.43
N PHE A 103 -11.00 -7.93 -41.83
CA PHE A 103 -9.63 -8.12 -42.29
C PHE A 103 -8.65 -7.66 -41.24
N SER A 104 -7.56 -8.40 -41.09
CA SER A 104 -6.41 -8.02 -40.28
C SER A 104 -5.20 -7.85 -41.19
N ALA A 105 -4.51 -6.72 -41.06
CA ALA A 105 -3.40 -6.39 -41.95
C ALA A 105 -2.11 -6.25 -41.16
N PRO A 106 -1.09 -7.07 -41.43
CA PRO A 106 0.21 -6.87 -40.80
C PRO A 106 1.14 -6.01 -41.65
N LEU A 107 1.88 -5.14 -41.00
CA LEU A 107 2.89 -4.30 -41.67
C LEU A 107 4.08 -4.20 -40.71
N ASP A 108 5.07 -5.09 -40.93
CA ASP A 108 6.26 -5.21 -40.09
C ASP A 108 5.79 -5.49 -38.66
N GLU A 109 6.06 -4.62 -37.69
CA GLU A 109 5.65 -4.86 -36.31
C GLU A 109 4.21 -4.46 -36.03
N ALA A 110 3.53 -3.81 -36.95
CA ALA A 110 2.18 -3.32 -36.74
C ALA A 110 1.14 -4.33 -37.19
N LEU A 111 -0.01 -4.32 -36.53
CA LEU A 111 -1.11 -5.23 -36.83
C LEU A 111 -2.42 -4.57 -36.44
N VAL A 112 -3.29 -4.32 -37.42
CA VAL A 112 -4.55 -3.62 -37.23
C VAL A 112 -5.69 -4.47 -37.79
N HIS A 113 -6.78 -4.59 -37.03
CA HIS A 113 -7.97 -5.30 -37.46
C HIS A 113 -9.13 -4.35 -37.67
N VAL A 114 -9.88 -4.56 -38.75
CA VAL A 114 -10.99 -3.68 -39.14
C VAL A 114 -12.23 -4.54 -39.33
N SER A 115 -13.34 -4.12 -38.70
CA SER A 115 -14.63 -4.78 -38.86
C SER A 115 -15.66 -3.72 -39.21
N LEU A 116 -16.41 -3.93 -40.29
CA LEU A 116 -17.39 -2.96 -40.75
C LEU A 116 -18.65 -3.66 -41.24
N ASP A 117 -19.74 -2.91 -41.25
CA ASP A 117 -21.02 -3.38 -41.75
C ASP A 117 -21.83 -2.20 -42.27
N LEU A 118 -22.39 -2.35 -43.46
CA LEU A 118 -23.16 -1.27 -44.11
C LEU A 118 -24.62 -1.43 -43.76
N SER A 119 -25.09 -0.66 -42.77
CA SER A 119 -26.43 -0.84 -42.23
C SER A 119 -27.31 0.40 -42.24
N GLY A 120 -26.75 1.59 -42.47
CA GLY A 120 -27.50 2.82 -42.37
C GLY A 120 -27.44 3.49 -41.02
N ARG A 121 -26.82 2.86 -40.02
CA ARG A 121 -26.67 3.44 -38.69
C ARG A 121 -25.22 3.80 -38.45
N PRO A 122 -24.88 5.09 -38.31
CA PRO A 122 -23.46 5.48 -38.19
C PRO A 122 -22.93 5.24 -36.78
N HIS A 123 -21.76 4.62 -36.71
CA HIS A 123 -21.06 4.42 -35.44
C HIS A 123 -19.58 4.20 -35.74
N LEU A 124 -18.71 4.76 -34.90
CA LEU A 124 -17.28 4.59 -35.02
C LEU A 124 -16.70 4.07 -33.71
N GLY A 125 -15.98 2.96 -33.78
CA GLY A 125 -15.19 2.49 -32.66
C GLY A 125 -13.71 2.59 -32.95
N TYR A 126 -13.03 3.53 -32.31
CA TYR A 126 -11.65 3.88 -32.62
C TYR A 126 -10.75 3.50 -31.45
N ASP A 127 -9.81 2.58 -31.70
CA ASP A 127 -8.81 2.19 -30.70
C ASP A 127 -7.45 2.15 -31.41
N LEU A 128 -6.77 3.29 -31.43
CA LEU A 128 -5.45 3.41 -32.01
C LEU A 128 -4.54 4.14 -31.05
N ASN A 129 -3.25 3.80 -31.07
CA ASN A 129 -2.25 4.43 -30.20
C ASN A 129 -1.08 4.88 -31.07
N ILE A 130 -1.17 6.10 -31.60
CA ILE A 130 -0.13 6.66 -32.46
C ILE A 130 0.86 7.40 -31.55
N PRO A 131 2.13 7.02 -31.53
CA PRO A 131 3.04 7.58 -30.52
C PRO A 131 3.47 9.02 -30.80
N THR A 132 3.61 9.42 -32.06
CA THR A 132 4.12 10.74 -32.37
C THR A 132 3.00 11.69 -32.80
N GLN A 133 3.28 12.98 -32.70
CA GLN A 133 2.31 14.02 -33.00
C GLN A 133 2.29 14.40 -34.48
N ARG A 134 3.41 14.24 -35.18
CA ARG A 134 3.51 14.54 -36.60
C ARG A 134 4.20 13.38 -37.31
N VAL A 135 3.73 13.04 -38.50
CA VAL A 135 4.37 12.01 -39.31
C VAL A 135 5.30 12.70 -40.29
N GLY A 136 4.74 13.54 -41.16
CA GLY A 136 5.54 14.46 -41.95
C GLY A 136 5.19 15.87 -41.55
N LYS A 137 4.38 16.53 -42.37
CA LYS A 137 3.68 17.75 -41.97
C LYS A 137 2.25 17.46 -41.50
N TYR A 138 1.87 16.19 -41.47
CA TYR A 138 0.49 15.79 -41.19
C TYR A 138 0.28 15.60 -39.69
N ASP A 139 -0.77 16.24 -39.17
CA ASP A 139 -1.11 16.13 -37.77
C ASP A 139 -1.86 14.83 -37.51
N THR A 140 -1.38 14.04 -36.54
CA THR A 140 -1.91 12.69 -36.33
C THR A 140 -3.28 12.69 -35.68
N GLN A 141 -3.74 13.83 -35.16
CA GLN A 141 -5.10 13.90 -34.62
C GLN A 141 -6.15 13.85 -35.72
N LEU A 142 -5.76 14.06 -36.98
CA LEU A 142 -6.70 14.08 -38.09
C LEU A 142 -7.06 12.68 -38.60
N VAL A 143 -6.37 11.63 -38.14
CA VAL A 143 -6.72 10.28 -38.54
C VAL A 143 -8.09 9.89 -37.98
N GLU A 144 -8.33 10.20 -36.70
CA GLU A 144 -9.65 9.97 -36.12
C GLU A 144 -10.72 10.84 -36.77
N HIS A 145 -10.40 12.11 -37.03
CA HIS A 145 -11.38 13.02 -37.63
C HIS A 145 -11.76 12.61 -39.03
N PHE A 146 -10.83 11.99 -39.77
CA PHE A 146 -11.14 11.52 -41.12
C PHE A 146 -12.18 10.41 -41.10
N PHE A 147 -11.98 9.41 -40.24
CA PHE A 147 -12.89 8.26 -40.24
C PHE A 147 -14.22 8.58 -39.58
N GLN A 148 -14.25 9.54 -38.65
CA GLN A 148 -15.51 9.94 -38.05
C GLN A 148 -16.41 10.65 -39.05
N SER A 149 -15.83 11.50 -39.90
CA SER A 149 -16.62 12.21 -40.90
C SER A 149 -17.07 11.29 -42.02
N LEU A 150 -16.31 10.22 -42.29
CA LEU A 150 -16.69 9.30 -43.35
C LEU A 150 -17.92 8.48 -42.98
N VAL A 151 -18.00 8.01 -41.74
CA VAL A 151 -19.14 7.20 -41.33
C VAL A 151 -20.39 8.04 -41.08
N ASN A 152 -20.24 9.35 -40.88
CA ASN A 152 -21.41 10.19 -40.63
C ASN A 152 -22.21 10.42 -41.92
N THR A 153 -21.55 10.41 -43.07
CA THR A 153 -22.23 10.62 -44.34
C THR A 153 -22.56 9.32 -45.08
N SER A 154 -21.83 8.23 -44.80
CA SER A 154 -22.09 6.96 -45.46
C SER A 154 -23.01 6.04 -44.67
N GLY A 155 -23.23 6.32 -43.39
CA GLY A 155 -24.11 5.50 -42.57
C GLY A 155 -23.61 4.09 -42.34
N MET A 156 -22.36 3.93 -41.92
CA MET A 156 -21.77 2.63 -41.70
C MET A 156 -21.32 2.47 -40.26
N THR A 157 -21.24 1.21 -39.83
CA THR A 157 -20.70 0.86 -38.51
C THR A 157 -19.27 0.36 -38.71
N LEU A 158 -18.33 1.01 -38.04
CA LEU A 158 -16.91 0.76 -38.25
C LEU A 158 -16.20 0.58 -36.92
N HIS A 159 -15.40 -0.48 -36.82
CA HIS A 159 -14.59 -0.76 -35.63
C HIS A 159 -13.14 -0.93 -36.04
N ILE A 160 -12.25 -0.21 -35.36
CA ILE A 160 -10.80 -0.28 -35.62
C ILE A 160 -10.09 -0.59 -34.32
N ARG A 161 -9.25 -1.62 -34.32
CA ARG A 161 -8.49 -2.00 -33.14
C ARG A 161 -7.05 -2.33 -33.52
N GLN A 162 -6.11 -1.85 -32.70
CA GLN A 162 -4.69 -2.08 -32.88
C GLN A 162 -4.20 -3.13 -31.90
N PHE A 163 -3.46 -4.12 -32.40
CA PHE A 163 -2.91 -5.16 -31.56
C PHE A 163 -1.42 -5.01 -31.30
N SER A 164 -0.68 -4.38 -32.21
CA SER A 164 0.74 -4.12 -32.02
C SER A 164 1.17 -3.00 -32.95
N GLY A 165 2.34 -2.44 -32.68
CA GLY A 165 2.89 -1.39 -33.53
C GLY A 165 3.64 -0.32 -32.78
N THR A 166 4.73 0.18 -33.35
CA THR A 166 5.52 1.22 -32.74
C THR A 166 5.71 2.41 -33.67
N ASN A 167 5.89 2.14 -34.96
CA ASN A 167 6.17 3.18 -35.93
C ASN A 167 4.87 3.85 -36.39
N SER A 168 4.86 5.18 -36.40
CA SER A 168 3.65 5.92 -36.74
C SER A 168 3.24 5.73 -38.18
N HIS A 169 4.22 5.74 -39.11
CA HIS A 169 3.91 5.51 -40.52
C HIS A 169 3.33 4.13 -40.75
N HIS A 170 3.89 3.11 -40.08
CA HIS A 170 3.42 1.74 -40.29
C HIS A 170 2.01 1.54 -39.73
N ILE A 171 1.69 2.15 -38.59
CA ILE A 171 0.40 1.94 -37.95
C ILE A 171 -0.73 2.52 -38.80
N ILE A 172 -0.57 3.77 -39.25
CA ILE A 172 -1.62 4.43 -40.02
C ILE A 172 -1.82 3.74 -41.37
N GLU A 173 -0.72 3.40 -42.05
CA GLU A 173 -0.83 2.88 -43.41
C GLU A 173 -1.25 1.41 -43.39
N ALA A 174 -1.08 0.73 -42.26
CA ALA A 174 -1.70 -0.58 -42.09
C ALA A 174 -3.20 -0.47 -41.86
N THR A 175 -3.66 0.62 -41.23
CA THR A 175 -5.08 0.82 -41.00
C THR A 175 -5.83 0.99 -42.32
N PHE A 176 -5.25 1.76 -43.26
CA PHE A 176 -5.91 1.99 -44.54
C PHE A 176 -5.93 0.73 -45.40
N LYS A 177 -4.92 -0.13 -45.27
CA LYS A 177 -4.93 -1.39 -46.01
C LYS A 177 -6.04 -2.31 -45.54
N ALA A 178 -6.24 -2.41 -44.21
CA ALA A 178 -7.28 -3.29 -43.69
C ALA A 178 -8.67 -2.74 -43.99
N PHE A 179 -8.82 -1.42 -44.00
CA PHE A 179 -10.11 -0.81 -44.31
C PHE A 179 -10.49 -1.03 -45.77
N ALA A 180 -9.51 -0.96 -46.67
CA ALA A 180 -9.79 -1.12 -48.09
C ALA A 180 -10.26 -2.53 -48.42
N ARG A 181 -9.61 -3.55 -47.86
CA ARG A 181 -9.96 -4.92 -48.16
C ARG A 181 -11.23 -5.37 -47.44
N ALA A 182 -11.54 -4.78 -46.29
CA ALA A 182 -12.79 -5.07 -45.62
C ALA A 182 -13.97 -4.42 -46.33
N LEU A 183 -13.76 -3.23 -46.88
CA LEU A 183 -14.82 -2.57 -47.66
C LEU A 183 -15.05 -3.30 -48.98
N ARG A 184 -14.00 -3.84 -49.58
CA ARG A 184 -14.14 -4.60 -50.82
C ARG A 184 -14.98 -5.85 -50.60
N GLN A 185 -14.76 -6.55 -49.50
CA GLN A 185 -15.52 -7.77 -49.23
C GLN A 185 -16.98 -7.48 -48.97
N ALA A 186 -17.28 -6.33 -48.35
CA ALA A 186 -18.67 -6.00 -48.04
C ALA A 186 -19.44 -5.59 -49.29
N THR A 187 -18.76 -5.10 -50.31
CA THR A 187 -19.44 -4.61 -51.51
C THR A 187 -19.56 -5.65 -52.61
N GLU A 188 -18.92 -6.81 -52.49
CA GLU A 188 -19.08 -7.85 -53.50
C GLU A 188 -20.45 -8.50 -53.40
N TYR A 189 -20.96 -8.94 -54.55
CA TYR A 189 -22.26 -9.60 -54.60
C TYR A 189 -22.16 -11.00 -54.00
N ASP A 190 -23.15 -11.35 -53.19
CA ASP A 190 -23.19 -12.68 -52.61
C ASP A 190 -23.65 -13.68 -53.67
N THR A 191 -23.04 -14.86 -53.67
CA THR A 191 -23.34 -15.89 -54.66
C THR A 191 -24.52 -16.77 -54.26
N ARG A 192 -25.10 -16.54 -53.09
CA ARG A 192 -26.22 -17.33 -52.54
C ARG A 192 -25.75 -18.77 -52.41
N ARG A 193 -26.58 -19.76 -52.75
CA ARG A 193 -26.20 -21.15 -52.60
C ARG A 193 -25.29 -21.60 -53.74
N ALA B 10 60.03 11.11 -28.04
CA ALA B 10 59.42 10.92 -26.73
C ALA B 10 58.70 12.18 -26.27
N ARG B 11 57.45 12.02 -25.83
CA ARG B 11 56.62 13.13 -25.38
C ARG B 11 56.71 13.23 -23.86
N ILE B 12 57.14 14.39 -23.37
CA ILE B 12 57.40 14.61 -21.95
C ILE B 12 56.72 15.90 -21.52
N GLY B 13 56.05 15.85 -20.38
CA GLY B 13 55.41 17.03 -19.82
C GLY B 13 55.86 17.29 -18.40
N GLU B 14 55.98 18.57 -18.05
CA GLU B 14 56.39 18.98 -16.71
C GLU B 14 55.58 20.19 -16.27
N MET B 15 55.51 20.38 -14.96
CA MET B 15 54.73 21.48 -14.38
C MET B 15 55.30 21.82 -13.00
N LYS B 16 55.26 23.11 -12.68
CA LYS B 16 55.72 23.60 -11.38
C LYS B 16 54.83 24.75 -10.96
N ARG B 17 54.18 24.62 -9.80
CA ARG B 17 53.28 25.65 -9.28
C ARG B 17 53.56 25.87 -7.81
N VAL B 18 53.64 27.14 -7.41
CA VAL B 18 53.85 27.52 -6.02
C VAL B 18 52.68 28.40 -5.59
N THR B 19 51.96 27.96 -4.56
CA THR B 19 50.88 28.73 -3.97
C THR B 19 51.17 28.91 -2.48
N LYS B 20 50.24 29.59 -1.79
CA LYS B 20 50.39 29.81 -0.35
C LYS B 20 50.19 28.54 0.46
N GLU B 21 49.70 27.46 -0.14
CA GLU B 21 49.43 26.21 0.58
C GLU B 21 50.31 25.05 0.15
N THR B 22 50.71 24.98 -1.11
CA THR B 22 51.37 23.79 -1.64
C THR B 22 52.50 24.19 -2.58
N ASN B 23 53.50 23.30 -2.68
CA ASN B 23 54.55 23.37 -3.68
C ASN B 23 54.61 22.03 -4.40
N VAL B 24 54.42 22.04 -5.72
CA VAL B 24 54.25 20.82 -6.49
C VAL B 24 55.14 20.87 -7.73
N SER B 25 55.84 19.78 -8.00
CA SER B 25 56.58 19.57 -9.24
C SER B 25 56.24 18.19 -9.79
N VAL B 26 55.85 18.13 -11.06
CA VAL B 26 55.35 16.91 -11.67
C VAL B 26 56.00 16.74 -13.04
N LYS B 27 56.42 15.50 -13.35
CA LYS B 27 57.00 15.17 -14.65
C LYS B 27 56.39 13.87 -15.15
N ILE B 28 55.92 13.87 -16.40
CA ILE B 28 55.25 12.73 -17.01
C ILE B 28 55.90 12.44 -18.36
N ASN B 29 56.14 11.15 -18.63
CA ASN B 29 56.69 10.71 -19.91
C ASN B 29 55.76 9.63 -20.46
N LEU B 30 55.19 9.88 -21.63
CA LEU B 30 54.23 8.94 -22.21
C LEU B 30 54.91 7.71 -22.81
N ASP B 31 56.14 7.87 -23.31
CA ASP B 31 56.91 6.75 -23.85
C ASP B 31 57.93 6.33 -22.81
N GLY B 32 57.48 5.51 -21.85
CA GLY B 32 58.30 5.11 -20.74
C GLY B 32 58.31 3.59 -20.56
N THR B 33 58.99 3.16 -19.51
CA THR B 33 59.12 1.75 -19.17
C THR B 33 58.54 1.42 -17.80
N GLY B 34 57.89 2.37 -17.14
CA GLY B 34 57.28 2.12 -15.86
C GLY B 34 58.05 2.61 -14.65
N VAL B 35 58.92 3.60 -14.80
CA VAL B 35 59.64 4.13 -13.66
C VAL B 35 58.70 4.97 -12.81
N ALA B 36 58.70 4.71 -11.50
CA ALA B 36 57.83 5.42 -10.57
C ALA B 36 58.67 6.04 -9.46
N ASP B 37 58.61 7.36 -9.34
CA ASP B 37 59.26 8.10 -8.26
C ASP B 37 58.25 9.12 -7.73
N ASN B 38 57.44 8.71 -6.75
CA ASN B 38 56.37 9.53 -6.22
C ASN B 38 56.60 9.75 -4.73
N SER B 39 56.58 11.03 -4.32
CA SER B 39 56.81 11.36 -2.92
C SER B 39 56.02 12.63 -2.60
N SER B 40 54.84 12.46 -2.04
CA SER B 40 54.03 13.54 -1.50
C SER B 40 53.78 13.26 -0.02
N GLY B 41 52.94 14.07 0.60
CA GLY B 41 52.59 13.87 1.99
C GLY B 41 51.47 12.90 2.23
N ILE B 42 50.96 12.26 1.19
CA ILE B 42 49.85 11.33 1.29
C ILE B 42 50.34 9.95 0.84
N PRO B 43 50.66 9.06 1.77
CA PRO B 43 51.20 7.75 1.39
C PRO B 43 50.28 6.90 0.53
N PHE B 44 48.96 6.98 0.74
CA PHE B 44 48.05 6.14 -0.04
C PHE B 44 47.97 6.62 -1.48
N LEU B 45 48.05 7.94 -1.70
CA LEU B 45 48.05 8.46 -3.07
C LEU B 45 49.31 8.03 -3.82
N ASP B 46 50.44 7.93 -3.11
CA ASP B 46 51.66 7.45 -3.74
C ASP B 46 51.54 5.99 -4.16
N HIS B 47 50.84 5.19 -3.36
CA HIS B 47 50.56 3.80 -3.73
C HIS B 47 49.72 3.73 -5.00
N MET B 48 48.78 4.67 -5.16
CA MET B 48 47.92 4.68 -6.33
C MET B 48 48.69 5.13 -7.57
N LEU B 49 49.56 6.13 -7.42
CA LEU B 49 50.29 6.66 -8.57
C LEU B 49 51.33 5.68 -9.08
N ASP B 50 51.82 4.77 -8.23
CA ASP B 50 52.75 3.76 -8.69
C ASP B 50 52.10 2.77 -9.64
N GLN B 51 50.82 2.42 -9.39
CA GLN B 51 50.12 1.51 -10.28
C GLN B 51 49.88 2.11 -11.65
N LEU B 52 49.76 3.44 -11.74
CA LEU B 52 49.60 4.09 -13.04
C LEU B 52 50.86 3.94 -13.88
N ALA B 53 52.03 3.94 -13.23
CA ALA B 53 53.28 3.77 -13.97
C ALA B 53 53.48 2.32 -14.40
N SER B 54 53.18 1.36 -13.53
CA SER B 54 53.44 -0.04 -13.85
C SER B 54 52.46 -0.57 -14.89
N HIS B 55 51.17 -0.29 -14.72
CA HIS B 55 50.17 -0.83 -15.63
C HIS B 55 50.07 -0.03 -16.93
N GLY B 56 50.36 1.26 -16.88
CA GLY B 56 50.32 2.09 -18.07
C GLY B 56 51.63 2.24 -18.81
N LEU B 57 52.72 1.73 -18.25
CA LEU B 57 54.07 1.88 -18.81
C LEU B 57 54.44 3.34 -19.01
N PHE B 58 54.04 4.19 -18.06
CA PHE B 58 54.42 5.60 -18.04
C PHE B 58 55.54 5.83 -17.04
N ASP B 59 56.21 6.97 -17.19
CA ASP B 59 57.20 7.43 -16.22
C ASP B 59 56.58 8.60 -15.46
N VAL B 60 56.32 8.41 -14.18
CA VAL B 60 55.61 9.38 -13.35
C VAL B 60 56.54 9.81 -12.21
N HIS B 61 56.73 11.13 -12.08
CA HIS B 61 57.53 11.70 -11.01
C HIS B 61 56.73 12.83 -10.37
N VAL B 62 56.43 12.70 -9.08
CA VAL B 62 55.68 13.70 -8.34
C VAL B 62 56.43 14.04 -7.07
N LYS B 63 56.64 15.34 -6.83
CA LYS B 63 57.22 15.84 -5.59
C LYS B 63 56.33 16.95 -5.07
N ALA B 64 55.85 16.82 -3.84
CA ALA B 64 54.91 17.79 -3.30
C ALA B 64 55.06 17.91 -1.80
N THR B 65 54.91 19.13 -1.28
CA THR B 65 54.83 19.39 0.14
C THR B 65 53.75 20.44 0.36
N GLY B 66 53.11 20.39 1.53
CA GLY B 66 51.99 21.27 1.76
C GLY B 66 51.51 21.21 3.19
N ASP B 67 50.38 21.87 3.42
CA ASP B 67 49.81 22.02 4.77
C ASP B 67 48.91 20.81 5.10
N THR B 68 49.57 19.66 5.24
CA THR B 68 48.85 18.44 5.60
C THR B 68 48.43 18.40 7.06
N HIS B 69 48.91 19.34 7.89
CA HIS B 69 48.49 19.39 9.27
C HIS B 69 47.04 19.80 9.42
N ILE B 70 46.47 20.49 8.43
CA ILE B 70 45.05 20.80 8.41
C ILE B 70 44.24 19.66 7.81
N ASP B 71 44.56 19.29 6.57
CA ASP B 71 43.84 18.26 5.84
C ASP B 71 44.69 17.85 4.65
N ASP B 72 44.28 16.76 4.01
CA ASP B 72 44.88 16.33 2.75
C ASP B 72 44.19 16.94 1.53
N HIS B 73 43.18 17.78 1.75
CA HIS B 73 42.37 18.28 0.64
C HIS B 73 43.18 19.16 -0.31
N HIS B 74 43.91 20.14 0.24
CA HIS B 74 44.59 21.11 -0.61
C HIS B 74 45.76 20.46 -1.37
N THR B 75 46.45 19.50 -0.73
CA THR B 75 47.53 18.80 -1.42
C THR B 75 47.01 17.87 -2.51
N ASN B 76 45.91 17.16 -2.23
CA ASN B 76 45.33 16.25 -3.20
C ASN B 76 44.83 16.99 -4.43
N GLU B 77 44.22 18.16 -4.24
CA GLU B 77 43.68 18.93 -5.35
C GLU B 77 44.79 19.49 -6.24
N ASP B 78 45.88 19.97 -5.64
CA ASP B 78 46.93 20.60 -6.42
C ASP B 78 47.75 19.59 -7.21
N VAL B 79 47.91 18.37 -6.69
CA VAL B 79 48.62 17.33 -7.43
C VAL B 79 47.85 16.94 -8.68
N ALA B 80 46.52 16.81 -8.56
CA ALA B 80 45.71 16.39 -9.70
C ALA B 80 45.71 17.45 -10.80
N LEU B 81 45.69 18.74 -10.44
CA LEU B 81 45.74 19.79 -11.43
C LEU B 81 47.07 19.80 -12.19
N ALA B 82 48.17 19.54 -11.48
CA ALA B 82 49.48 19.55 -12.12
C ALA B 82 49.66 18.38 -13.07
N ILE B 83 49.13 17.21 -12.71
CA ILE B 83 49.23 16.03 -13.58
C ILE B 83 48.43 16.26 -14.86
N GLY B 84 47.25 16.88 -14.75
CA GLY B 84 46.44 17.13 -15.93
C GLY B 84 47.09 18.12 -16.88
N THR B 85 47.72 19.16 -16.35
CA THR B 85 48.39 20.14 -17.21
C THR B 85 49.59 19.53 -17.93
N ALA B 86 50.39 18.73 -17.22
CA ALA B 86 51.55 18.11 -17.84
C ALA B 86 51.14 17.09 -18.91
N LEU B 87 50.01 16.42 -18.70
CA LEU B 87 49.52 15.49 -19.71
C LEU B 87 49.11 16.22 -20.98
N LEU B 88 48.49 17.39 -20.85
CA LEU B 88 48.05 18.15 -22.02
C LEU B 88 49.23 18.61 -22.87
N GLN B 89 50.31 19.06 -22.22
CA GLN B 89 51.44 19.59 -22.98
C GLN B 89 52.22 18.46 -23.66
N ALA B 90 52.26 17.28 -23.04
CA ALA B 90 52.94 16.15 -23.65
C ALA B 90 52.18 15.63 -24.88
N LEU B 91 50.85 15.73 -24.86
CA LEU B 91 50.06 15.26 -25.99
C LEU B 91 50.29 16.11 -27.23
N GLY B 92 50.40 17.43 -27.08
CA GLY B 92 50.63 18.29 -28.21
C GLY B 92 49.42 18.35 -29.13
N ASP B 93 49.66 18.12 -30.42
CA ASP B 93 48.60 18.22 -31.42
C ASP B 93 47.71 16.98 -31.49
N ARG B 94 48.10 15.89 -30.85
CA ARG B 94 47.31 14.65 -30.80
C ARG B 94 47.04 14.10 -32.19
N LYS B 95 48.03 14.16 -33.07
CA LYS B 95 47.88 13.73 -34.45
C LYS B 95 48.40 12.30 -34.60
N GLY B 96 47.56 11.44 -35.18
CA GLY B 96 47.94 10.06 -35.42
C GLY B 96 47.72 9.10 -34.27
N ILE B 97 47.02 9.53 -33.21
CA ILE B 97 46.79 8.68 -32.06
C ILE B 97 45.37 8.14 -32.10
N ASN B 98 45.12 7.13 -31.28
CA ASN B 98 43.82 6.45 -31.28
C ASN B 98 42.72 7.34 -30.70
N ARG B 99 43.04 8.13 -29.67
CA ARG B 99 42.19 9.06 -28.93
C ARG B 99 41.08 8.38 -28.13
N PHE B 100 40.96 7.05 -28.18
CA PHE B 100 39.91 6.34 -27.46
C PHE B 100 40.51 5.18 -26.68
N GLY B 101 39.99 4.96 -25.48
CA GLY B 101 40.44 3.87 -24.64
C GLY B 101 39.34 3.24 -23.81
N ASN B 102 39.34 1.91 -23.73
CA ASN B 102 38.34 1.17 -22.96
C ASN B 102 39.02 0.01 -22.25
N PHE B 103 38.64 -0.22 -20.99
CA PHE B 103 39.20 -1.33 -20.23
C PHE B 103 38.33 -1.63 -19.02
N SER B 104 38.17 -2.92 -18.72
CA SER B 104 37.55 -3.39 -17.50
C SER B 104 38.59 -4.16 -16.69
N ALA B 105 38.71 -3.84 -15.41
CA ALA B 105 39.75 -4.42 -14.57
C ALA B 105 39.13 -5.17 -13.40
N PRO B 106 39.35 -6.48 -13.29
CA PRO B 106 38.90 -7.21 -12.10
C PRO B 106 39.97 -7.29 -11.02
N LEU B 107 39.55 -7.15 -9.78
CA LEU B 107 40.44 -7.28 -8.62
C LEU B 107 39.64 -7.99 -7.53
N ASP B 108 39.80 -9.32 -7.46
CA ASP B 108 39.07 -10.19 -6.54
C ASP B 108 37.57 -10.00 -6.80
N GLU B 109 36.79 -9.51 -5.84
CA GLU B 109 35.36 -9.33 -6.04
C GLU B 109 35.01 -8.02 -6.74
N ALA B 110 35.96 -7.13 -6.95
CA ALA B 110 35.70 -5.82 -7.54
C ALA B 110 35.87 -5.85 -9.05
N LEU B 111 35.11 -5.00 -9.74
CA LEU B 111 35.16 -4.91 -11.19
C LEU B 111 34.76 -3.50 -11.60
N VAL B 112 35.67 -2.78 -12.24
CA VAL B 112 35.48 -1.38 -12.62
C VAL B 112 35.78 -1.23 -14.11
N HIS B 113 34.90 -0.51 -14.83
CA HIS B 113 35.07 -0.22 -16.24
C HIS B 113 35.34 1.26 -16.45
N VAL B 114 36.29 1.57 -17.33
CA VAL B 114 36.71 2.95 -17.60
C VAL B 114 36.63 3.19 -19.10
N SER B 115 35.98 4.30 -19.49
CA SER B 115 35.90 4.72 -20.88
C SER B 115 36.32 6.18 -20.96
N LEU B 116 37.27 6.49 -21.84
CA LEU B 116 37.78 7.84 -21.96
C LEU B 116 38.02 8.19 -23.42
N ASP B 117 38.06 9.49 -23.69
CA ASP B 117 38.35 10.01 -25.02
C ASP B 117 38.97 11.39 -24.89
N LEU B 118 40.06 11.62 -25.61
CA LEU B 118 40.80 12.89 -25.55
C LEU B 118 40.29 13.81 -26.63
N SER B 119 39.40 14.75 -26.26
CA SER B 119 38.71 15.57 -27.23
C SER B 119 38.84 17.07 -27.02
N GLY B 120 39.32 17.52 -25.86
CA GLY B 120 39.35 18.93 -25.54
C GLY B 120 38.14 19.44 -24.79
N ARG B 121 37.12 18.61 -24.59
CA ARG B 121 35.93 18.99 -23.85
C ARG B 121 35.90 18.25 -22.53
N PRO B 122 36.01 18.95 -21.38
CA PRO B 122 36.09 18.25 -20.09
C PRO B 122 34.73 17.78 -19.60
N HIS B 123 34.66 16.52 -19.18
CA HIS B 123 33.45 15.96 -18.59
C HIS B 123 33.85 14.75 -17.74
N LEU B 124 33.20 14.60 -16.58
CA LEU B 124 33.44 13.47 -15.70
C LEU B 124 32.12 12.76 -15.39
N GLY B 125 32.08 11.46 -15.65
CA GLY B 125 30.97 10.64 -15.20
C GLY B 125 31.42 9.67 -14.13
N TYR B 126 31.01 9.90 -12.89
CA TYR B 126 31.52 9.18 -11.73
C TYR B 126 30.39 8.34 -11.13
N ASP B 127 30.57 7.01 -11.13
CA ASP B 127 29.63 6.09 -10.50
C ASP B 127 30.45 5.07 -9.69
N LEU B 128 30.72 5.42 -8.44
CA LEU B 128 31.45 4.55 -7.53
C LEU B 128 30.71 4.50 -6.20
N ASN B 129 30.80 3.36 -5.52
CA ASN B 129 30.15 3.15 -4.22
C ASN B 129 31.19 2.61 -3.25
N ILE B 130 31.91 3.52 -2.58
CA ILE B 130 32.94 3.15 -1.63
C ILE B 130 32.27 3.05 -0.25
N PRO B 131 32.31 1.89 0.40
CA PRO B 131 31.51 1.70 1.62
C PRO B 131 32.06 2.43 2.84
N THR B 132 33.38 2.55 2.98
CA THR B 132 33.96 3.12 4.18
C THR B 132 34.42 4.56 3.95
N GLN B 133 34.57 5.29 5.05
CA GLN B 133 34.94 6.70 5.00
C GLN B 133 36.46 6.90 4.97
N ARG B 134 37.23 5.97 5.53
CA ARG B 134 38.68 6.04 5.53
C ARG B 134 39.24 4.70 5.11
N VAL B 135 40.31 4.72 4.32
CA VAL B 135 41.00 3.49 3.92
C VAL B 135 42.17 3.28 4.87
N GLY B 136 43.11 4.23 4.88
CA GLY B 136 44.12 4.29 5.92
C GLY B 136 43.92 5.57 6.71
N LYS B 137 44.76 6.57 6.43
CA LYS B 137 44.50 7.94 6.83
C LYS B 137 43.85 8.75 5.71
N TYR B 138 43.57 8.11 4.57
CA TYR B 138 43.10 8.80 3.38
C TYR B 138 41.57 8.89 3.39
N ASP B 139 41.07 10.11 3.17
CA ASP B 139 39.64 10.34 3.11
C ASP B 139 39.09 9.95 1.75
N THR B 140 38.06 9.10 1.74
CA THR B 140 37.58 8.51 0.48
C THR B 140 36.80 9.50 -0.38
N GLN B 141 36.44 10.66 0.17
CA GLN B 141 35.79 11.69 -0.65
C GLN B 141 36.76 12.32 -1.64
N LEU B 142 38.07 12.13 -1.45
CA LEU B 142 39.07 12.74 -2.32
C LEU B 142 39.30 11.96 -3.61
N VAL B 143 38.74 10.76 -3.75
CA VAL B 143 38.87 10.01 -4.99
C VAL B 143 38.12 10.71 -6.12
N GLU B 144 36.90 11.18 -5.85
CA GLU B 144 36.16 11.96 -6.83
C GLU B 144 36.84 13.30 -7.12
N HIS B 145 37.34 13.96 -6.08
CA HIS B 145 37.98 15.27 -6.28
C HIS B 145 39.25 15.16 -7.09
N PHE B 146 39.96 14.03 -6.99
CA PHE B 146 41.18 13.84 -7.77
C PHE B 146 40.87 13.77 -9.26
N PHE B 147 39.88 12.96 -9.64
CA PHE B 147 39.60 12.77 -11.06
C PHE B 147 38.87 13.96 -11.67
N GLN B 148 38.12 14.72 -10.86
CA GLN B 148 37.46 15.91 -11.39
C GLN B 148 38.48 16.99 -11.73
N SER B 149 39.52 17.15 -10.89
CA SER B 149 40.54 18.16 -11.16
C SER B 149 41.44 17.76 -12.31
N LEU B 150 41.60 16.45 -12.55
CA LEU B 150 42.46 16.00 -13.64
C LEU B 150 41.83 16.29 -15.01
N VAL B 151 40.53 16.07 -15.15
CA VAL B 151 39.89 16.31 -16.43
C VAL B 151 39.66 17.79 -16.70
N ASN B 152 39.69 18.63 -15.67
CA ASN B 152 39.48 20.06 -15.89
C ASN B 152 40.70 20.72 -16.54
N THR B 153 41.89 20.19 -16.29
CA THR B 153 43.11 20.75 -16.88
C THR B 153 43.58 20.01 -18.12
N SER B 154 43.19 18.73 -18.29
CA SER B 154 43.60 17.97 -19.46
C SER B 154 42.59 17.99 -20.59
N GLY B 155 41.35 18.42 -20.32
CA GLY B 155 40.33 18.48 -21.35
C GLY B 155 39.92 17.13 -21.91
N MET B 156 39.60 16.18 -21.05
CA MET B 156 39.23 14.84 -21.47
C MET B 156 37.83 14.49 -20.99
N THR B 157 37.20 13.56 -21.70
CA THR B 157 35.90 13.00 -21.32
C THR B 157 36.15 11.64 -20.67
N LEU B 158 35.69 11.48 -19.44
CA LEU B 158 36.00 10.30 -18.64
C LEU B 158 34.73 9.75 -18.01
N HIS B 159 34.53 8.44 -18.14
CA HIS B 159 33.41 7.74 -17.53
C HIS B 159 33.92 6.59 -16.69
N ILE B 160 33.46 6.51 -15.44
CA ILE B 160 33.85 5.45 -14.51
C ILE B 160 32.59 4.80 -13.96
N ARG B 161 32.50 3.47 -14.07
CA ARG B 161 31.35 2.73 -13.57
C ARG B 161 31.81 1.48 -12.84
N GLN B 162 31.18 1.21 -11.69
CA GLN B 162 31.46 0.05 -10.86
C GLN B 162 30.37 -0.99 -11.05
N PHE B 163 30.76 -2.24 -11.29
CA PHE B 163 29.82 -3.33 -11.44
C PHE B 163 29.73 -4.25 -10.23
N SER B 164 30.80 -4.36 -9.44
CA SER B 164 30.80 -5.15 -8.22
C SER B 164 31.94 -4.69 -7.33
N GLY B 165 31.89 -5.09 -6.07
CA GLY B 165 32.95 -4.77 -5.13
C GLY B 165 32.46 -4.48 -3.73
N THR B 166 33.21 -4.92 -2.73
CA THR B 166 32.86 -4.69 -1.34
C THR B 166 33.99 -4.01 -0.57
N ASN B 167 35.23 -4.40 -0.87
CA ASN B 167 36.38 -3.91 -0.14
C ASN B 167 36.82 -2.55 -0.70
N SER B 168 37.05 -1.59 0.19
CA SER B 168 37.39 -0.23 -0.23
C SER B 168 38.74 -0.16 -0.92
N HIS B 169 39.74 -0.88 -0.39
CA HIS B 169 41.05 -0.90 -1.02
C HIS B 169 40.99 -1.50 -2.42
N HIS B 170 40.23 -2.59 -2.59
CA HIS B 170 40.15 -3.25 -3.89
C HIS B 170 39.43 -2.39 -4.93
N ILE B 171 38.38 -1.67 -4.52
CA ILE B 171 37.59 -0.88 -5.47
C ILE B 171 38.42 0.27 -6.03
N ILE B 172 39.08 1.03 -5.16
CA ILE B 172 39.85 2.19 -5.60
C ILE B 172 41.03 1.77 -6.46
N GLU B 173 41.76 0.73 -6.03
CA GLU B 173 42.99 0.36 -6.72
C GLU B 173 42.69 -0.40 -8.01
N ALA B 174 41.48 -0.95 -8.14
CA ALA B 174 41.03 -1.45 -9.44
C ALA B 174 40.68 -0.31 -10.39
N THR B 175 40.20 0.83 -9.86
CA THR B 175 39.87 1.97 -10.69
C THR B 175 41.13 2.54 -11.35
N PHE B 176 42.22 2.64 -10.60
CA PHE B 176 43.45 3.19 -11.15
C PHE B 176 44.08 2.26 -12.18
N LYS B 177 43.91 0.95 -12.02
CA LYS B 177 44.43 0.01 -13.01
C LYS B 177 43.70 0.15 -14.35
N ALA B 178 42.36 0.29 -14.31
CA ALA B 178 41.60 0.41 -15.54
C ALA B 178 41.85 1.76 -16.22
N PHE B 179 42.07 2.81 -15.43
CA PHE B 179 42.35 4.13 -16.00
C PHE B 179 43.71 4.16 -16.68
N ALA B 180 44.70 3.48 -16.11
CA ALA B 180 46.04 3.48 -16.68
C ALA B 180 46.08 2.78 -18.03
N ARG B 181 45.42 1.63 -18.15
CA ARG B 181 45.45 0.88 -19.39
C ARG B 181 44.55 1.48 -20.46
N ALA B 182 43.49 2.18 -20.06
CA ALA B 182 42.66 2.87 -21.03
C ALA B 182 43.35 4.12 -21.57
N LEU B 183 44.11 4.80 -20.71
CA LEU B 183 44.89 5.97 -21.16
C LEU B 183 46.03 5.54 -22.06
N ARG B 184 46.63 4.38 -21.79
CA ARG B 184 47.71 3.88 -22.64
C ARG B 184 47.21 3.58 -24.04
N GLN B 185 46.03 2.98 -24.16
CA GLN B 185 45.49 2.65 -25.47
C GLN B 185 45.13 3.89 -26.27
N ALA B 186 44.69 4.95 -25.58
CA ALA B 186 44.31 6.17 -26.29
C ALA B 186 45.52 6.94 -26.80
N THR B 187 46.68 6.76 -26.16
CA THR B 187 47.86 7.52 -26.55
C THR B 187 48.76 6.80 -27.54
N GLU B 188 48.51 5.53 -27.85
CA GLU B 188 49.31 4.85 -28.85
C GLU B 188 48.97 5.34 -30.25
N TYR B 189 49.98 5.32 -31.12
CA TYR B 189 49.79 5.74 -32.51
C TYR B 189 48.97 4.71 -33.27
N ASP B 190 48.02 5.19 -34.07
CA ASP B 190 47.23 4.30 -34.89
C ASP B 190 48.06 3.85 -36.09
N THR B 191 47.92 2.57 -36.45
CA THR B 191 48.69 1.99 -37.55
C THR B 191 48.04 2.21 -38.91
N ARG B 192 46.87 2.83 -38.95
CA ARG B 192 46.09 3.08 -40.18
C ARG B 192 45.76 1.73 -40.80
N ARG B 193 45.85 1.58 -42.12
CA ARG B 193 45.52 0.32 -42.77
C ARG B 193 46.65 -0.69 -42.63
N ALA C 10 35.23 -35.30 45.01
CA ALA C 10 33.86 -34.94 44.69
C ALA C 10 33.54 -33.52 45.12
N ARG C 11 32.96 -32.74 44.20
CA ARG C 11 32.63 -31.34 44.45
C ARG C 11 31.16 -31.25 44.86
N ILE C 12 30.91 -30.70 46.04
CA ILE C 12 29.58 -30.64 46.64
C ILE C 12 29.31 -29.22 47.11
N GLY C 13 28.12 -28.73 46.82
CA GLY C 13 27.70 -27.41 47.27
C GLY C 13 26.40 -27.47 48.03
N GLU C 14 26.28 -26.61 49.05
CA GLU C 14 25.08 -26.54 49.86
C GLU C 14 24.76 -25.09 50.19
N MET C 15 23.50 -24.83 50.51
CA MET C 15 23.04 -23.47 50.81
C MET C 15 21.81 -23.55 51.71
N LYS C 16 21.69 -22.58 52.60
CA LYS C 16 20.55 -22.48 53.51
C LYS C 16 20.24 -21.01 53.74
N ARG C 17 19.02 -20.59 53.40
CA ARG C 17 18.60 -19.21 53.56
C ARG C 17 17.22 -19.16 54.18
N VAL C 18 17.04 -18.29 55.17
CA VAL C 18 15.76 -18.09 55.84
C VAL C 18 15.37 -16.63 55.68
N THR C 19 14.22 -16.38 55.06
CA THR C 19 13.66 -15.04 54.93
C THR C 19 12.26 -15.04 55.53
N LYS C 20 11.60 -13.88 55.46
CA LYS C 20 10.25 -13.75 55.98
C LYS C 20 9.21 -14.48 55.13
N GLU C 21 9.58 -14.94 53.94
CA GLU C 21 8.64 -15.61 53.04
C GLU C 21 8.95 -17.07 52.80
N THR C 22 10.22 -17.46 52.80
CA THR C 22 10.60 -18.80 52.36
C THR C 22 11.70 -19.36 53.26
N ASN C 23 11.75 -20.69 53.35
CA ASN C 23 12.85 -21.42 53.96
C ASN C 23 13.33 -22.46 52.96
N VAL C 24 14.61 -22.40 52.58
CA VAL C 24 15.15 -23.19 51.49
C VAL C 24 16.45 -23.84 51.92
N SER C 25 16.61 -25.13 51.64
CA SER C 25 17.86 -25.85 51.79
C SER C 25 18.14 -26.63 50.51
N VAL C 26 19.34 -26.47 49.96
CA VAL C 26 19.69 -27.03 48.66
C VAL C 26 21.06 -27.68 48.75
N LYS C 27 21.20 -28.87 48.15
CA LYS C 27 22.47 -29.58 48.10
C LYS C 27 22.69 -30.11 46.69
N ILE C 28 23.87 -29.85 46.12
CA ILE C 28 24.21 -30.23 44.76
C ILE C 28 25.55 -30.97 44.78
N ASN C 29 25.63 -32.07 44.02
CA ASN C 29 26.86 -32.84 43.88
C ASN C 29 27.13 -32.99 42.38
N LEU C 30 28.27 -32.48 41.92
CA LEU C 30 28.58 -32.51 40.50
C LEU C 30 29.03 -33.89 40.04
N ASP C 31 29.67 -34.67 40.92
CA ASP C 31 30.09 -36.03 40.61
C ASP C 31 29.10 -36.99 41.25
N GLY C 32 27.98 -37.21 40.56
CA GLY C 32 26.90 -38.01 41.07
C GLY C 32 26.48 -39.09 40.09
N THR C 33 25.43 -39.82 40.47
CA THR C 33 24.88 -40.90 39.67
C THR C 33 23.42 -40.67 39.29
N GLY C 34 22.87 -39.50 39.59
CA GLY C 34 21.51 -39.18 39.23
C GLY C 34 20.48 -39.31 40.33
N VAL C 35 20.88 -39.21 41.59
CA VAL C 35 19.93 -39.27 42.69
C VAL C 35 19.13 -37.97 42.74
N ALA C 36 17.80 -38.08 42.81
CA ALA C 36 16.93 -36.92 42.84
C ALA C 36 16.03 -37.01 44.07
N ASP C 37 16.12 -36.01 44.94
CA ASP C 37 15.24 -35.88 46.11
C ASP C 37 14.80 -34.41 46.18
N ASN C 38 13.70 -34.10 45.51
CA ASN C 38 13.20 -32.74 45.40
C ASN C 38 11.80 -32.66 45.99
N SER C 39 11.61 -31.71 46.92
CA SER C 39 10.31 -31.56 47.57
C SER C 39 10.13 -30.08 47.93
N SER C 40 9.44 -29.35 47.07
CA SER C 40 9.01 -27.99 47.33
C SER C 40 7.48 -27.94 47.24
N GLY C 41 6.93 -26.74 47.31
CA GLY C 41 5.50 -26.56 47.18
C GLY C 41 4.99 -26.47 45.77
N ILE C 42 5.85 -26.63 44.78
CA ILE C 42 5.50 -26.52 43.38
C ILE C 42 5.76 -27.86 42.71
N PRO C 43 4.72 -28.68 42.51
CA PRO C 43 4.94 -30.02 41.93
C PRO C 43 5.55 -30.03 40.54
N PHE C 44 5.22 -29.04 39.70
CA PHE C 44 5.76 -29.05 38.33
C PHE C 44 7.24 -28.72 38.33
N LEU C 45 7.69 -27.85 39.24
CA LEU C 45 9.12 -27.55 39.34
C LEU C 45 9.91 -28.78 39.81
N ASP C 46 9.31 -29.59 40.67
CA ASP C 46 9.96 -30.82 41.10
C ASP C 46 10.12 -31.80 39.95
N HIS C 47 9.13 -31.85 39.05
CA HIS C 47 9.24 -32.67 37.85
C HIS C 47 10.39 -32.20 36.97
N MET C 48 10.60 -30.88 36.90
CA MET C 48 11.68 -30.33 36.08
C MET C 48 13.04 -30.61 36.70
N LEU C 49 13.15 -30.50 38.03
CA LEU C 49 14.44 -30.68 38.69
C LEU C 49 14.87 -32.14 38.67
N ASP C 50 13.93 -33.08 38.56
CA ASP C 50 14.30 -34.48 38.45
C ASP C 50 15.01 -34.78 37.14
N GLN C 51 14.59 -34.13 36.04
CA GLN C 51 15.24 -34.35 34.76
C GLN C 51 16.66 -33.82 34.74
N LEU C 52 16.95 -32.79 35.54
CA LEU C 52 18.32 -32.28 35.62
C LEU C 52 19.25 -33.30 36.27
N ALA C 53 18.73 -34.09 37.22
CA ALA C 53 19.54 -35.12 37.85
C ALA C 53 19.74 -36.32 36.93
N SER C 54 18.70 -36.75 36.23
CA SER C 54 18.80 -37.96 35.41
C SER C 54 19.64 -37.71 34.16
N HIS C 55 19.40 -36.60 33.47
CA HIS C 55 20.10 -36.33 32.21
C HIS C 55 21.49 -35.76 32.44
N GLY C 56 21.70 -35.04 33.54
CA GLY C 56 22.99 -34.48 33.84
C GLY C 56 23.88 -35.32 34.74
N LEU C 57 23.35 -36.42 35.28
CA LEU C 57 24.06 -37.28 36.23
C LEU C 57 24.53 -36.50 37.45
N PHE C 58 23.70 -35.56 37.92
CA PHE C 58 23.95 -34.82 39.14
C PHE C 58 23.12 -35.38 40.29
N ASP C 59 23.52 -35.04 41.50
CA ASP C 59 22.75 -35.34 42.71
C ASP C 59 22.14 -34.03 43.19
N VAL C 60 20.82 -33.93 43.12
CA VAL C 60 20.10 -32.70 43.43
C VAL C 60 19.15 -32.97 44.59
N HIS C 61 19.25 -32.15 45.65
CA HIS C 61 18.38 -32.24 46.80
C HIS C 61 17.86 -30.84 47.12
N VAL C 62 16.54 -30.66 47.06
CA VAL C 62 15.91 -29.38 47.34
C VAL C 62 14.80 -29.60 48.34
N LYS C 63 14.80 -28.80 49.41
CA LYS C 63 13.72 -28.78 50.40
C LYS C 63 13.31 -27.34 50.62
N ALA C 64 12.03 -27.03 50.41
CA ALA C 64 11.57 -25.65 50.50
C ALA C 64 10.13 -25.59 50.97
N THR C 65 9.82 -24.59 51.79
CA THR C 65 8.46 -24.27 52.17
C THR C 65 8.31 -22.75 52.15
N GLY C 66 7.10 -22.29 51.88
CA GLY C 66 6.90 -20.86 51.73
C GLY C 66 5.44 -20.49 51.61
N ASP C 67 5.22 -19.22 51.30
CA ASP C 67 3.87 -18.65 51.24
C ASP C 67 3.26 -18.87 49.85
N THR C 68 2.99 -20.15 49.56
CA THR C 68 2.36 -20.50 48.29
C THR C 68 0.88 -20.16 48.24
N HIS C 69 0.27 -19.78 49.37
CA HIS C 69 -1.12 -19.38 49.36
C HIS C 69 -1.34 -18.06 48.63
N ILE C 70 -0.30 -17.23 48.52
CA ILE C 70 -0.38 -16.02 47.71
C ILE C 70 -0.05 -16.30 46.25
N ASP C 71 1.13 -16.86 46.00
CA ASP C 71 1.61 -17.13 44.65
C ASP C 71 2.78 -18.08 44.75
N ASP C 72 3.19 -18.61 43.60
CA ASP C 72 4.41 -19.40 43.51
C ASP C 72 5.64 -18.55 43.20
N HIS C 73 5.48 -17.23 43.09
CA HIS C 73 6.56 -16.37 42.65
C HIS C 73 7.72 -16.35 43.64
N HIS C 74 7.41 -16.13 44.92
CA HIS C 74 8.48 -15.95 45.91
C HIS C 74 9.23 -17.27 46.16
N THR C 75 8.52 -18.40 46.12
CA THR C 75 9.18 -19.69 46.29
C THR C 75 10.04 -20.05 45.08
N ASN C 76 9.54 -19.78 43.87
CA ASN C 76 10.28 -20.08 42.66
C ASN C 76 11.57 -19.27 42.58
N GLU C 77 11.51 -17.99 42.97
CA GLU C 77 12.68 -17.12 42.90
C GLU C 77 13.75 -17.55 43.91
N ASP C 78 13.35 -17.93 45.12
CA ASP C 78 14.32 -18.25 46.15
C ASP C 78 15.01 -19.59 45.90
N VAL C 79 14.32 -20.55 45.28
CA VAL C 79 14.93 -21.82 44.95
C VAL C 79 16.02 -21.63 43.90
N ALA C 80 15.75 -20.79 42.90
CA ALA C 80 16.72 -20.58 41.82
C ALA C 80 17.98 -19.89 42.33
N LEU C 81 17.83 -18.94 43.26
CA LEU C 81 18.99 -18.26 43.82
C LEU C 81 19.86 -19.23 44.63
N ALA C 82 19.23 -20.14 45.37
CA ALA C 82 19.99 -21.08 46.19
C ALA C 82 20.74 -22.09 45.34
N ILE C 83 20.14 -22.54 44.25
CA ILE C 83 20.81 -23.50 43.35
C ILE C 83 22.03 -22.85 42.71
N GLY C 84 21.91 -21.58 42.31
CA GLY C 84 23.02 -20.89 41.69
C GLY C 84 24.19 -20.69 42.63
N THR C 85 23.90 -20.36 43.89
CA THR C 85 24.98 -20.16 44.86
C THR C 85 25.70 -21.47 45.18
N ALA C 86 24.94 -22.56 45.33
CA ALA C 86 25.56 -23.86 45.62
C ALA C 86 26.40 -24.35 44.45
N LEU C 87 25.98 -24.04 43.22
CA LEU C 87 26.76 -24.41 42.05
C LEU C 87 28.09 -23.67 42.02
N LEU C 88 28.10 -22.39 42.39
CA LEU C 88 29.33 -21.60 42.38
C LEU C 88 30.35 -22.14 43.37
N GLN C 89 29.90 -22.54 44.56
CA GLN C 89 30.84 -22.99 45.59
C GLN C 89 31.40 -24.37 45.26
N ALA C 90 30.60 -25.21 44.60
CA ALA C 90 31.08 -26.53 44.20
C ALA C 90 32.12 -26.43 43.07
N LEU C 91 31.99 -25.44 42.21
CA LEU C 91 32.94 -25.28 41.11
C LEU C 91 34.32 -24.90 41.62
N GLY C 92 34.39 -24.02 42.61
CA GLY C 92 35.68 -23.62 43.16
C GLY C 92 36.48 -22.79 42.17
N ASP C 93 37.73 -23.19 41.94
CA ASP C 93 38.62 -22.43 41.07
C ASP C 93 38.39 -22.70 39.58
N ARG C 94 37.62 -23.72 39.24
CA ARG C 94 37.29 -24.06 37.85
C ARG C 94 38.54 -24.33 37.02
N LYS C 95 39.50 -25.03 37.61
CA LYS C 95 40.77 -25.31 36.95
C LYS C 95 40.73 -26.70 36.32
N GLY C 96 41.07 -26.76 35.03
CA GLY C 96 41.11 -28.03 34.32
C GLY C 96 39.80 -28.50 33.73
N ILE C 97 38.77 -27.65 33.72
CA ILE C 97 37.48 -28.03 33.20
C ILE C 97 37.29 -27.43 31.81
N ASN C 98 36.29 -27.94 31.10
CA ASN C 98 36.04 -27.52 29.72
C ASN C 98 35.52 -26.09 29.65
N ARG C 99 34.67 -25.70 30.60
CA ARG C 99 34.02 -24.40 30.76
C ARG C 99 33.01 -24.07 29.66
N PHE C 100 32.83 -24.94 28.67
CA PHE C 100 31.90 -24.68 27.57
C PHE C 100 31.00 -25.89 27.36
N GLY C 101 29.73 -25.62 27.06
CA GLY C 101 28.77 -26.67 26.80
C GLY C 101 27.74 -26.31 25.75
N ASN C 102 27.44 -27.26 24.86
CA ASN C 102 26.47 -27.05 23.79
C ASN C 102 25.64 -28.32 23.62
N PHE C 103 24.33 -28.16 23.43
CA PHE C 103 23.45 -29.30 23.21
C PHE C 103 22.13 -28.85 22.62
N SER C 104 21.61 -29.64 21.69
CA SER C 104 20.27 -29.49 21.16
C SER C 104 19.45 -30.72 21.52
N ALA C 105 18.26 -30.50 22.07
CA ALA C 105 17.44 -31.60 22.57
C ALA C 105 16.10 -31.65 21.84
N PRO C 106 15.80 -32.73 21.12
CA PRO C 106 14.47 -32.87 20.53
C PRO C 106 13.50 -33.62 21.44
N LEU C 107 12.26 -33.16 21.47
CA LEU C 107 11.19 -33.82 22.23
C LEU C 107 9.93 -33.71 21.38
N ASP C 108 9.66 -34.77 20.60
CA ASP C 108 8.53 -34.84 19.67
C ASP C 108 8.67 -33.67 18.68
N GLU C 109 7.74 -32.73 18.64
CA GLU C 109 7.82 -31.61 17.71
C GLU C 109 8.69 -30.47 18.21
N ALA C 110 9.14 -30.50 19.46
CA ALA C 110 9.91 -29.42 20.04
C ALA C 110 11.41 -29.63 19.87
N LEU C 111 12.15 -28.53 19.77
CA LEU C 111 13.60 -28.57 19.60
C LEU C 111 14.20 -27.31 20.20
N VAL C 112 15.03 -27.46 21.22
CA VAL C 112 15.62 -26.34 21.95
C VAL C 112 17.13 -26.52 21.99
N HIS C 113 17.87 -25.44 21.72
CA HIS C 113 19.32 -25.43 21.77
C HIS C 113 19.81 -24.56 22.93
N VAL C 114 20.81 -25.05 23.66
CA VAL C 114 21.35 -24.36 24.83
C VAL C 114 22.85 -24.21 24.66
N SER C 115 23.35 -22.99 24.87
CA SER C 115 24.78 -22.71 24.85
C SER C 115 25.14 -21.96 26.12
N LEU C 116 26.15 -22.44 26.85
CA LEU C 116 26.55 -21.84 28.10
C LEU C 116 28.07 -21.83 28.24
N ASP C 117 28.55 -20.94 29.09
CA ASP C 117 29.97 -20.83 29.40
C ASP C 117 30.13 -20.27 30.81
N LEU C 118 30.98 -20.91 31.60
CA LEU C 118 31.20 -20.51 33.00
C LEU C 118 32.37 -19.55 33.06
N SER C 119 32.08 -18.24 33.13
CA SER C 119 33.10 -17.22 33.02
C SER C 119 33.15 -16.23 34.17
N GLY C 120 32.14 -16.18 35.03
CA GLY C 120 32.07 -15.17 36.07
C GLY C 120 31.30 -13.93 35.69
N ARG C 121 30.86 -13.81 34.43
CA ARG C 121 30.08 -12.66 33.99
C ARG C 121 28.65 -13.10 33.71
N PRO C 122 27.66 -12.62 34.48
CA PRO C 122 26.28 -13.11 34.30
C PRO C 122 25.60 -12.47 33.10
N HIS C 123 24.96 -13.30 32.28
CA HIS C 123 24.17 -12.83 31.15
C HIS C 123 23.17 -13.93 30.78
N LEU C 124 21.95 -13.53 30.43
CA LEU C 124 20.92 -14.46 29.99
C LEU C 124 20.37 -14.02 28.63
N GLY C 125 20.40 -14.94 27.67
CA GLY C 125 19.72 -14.74 26.41
C GLY C 125 18.55 -15.69 26.27
N TYR C 126 17.33 -15.17 26.37
CA TYR C 126 16.12 -15.98 26.45
C TYR C 126 15.28 -15.77 25.20
N ASP C 127 15.08 -16.85 24.43
CA ASP C 127 14.21 -16.82 23.25
C ASP C 127 13.33 -18.07 23.29
N LEU C 128 12.19 -17.95 23.96
CA LEU C 128 11.22 -19.03 24.05
C LEU C 128 9.84 -18.48 23.74
N ASN C 129 8.99 -19.32 23.15
CA ASN C 129 7.61 -18.95 22.80
C ASN C 129 6.67 -20.01 23.36
N ILE C 130 6.24 -19.82 24.60
CA ILE C 130 5.34 -20.76 25.27
C ILE C 130 3.91 -20.30 24.97
N PRO C 131 3.08 -21.12 24.34
CA PRO C 131 1.78 -20.63 23.87
C PRO C 131 0.75 -20.43 24.98
N THR C 132 0.76 -21.25 26.03
CA THR C 132 -0.26 -21.18 27.05
C THR C 132 0.25 -20.49 28.31
N GLN C 133 -0.69 -20.01 29.11
CA GLN C 133 -0.37 -19.26 30.33
C GLN C 133 -0.16 -20.17 31.54
N ARG C 134 -0.79 -21.35 31.56
CA ARG C 134 -0.64 -22.31 32.64
C ARG C 134 -0.39 -23.68 32.05
N VAL C 135 0.49 -24.45 32.68
CA VAL C 135 0.74 -25.83 32.26
C VAL C 135 -0.11 -26.74 33.13
N GLY C 136 0.13 -26.72 34.44
CA GLY C 136 -0.78 -27.32 35.39
C GLY C 136 -1.37 -26.23 36.27
N LYS C 137 -0.84 -26.11 37.48
CA LYS C 137 -1.03 -24.92 38.31
C LYS C 137 0.15 -23.95 38.18
N TYR C 138 1.12 -24.28 37.34
CA TYR C 138 2.36 -23.52 37.25
C TYR C 138 2.23 -22.39 36.23
N ASP C 139 2.59 -21.18 36.65
CA ASP C 139 2.55 -20.02 35.78
C ASP C 139 3.77 -20.00 34.87
N THR C 140 3.53 -19.88 33.56
CA THR C 140 4.63 -20.04 32.59
C THR C 140 5.56 -18.83 32.54
N GLN C 141 5.18 -17.72 33.17
CA GLN C 141 6.09 -16.58 33.26
C GLN C 141 7.26 -16.85 34.20
N LEU C 142 7.17 -17.89 35.03
CA LEU C 142 8.22 -18.19 35.99
C LEU C 142 9.38 -18.98 35.39
N VAL C 143 9.26 -19.45 34.15
CA VAL C 143 10.37 -20.14 33.51
C VAL C 143 11.53 -19.18 33.24
N GLU C 144 11.21 -17.99 32.73
CA GLU C 144 12.23 -16.96 32.55
C GLU C 144 12.81 -16.50 33.89
N HIS C 145 11.95 -16.31 34.89
CA HIS C 145 12.42 -15.83 36.19
C HIS C 145 13.32 -16.84 36.88
N PHE C 146 13.10 -18.13 36.64
CA PHE C 146 13.96 -19.16 37.23
C PHE C 146 15.38 -19.07 36.68
N PHE C 147 15.52 -18.99 35.36
CA PHE C 147 16.85 -18.99 34.76
C PHE C 147 17.58 -17.67 34.94
N GLN C 148 16.84 -16.57 35.07
CA GLN C 148 17.49 -15.28 35.31
C GLN C 148 18.10 -15.23 36.71
N SER C 149 17.41 -15.80 37.71
CA SER C 149 17.94 -15.80 39.07
C SER C 149 19.10 -16.77 39.22
N LEU C 150 19.13 -17.84 38.40
CA LEU C 150 20.20 -18.81 38.50
C LEU C 150 21.53 -18.24 38.00
N VAL C 151 21.51 -17.50 36.90
CA VAL C 151 22.74 -16.95 36.36
C VAL C 151 23.23 -15.74 37.15
N ASN C 152 22.36 -15.11 37.94
CA ASN C 152 22.80 -13.95 38.72
C ASN C 152 23.67 -14.36 39.91
N THR C 153 23.45 -15.55 40.45
CA THR C 153 24.23 -16.03 41.58
C THR C 153 25.38 -16.96 41.18
N SER C 154 25.29 -17.61 40.02
CA SER C 154 26.34 -18.51 39.57
C SER C 154 27.36 -17.84 38.66
N GLY C 155 27.05 -16.66 38.11
CA GLY C 155 27.97 -15.96 37.24
C GLY C 155 28.26 -16.66 35.93
N MET C 156 27.22 -17.08 35.21
CA MET C 156 27.37 -17.81 33.96
C MET C 156 26.71 -17.06 32.82
N THR C 157 27.19 -17.33 31.61
CA THR C 157 26.60 -16.80 30.38
C THR C 157 25.76 -17.91 29.76
N LEU C 158 24.47 -17.65 29.55
CA LEU C 158 23.52 -18.66 29.12
C LEU C 158 22.69 -18.14 27.96
N HIS C 159 22.58 -18.94 26.90
CA HIS C 159 21.76 -18.63 25.74
C HIS C 159 20.79 -19.77 25.48
N ILE C 160 19.50 -19.44 25.34
CA ILE C 160 18.45 -20.42 25.07
C ILE C 160 17.69 -19.98 23.83
N ARG C 161 17.56 -20.87 22.85
CA ARG C 161 16.83 -20.57 21.62
C ARG C 161 15.95 -21.76 21.24
N GLN C 162 14.72 -21.45 20.82
CA GLN C 162 13.74 -22.43 20.39
C GLN C 162 13.64 -22.43 18.87
N PHE C 163 13.70 -23.61 18.26
CA PHE C 163 13.58 -23.74 16.82
C PHE C 163 12.23 -24.27 16.37
N SER C 164 11.55 -25.06 17.20
CA SER C 164 10.22 -25.55 16.89
C SER C 164 9.53 -25.98 18.18
N GLY C 165 8.22 -26.16 18.10
CA GLY C 165 7.46 -26.62 19.25
C GLY C 165 6.08 -26.00 19.36
N THR C 166 5.10 -26.78 19.79
CA THR C 166 3.74 -26.30 19.95
C THR C 166 3.21 -26.57 21.35
N ASN C 167 3.56 -27.72 21.92
CA ASN C 167 3.04 -28.13 23.21
C ASN C 167 3.86 -27.49 24.33
N SER C 168 3.17 -26.91 25.31
CA SER C 168 3.84 -26.20 26.40
C SER C 168 4.66 -27.12 27.28
N HIS C 169 4.12 -28.31 27.59
CA HIS C 169 4.86 -29.28 28.40
C HIS C 169 6.13 -29.73 27.69
N HIS C 170 6.05 -29.98 26.38
CA HIS C 170 7.20 -30.48 25.64
C HIS C 170 8.29 -29.41 25.52
N ILE C 171 7.91 -28.15 25.33
CA ILE C 171 8.89 -27.09 25.12
C ILE C 171 9.72 -26.86 26.39
N ILE C 172 9.05 -26.73 27.54
CA ILE C 172 9.76 -26.46 28.79
C ILE C 172 10.64 -27.64 29.18
N GLU C 173 10.12 -28.86 29.07
CA GLU C 173 10.85 -30.01 29.57
C GLU C 173 11.96 -30.42 28.60
N ALA C 174 11.88 -29.98 27.35
CA ALA C 174 13.02 -30.09 26.45
C ALA C 174 14.11 -29.08 26.79
N THR C 175 13.74 -27.91 27.32
CA THR C 175 14.71 -26.90 27.70
C THR C 175 15.58 -27.40 28.87
N PHE C 176 14.97 -28.06 29.85
CA PHE C 176 15.72 -28.54 31.00
C PHE C 176 16.63 -29.70 30.62
N LYS C 177 16.24 -30.52 29.64
CA LYS C 177 17.11 -31.60 29.19
C LYS C 177 18.37 -31.06 28.52
N ALA C 178 18.23 -30.03 27.67
CA ALA C 178 19.38 -29.47 26.98
C ALA C 178 20.30 -28.72 27.94
N PHE C 179 19.72 -28.08 28.95
CA PHE C 179 20.52 -27.37 29.95
C PHE C 179 21.33 -28.32 30.80
N ALA C 180 20.75 -29.47 31.15
CA ALA C 180 21.44 -30.43 32.01
C ALA C 180 22.65 -31.03 31.31
N ARG C 181 22.52 -31.40 30.03
CA ARG C 181 23.62 -32.03 29.32
C ARG C 181 24.67 -31.02 28.88
N ALA C 182 24.30 -29.76 28.67
CA ALA C 182 25.28 -28.74 28.37
C ALA C 182 26.08 -28.36 29.62
N LEU C 183 25.43 -28.35 30.78
CA LEU C 183 26.14 -28.08 32.03
C LEU C 183 27.07 -29.23 32.39
N ARG C 184 26.67 -30.47 32.09
CA ARG C 184 27.52 -31.62 32.35
C ARG C 184 28.80 -31.56 31.53
N GLN C 185 28.70 -31.17 30.26
CA GLN C 185 29.88 -31.10 29.41
C GLN C 185 30.84 -30.01 29.85
N ALA C 186 30.29 -28.91 30.39
CA ALA C 186 31.15 -27.80 30.81
C ALA C 186 31.90 -28.12 32.09
N THR C 187 31.36 -29.02 32.91
CA THR C 187 31.98 -29.32 34.20
C THR C 187 32.92 -30.52 34.17
N GLU C 188 32.99 -31.27 33.07
CA GLU C 188 33.94 -32.37 32.99
C GLU C 188 35.35 -31.85 32.83
N TYR C 189 36.31 -32.61 33.36
CA TYR C 189 37.72 -32.25 33.26
C TYR C 189 38.22 -32.46 31.83
N ASP C 190 38.98 -31.50 31.33
CA ASP C 190 39.56 -31.63 30.01
C ASP C 190 40.74 -32.59 30.07
N THR C 191 40.87 -33.43 29.05
CA THR C 191 41.93 -34.44 28.99
C THR C 191 43.23 -33.91 28.43
N ARG C 192 43.27 -32.64 28.01
CA ARG C 192 44.44 -31.99 27.39
C ARG C 192 44.79 -32.76 26.13
N ARG C 193 46.07 -33.00 25.85
CA ARG C 193 46.47 -33.70 24.63
C ARG C 193 46.27 -35.20 24.78
N ALA D 10 -62.51 13.94 20.28
CA ALA D 10 -61.80 13.16 19.28
C ALA D 10 -61.30 14.05 18.15
N ARG D 11 -60.02 13.90 17.80
CA ARG D 11 -59.38 14.69 16.77
C ARG D 11 -59.39 13.90 15.46
N ILE D 12 -60.00 14.49 14.43
CA ILE D 12 -60.21 13.82 13.14
C ILE D 12 -59.75 14.75 12.03
N GLY D 13 -59.03 14.19 11.07
CA GLY D 13 -58.58 14.95 9.91
C GLY D 13 -58.99 14.29 8.63
N GLU D 14 -59.32 15.10 7.62
CA GLU D 14 -59.72 14.61 6.31
C GLU D 14 -59.11 15.48 5.22
N MET D 15 -59.00 14.91 4.03
CA MET D 15 -58.41 15.62 2.89
C MET D 15 -58.95 15.03 1.59
N LYS D 16 -59.12 15.88 0.60
CA LYS D 16 -59.60 15.47 -0.72
C LYS D 16 -58.90 16.33 -1.77
N ARG D 17 -58.17 15.70 -2.68
CA ARG D 17 -57.45 16.40 -3.74
C ARG D 17 -57.67 15.70 -5.06
N VAL D 18 -57.96 16.49 -6.10
CA VAL D 18 -58.16 15.98 -7.45
C VAL D 18 -57.14 16.66 -8.36
N THR D 19 -56.30 15.86 -9.01
CA THR D 19 -55.34 16.35 -9.99
C THR D 19 -55.58 15.61 -11.30
N LYS D 20 -54.75 15.93 -12.31
CA LYS D 20 -54.86 15.27 -13.61
C LYS D 20 -54.39 13.83 -13.58
N GLU D 21 -53.75 13.38 -12.51
CA GLU D 21 -53.22 12.02 -12.42
C GLU D 21 -53.90 11.16 -11.37
N THR D 22 -54.35 11.74 -10.26
CA THR D 22 -54.81 10.96 -9.12
C THR D 22 -56.05 11.60 -8.50
N ASN D 23 -56.87 10.76 -7.87
CA ASN D 23 -57.98 11.20 -7.02
C ASN D 23 -57.83 10.50 -5.68
N VAL D 24 -57.72 11.28 -4.60
CA VAL D 24 -57.37 10.76 -3.28
C VAL D 24 -58.33 11.33 -2.24
N SER D 25 -58.84 10.47 -1.37
CA SER D 25 -59.60 10.86 -0.19
C SER D 25 -59.04 10.12 1.02
N VAL D 26 -58.72 10.85 2.09
CA VAL D 26 -58.04 10.30 3.25
C VAL D 26 -58.73 10.81 4.51
N LYS D 27 -58.95 9.90 5.48
CA LYS D 27 -59.52 10.26 6.77
C LYS D 27 -58.71 9.60 7.89
N ILE D 28 -58.32 10.38 8.89
CA ILE D 28 -57.49 9.92 10.00
C ILE D 28 -58.16 10.33 11.31
N ASN D 29 -58.18 9.40 12.27
CA ASN D 29 -58.71 9.65 13.60
C ASN D 29 -57.63 9.25 14.61
N LEU D 30 -57.18 10.22 15.41
CA LEU D 30 -56.10 9.96 16.36
C LEU D 30 -56.58 9.18 17.58
N ASP D 31 -57.84 9.36 17.98
CA ASP D 31 -58.43 8.62 19.09
C ASP D 31 -59.30 7.51 18.53
N GLY D 32 -58.66 6.40 18.16
CA GLY D 32 -59.33 5.30 17.51
C GLY D 32 -59.06 3.99 18.22
N THR D 33 -59.59 2.92 17.62
CA THR D 33 -59.45 1.57 18.15
C THR D 33 -58.75 0.63 17.16
N GLY D 34 -58.24 1.14 16.06
CA GLY D 34 -57.52 0.34 15.10
C GLY D 34 -58.30 -0.09 13.87
N VAL D 35 -59.34 0.64 13.49
CA VAL D 35 -60.09 0.31 12.29
C VAL D 35 -59.26 0.68 11.06
N ALA D 36 -59.14 -0.26 10.12
CA ALA D 36 -58.36 -0.06 8.91
C ALA D 36 -59.24 -0.33 7.69
N ASP D 37 -59.41 0.68 6.85
CA ASP D 37 -60.12 0.56 5.57
C ASP D 37 -59.28 1.27 4.51
N ASN D 38 -58.36 0.54 3.89
CA ASN D 38 -57.43 1.09 2.93
C ASN D 38 -57.60 0.40 1.59
N SER D 39 -57.79 1.20 0.53
CA SER D 39 -58.00 0.65 -0.80
C SER D 39 -57.44 1.63 -1.82
N SER D 40 -56.21 1.39 -2.25
CA SER D 40 -55.58 2.10 -3.35
C SER D 40 -55.20 1.09 -4.43
N GLY D 41 -54.50 1.55 -5.45
CA GLY D 41 -54.04 0.68 -6.50
C GLY D 41 -52.74 -0.04 -6.22
N ILE D 42 -52.18 0.12 -5.03
CA ILE D 42 -50.92 -0.49 -4.64
C ILE D 42 -51.18 -1.44 -3.48
N PRO D 43 -51.28 -2.74 -3.73
CA PRO D 43 -51.60 -3.69 -2.65
C PRO D 43 -50.60 -3.73 -1.51
N PHE D 44 -49.30 -3.55 -1.81
CA PHE D 44 -48.30 -3.62 -0.74
C PHE D 44 -48.38 -2.41 0.18
N LEU D 45 -48.72 -1.24 -0.37
CA LEU D 45 -48.89 -0.05 0.47
C LEU D 45 -50.09 -0.20 1.40
N ASP D 46 -51.14 -0.88 0.93
CA ASP D 46 -52.29 -1.14 1.78
C ASP D 46 -51.93 -2.06 2.95
N HIS D 47 -51.05 -3.03 2.69
CA HIS D 47 -50.55 -3.89 3.76
C HIS D 47 -49.78 -3.09 4.80
N MET D 48 -49.03 -2.07 4.35
CA MET D 48 -48.26 -1.25 5.27
C MET D 48 -49.16 -0.33 6.08
N LEU D 49 -50.19 0.23 5.45
CA LEU D 49 -51.07 1.18 6.14
C LEU D 49 -51.94 0.48 7.18
N ASP D 50 -52.20 -0.82 7.01
CA ASP D 50 -52.97 -1.55 8.00
C ASP D 50 -52.20 -1.69 9.31
N GLN D 51 -50.87 -1.88 9.23
CA GLN D 51 -50.07 -2.00 10.44
C GLN D 51 -50.02 -0.70 11.21
N LEU D 52 -50.14 0.44 10.54
CA LEU D 52 -50.17 1.72 11.24
C LEU D 52 -51.43 1.85 12.09
N ALA D 53 -52.55 1.28 11.62
CA ALA D 53 -53.78 1.33 12.39
C ALA D 53 -53.74 0.36 13.57
N SER D 54 -53.22 -0.85 13.37
CA SER D 54 -53.25 -1.85 14.44
C SER D 54 -52.26 -1.52 15.54
N HIS D 55 -51.03 -1.15 15.17
CA HIS D 55 -49.99 -0.90 16.17
C HIS D 55 -50.11 0.49 16.79
N GLY D 56 -50.64 1.45 16.04
CA GLY D 56 -50.80 2.79 16.56
C GLY D 56 -52.16 3.10 17.16
N LEU D 57 -53.11 2.18 17.04
CA LEU D 57 -54.49 2.37 17.50
C LEU D 57 -55.13 3.60 16.86
N PHE D 58 -54.84 3.82 15.58
CA PHE D 58 -55.45 4.88 14.80
C PHE D 58 -56.54 4.31 13.90
N ASP D 59 -57.41 5.19 13.42
CA ASP D 59 -58.42 4.86 12.42
C ASP D 59 -57.97 5.48 11.10
N VAL D 60 -57.61 4.65 10.14
CA VAL D 60 -57.05 5.10 8.87
C VAL D 60 -57.97 4.65 7.74
N HIS D 61 -58.39 5.60 6.90
CA HIS D 61 -59.21 5.32 5.74
C HIS D 61 -58.60 6.02 4.53
N VAL D 62 -58.21 5.24 3.52
CA VAL D 62 -57.61 5.78 2.31
C VAL D 62 -58.34 5.21 1.11
N LYS D 63 -58.76 6.08 0.19
CA LYS D 63 -59.35 5.69 -1.08
C LYS D 63 -58.65 6.46 -2.18
N ALA D 64 -58.08 5.75 -3.15
CA ALA D 64 -57.30 6.40 -4.19
C ALA D 64 -57.39 5.63 -5.49
N THR D 65 -57.44 6.35 -6.61
CA THR D 65 -57.33 5.78 -7.93
C THR D 65 -56.43 6.70 -8.76
N GLY D 66 -55.74 6.12 -9.74
CA GLY D 66 -54.78 6.90 -10.49
C GLY D 66 -54.22 6.14 -11.66
N ASP D 67 -53.21 6.75 -12.29
CA ASP D 67 -52.60 6.21 -13.51
C ASP D 67 -51.49 5.21 -13.15
N THR D 68 -51.92 4.08 -12.59
CA THR D 68 -50.98 3.03 -12.25
C THR D 68 -50.48 2.25 -13.45
N HIS D 69 -51.07 2.46 -14.64
CA HIS D 69 -50.59 1.80 -15.83
C HIS D 69 -49.23 2.31 -16.27
N ILE D 70 -48.85 3.53 -15.86
CA ILE D 70 -47.52 4.04 -16.11
C ILE D 70 -46.55 3.60 -15.01
N ASP D 71 -46.86 3.94 -13.77
CA ASP D 71 -46.01 3.64 -12.62
C ASP D 71 -46.84 3.82 -11.36
N ASP D 72 -46.28 3.37 -10.25
CA ASP D 72 -46.86 3.63 -8.93
C ASP D 72 -46.35 4.92 -8.30
N HIS D 73 -45.50 5.66 -9.00
CA HIS D 73 -44.86 6.83 -8.42
C HIS D 73 -45.86 7.93 -8.08
N HIS D 74 -46.72 8.28 -9.04
CA HIS D 74 -47.62 9.42 -8.85
C HIS D 74 -48.69 9.12 -7.79
N THR D 75 -49.15 7.87 -7.74
CA THR D 75 -50.14 7.49 -6.72
C THR D 75 -49.51 7.44 -5.33
N ASN D 76 -48.29 6.90 -5.22
CA ASN D 76 -47.61 6.82 -3.94
C ASN D 76 -47.32 8.19 -3.36
N GLU D 77 -46.92 9.14 -4.22
CA GLU D 77 -46.59 10.48 -3.76
C GLU D 77 -47.83 11.23 -3.28
N ASP D 78 -48.96 11.09 -3.98
CA ASP D 78 -50.15 11.84 -3.63
C ASP D 78 -50.81 11.33 -2.36
N VAL D 79 -50.72 10.02 -2.10
CA VAL D 79 -51.27 9.46 -0.87
C VAL D 79 -50.51 9.99 0.34
N ALA D 80 -49.19 10.06 0.24
CA ALA D 80 -48.37 10.50 1.37
C ALA D 80 -48.62 11.97 1.69
N LEU D 81 -48.82 12.81 0.66
CA LEU D 81 -49.11 14.22 0.90
C LEU D 81 -50.46 14.40 1.60
N ALA D 82 -51.46 13.60 1.22
CA ALA D 82 -52.78 13.73 1.81
C ALA D 82 -52.79 13.28 3.26
N ILE D 83 -52.05 12.23 3.59
CA ILE D 83 -51.98 11.75 4.97
C ILE D 83 -51.31 12.80 5.86
N GLY D 84 -50.26 13.45 5.36
CA GLY D 84 -49.57 14.46 6.14
C GLY D 84 -50.44 15.68 6.42
N THR D 85 -51.21 16.10 5.43
CA THR D 85 -52.09 17.26 5.63
C THR D 85 -53.21 16.95 6.63
N ALA D 86 -53.81 15.77 6.54
CA ALA D 86 -54.87 15.40 7.46
C ALA D 86 -54.35 15.25 8.89
N LEU D 87 -53.11 14.80 9.04
CA LEU D 87 -52.51 14.69 10.37
C LEU D 87 -52.31 16.07 10.98
N LEU D 88 -51.90 17.05 10.18
CA LEU D 88 -51.67 18.40 10.70
C LEU D 88 -52.96 19.04 11.21
N GLN D 89 -54.07 18.84 10.48
CA GLN D 89 -55.31 19.50 10.87
C GLN D 89 -55.92 18.83 12.11
N ALA D 90 -55.70 17.52 12.26
CA ALA D 90 -56.21 16.83 13.44
C ALA D 90 -55.43 17.23 14.70
N LEU D 91 -54.15 17.54 14.56
CA LEU D 91 -53.34 17.93 15.71
C LEU D 91 -53.80 19.27 16.28
N GLY D 92 -54.12 20.22 15.41
CA GLY D 92 -54.57 21.53 15.88
C GLY D 92 -53.45 22.31 16.54
N ASP D 93 -53.71 22.80 17.75
CA ASP D 93 -52.75 23.63 18.46
C ASP D 93 -51.65 22.83 19.16
N ARG D 94 -51.81 21.51 19.26
CA ARG D 94 -50.81 20.62 19.87
C ARG D 94 -50.52 21.01 21.32
N LYS D 95 -51.55 21.37 22.06
CA LYS D 95 -51.40 21.82 23.45
C LYS D 95 -51.66 20.66 24.39
N GLY D 96 -50.72 20.44 25.31
CA GLY D 96 -50.86 19.38 26.30
C GLY D 96 -50.42 18.01 25.87
N ILE D 97 -49.74 17.88 24.73
CA ILE D 97 -49.29 16.60 24.23
C ILE D 97 -47.80 16.44 24.49
N ASN D 98 -47.33 15.20 24.36
CA ASN D 98 -45.93 14.89 24.67
C ASN D 98 -44.98 15.48 23.64
N ARG D 99 -45.38 15.48 22.36
CA ARG D 99 -44.67 15.97 21.18
C ARG D 99 -43.41 15.17 20.84
N PHE D 100 -43.06 14.15 21.62
CA PHE D 100 -41.86 13.36 21.36
C PHE D 100 -42.20 11.88 21.40
N GLY D 101 -41.58 11.12 20.50
CA GLY D 101 -41.79 9.69 20.44
C GLY D 101 -40.54 8.91 20.05
N ASN D 102 -40.30 7.79 20.73
CA ASN D 102 -39.14 6.94 20.45
C ASN D 102 -39.57 5.48 20.55
N PHE D 103 -39.08 4.66 19.61
CA PHE D 103 -39.39 3.23 19.64
C PHE D 103 -38.42 2.47 18.76
N SER D 104 -38.01 1.29 19.23
CA SER D 104 -37.25 0.33 18.45
C SER D 104 -38.09 -0.93 18.27
N ALA D 105 -38.20 -1.41 17.03
CA ALA D 105 -39.07 -2.54 16.72
C ALA D 105 -38.25 -3.69 16.14
N PRO D 106 -38.23 -4.85 16.79
CA PRO D 106 -37.59 -6.02 16.20
C PRO D 106 -38.57 -6.89 15.41
N LEU D 107 -38.11 -7.39 14.28
CA LEU D 107 -38.90 -8.31 13.44
C LEU D 107 -37.92 -9.35 12.90
N ASP D 108 -37.84 -10.49 13.60
CA ASP D 108 -36.91 -11.58 13.28
C ASP D 108 -35.49 -11.01 13.31
N GLU D 109 -34.76 -11.01 12.20
CA GLU D 109 -33.40 -10.50 12.17
C GLU D 109 -33.33 -8.99 12.00
N ALA D 110 -34.43 -8.31 11.73
CA ALA D 110 -34.44 -6.89 11.47
C ALA D 110 -34.69 -6.09 12.75
N LEU D 111 -34.13 -4.88 12.80
CA LEU D 111 -34.27 -4.00 13.95
C LEU D 111 -34.15 -2.55 13.48
N VAL D 112 -35.22 -1.78 13.65
CA VAL D 112 -35.30 -0.40 13.17
C VAL D 112 -35.70 0.50 14.33
N HIS D 113 -35.01 1.64 14.48
CA HIS D 113 -35.32 2.63 15.49
C HIS D 113 -35.85 3.90 14.85
N VAL D 114 -36.89 4.48 15.45
CA VAL D 114 -37.56 5.67 14.93
C VAL D 114 -37.61 6.72 16.03
N SER D 115 -37.19 7.94 15.70
CA SER D 115 -37.27 9.09 16.60
C SER D 115 -37.95 10.23 15.88
N LEU D 116 -38.99 10.80 16.48
CA LEU D 116 -39.74 11.87 15.85
C LEU D 116 -40.12 12.93 16.88
N ASP D 117 -40.40 14.13 16.38
CA ASP D 117 -40.85 15.24 17.20
C ASP D 117 -41.70 16.18 16.35
N LEU D 118 -42.85 16.57 16.88
CA LEU D 118 -43.80 17.42 16.16
C LEU D 118 -43.53 18.87 16.51
N SER D 119 -42.80 19.58 15.63
CA SER D 119 -42.32 20.91 15.93
C SER D 119 -42.71 21.98 14.92
N GLY D 120 -43.20 21.61 13.74
CA GLY D 120 -43.46 22.57 12.69
C GLY D 120 -42.32 22.78 11.72
N ARG D 121 -41.16 22.17 11.96
CA ARG D 121 -40.02 22.28 11.07
C ARG D 121 -39.78 20.94 10.39
N PRO D 122 -39.94 20.85 9.06
CA PRO D 122 -39.84 19.54 8.39
C PRO D 122 -38.38 19.14 8.17
N HIS D 123 -38.07 17.90 8.52
CA HIS D 123 -36.75 17.33 8.28
C HIS D 123 -36.88 15.80 8.27
N LEU D 124 -36.15 15.15 7.37
CA LEU D 124 -36.13 13.70 7.29
C LEU D 124 -34.69 13.19 7.35
N GLY D 125 -34.43 12.29 8.29
CA GLY D 125 -33.17 11.57 8.32
C GLY D 125 -33.38 10.10 8.01
N TYR D 126 -32.95 9.67 6.83
CA TYR D 126 -33.25 8.35 6.31
C TYR D 126 -31.97 7.53 6.22
N ASP D 127 -31.91 6.43 6.97
CA ASP D 127 -30.77 5.49 6.91
C ASP D 127 -31.35 4.08 6.86
N LEU D 128 -31.62 3.61 5.64
CA LEU D 128 -32.12 2.26 5.42
C LEU D 128 -31.31 1.61 4.31
N ASN D 129 -31.16 0.29 4.39
CA ASN D 129 -30.42 -0.49 3.40
C ASN D 129 -31.29 -1.66 2.95
N ILE D 130 -32.12 -1.42 1.93
CA ILE D 130 -33.01 -2.44 1.41
C ILE D 130 -32.26 -3.18 0.29
N PRO D 131 -32.06 -4.49 0.41
CA PRO D 131 -31.17 -5.17 -0.54
C PRO D 131 -31.77 -5.37 -1.93
N THR D 132 -33.08 -5.59 -2.04
CA THR D 132 -33.68 -5.90 -3.32
C THR D 132 -34.41 -4.69 -3.91
N GLN D 133 -34.62 -4.74 -5.22
CA GLN D 133 -35.25 -3.64 -5.94
C GLN D 133 -36.77 -3.73 -5.95
N ARG D 134 -37.33 -4.94 -5.85
CA ARG D 134 -38.77 -5.14 -5.81
C ARG D 134 -39.11 -6.09 -4.67
N VAL D 135 -40.20 -5.83 -3.98
CA VAL D 135 -40.68 -6.72 -2.92
C VAL D 135 -41.74 -7.63 -3.53
N GLY D 136 -42.83 -7.04 -4.01
CA GLY D 136 -43.77 -7.75 -4.85
C GLY D 136 -43.77 -7.13 -6.23
N LYS D 137 -44.78 -6.31 -6.51
CA LYS D 137 -44.75 -5.37 -7.63
C LYS D 137 -44.32 -3.98 -7.18
N TYR D 138 -43.99 -3.81 -5.91
CA TYR D 138 -43.72 -2.50 -5.33
C TYR D 138 -42.24 -2.15 -5.47
N ASP D 139 -41.97 -0.96 -6.00
CA ASP D 139 -40.61 -0.48 -6.16
C ASP D 139 -40.08 0.06 -4.85
N THR D 140 -38.91 -0.43 -4.42
CA THR D 140 -38.41 -0.12 -3.08
C THR D 140 -37.88 1.30 -2.97
N GLN D 141 -37.69 2.00 -4.08
CA GLN D 141 -37.29 3.40 -4.02
C GLN D 141 -38.41 4.30 -3.51
N LEU D 142 -39.65 3.81 -3.48
CA LEU D 142 -40.79 4.61 -3.05
C LEU D 142 -40.94 4.66 -1.53
N VAL D 143 -40.18 3.86 -0.78
CA VAL D 143 -40.25 3.93 0.67
C VAL D 143 -39.71 5.27 1.18
N GLU D 144 -38.57 5.70 0.62
CA GLU D 144 -38.04 7.02 0.95
C GLU D 144 -38.97 8.14 0.49
N HIS D 145 -39.52 8.01 -0.72
CA HIS D 145 -40.39 9.06 -1.26
C HIS D 145 -41.67 9.20 -0.46
N PHE D 146 -42.15 8.10 0.13
CA PHE D 146 -43.36 8.17 0.95
C PHE D 146 -43.13 9.00 2.21
N PHE D 147 -42.03 8.73 2.92
CA PHE D 147 -41.80 9.43 4.18
C PHE D 147 -41.33 10.86 3.98
N GLN D 148 -40.69 11.16 2.85
CA GLN D 148 -40.29 12.53 2.57
C GLN D 148 -41.50 13.42 2.31
N SER D 149 -42.49 12.89 1.59
CA SER D 149 -43.69 13.67 1.30
C SER D 149 -44.57 13.83 2.53
N LEU D 150 -44.51 12.88 3.47
CA LEU D 150 -45.33 12.97 4.67
C LEU D 150 -44.84 14.08 5.60
N VAL D 151 -43.53 14.22 5.77
CA VAL D 151 -43.01 15.25 6.66
C VAL D 151 -43.07 16.64 6.04
N ASN D 152 -43.19 16.74 4.72
CA ASN D 152 -43.25 18.05 4.09
C ASN D 152 -44.60 18.73 4.33
N THR D 153 -45.67 17.95 4.48
CA THR D 153 -46.99 18.51 4.72
C THR D 153 -47.39 18.52 6.19
N SER D 154 -46.80 17.66 7.02
CA SER D 154 -47.13 17.61 8.43
C SER D 154 -46.20 18.45 9.30
N GLY D 155 -45.05 18.87 8.77
CA GLY D 155 -44.11 19.68 9.53
C GLY D 155 -43.50 18.98 10.73
N MET D 156 -42.96 17.78 10.52
CA MET D 156 -42.38 17.00 11.61
C MET D 156 -40.92 16.70 11.33
N THR D 157 -40.18 16.46 12.41
CA THR D 157 -38.78 16.03 12.33
C THR D 157 -38.75 14.52 12.57
N LEU D 158 -38.20 13.78 11.62
CA LEU D 158 -38.24 12.32 11.63
C LEU D 158 -36.86 11.75 11.35
N HIS D 159 -36.44 10.79 12.18
CA HIS D 159 -35.17 10.09 12.01
C HIS D 159 -35.42 8.60 11.99
N ILE D 160 -34.89 7.92 10.97
CA ILE D 160 -35.03 6.47 10.82
C ILE D 160 -33.64 5.87 10.66
N ARG D 161 -33.33 4.87 11.48
CA ARG D 161 -32.03 4.19 11.42
C ARG D 161 -32.22 2.69 11.55
N GLN D 162 -31.49 1.94 10.72
CA GLN D 162 -31.51 0.49 10.70
C GLN D 162 -30.26 -0.06 11.37
N PHE D 163 -30.44 -1.00 12.29
CA PHE D 163 -29.33 -1.63 12.98
C PHE D 163 -29.01 -3.03 12.48
N SER D 164 -30.00 -3.75 11.95
CA SER D 164 -29.78 -5.07 11.39
C SER D 164 -30.94 -5.41 10.46
N GLY D 165 -30.75 -6.43 9.64
CA GLY D 165 -31.79 -6.89 8.74
C GLY D 165 -31.29 -7.35 7.40
N THR D 166 -31.90 -8.40 6.85
CA THR D 166 -31.51 -8.93 5.56
C THR D 166 -32.70 -9.02 4.61
N ASN D 167 -33.86 -9.39 5.14
CA ASN D 167 -35.04 -9.60 4.33
C ASN D 167 -35.75 -8.26 4.05
N SER D 168 -36.10 -8.03 2.79
CA SER D 168 -36.70 -6.75 2.40
C SER D 168 -38.07 -6.55 3.00
N HIS D 169 -38.90 -7.62 3.03
CA HIS D 169 -40.22 -7.51 3.63
C HIS D 169 -40.13 -7.20 5.12
N HIS D 170 -39.19 -7.84 5.83
CA HIS D 170 -39.08 -7.64 7.26
C HIS D 170 -38.58 -6.24 7.60
N ILE D 171 -37.65 -5.69 6.80
CA ILE D 171 -37.07 -4.39 7.10
C ILE D 171 -38.12 -3.28 6.96
N ILE D 172 -38.86 -3.28 5.86
CA ILE D 172 -39.85 -2.23 5.61
C ILE D 172 -40.98 -2.30 6.63
N GLU D 173 -41.48 -3.51 6.90
CA GLU D 173 -42.66 -3.64 7.74
C GLU D 173 -42.30 -3.49 9.21
N ALA D 174 -41.03 -3.64 9.56
CA ALA D 174 -40.57 -3.24 10.88
C ALA D 174 -40.48 -1.72 11.02
N THR D 175 -40.18 -1.01 9.91
CA THR D 175 -40.11 0.44 9.95
C THR D 175 -41.47 1.05 10.24
N PHE D 176 -42.54 0.51 9.63
CA PHE D 176 -43.87 1.04 9.84
C PHE D 176 -44.38 0.75 11.24
N LYS D 177 -43.97 -0.37 11.84
CA LYS D 177 -44.36 -0.66 13.21
C LYS D 177 -43.75 0.33 14.20
N ALA D 178 -42.46 0.66 14.01
CA ALA D 178 -41.80 1.59 14.92
C ALA D 178 -42.32 3.01 14.74
N PHE D 179 -42.68 3.38 13.51
CA PHE D 179 -43.23 4.71 13.26
C PHE D 179 -44.60 4.88 13.88
N ALA D 180 -45.42 3.83 13.85
CA ALA D 180 -46.77 3.91 14.39
C ALA D 180 -46.76 4.09 15.90
N ARG D 181 -45.91 3.35 16.61
CA ARG D 181 -45.88 3.43 18.06
C ARG D 181 -45.16 4.68 18.55
N ALA D 182 -44.22 5.21 17.78
CA ALA D 182 -43.58 6.46 18.14
C ALA D 182 -44.52 7.65 17.92
N LEU D 183 -45.34 7.58 16.87
CA LEU D 183 -46.33 8.64 16.64
C LEU D 183 -47.43 8.59 17.69
N ARG D 184 -47.80 7.40 18.14
CA ARG D 184 -48.82 7.27 19.19
C ARG D 184 -48.34 7.90 20.48
N GLN D 185 -47.08 7.70 20.85
CA GLN D 185 -46.57 8.26 22.09
C GLN D 185 -46.49 9.78 22.04
N ALA D 186 -46.21 10.33 20.85
CA ALA D 186 -46.09 11.78 20.73
C ALA D 186 -47.44 12.47 20.79
N THR D 187 -48.51 11.76 20.43
CA THR D 187 -49.83 12.38 20.38
C THR D 187 -50.64 12.19 21.66
N GLU D 188 -50.19 11.39 22.61
CA GLU D 188 -50.90 11.25 23.87
C GLU D 188 -50.74 12.49 24.73
N TYR D 189 -51.77 12.78 25.52
CA TYR D 189 -51.74 13.93 26.41
C TYR D 189 -50.79 13.67 27.58
N ASP D 190 -49.99 14.67 27.91
CA ASP D 190 -49.10 14.56 29.05
C ASP D 190 -49.90 14.71 30.34
N THR D 191 -49.55 13.91 31.34
CA THR D 191 -50.27 13.93 32.62
C THR D 191 -49.74 14.97 33.59
N ARG D 192 -48.71 15.71 33.21
CA ARG D 192 -48.06 16.74 34.04
C ARG D 192 -47.53 16.05 35.30
N ARG D 193 -47.66 16.66 36.47
CA ARG D 193 -47.14 16.07 37.70
C ARG D 193 -48.07 14.97 38.21
N ALA E 10 -25.79 -60.07 -15.47
CA ALA E 10 -24.51 -59.36 -15.48
C ALA E 10 -24.44 -58.39 -16.65
N ARG E 11 -24.06 -57.14 -16.37
CA ARG E 11 -23.96 -56.09 -17.37
C ARG E 11 -22.52 -55.98 -17.84
N ILE E 12 -22.31 -56.16 -19.15
CA ILE E 12 -20.98 -56.21 -19.74
C ILE E 12 -20.94 -55.28 -20.94
N GLY E 13 -19.87 -54.50 -21.04
CA GLY E 13 -19.68 -53.62 -22.18
C GLY E 13 -18.35 -53.85 -22.85
N GLU E 14 -18.32 -53.71 -24.17
CA GLU E 14 -17.11 -53.89 -24.95
C GLU E 14 -17.04 -52.84 -26.06
N MET E 15 -15.83 -52.58 -26.54
CA MET E 15 -15.61 -51.57 -27.57
C MET E 15 -14.33 -51.92 -28.34
N LYS E 16 -14.35 -51.62 -29.63
CA LYS E 16 -13.18 -51.85 -30.49
C LYS E 16 -13.13 -50.72 -31.52
N ARG E 17 -12.03 -49.98 -31.54
CA ARG E 17 -11.85 -48.87 -32.47
C ARG E 17 -10.47 -48.93 -33.09
N VAL E 18 -10.40 -48.75 -34.41
CA VAL E 18 -9.14 -48.74 -35.15
C VAL E 18 -9.03 -47.39 -35.85
N THR E 19 -7.98 -46.64 -35.54
CA THR E 19 -7.68 -45.38 -36.21
C THR E 19 -6.27 -45.47 -36.79
N LYS E 20 -5.83 -44.37 -37.42
CA LYS E 20 -4.49 -44.31 -38.00
C LYS E 20 -3.40 -44.24 -36.95
N GLU E 21 -3.74 -44.01 -35.68
CA GLU E 21 -2.75 -43.88 -34.62
C GLU E 21 -2.80 -44.98 -33.58
N THR E 22 -3.98 -45.53 -33.29
CA THR E 22 -4.14 -46.44 -32.16
C THR E 22 -5.07 -47.59 -32.52
N ASN E 23 -4.87 -48.72 -31.85
CA ASN E 23 -5.78 -49.86 -31.89
C ASN E 23 -6.13 -50.22 -30.45
N VAL E 24 -7.42 -50.19 -30.10
CA VAL E 24 -7.87 -50.31 -28.73
C VAL E 24 -9.01 -51.31 -28.65
N SER E 25 -8.94 -52.22 -27.68
CA SER E 25 -10.03 -53.12 -27.33
C SER E 25 -10.24 -53.08 -25.82
N VAL E 26 -11.48 -52.86 -25.39
CA VAL E 26 -11.79 -52.64 -23.98
C VAL E 26 -13.02 -53.47 -23.62
N LYS E 27 -12.97 -54.13 -22.45
CA LYS E 27 -14.11 -54.89 -21.94
C LYS E 27 -14.30 -54.57 -20.46
N ILE E 28 -15.53 -54.26 -20.07
CA ILE E 28 -15.88 -53.86 -18.71
C ILE E 28 -17.07 -54.70 -18.24
N ASN E 29 -16.98 -55.19 -17.00
CA ASN E 29 -18.06 -55.95 -16.38
C ASN E 29 -18.38 -55.29 -15.04
N LEU E 30 -19.62 -54.82 -14.89
CA LEU E 30 -20.00 -54.10 -13.68
C LEU E 30 -20.22 -55.04 -12.50
N ASP E 31 -20.66 -56.28 -12.76
CA ASP E 31 -20.85 -57.28 -11.71
C ASP E 31 -19.66 -58.24 -11.76
N GLY E 32 -18.56 -57.82 -11.13
CA GLY E 32 -17.33 -58.57 -11.16
C GLY E 32 -16.77 -58.82 -9.76
N THR E 33 -15.60 -59.43 -9.74
CA THR E 33 -14.91 -59.76 -8.50
C THR E 33 -13.54 -59.10 -8.39
N GLY E 34 -13.19 -58.22 -9.33
CA GLY E 34 -11.93 -57.52 -9.28
C GLY E 34 -10.83 -58.05 -10.18
N VAL E 35 -11.17 -58.75 -11.25
CA VAL E 35 -10.16 -59.24 -12.18
C VAL E 35 -9.62 -58.08 -12.99
N ALA E 36 -8.29 -57.97 -13.06
CA ALA E 36 -7.63 -56.90 -13.79
C ALA E 36 -6.66 -57.49 -14.80
N ASP E 37 -6.88 -57.19 -16.08
CA ASP E 37 -5.98 -57.58 -17.17
C ASP E 37 -5.80 -56.35 -18.07
N ASN E 38 -4.81 -55.52 -17.75
CA ASN E 38 -4.58 -54.28 -18.45
C ASN E 38 -3.19 -54.29 -19.06
N SER E 39 -3.12 -54.01 -20.37
CA SER E 39 -1.83 -54.02 -21.07
C SER E 39 -1.90 -52.99 -22.20
N SER E 40 -1.40 -51.80 -21.94
CA SER E 40 -1.21 -50.77 -22.94
C SER E 40 0.28 -50.40 -22.98
N GLY E 41 0.61 -49.38 -23.74
CA GLY E 41 1.98 -48.91 -23.81
C GLY E 41 2.38 -47.94 -22.73
N ILE E 42 1.50 -47.67 -21.77
CA ILE E 42 1.75 -46.73 -20.69
C ILE E 42 1.71 -47.49 -19.37
N PRO E 43 2.86 -47.85 -18.81
CA PRO E 43 2.86 -48.65 -17.57
C PRO E 43 2.18 -47.99 -16.38
N PHE E 44 2.28 -46.66 -16.25
CA PHE E 44 1.67 -46.00 -15.09
C PHE E 44 0.16 -46.00 -15.19
N LEU E 45 -0.39 -45.89 -16.41
CA LEU E 45 -1.84 -45.96 -16.58
C LEU E 45 -2.37 -47.35 -16.23
N ASP E 46 -1.58 -48.38 -16.52
CA ASP E 46 -1.98 -49.74 -16.15
C ASP E 46 -2.02 -49.91 -14.64
N HIS E 47 -1.09 -49.27 -13.93
CA HIS E 47 -1.12 -49.28 -12.47
C HIS E 47 -2.38 -48.61 -11.94
N MET E 48 -2.84 -47.54 -12.62
CA MET E 48 -4.03 -46.84 -12.18
C MET E 48 -5.29 -47.65 -12.47
N LEU E 49 -5.34 -48.33 -13.62
CA LEU E 49 -6.53 -49.08 -13.99
C LEU E 49 -6.71 -50.32 -13.13
N ASP E 50 -5.62 -50.84 -12.56
CA ASP E 50 -5.74 -51.99 -11.67
C ASP E 50 -6.45 -51.63 -10.38
N GLN E 51 -6.21 -50.41 -9.86
CA GLN E 51 -6.88 -49.98 -8.64
C GLN E 51 -8.37 -49.80 -8.85
N LEU E 52 -8.80 -49.46 -10.07
CA LEU E 52 -10.23 -49.34 -10.34
C LEU E 52 -10.93 -50.70 -10.25
N ALA E 53 -10.22 -51.77 -10.63
CA ALA E 53 -10.80 -53.11 -10.53
C ALA E 53 -10.83 -53.60 -9.08
N SER E 54 -9.77 -53.36 -8.32
CA SER E 54 -9.71 -53.90 -6.96
C SER E 54 -10.64 -53.15 -6.02
N HIS E 55 -10.64 -51.82 -6.08
CA HIS E 55 -11.45 -51.03 -5.15
C HIS E 55 -12.91 -50.95 -5.59
N GLY E 56 -13.17 -51.02 -6.89
CA GLY E 56 -14.53 -50.96 -7.38
C GLY E 56 -15.20 -52.30 -7.60
N LEU E 57 -14.45 -53.40 -7.47
CA LEU E 57 -14.94 -54.75 -7.73
C LEU E 57 -15.47 -54.89 -9.15
N PHE E 58 -14.80 -54.25 -10.10
CA PHE E 58 -15.12 -54.38 -11.52
C PHE E 58 -14.13 -55.32 -12.20
N ASP E 59 -14.52 -55.80 -13.37
CA ASP E 59 -13.64 -56.58 -14.24
C ASP E 59 -13.25 -55.69 -15.41
N VAL E 60 -11.98 -55.32 -15.48
CA VAL E 60 -11.47 -54.37 -16.46
C VAL E 60 -10.42 -55.07 -17.33
N HIS E 61 -10.62 -55.02 -18.65
CA HIS E 61 -9.68 -55.58 -19.60
C HIS E 61 -9.40 -54.54 -20.68
N VAL E 62 -8.15 -54.12 -20.80
CA VAL E 62 -7.74 -53.13 -21.78
C VAL E 62 -6.55 -53.67 -22.56
N LYS E 63 -6.63 -53.62 -23.89
CA LYS E 63 -5.52 -53.96 -24.78
C LYS E 63 -5.37 -52.85 -25.79
N ALA E 64 -4.18 -52.25 -25.86
CA ALA E 64 -3.97 -51.11 -26.73
C ALA E 64 -2.54 -51.07 -27.23
N THR E 65 -2.37 -50.66 -28.49
CA THR E 65 -1.07 -50.37 -29.06
C THR E 65 -1.20 -49.10 -29.90
N GLY E 66 -0.10 -48.36 -30.00
CA GLY E 66 -0.17 -47.08 -30.68
C GLY E 66 1.19 -46.46 -30.88
N ASP E 67 1.17 -45.21 -31.34
CA ASP E 67 2.39 -44.48 -31.69
C ASP E 67 2.95 -43.77 -30.45
N THR E 68 3.43 -44.59 -29.51
CA THR E 68 4.03 -44.05 -28.30
C THR E 68 5.42 -43.48 -28.53
N HIS E 69 6.02 -43.70 -29.71
CA HIS E 69 7.31 -43.12 -30.00
C HIS E 69 7.25 -41.61 -30.15
N ILE E 70 6.08 -41.06 -30.47
CA ILE E 70 5.89 -39.62 -30.48
C ILE E 70 5.54 -39.08 -29.10
N ASP E 71 4.47 -39.60 -28.52
CA ASP E 71 3.97 -39.15 -27.22
C ASP E 71 2.99 -40.19 -26.71
N ASP E 72 2.62 -40.05 -25.44
CA ASP E 72 1.56 -40.85 -24.85
C ASP E 72 0.18 -40.21 -25.00
N HIS E 73 0.10 -39.05 -25.66
CA HIS E 73 -1.15 -38.30 -25.71
C HIS E 73 -2.23 -39.06 -26.48
N HIS E 74 -1.90 -39.54 -27.69
CA HIS E 74 -2.92 -40.14 -28.54
C HIS E 74 -3.41 -41.48 -27.97
N THR E 75 -2.51 -42.23 -27.34
CA THR E 75 -2.92 -43.50 -26.72
C THR E 75 -3.76 -43.27 -25.47
N ASN E 76 -3.39 -42.28 -24.65
CA ASN E 76 -4.14 -41.98 -23.44
C ASN E 76 -5.54 -41.51 -23.75
N GLU E 77 -5.70 -40.69 -24.80
CA GLU E 77 -7.00 -40.15 -25.17
C GLU E 77 -7.92 -41.25 -25.70
N ASP E 78 -7.40 -42.17 -26.51
CA ASP E 78 -8.23 -43.18 -27.12
C ASP E 78 -8.69 -44.24 -26.13
N VAL E 79 -7.87 -44.55 -25.13
CA VAL E 79 -8.26 -45.50 -24.10
C VAL E 79 -9.42 -44.96 -23.28
N ALA E 80 -9.37 -43.67 -22.93
CA ALA E 80 -10.42 -43.07 -22.11
C ALA E 80 -11.75 -43.02 -22.85
N LEU E 81 -11.72 -42.74 -24.16
CA LEU E 81 -12.95 -42.72 -24.94
C LEU E 81 -13.59 -44.11 -25.01
N ALA E 82 -12.77 -45.15 -25.15
CA ALA E 82 -13.29 -46.50 -25.26
C ALA E 82 -13.90 -46.98 -23.95
N ILE E 83 -13.29 -46.63 -22.82
CA ILE E 83 -13.82 -47.02 -21.52
C ILE E 83 -15.17 -46.35 -21.28
N GLY E 84 -15.30 -45.08 -21.67
CA GLY E 84 -16.56 -44.37 -21.47
C GLY E 84 -17.69 -44.95 -22.31
N THR E 85 -17.40 -45.33 -23.54
CA THR E 85 -18.43 -45.91 -24.40
C THR E 85 -18.89 -47.28 -23.88
N ALA E 86 -17.94 -48.11 -23.44
CA ALA E 86 -18.30 -49.43 -22.93
C ALA E 86 -19.10 -49.32 -21.63
N LEU E 87 -18.81 -48.31 -20.82
CA LEU E 87 -19.58 -48.09 -19.59
C LEU E 87 -21.02 -47.72 -19.91
N LEU E 88 -21.23 -46.89 -20.94
CA LEU E 88 -22.58 -46.46 -21.30
C LEU E 88 -23.44 -47.64 -21.76
N GLN E 89 -22.86 -48.55 -22.55
CA GLN E 89 -23.65 -49.65 -23.09
C GLN E 89 -23.97 -50.69 -22.01
N ALA E 90 -23.06 -50.85 -21.04
CA ALA E 90 -23.32 -51.78 -19.95
C ALA E 90 -24.42 -51.26 -19.01
N LEU E 91 -24.52 -49.95 -18.86
CA LEU E 91 -25.55 -49.38 -17.99
C LEU E 91 -26.94 -49.61 -18.55
N GLY E 92 -27.12 -49.46 -19.86
CA GLY E 92 -28.42 -49.67 -20.46
C GLY E 92 -29.40 -48.59 -20.06
N ASP E 93 -30.57 -49.01 -19.58
CA ASP E 93 -31.63 -48.07 -19.24
C ASP E 93 -31.45 -47.41 -17.87
N ARG E 94 -30.52 -47.91 -17.06
CA ARG E 94 -30.21 -47.34 -15.74
C ARG E 94 -31.44 -47.32 -14.83
N LYS E 95 -32.23 -48.39 -14.87
CA LYS E 95 -33.46 -48.47 -14.10
C LYS E 95 -33.21 -49.24 -12.81
N GLY E 96 -33.61 -48.63 -11.69
CA GLY E 96 -33.46 -49.26 -10.39
C GLY E 96 -32.12 -49.09 -9.72
N ILE E 97 -31.26 -48.20 -10.23
CA ILE E 97 -29.95 -47.98 -9.66
C ILE E 97 -29.94 -46.69 -8.86
N ASN E 98 -28.91 -46.52 -8.04
CA ASN E 98 -28.82 -45.36 -7.15
C ASN E 98 -28.57 -44.07 -7.92
N ARG E 99 -27.75 -44.14 -8.97
CA ARG E 99 -27.34 -43.06 -9.87
C ARG E 99 -26.46 -42.00 -9.20
N PHE E 100 -26.19 -42.11 -7.90
CA PHE E 100 -25.38 -41.12 -7.19
C PHE E 100 -24.29 -41.82 -6.39
N GLY E 101 -23.11 -41.21 -6.36
CA GLY E 101 -22.00 -41.74 -5.61
C GLY E 101 -21.11 -40.68 -5.00
N ASN E 102 -20.69 -40.89 -3.75
CA ASN E 102 -19.83 -39.95 -3.04
C ASN E 102 -18.80 -40.74 -2.24
N PHE E 103 -17.55 -40.26 -2.25
CA PHE E 103 -16.50 -40.90 -1.47
C PHE E 103 -15.32 -39.97 -1.31
N SER E 104 -14.71 -40.00 -0.12
CA SER E 104 -13.45 -39.33 0.16
C SER E 104 -12.41 -40.39 0.50
N ALA E 105 -11.25 -40.31 -0.14
CA ALA E 105 -10.21 -41.33 0.01
C ALA E 105 -8.94 -40.71 0.57
N PRO E 106 -8.48 -41.14 1.75
CA PRO E 106 -7.18 -40.68 2.25
C PRO E 106 -6.05 -41.62 1.86
N LEU E 107 -4.91 -41.04 1.51
CA LEU E 107 -3.70 -41.81 1.19
C LEU E 107 -2.52 -41.02 1.76
N ASP E 108 -2.11 -41.39 2.98
CA ASP E 108 -1.05 -40.72 3.73
C ASP E 108 -1.45 -39.25 3.90
N GLU E 109 -0.70 -38.30 3.36
CA GLU E 109 -1.03 -36.89 3.50
C GLU E 109 -2.07 -36.40 2.50
N ALA E 110 -2.44 -37.20 1.51
CA ALA E 110 -3.35 -36.79 0.46
C ALA E 110 -4.79 -37.14 0.81
N LEU E 111 -5.72 -36.33 0.31
CA LEU E 111 -7.15 -36.52 0.56
C LEU E 111 -7.93 -35.93 -0.60
N VAL E 112 -8.66 -36.79 -1.32
CA VAL E 112 -9.40 -36.40 -2.52
C VAL E 112 -10.86 -36.84 -2.37
N HIS E 113 -11.79 -35.94 -2.71
CA HIS E 113 -13.21 -36.23 -2.69
C HIS E 113 -13.78 -36.26 -4.09
N VAL E 114 -14.64 -37.24 -4.37
CA VAL E 114 -15.22 -37.44 -5.70
C VAL E 114 -16.74 -37.49 -5.55
N SER E 115 -17.44 -36.71 -6.39
CA SER E 115 -18.89 -36.72 -6.45
C SER E 115 -19.31 -36.90 -7.89
N LEU E 116 -20.17 -37.88 -8.17
CA LEU E 116 -20.60 -38.16 -9.52
C LEU E 116 -22.09 -38.50 -9.55
N ASP E 117 -22.68 -38.34 -10.73
CA ASP E 117 -24.07 -38.69 -10.97
C ASP E 117 -24.25 -39.05 -12.43
N LEU E 118 -24.93 -40.16 -12.69
CA LEU E 118 -25.14 -40.67 -14.06
C LEU E 118 -26.46 -40.13 -14.58
N SER E 119 -26.40 -39.06 -15.38
CA SER E 119 -27.59 -38.35 -15.81
C SER E 119 -27.76 -38.20 -17.31
N GLY E 120 -26.73 -38.47 -18.11
CA GLY E 120 -26.78 -38.22 -19.53
C GLY E 120 -26.27 -36.87 -19.96
N ARG E 121 -25.93 -35.98 -19.01
CA ARG E 121 -25.39 -34.67 -19.33
C ARG E 121 -23.93 -34.61 -18.93
N PRO E 122 -23.00 -34.47 -19.89
CA PRO E 122 -21.57 -34.53 -19.55
C PRO E 122 -21.07 -33.21 -18.95
N HIS E 123 -20.35 -33.31 -17.84
CA HIS E 123 -19.71 -32.16 -17.22
C HIS E 123 -18.56 -32.66 -16.35
N LEU E 124 -17.45 -31.92 -16.35
CA LEU E 124 -16.30 -32.24 -15.53
C LEU E 124 -15.91 -31.03 -14.68
N GLY E 125 -15.83 -31.24 -13.37
CA GLY E 125 -15.26 -30.25 -12.48
C GLY E 125 -13.95 -30.73 -11.90
N TYR E 126 -12.84 -30.15 -12.33
CA TYR E 126 -11.51 -30.63 -12.02
C TYR E 126 -10.79 -29.61 -11.14
N ASP E 127 -10.44 -30.01 -9.91
CA ASP E 127 -9.65 -29.17 -9.01
C ASP E 127 -8.57 -30.05 -8.39
N LEU E 128 -7.43 -30.12 -9.07
CA LEU E 128 -6.27 -30.87 -8.60
C LEU E 128 -5.03 -30.00 -8.72
N ASN E 129 -4.08 -30.21 -7.81
CA ASN E 129 -2.82 -29.46 -7.80
C ASN E 129 -1.67 -30.46 -7.72
N ILE E 130 -1.21 -30.93 -8.88
CA ILE E 130 -0.12 -31.90 -8.96
C ILE E 130 1.18 -31.11 -9.06
N PRO E 131 2.11 -31.27 -8.12
CA PRO E 131 3.28 -30.37 -8.08
C PRO E 131 4.31 -30.65 -9.16
N THR E 132 4.50 -31.90 -9.56
CA THR E 132 5.56 -32.24 -10.51
C THR E 132 4.99 -32.47 -11.91
N GLN E 133 5.88 -32.37 -12.90
CA GLN E 133 5.50 -32.50 -14.29
C GLN E 133 5.52 -33.95 -14.78
N ARG E 134 6.35 -34.80 -14.17
CA ARG E 134 6.44 -36.21 -14.52
C ARG E 134 6.41 -37.04 -13.24
N VAL E 135 5.72 -38.17 -13.29
CA VAL E 135 5.69 -39.10 -12.15
C VAL E 135 6.74 -40.17 -12.41
N GLY E 136 6.57 -40.93 -13.49
CA GLY E 136 7.63 -41.78 -13.99
C GLY E 136 8.05 -41.28 -15.36
N LYS E 137 7.58 -41.97 -16.40
CA LYS E 137 7.60 -41.43 -17.76
C LYS E 137 6.27 -40.79 -18.13
N TYR E 138 5.32 -40.75 -17.20
CA TYR E 138 3.96 -40.31 -17.48
C TYR E 138 3.84 -38.80 -17.28
N ASP E 139 3.28 -38.13 -18.28
CA ASP E 139 3.07 -36.69 -18.22
C ASP E 139 1.82 -36.38 -17.41
N THR E 140 1.95 -35.51 -16.40
CA THR E 140 0.86 -35.29 -15.45
C THR E 140 -0.27 -34.46 -16.04
N GLN E 141 -0.07 -33.84 -17.20
CA GLN E 141 -1.16 -33.13 -17.87
C GLN E 141 -2.21 -34.08 -18.42
N LEU E 142 -1.90 -35.37 -18.54
CA LEU E 142 -2.82 -36.35 -19.11
C LEU E 142 -3.85 -36.85 -18.10
N VAL E 143 -3.71 -36.52 -16.81
CA VAL E 143 -4.72 -36.92 -15.83
C VAL E 143 -6.03 -36.20 -16.09
N GLU E 144 -5.97 -34.89 -16.36
CA GLU E 144 -7.17 -34.14 -16.72
C GLU E 144 -7.75 -34.62 -18.06
N HIS E 145 -6.88 -34.88 -19.04
CA HIS E 145 -7.36 -35.30 -20.36
C HIS E 145 -8.02 -36.66 -20.31
N PHE E 146 -7.59 -37.53 -19.40
CA PHE E 146 -8.21 -38.85 -19.26
C PHE E 146 -9.65 -38.73 -18.78
N PHE E 147 -9.88 -37.94 -17.73
CA PHE E 147 -11.22 -37.85 -17.16
C PHE E 147 -12.16 -37.01 -18.01
N GLN E 148 -11.63 -36.06 -18.77
CA GLN E 148 -12.48 -35.28 -19.66
C GLN E 148 -13.01 -36.13 -20.80
N SER E 149 -12.18 -37.02 -21.35
CA SER E 149 -12.62 -37.88 -22.44
C SER E 149 -13.57 -38.96 -21.96
N LEU E 150 -13.46 -39.36 -20.69
CA LEU E 150 -14.34 -40.40 -20.16
C LEU E 150 -15.77 -39.90 -19.99
N VAL E 151 -15.94 -38.68 -19.50
CA VAL E 151 -17.28 -38.15 -19.30
C VAL E 151 -17.94 -37.71 -20.60
N ASN E 152 -17.15 -37.48 -21.66
CA ASN E 152 -17.75 -37.05 -22.92
C ASN E 152 -18.46 -38.21 -23.63
N THR E 153 -18.00 -39.44 -23.42
CA THR E 153 -18.62 -40.60 -24.04
C THR E 153 -19.60 -41.33 -23.13
N SER E 154 -19.47 -41.19 -21.81
CA SER E 154 -20.37 -41.85 -20.88
C SER E 154 -21.54 -40.99 -20.44
N GLY E 155 -21.47 -39.67 -20.67
CA GLY E 155 -22.55 -38.78 -20.28
C GLY E 155 -22.77 -38.67 -18.79
N MET E 156 -21.72 -38.42 -18.03
CA MET E 156 -21.81 -38.33 -16.58
C MET E 156 -21.36 -36.97 -16.09
N THR E 157 -21.85 -36.59 -14.91
CA THR E 157 -21.43 -35.37 -14.22
C THR E 157 -20.44 -35.77 -13.13
N LEU E 158 -19.24 -35.21 -13.18
CA LEU E 158 -18.15 -35.62 -12.31
C LEU E 158 -17.48 -34.40 -11.69
N HIS E 159 -17.29 -34.44 -10.37
CA HIS E 159 -16.61 -33.39 -9.63
C HIS E 159 -15.46 -33.99 -8.84
N ILE E 160 -14.27 -33.41 -8.97
CA ILE E 160 -13.07 -33.86 -8.26
C ILE E 160 -12.47 -32.68 -7.53
N ARG E 161 -12.24 -32.83 -6.22
CA ARG E 161 -11.64 -31.77 -5.41
C ARG E 161 -10.59 -32.35 -4.48
N GLN E 162 -9.46 -31.65 -4.37
CA GLN E 162 -8.35 -32.02 -3.52
C GLN E 162 -8.33 -31.15 -2.28
N PHE E 163 -8.22 -31.78 -1.11
CA PHE E 163 -8.15 -31.06 0.15
C PHE E 163 -6.76 -30.99 0.75
N SER E 164 -5.90 -31.97 0.46
CA SER E 164 -4.52 -31.96 0.92
C SER E 164 -3.70 -32.90 0.06
N GLY E 165 -2.39 -32.77 0.15
CA GLY E 165 -1.49 -33.65 -0.58
C GLY E 165 -0.24 -32.96 -1.10
N THR E 166 0.89 -33.66 -1.07
CA THR E 166 2.14 -33.12 -1.54
C THR E 166 2.79 -34.02 -2.59
N ASN E 167 2.69 -35.33 -2.39
CA ASN E 167 3.34 -36.29 -3.26
C ASN E 167 2.48 -36.55 -4.50
N SER E 168 3.12 -36.51 -5.67
CA SER E 168 2.38 -36.66 -6.93
C SER E 168 1.79 -38.05 -7.09
N HIS E 169 2.56 -39.09 -6.72
CA HIS E 169 2.04 -40.46 -6.80
C HIS E 169 0.84 -40.66 -5.89
N HIS E 170 0.91 -40.11 -4.67
CA HIS E 170 -0.19 -40.30 -3.72
C HIS E 170 -1.45 -39.57 -4.15
N ILE E 171 -1.32 -38.37 -4.73
CA ILE E 171 -2.49 -37.58 -5.10
C ILE E 171 -3.27 -38.25 -6.22
N ILE E 172 -2.58 -38.67 -7.28
CA ILE E 172 -3.24 -39.28 -8.43
C ILE E 172 -3.88 -40.61 -8.05
N GLU E 173 -3.16 -41.44 -7.30
CA GLU E 173 -3.64 -42.79 -7.03
C GLU E 173 -4.71 -42.77 -5.94
N ALA E 174 -4.78 -41.69 -5.15
CA ALA E 174 -5.93 -41.49 -4.28
C ALA E 174 -7.17 -41.06 -5.07
N THR E 175 -6.98 -40.33 -6.19
CA THR E 175 -8.10 -39.91 -7.01
C THR E 175 -8.79 -41.11 -7.64
N PHE E 176 -8.02 -42.09 -8.12
CA PHE E 176 -8.60 -43.26 -8.76
C PHE E 176 -9.31 -44.16 -7.75
N LYS E 177 -8.84 -44.19 -6.50
CA LYS E 177 -9.53 -44.97 -5.48
C LYS E 177 -10.90 -44.39 -5.15
N ALA E 178 -10.99 -43.05 -5.04
CA ALA E 178 -12.26 -42.42 -4.71
C ALA E 178 -13.24 -42.52 -5.88
N PHE E 179 -12.73 -42.46 -7.11
CA PHE E 179 -13.59 -42.58 -8.28
C PHE E 179 -14.17 -43.98 -8.41
N ALA E 180 -13.37 -45.00 -8.09
CA ALA E 180 -13.84 -46.38 -8.22
C ALA E 180 -14.96 -46.69 -7.24
N ARG E 181 -14.82 -46.25 -5.98
CA ARG E 181 -15.82 -46.56 -4.98
C ARG E 181 -17.07 -45.69 -5.13
N ALA E 182 -16.94 -44.49 -5.68
CA ALA E 182 -18.11 -43.67 -5.95
C ALA E 182 -18.90 -44.20 -7.15
N LEU E 183 -18.19 -44.73 -8.15
CA LEU E 183 -18.87 -45.34 -9.30
C LEU E 183 -19.55 -46.64 -8.90
N ARG E 184 -18.96 -47.39 -7.98
CA ARG E 184 -19.57 -48.63 -7.50
C ARG E 184 -20.88 -48.34 -6.79
N GLN E 185 -20.92 -47.30 -5.96
CA GLN E 185 -22.14 -46.98 -5.22
C GLN E 185 -23.25 -46.52 -6.15
N ALA E 186 -22.89 -45.83 -7.24
CA ALA E 186 -23.91 -45.32 -8.16
C ALA E 186 -24.51 -46.44 -9.00
N THR E 187 -23.78 -47.53 -9.21
CA THR E 187 -24.26 -48.60 -10.07
C THR E 187 -24.97 -49.72 -9.32
N GLU E 188 -24.97 -49.72 -7.99
CA GLU E 188 -25.70 -50.74 -7.25
C GLU E 188 -27.20 -50.48 -7.33
N TYR E 189 -27.97 -51.57 -7.29
CA TYR E 189 -29.42 -51.47 -7.33
C TYR E 189 -29.96 -50.93 -6.01
N ASP E 190 -30.91 -50.01 -6.09
CA ASP E 190 -31.53 -49.48 -4.89
C ASP E 190 -32.51 -50.51 -4.34
N THR E 191 -32.55 -50.63 -3.01
CA THR E 191 -33.41 -51.60 -2.35
C THR E 191 -34.82 -51.08 -2.10
N ARG E 192 -35.10 -49.84 -2.46
CA ARG E 192 -36.40 -49.18 -2.26
C ARG E 192 -36.68 -49.16 -0.76
N ARG E 193 -37.90 -49.42 -0.32
CA ARG E 193 -38.23 -49.38 1.10
C ARG E 193 -37.77 -50.64 1.81
N ALA F 10 -1.38 13.29 65.84
CA ALA F 10 -1.48 12.16 64.92
C ALA F 10 -2.86 12.12 64.26
N ARG F 11 -2.87 11.99 62.93
CA ARG F 11 -4.10 11.97 62.15
C ARG F 11 -4.48 10.51 61.88
N ILE F 12 -5.68 10.13 62.31
CA ILE F 12 -6.16 8.75 62.25
C ILE F 12 -7.55 8.73 61.64
N GLY F 13 -7.77 7.81 60.72
CA GLY F 13 -9.08 7.64 60.11
C GLY F 13 -9.57 6.22 60.23
N GLU F 14 -10.89 6.07 60.41
CA GLU F 14 -11.51 4.76 60.53
C GLU F 14 -12.84 4.75 59.78
N MET F 15 -13.28 3.55 59.42
CA MET F 15 -14.52 3.39 58.66
C MET F 15 -15.09 1.99 58.92
N LYS F 16 -16.41 1.91 58.95
CA LYS F 16 -17.10 0.64 59.14
C LYS F 16 -18.38 0.66 58.32
N ARG F 17 -18.52 -0.29 57.40
CA ARG F 17 -19.68 -0.38 56.53
C ARG F 17 -20.17 -1.82 56.47
N VAL F 18 -21.48 -2.01 56.60
CA VAL F 18 -22.11 -3.32 56.52
C VAL F 18 -23.13 -3.28 55.38
N THR F 19 -22.95 -4.15 54.39
CA THR F 19 -23.89 -4.31 53.30
C THR F 19 -24.33 -5.77 53.24
N LYS F 20 -25.19 -6.08 52.26
CA LYS F 20 -25.67 -7.45 52.09
C LYS F 20 -24.60 -8.39 51.56
N GLU F 21 -23.46 -7.87 51.11
CA GLU F 21 -22.40 -8.70 50.54
C GLU F 21 -21.12 -8.71 51.35
N THR F 22 -20.78 -7.62 52.03
CA THR F 22 -19.47 -7.49 52.65
C THR F 22 -19.60 -6.81 54.02
N ASN F 23 -18.65 -7.12 54.90
CA ASN F 23 -18.45 -6.42 56.16
C ASN F 23 -17.00 -5.99 56.23
N VAL F 24 -16.76 -4.68 56.37
CA VAL F 24 -15.43 -4.10 56.24
C VAL F 24 -15.18 -3.15 57.40
N SER F 25 -14.01 -3.26 58.02
CA SER F 25 -13.52 -2.30 59.00
C SER F 25 -12.09 -1.92 58.65
N VAL F 26 -11.81 -0.62 58.57
CA VAL F 26 -10.53 -0.12 58.09
C VAL F 26 -10.05 0.99 59.03
N LYS F 27 -8.75 0.97 59.36
CA LYS F 27 -8.14 2.00 60.19
C LYS F 27 -6.81 2.41 59.58
N ILE F 28 -6.60 3.72 59.42
CA ILE F 28 -5.41 4.28 58.79
C ILE F 28 -4.83 5.35 59.71
N ASN F 29 -3.50 5.33 59.86
CA ASN F 29 -2.78 6.33 60.64
C ASN F 29 -1.68 6.90 59.75
N LEU F 30 -1.74 8.21 59.51
CA LEU F 30 -0.77 8.85 58.61
C LEU F 30 0.59 9.04 59.27
N ASP F 31 0.62 9.23 60.59
CA ASP F 31 1.87 9.36 61.33
C ASP F 31 2.15 8.03 62.03
N GLY F 32 2.73 7.10 61.27
CA GLY F 32 2.97 5.76 61.75
C GLY F 32 4.42 5.34 61.55
N THR F 33 4.68 4.08 61.90
CA THR F 33 6.01 3.49 61.79
C THR F 33 6.03 2.27 60.86
N GLY F 34 4.93 1.97 60.19
CA GLY F 34 4.88 0.87 59.26
C GLY F 34 4.23 -0.40 59.77
N VAL F 35 3.35 -0.31 60.76
CA VAL F 35 2.65 -1.48 61.26
C VAL F 35 1.61 -1.92 60.24
N ALA F 36 1.60 -3.21 59.89
CA ALA F 36 0.67 -3.75 58.92
C ALA F 36 -0.09 -4.91 59.53
N ASP F 37 -1.41 -4.79 59.59
CA ASP F 37 -2.30 -5.86 60.05
C ASP F 37 -3.47 -5.93 59.06
N ASN F 38 -3.31 -6.72 58.01
CA ASN F 38 -4.29 -6.82 56.94
C ASN F 38 -4.78 -8.26 56.83
N SER F 39 -6.10 -8.43 56.86
CA SER F 39 -6.69 -9.77 56.79
C SER F 39 -8.05 -9.66 56.10
N SER F 40 -8.06 -9.91 54.80
CA SER F 40 -9.28 -10.04 54.02
C SER F 40 -9.31 -11.44 53.39
N GLY F 41 -10.28 -11.67 52.53
CA GLY F 41 -10.38 -12.94 51.83
C GLY F 41 -9.55 -13.05 50.59
N ILE F 42 -8.75 -12.04 50.27
CA ILE F 42 -7.94 -12.00 49.07
C ILE F 42 -6.47 -11.93 49.49
N PRO F 43 -5.76 -13.06 49.48
CA PRO F 43 -4.36 -13.05 49.94
C PRO F 43 -3.43 -12.14 49.16
N PHE F 44 -3.63 -12.00 47.85
CA PHE F 44 -2.73 -11.16 47.06
C PHE F 44 -2.92 -9.69 47.38
N LEU F 45 -4.16 -9.27 47.66
CA LEU F 45 -4.41 -7.88 48.04
C LEU F 45 -3.76 -7.56 49.39
N ASP F 46 -3.72 -8.54 50.30
CA ASP F 46 -3.05 -8.34 51.57
C ASP F 46 -1.54 -8.15 51.39
N HIS F 47 -0.96 -8.87 50.43
CA HIS F 47 0.45 -8.68 50.09
C HIS F 47 0.70 -7.27 49.57
N MET F 48 -0.25 -6.72 48.81
CA MET F 48 -0.09 -5.38 48.26
C MET F 48 -0.25 -4.33 49.35
N LEU F 49 -1.19 -4.52 50.27
CA LEU F 49 -1.44 -3.52 51.30
C LEU F 49 -0.31 -3.46 52.32
N ASP F 50 0.45 -4.56 52.48
CA ASP F 50 1.60 -4.53 53.38
C ASP F 50 2.70 -3.62 52.86
N GLN F 51 2.90 -3.59 51.53
CA GLN F 51 3.93 -2.72 50.96
C GLN F 51 3.58 -1.26 51.13
N LEU F 52 2.29 -0.92 51.18
CA LEU F 52 1.89 0.47 51.41
C LEU F 52 2.28 0.93 52.81
N ALA F 53 2.24 0.01 53.78
CA ALA F 53 2.63 0.36 55.14
C ALA F 53 4.15 0.48 55.27
N SER F 54 4.90 -0.44 54.67
CA SER F 54 6.36 -0.43 54.84
C SER F 54 7.01 0.71 54.08
N HIS F 55 6.61 0.93 52.83
CA HIS F 55 7.25 1.96 52.01
C HIS F 55 6.70 3.36 52.32
N GLY F 56 5.45 3.46 52.74
CA GLY F 56 4.87 4.74 53.07
C GLY F 56 4.95 5.14 54.53
N LEU F 57 5.42 4.24 55.40
CA LEU F 57 5.47 4.46 56.84
C LEU F 57 4.10 4.80 57.41
N PHE F 58 3.06 4.14 56.90
CA PHE F 58 1.71 4.26 57.42
C PHE F 58 1.36 3.06 58.29
N ASP F 59 0.32 3.23 59.10
CA ASP F 59 -0.25 2.14 59.88
C ASP F 59 -1.58 1.77 59.23
N VAL F 60 -1.66 0.58 58.66
CA VAL F 60 -2.81 0.13 57.89
C VAL F 60 -3.40 -1.11 58.56
N HIS F 61 -4.70 -1.06 58.86
CA HIS F 61 -5.41 -2.19 59.44
C HIS F 61 -6.69 -2.40 58.66
N VAL F 62 -6.83 -3.58 58.04
CA VAL F 62 -8.01 -3.92 57.25
C VAL F 62 -8.53 -5.26 57.72
N LYS F 63 -9.84 -5.32 58.01
CA LYS F 63 -10.53 -6.57 58.33
C LYS F 63 -11.78 -6.65 57.48
N ALA F 64 -11.92 -7.72 56.70
CA ALA F 64 -13.04 -7.83 55.78
C ALA F 64 -13.43 -9.28 55.58
N THR F 65 -14.74 -9.52 55.46
CA THR F 65 -15.27 -10.81 55.07
C THR F 65 -16.41 -10.56 54.09
N GLY F 66 -16.63 -11.52 53.19
CA GLY F 66 -17.62 -11.31 52.16
C GLY F 66 -17.87 -12.56 51.34
N ASP F 67 -18.64 -12.38 50.27
CA ASP F 67 -19.07 -13.49 49.42
C ASP F 67 -18.02 -13.78 48.34
N THR F 68 -16.87 -14.28 48.81
CA THR F 68 -15.80 -14.65 47.89
C THR F 68 -16.07 -15.93 47.14
N HIS F 69 -17.11 -16.69 47.51
CA HIS F 69 -17.46 -17.89 46.78
C HIS F 69 -17.99 -17.59 45.39
N ILE F 70 -18.51 -16.38 45.16
CA ILE F 70 -18.91 -15.96 43.83
C ILE F 70 -17.74 -15.37 43.06
N ASP F 71 -17.12 -14.34 43.62
CA ASP F 71 -16.01 -13.63 42.98
C ASP F 71 -15.32 -12.79 44.04
N ASP F 72 -14.16 -12.25 43.67
CA ASP F 72 -13.46 -11.29 44.50
C ASP F 72 -13.86 -9.85 44.19
N HIS F 73 -14.79 -9.65 43.26
CA HIS F 73 -15.13 -8.30 42.80
C HIS F 73 -15.75 -7.46 43.91
N HIS F 74 -16.76 -8.00 44.59
CA HIS F 74 -17.50 -7.20 45.56
C HIS F 74 -16.64 -6.88 46.79
N THR F 75 -15.78 -7.82 47.20
CA THR F 75 -14.89 -7.56 48.33
C THR F 75 -13.81 -6.56 47.98
N ASN F 76 -13.24 -6.66 46.77
CA ASN F 76 -12.20 -5.74 46.34
C ASN F 76 -12.72 -4.32 46.23
N GLU F 77 -13.95 -4.15 45.73
CA GLU F 77 -14.52 -2.82 45.56
C GLU F 77 -14.82 -2.17 46.91
N ASP F 78 -15.34 -2.93 47.87
CA ASP F 78 -15.72 -2.35 49.14
C ASP F 78 -14.53 -1.98 50.01
N VAL F 79 -13.42 -2.72 49.90
CA VAL F 79 -12.21 -2.38 50.64
C VAL F 79 -11.64 -1.05 50.15
N ALA F 80 -11.64 -0.85 48.83
CA ALA F 80 -11.06 0.37 48.27
C ALA F 80 -11.89 1.60 48.65
N LEU F 81 -13.22 1.47 48.69
CA LEU F 81 -14.05 2.59 49.09
C LEU F 81 -13.82 2.97 50.56
N ALA F 82 -13.63 1.97 51.43
CA ALA F 82 -13.43 2.25 52.84
C ALA F 82 -12.08 2.91 53.10
N ILE F 83 -11.05 2.50 52.38
CA ILE F 83 -9.72 3.11 52.54
C ILE F 83 -9.75 4.57 52.11
N GLY F 84 -10.46 4.87 51.01
CA GLY F 84 -10.54 6.24 50.54
C GLY F 84 -11.27 7.15 51.50
N THR F 85 -12.35 6.66 52.10
CA THR F 85 -13.10 7.48 53.06
C THR F 85 -12.28 7.75 54.33
N ALA F 86 -11.58 6.73 54.83
CA ALA F 86 -10.77 6.92 56.03
C ALA F 86 -9.60 7.87 55.78
N LEU F 87 -9.06 7.85 54.56
CA LEU F 87 -7.98 8.78 54.22
C LEU F 87 -8.49 10.22 54.21
N LEU F 88 -9.70 10.45 53.71
CA LEU F 88 -10.25 11.80 53.65
C LEU F 88 -10.45 12.38 55.05
N GLN F 89 -10.94 11.57 55.99
CA GLN F 89 -11.24 12.09 57.32
C GLN F 89 -9.95 12.35 58.11
N ALA F 90 -8.92 11.55 57.86
CA ALA F 90 -7.64 11.77 58.54
C ALA F 90 -6.95 13.04 58.03
N LEU F 91 -7.14 13.38 56.76
CA LEU F 91 -6.52 14.58 56.21
C LEU F 91 -7.09 15.85 56.83
N GLY F 92 -8.40 15.89 57.03
CA GLY F 92 -9.02 17.07 57.63
C GLY F 92 -8.98 18.26 56.69
N ASP F 93 -8.49 19.39 57.20
CA ASP F 93 -8.47 20.62 56.43
C ASP F 93 -7.30 20.71 55.44
N ARG F 94 -6.33 19.81 55.54
CA ARG F 94 -5.18 19.75 54.63
C ARG F 94 -4.40 21.06 54.64
N LYS F 95 -4.22 21.65 55.81
CA LYS F 95 -3.53 22.93 55.94
C LYS F 95 -2.08 22.70 56.32
N GLY F 96 -1.18 23.32 55.55
CA GLY F 96 0.25 23.21 55.81
C GLY F 96 0.94 22.01 55.22
N ILE F 97 0.28 21.26 54.34
CA ILE F 97 0.87 20.08 53.74
C ILE F 97 1.30 20.39 52.32
N ASN F 98 2.13 19.49 51.77
CA ASN F 98 2.69 19.71 50.44
C ASN F 98 1.64 19.59 49.34
N ARG F 99 0.70 18.66 49.50
CA ARG F 99 -0.41 18.34 48.61
C ARG F 99 0.02 17.73 47.27
N PHE F 100 1.32 17.59 47.01
CA PHE F 100 1.80 17.05 45.75
C PHE F 100 2.83 15.96 46.01
N GLY F 101 2.78 14.91 45.19
CA GLY F 101 3.72 13.81 45.31
C GLY F 101 4.10 13.19 43.98
N ASN F 102 5.39 12.89 43.80
CA ASN F 102 5.89 12.29 42.58
C ASN F 102 6.94 11.24 42.93
N PHE F 103 6.89 10.10 42.24
CA PHE F 103 7.88 9.05 42.47
C PHE F 103 7.88 8.06 41.31
N SER F 104 9.07 7.61 40.94
CA SER F 104 9.25 6.51 40.00
C SER F 104 9.92 5.35 40.72
N ALA F 105 9.37 4.16 40.57
CA ALA F 105 9.84 2.99 41.31
C ALA F 105 10.31 1.91 40.34
N PRO F 106 11.59 1.52 40.38
CA PRO F 106 12.04 0.39 39.58
C PRO F 106 11.99 -0.93 40.35
N LEU F 107 11.58 -1.98 39.66
CA LEU F 107 11.54 -3.34 40.23
C LEU F 107 11.97 -4.28 39.12
N ASP F 108 13.28 -4.61 39.10
CA ASP F 108 13.90 -5.46 38.08
C ASP F 108 13.66 -4.79 36.72
N GLU F 109 12.94 -5.42 35.80
CA GLU F 109 12.70 -4.84 34.48
C GLU F 109 11.54 -3.87 34.46
N ALA F 110 10.77 -3.75 35.53
CA ALA F 110 9.59 -2.91 35.57
C ALA F 110 9.92 -1.52 36.09
N LEU F 111 9.17 -0.52 35.62
CA LEU F 111 9.36 0.87 36.01
C LEU F 111 8.03 1.60 35.89
N VAL F 112 7.51 2.09 37.00
CA VAL F 112 6.20 2.75 37.06
C VAL F 112 6.36 4.11 37.72
N HIS F 113 5.74 5.14 37.14
CA HIS F 113 5.74 6.49 37.67
C HIS F 113 4.35 6.88 38.15
N VAL F 114 4.27 7.52 39.31
CA VAL F 114 3.00 7.90 39.93
C VAL F 114 3.05 9.40 40.24
N SER F 115 2.00 10.12 39.83
CA SER F 115 1.84 11.53 40.13
C SER F 115 0.47 11.75 40.72
N LEU F 116 0.39 12.39 41.89
CA LEU F 116 -0.87 12.61 42.56
C LEU F 116 -0.92 14.00 43.18
N ASP F 117 -2.13 14.47 43.42
CA ASP F 117 -2.37 15.75 44.08
C ASP F 117 -3.70 15.70 44.81
N LEU F 118 -3.71 16.15 46.06
CA LEU F 118 -4.91 16.11 46.90
C LEU F 118 -5.64 17.44 46.77
N SER F 119 -6.69 17.47 45.93
CA SER F 119 -7.36 18.70 45.59
C SER F 119 -8.86 18.72 45.83
N GLY F 120 -9.49 17.57 46.07
CA GLY F 120 -10.93 17.50 46.19
C GLY F 120 -11.65 17.18 44.90
N ARG F 121 -10.94 17.11 43.77
CA ARG F 121 -11.55 16.77 42.49
C ARG F 121 -11.07 15.39 42.06
N PRO F 122 -11.97 14.40 41.98
CA PRO F 122 -11.53 13.03 41.67
C PRO F 122 -11.26 12.83 40.19
N HIS F 123 -10.11 12.23 39.88
CA HIS F 123 -9.76 11.88 38.51
C HIS F 123 -8.72 10.76 38.55
N LEU F 124 -8.83 9.81 37.64
CA LEU F 124 -7.88 8.71 37.53
C LEU F 124 -7.34 8.64 36.10
N GLY F 125 -6.02 8.67 35.97
CA GLY F 125 -5.37 8.39 34.70
C GLY F 125 -4.60 7.09 34.77
N TYR F 126 -5.09 6.05 34.11
CA TYR F 126 -4.57 4.70 34.24
C TYR F 126 -3.94 4.27 32.92
N ASP F 127 -2.63 4.00 32.94
CA ASP F 127 -1.92 3.48 31.77
C ASP F 127 -1.02 2.33 32.25
N LEU F 128 -1.58 1.13 32.26
CA LEU F 128 -0.86 -0.07 32.64
C LEU F 128 -1.11 -1.15 31.61
N ASN F 129 -0.12 -2.02 31.40
CA ASN F 129 -0.22 -3.13 30.45
C ASN F 129 0.19 -4.41 31.16
N ILE F 130 -0.77 -5.07 31.79
CA ILE F 130 -0.53 -6.31 32.52
C ILE F 130 -0.73 -7.47 31.54
N PRO F 131 0.28 -8.29 31.29
CA PRO F 131 0.17 -9.28 30.20
C PRO F 131 -0.74 -10.46 30.53
N THR F 132 -0.79 -10.91 31.78
CA THR F 132 -1.54 -12.10 32.12
C THR F 132 -2.87 -11.75 32.79
N GLN F 133 -3.79 -12.71 32.75
CA GLN F 133 -5.13 -12.52 33.28
C GLN F 133 -5.23 -12.84 34.77
N ARG F 134 -4.37 -13.73 35.28
CA ARG F 134 -4.34 -14.10 36.69
C ARG F 134 -2.90 -14.06 37.18
N VAL F 135 -2.71 -13.58 38.40
CA VAL F 135 -1.38 -13.59 39.02
C VAL F 135 -1.28 -14.82 39.89
N GLY F 136 -2.14 -14.91 40.91
CA GLY F 136 -2.34 -16.15 41.64
C GLY F 136 -3.75 -16.64 41.40
N LYS F 137 -4.61 -16.41 42.39
CA LYS F 137 -6.06 -16.49 42.20
C LYS F 137 -6.67 -15.12 41.94
N TYR F 138 -5.85 -14.08 41.86
CA TYR F 138 -6.32 -12.70 41.77
C TYR F 138 -6.52 -12.31 40.31
N ASP F 139 -7.70 -11.76 40.01
CA ASP F 139 -8.02 -11.30 38.67
C ASP F 139 -7.41 -9.93 38.43
N THR F 140 -6.64 -9.80 37.33
CA THR F 140 -5.86 -8.58 37.11
C THR F 140 -6.71 -7.40 36.67
N GLN F 141 -7.98 -7.63 36.32
CA GLN F 141 -8.87 -6.52 36.01
C GLN F 141 -9.24 -5.71 37.26
N LEU F 142 -9.00 -6.26 38.45
CA LEU F 142 -9.36 -5.58 39.69
C LEU F 142 -8.33 -4.54 40.13
N VAL F 143 -7.17 -4.48 39.48
CA VAL F 143 -6.19 -3.45 39.82
C VAL F 143 -6.71 -2.06 39.45
N GLU F 144 -7.30 -1.94 38.26
CA GLU F 144 -7.92 -0.68 37.86
C GLU F 144 -9.13 -0.35 38.75
N HIS F 145 -9.95 -1.35 39.06
CA HIS F 145 -11.15 -1.11 39.87
C HIS F 145 -10.80 -0.68 41.28
N PHE F 146 -9.67 -1.15 41.81
CA PHE F 146 -9.25 -0.74 43.15
C PHE F 146 -8.91 0.74 43.20
N PHE F 147 -8.11 1.21 42.24
CA PHE F 147 -7.67 2.61 42.28
C PHE F 147 -8.77 3.57 41.86
N GLN F 148 -9.71 3.13 41.03
CA GLN F 148 -10.83 3.99 40.66
C GLN F 148 -11.75 4.24 41.85
N SER F 149 -12.00 3.21 42.67
CA SER F 149 -12.86 3.38 43.83
C SER F 149 -12.18 4.18 44.93
N LEU F 150 -10.85 4.14 44.99
CA LEU F 150 -10.14 4.88 46.02
C LEU F 150 -10.20 6.39 45.78
N VAL F 151 -10.05 6.82 44.53
CA VAL F 151 -10.08 8.25 44.24
C VAL F 151 -11.49 8.82 44.25
N ASN F 152 -12.52 7.97 44.14
CA ASN F 152 -13.88 8.47 44.14
C ASN F 152 -14.32 8.90 45.55
N THR F 153 -13.77 8.27 46.58
CA THR F 153 -14.12 8.61 47.96
C THR F 153 -13.12 9.54 48.63
N SER F 154 -11.87 9.59 48.15
CA SER F 154 -10.86 10.45 48.73
C SER F 154 -10.74 11.80 48.03
N GLY F 155 -11.29 11.93 46.82
CA GLY F 155 -11.23 13.18 46.08
C GLY F 155 -9.83 13.60 45.67
N MET F 156 -9.09 12.69 45.04
CA MET F 156 -7.71 12.96 44.63
C MET F 156 -7.56 12.80 43.13
N THR F 157 -6.56 13.49 42.59
CA THR F 157 -6.17 13.36 41.19
C THR F 157 -4.95 12.44 41.12
N LEU F 158 -5.06 11.36 40.36
CA LEU F 158 -4.04 10.32 40.33
C LEU F 158 -3.70 9.95 38.90
N HIS F 159 -2.41 9.90 38.58
CA HIS F 159 -1.92 9.50 37.28
C HIS F 159 -0.92 8.36 37.44
N ILE F 160 -1.12 7.28 36.69
CA ILE F 160 -0.23 6.11 36.72
C ILE F 160 0.21 5.81 35.30
N ARG F 161 1.53 5.70 35.09
CA ARG F 161 2.08 5.39 33.78
C ARG F 161 3.19 4.37 33.90
N GLN F 162 3.20 3.40 32.99
CA GLN F 162 4.19 2.34 32.93
C GLN F 162 5.17 2.61 31.81
N PHE F 163 6.46 2.53 32.10
CA PHE F 163 7.50 2.73 31.11
C PHE F 163 8.15 1.44 30.63
N SER F 164 8.18 0.40 31.46
CA SER F 164 8.72 -0.89 31.07
C SER F 164 8.18 -1.95 32.02
N GLY F 165 8.33 -3.20 31.62
CA GLY F 165 7.91 -4.32 32.46
C GLY F 165 7.32 -5.48 31.69
N THR F 166 7.60 -6.70 32.13
CA THR F 166 7.09 -7.89 31.48
C THR F 166 6.36 -8.80 32.47
N ASN F 167 6.88 -8.89 33.69
CA ASN F 167 6.33 -9.79 34.68
C ASN F 167 5.14 -9.14 35.39
N SER F 168 4.04 -9.89 35.51
CA SER F 168 2.82 -9.34 36.09
C SER F 168 2.97 -9.02 37.57
N HIS F 169 3.65 -9.90 38.32
CA HIS F 169 3.88 -9.64 39.74
C HIS F 169 4.73 -8.39 39.95
N HIS F 170 5.77 -8.21 39.13
CA HIS F 170 6.67 -7.08 39.29
C HIS F 170 5.97 -5.76 38.94
N ILE F 171 5.12 -5.75 37.91
CA ILE F 171 4.48 -4.52 37.46
C ILE F 171 3.52 -4.00 38.52
N ILE F 172 2.65 -4.87 39.04
CA ILE F 172 1.65 -4.45 40.02
C ILE F 172 2.31 -4.00 41.32
N GLU F 173 3.30 -4.77 41.80
CA GLU F 173 3.87 -4.49 43.11
C GLU F 173 4.85 -3.32 43.04
N ALA F 174 5.32 -2.98 41.84
CA ALA F 174 6.03 -1.71 41.66
C ALA F 174 5.08 -0.53 41.67
N THR F 175 3.83 -0.72 41.21
CA THR F 175 2.85 0.36 41.22
C THR F 175 2.50 0.76 42.66
N PHE F 176 2.34 -0.22 43.55
CA PHE F 176 1.98 0.09 44.93
C PHE F 176 3.14 0.75 45.68
N LYS F 177 4.38 0.42 45.32
CA LYS F 177 5.52 1.07 45.95
C LYS F 177 5.59 2.55 45.58
N ALA F 178 5.36 2.88 44.30
CA ALA F 178 5.43 4.27 43.87
C ALA F 178 4.25 5.08 44.43
N PHE F 179 3.09 4.45 44.57
CA PHE F 179 1.93 5.14 45.13
C PHE F 179 2.12 5.45 46.60
N ALA F 180 2.75 4.54 47.34
CA ALA F 180 2.94 4.74 48.77
C ALA F 180 3.89 5.90 49.05
N ARG F 181 5.00 5.98 48.31
CA ARG F 181 5.97 7.03 48.56
C ARG F 181 5.53 8.38 48.01
N ALA F 182 4.70 8.39 46.97
CA ALA F 182 4.15 9.64 46.48
C ALA F 182 3.08 10.19 47.42
N LEU F 183 2.29 9.29 48.02
CA LEU F 183 1.29 9.72 49.01
C LEU F 183 1.97 10.22 50.28
N ARG F 184 3.09 9.61 50.67
CA ARG F 184 3.82 10.06 51.85
C ARG F 184 4.35 11.47 51.66
N GLN F 185 4.88 11.78 50.48
CA GLN F 185 5.42 13.11 50.24
C GLN F 185 4.33 14.18 50.23
N ALA F 186 3.13 13.81 49.76
CA ALA F 186 2.04 14.79 49.69
C ALA F 186 1.47 15.09 51.07
N THR F 187 1.61 14.16 52.02
CA THR F 187 1.01 14.36 53.34
C THR F 187 1.97 14.95 54.36
N GLU F 188 3.26 15.10 54.05
CA GLU F 188 4.17 15.73 54.98
C GLU F 188 3.94 17.23 55.04
N TYR F 189 4.20 17.80 56.21
CA TYR F 189 4.04 19.24 56.41
C TYR F 189 5.14 20.00 55.69
N ASP F 190 4.76 21.08 55.02
CA ASP F 190 5.73 21.91 54.34
C ASP F 190 6.46 22.76 55.38
N THR F 191 7.77 22.93 55.19
CA THR F 191 8.60 23.68 56.12
C THR F 191 8.61 25.17 55.85
N ARG F 192 7.93 25.62 54.80
CA ARG F 192 7.87 27.04 54.37
C ARG F 192 9.29 27.48 54.04
N ARG F 193 9.69 28.69 54.43
CA ARG F 193 11.02 29.18 54.11
C ARG F 193 12.07 28.59 55.06
N ALA G 10 11.75 65.87 -6.06
CA ALA G 10 11.03 64.93 -5.20
C ALA G 10 9.75 64.46 -5.88
N ARG G 11 9.54 63.14 -5.90
CA ARG G 11 8.38 62.52 -6.53
C ARG G 11 7.32 62.26 -5.47
N ILE G 12 6.13 62.83 -5.67
CA ILE G 12 5.05 62.79 -4.69
C ILE G 12 3.77 62.37 -5.39
N GLY G 13 3.04 61.45 -4.78
CA GLY G 13 1.76 61.01 -5.30
C GLY G 13 0.66 61.15 -4.29
N GLU G 14 -0.54 61.49 -4.77
CA GLU G 14 -1.70 61.65 -3.90
C GLU G 14 -2.94 61.09 -4.59
N MET G 15 -3.94 60.75 -3.79
CA MET G 15 -5.17 60.15 -4.31
C MET G 15 -6.31 60.44 -3.33
N LYS G 16 -7.50 60.64 -3.89
CA LYS G 16 -8.70 60.87 -3.08
C LYS G 16 -9.88 60.23 -3.78
N ARG G 17 -10.55 59.30 -3.10
CA ARG G 17 -11.70 58.59 -3.66
C ARG G 17 -12.82 58.54 -2.63
N VAL G 18 -14.04 58.84 -3.08
CA VAL G 18 -15.23 58.80 -2.24
C VAL G 18 -16.21 57.81 -2.86
N THR G 19 -16.57 56.77 -2.11
CA THR G 19 -17.58 55.81 -2.53
C THR G 19 -18.67 55.76 -1.46
N LYS G 20 -19.66 54.89 -1.69
CA LYS G 20 -20.76 54.74 -0.74
C LYS G 20 -20.34 54.04 0.54
N GLU G 21 -19.14 53.46 0.58
CA GLU G 21 -18.67 52.72 1.76
C GLU G 21 -17.49 53.36 2.46
N THR G 22 -16.60 54.02 1.73
CA THR G 22 -15.33 54.47 2.30
C THR G 22 -14.98 55.86 1.77
N ASN G 23 -14.21 56.60 2.58
CA ASN G 23 -13.58 57.85 2.18
C ASN G 23 -12.10 57.74 2.49
N VAL G 24 -11.24 57.89 1.48
CA VAL G 24 -9.82 57.61 1.59
C VAL G 24 -9.03 58.76 0.98
N SER G 25 -8.00 59.21 1.69
CA SER G 25 -7.02 60.16 1.18
C SER G 25 -5.62 59.63 1.50
N VAL G 26 -4.76 59.56 0.48
CA VAL G 26 -3.45 58.93 0.60
C VAL G 26 -2.41 59.84 -0.05
N LYS G 27 -1.26 60.00 0.62
CA LYS G 27 -0.14 60.77 0.09
C LYS G 27 1.16 60.00 0.29
N ILE G 28 1.95 59.86 -0.76
CA ILE G 28 3.19 59.10 -0.75
C ILE G 28 4.31 59.97 -1.32
N ASN G 29 5.47 59.94 -0.66
CA ASN G 29 6.66 60.66 -1.12
C ASN G 29 7.80 59.65 -1.18
N LEU G 30 8.36 59.46 -2.38
CA LEU G 30 9.42 58.47 -2.56
C LEU G 30 10.76 58.95 -2.02
N ASP G 31 11.01 60.26 -2.04
CA ASP G 31 12.23 60.83 -1.50
C ASP G 31 11.91 61.44 -0.13
N GLY G 32 11.89 60.58 0.89
CA GLY G 32 11.50 60.97 2.22
C GLY G 32 12.53 60.57 3.26
N THR G 33 12.19 60.84 4.51
CA THR G 33 13.05 60.53 5.64
C THR G 33 12.39 59.57 6.64
N GLY G 34 11.22 59.03 6.31
CA GLY G 34 10.55 58.09 7.17
C GLY G 34 9.42 58.63 8.02
N VAL G 35 8.80 59.73 7.61
CA VAL G 35 7.67 60.27 8.36
C VAL G 35 6.45 59.39 8.14
N ALA G 36 5.79 59.00 9.24
CA ALA G 36 4.63 58.14 9.18
C ALA G 36 3.46 58.81 9.89
N ASP G 37 2.38 59.05 9.17
CA ASP G 37 1.13 59.58 9.72
C ASP G 37 -0.02 58.76 9.14
N ASN G 38 -0.36 57.66 9.81
CA ASN G 38 -1.37 56.73 9.32
C ASN G 38 -2.50 56.64 10.34
N SER G 39 -3.73 56.84 9.86
CA SER G 39 -4.90 56.80 10.75
C SER G 39 -6.09 56.29 9.94
N SER G 40 -6.36 55.00 10.03
CA SER G 40 -7.56 54.38 9.50
C SER G 40 -8.32 53.72 10.64
N GLY G 41 -9.36 52.98 10.31
CA GLY G 41 -10.13 52.26 11.30
C GLY G 41 -9.58 50.92 11.68
N ILE G 42 -8.44 50.53 11.14
CA ILE G 42 -7.83 49.23 11.38
C ILE G 42 -6.48 49.46 12.06
N PRO G 43 -6.40 49.31 13.38
CA PRO G 43 -5.13 49.59 14.08
C PRO G 43 -3.96 48.72 13.65
N PHE G 44 -4.20 47.45 13.30
CA PHE G 44 -3.09 46.58 12.92
C PHE G 44 -2.52 46.97 11.57
N LEU G 45 -3.37 47.44 10.65
CA LEU G 45 -2.87 47.89 9.35
C LEU G 45 -2.02 49.16 9.51
N ASP G 46 -2.37 50.01 10.47
CA ASP G 46 -1.56 51.20 10.73
C ASP G 46 -0.18 50.82 11.26
N HIS G 47 -0.11 49.76 12.08
CA HIS G 47 1.17 49.26 12.55
C HIS G 47 2.02 48.76 11.39
N MET G 48 1.38 48.14 10.39
CA MET G 48 2.11 47.63 9.23
C MET G 48 2.60 48.76 8.34
N LEU G 49 1.78 49.80 8.15
CA LEU G 49 2.14 50.89 7.25
C LEU G 49 3.26 51.74 7.84
N ASP G 50 3.40 51.77 9.17
CA ASP G 50 4.50 52.50 9.78
C ASP G 50 5.85 51.88 9.46
N GLN G 51 5.91 50.53 9.40
CA GLN G 51 7.16 49.86 9.07
C GLN G 51 7.58 50.12 7.64
N LEU G 52 6.63 50.36 6.74
CA LEU G 52 6.98 50.69 5.35
C LEU G 52 7.68 52.04 5.27
N ALA G 53 7.30 52.98 6.14
CA ALA G 53 7.94 54.29 6.15
C ALA G 53 9.33 54.22 6.78
N SER G 54 9.48 53.49 7.88
CA SER G 54 10.77 53.46 8.59
C SER G 54 11.81 52.67 7.82
N HIS G 55 11.44 51.49 7.32
CA HIS G 55 12.42 50.63 6.65
C HIS G 55 12.65 51.05 5.20
N GLY G 56 11.65 51.64 4.55
CA GLY G 56 11.80 52.09 3.19
C GLY G 56 12.20 53.54 3.02
N LEU G 57 12.26 54.30 4.10
CA LEU G 57 12.56 55.74 4.08
C LEU G 57 11.59 56.49 3.19
N PHE G 58 10.31 56.10 3.22
CA PHE G 58 9.25 56.80 2.52
C PHE G 58 8.45 57.67 3.48
N ASP G 59 7.71 58.61 2.93
CA ASP G 59 6.76 59.42 3.68
C ASP G 59 5.36 58.94 3.31
N VAL G 60 4.66 58.34 4.26
CA VAL G 60 3.36 57.72 4.03
C VAL G 60 2.32 58.41 4.90
N HIS G 61 1.25 58.89 4.27
CA HIS G 61 0.14 59.52 4.97
C HIS G 61 -1.16 58.90 4.48
N VAL G 62 -1.91 58.28 5.38
CA VAL G 62 -3.17 57.63 5.05
C VAL G 62 -4.23 58.12 6.02
N LYS G 63 -5.37 58.57 5.48
CA LYS G 63 -6.54 58.94 6.27
C LYS G 63 -7.75 58.26 5.67
N ALA G 64 -8.46 57.47 6.47
CA ALA G 64 -9.58 56.70 5.94
C ALA G 64 -10.65 56.51 7.01
N THR G 65 -11.91 56.55 6.59
CA THR G 65 -13.04 56.19 7.42
C THR G 65 -14.01 55.38 6.57
N GLY G 66 -14.75 54.49 7.23
CA GLY G 66 -15.61 53.60 6.47
C GLY G 66 -16.51 52.78 7.37
N ASP G 67 -17.20 51.83 6.75
CA ASP G 67 -18.20 51.01 7.43
C ASP G 67 -17.53 49.79 8.08
N THR G 68 -16.73 50.08 9.11
CA THR G 68 -16.06 49.02 9.85
C THR G 68 -16.99 48.26 10.78
N HIS G 69 -18.23 48.74 10.98
CA HIS G 69 -19.18 48.02 11.80
C HIS G 69 -19.64 46.72 11.15
N ILE G 70 -19.53 46.61 9.82
CA ILE G 70 -19.81 45.36 9.14
C ILE G 70 -18.57 44.46 9.11
N ASP G 71 -17.49 44.97 8.55
CA ASP G 71 -16.24 44.22 8.39
C ASP G 71 -15.13 45.20 8.09
N ASP G 72 -13.90 44.70 8.14
CA ASP G 72 -12.74 45.47 7.70
C ASP G 72 -12.42 45.26 6.22
N HIS G 73 -13.23 44.47 5.51
CA HIS G 73 -12.92 44.11 4.14
C HIS G 73 -12.94 45.32 3.21
N HIS G 74 -14.02 46.11 3.27
CA HIS G 74 -14.18 47.20 2.31
C HIS G 74 -13.16 48.32 2.55
N THR G 75 -12.82 48.57 3.82
CA THR G 75 -11.81 49.58 4.13
C THR G 75 -10.41 49.12 3.72
N ASN G 76 -10.09 47.85 3.98
CA ASN G 76 -8.79 47.32 3.62
C ASN G 76 -8.56 47.33 2.12
N GLU G 77 -9.60 47.00 1.34
CA GLU G 77 -9.48 46.96 -0.11
C GLU G 77 -9.28 48.35 -0.70
N ASP G 78 -10.01 49.35 -0.18
CA ASP G 78 -9.94 50.68 -0.75
C ASP G 78 -8.63 51.39 -0.44
N VAL G 79 -8.04 51.11 0.73
CA VAL G 79 -6.75 51.70 1.07
C VAL G 79 -5.66 51.18 0.14
N ALA G 80 -5.69 49.88 -0.16
CA ALA G 80 -4.65 49.29 -1.01
C ALA G 80 -4.74 49.82 -2.44
N LEU G 81 -5.95 50.04 -2.95
CA LEU G 81 -6.10 50.58 -4.29
C LEU G 81 -5.57 52.02 -4.37
N ALA G 82 -5.80 52.82 -3.33
CA ALA G 82 -5.36 54.20 -3.34
C ALA G 82 -3.84 54.30 -3.25
N ILE G 83 -3.20 53.43 -2.47
CA ILE G 83 -1.74 53.44 -2.36
C ILE G 83 -1.11 53.07 -3.70
N GLY G 84 -1.69 52.09 -4.39
CA GLY G 84 -1.14 51.68 -5.67
C GLY G 84 -1.24 52.76 -6.74
N THR G 85 -2.36 53.48 -6.76
CA THR G 85 -2.52 54.56 -7.74
C THR G 85 -1.55 55.72 -7.47
N ALA G 86 -1.38 56.09 -6.20
CA ALA G 86 -0.47 57.18 -5.86
C ALA G 86 0.98 56.80 -6.16
N LEU G 87 1.33 55.52 -6.01
CA LEU G 87 2.67 55.07 -6.34
C LEU G 87 2.93 55.18 -7.84
N LEU G 88 1.94 54.86 -8.66
CA LEU G 88 2.11 54.92 -10.11
C LEU G 88 2.35 56.35 -10.59
N GLN G 89 1.62 57.32 -10.02
CA GLN G 89 1.75 58.69 -10.49
C GLN G 89 3.07 59.31 -10.04
N ALA G 90 3.56 58.90 -8.87
CA ALA G 90 4.85 59.41 -8.39
C ALA G 90 6.01 58.86 -9.22
N LEU G 91 5.88 57.64 -9.73
CA LEU G 91 6.95 57.05 -10.53
C LEU G 91 7.12 57.79 -11.86
N GLY G 92 6.02 58.17 -12.50
CA GLY G 92 6.11 58.88 -13.76
C GLY G 92 6.63 57.99 -14.87
N ASP G 93 7.65 58.47 -15.58
CA ASP G 93 8.19 57.75 -16.73
C ASP G 93 9.15 56.62 -16.34
N ARG G 94 9.57 56.56 -15.08
CA ARG G 94 10.45 55.50 -14.57
C ARG G 94 11.76 55.44 -15.34
N LYS G 95 12.32 56.61 -15.66
CA LYS G 95 13.55 56.69 -16.45
C LYS G 95 14.74 56.86 -15.52
N GLY G 96 15.75 56.00 -15.70
CA GLY G 96 16.96 56.07 -14.91
C GLY G 96 16.93 55.35 -13.59
N ILE G 97 15.90 54.54 -13.33
CA ILE G 97 15.78 53.83 -12.07
C ILE G 97 16.17 52.37 -12.27
N ASN G 98 16.40 51.69 -11.15
CA ASN G 98 16.87 50.30 -11.19
C ASN G 98 15.79 49.35 -11.70
N ARG G 99 14.53 49.60 -11.31
CA ARG G 99 13.32 48.85 -11.64
C ARG G 99 13.27 47.45 -11.04
N PHE G 100 14.31 47.01 -10.32
CA PHE G 100 14.35 45.68 -9.74
C PHE G 100 14.73 45.76 -8.26
N GLY G 101 14.11 44.92 -7.45
CA GLY G 101 14.40 44.88 -6.03
C GLY G 101 14.30 43.48 -5.44
N ASN G 102 15.26 43.13 -4.58
CA ASN G 102 15.29 41.82 -3.93
C ASN G 102 15.73 42.00 -2.48
N PHE G 103 15.07 41.28 -1.57
CA PHE G 103 15.44 41.34 -0.16
C PHE G 103 14.85 40.16 0.59
N SER G 104 15.63 39.62 1.52
CA SER G 104 15.17 38.62 2.48
C SER G 104 15.26 39.21 3.88
N ALA G 105 14.19 39.09 4.65
CA ALA G 105 14.11 39.72 5.96
C ALA G 105 13.90 38.66 7.04
N PRO G 106 14.83 38.51 7.99
CA PRO G 106 14.59 37.62 9.12
C PRO G 106 13.99 38.35 10.32
N LEU G 107 13.06 37.68 10.98
CA LEU G 107 12.43 38.20 12.21
C LEU G 107 12.24 37.01 13.14
N ASP G 108 13.21 36.81 14.04
CA ASP G 108 13.24 35.68 14.98
C ASP G 108 13.22 34.39 14.15
N GLU G 109 12.20 33.55 14.28
CA GLU G 109 12.14 32.30 13.53
C GLU G 109 11.60 32.47 12.12
N ALA G 110 11.09 33.63 11.76
CA ALA G 110 10.47 33.86 10.46
C ALA G 110 11.48 34.38 9.45
N LEU G 111 11.26 34.05 8.18
CA LEU G 111 12.14 34.46 7.09
C LEU G 111 11.32 34.54 5.81
N VAL G 112 11.22 35.73 5.24
CA VAL G 112 10.40 35.99 4.05
C VAL G 112 11.26 36.67 2.99
N HIS G 113 11.16 36.20 1.74
CA HIS G 113 11.87 36.78 0.61
C HIS G 113 10.89 37.45 -0.34
N VAL G 114 11.25 38.64 -0.83
CA VAL G 114 10.39 39.43 -1.71
C VAL G 114 11.19 39.78 -2.96
N SER G 115 10.58 39.54 -4.13
CA SER G 115 11.16 39.91 -5.42
C SER G 115 10.12 40.69 -6.21
N LEU G 116 10.48 41.88 -6.69
CA LEU G 116 9.56 42.72 -7.42
C LEU G 116 10.25 43.39 -8.60
N ASP G 117 9.45 43.81 -9.56
CA ASP G 117 9.92 44.53 -10.73
C ASP G 117 8.81 45.43 -11.26
N LEU G 118 9.14 46.68 -11.53
CA LEU G 118 8.16 47.68 -11.99
C LEU G 118 8.15 47.69 -13.51
N SER G 119 7.17 47.00 -14.11
CA SER G 119 7.15 46.79 -15.55
C SER G 119 5.88 47.23 -16.25
N GLY G 120 4.80 47.52 -15.52
CA GLY G 120 3.53 47.82 -16.13
C GLY G 120 2.61 46.63 -16.32
N ARG G 121 3.08 45.41 -16.03
CA ARG G 121 2.27 44.21 -16.14
C ARG G 121 1.97 43.68 -14.75
N PRO G 122 0.70 43.68 -14.31
CA PRO G 122 0.39 43.27 -12.93
C PRO G 122 0.39 41.75 -12.77
N HIS G 123 1.06 41.27 -11.73
CA HIS G 123 1.06 39.85 -11.38
C HIS G 123 1.44 39.72 -9.91
N LEU G 124 0.79 38.80 -9.21
CA LEU G 124 1.08 38.52 -7.81
C LEU G 124 1.37 37.03 -7.63
N GLY G 125 2.52 36.73 -7.04
CA GLY G 125 2.82 35.38 -6.60
C GLY G 125 2.87 35.30 -5.09
N TYR G 126 1.88 34.67 -4.48
CA TYR G 126 1.69 34.68 -3.04
C TYR G 126 1.90 33.28 -2.49
N ASP G 127 2.91 33.12 -1.63
CA ASP G 127 3.17 31.84 -0.94
C ASP G 127 3.44 32.16 0.53
N LEU G 128 2.37 32.21 1.32
CA LEU G 128 2.46 32.44 2.75
C LEU G 128 1.61 31.42 3.47
N ASN G 129 2.04 31.05 4.68
CA ASN G 129 1.33 30.08 5.52
C ASN G 129 1.13 30.68 6.90
N ILE G 130 0.04 31.42 7.08
CA ILE G 130 -0.27 32.06 8.35
C ILE G 130 -1.11 31.07 9.17
N PRO G 131 -0.65 30.67 10.35
CA PRO G 131 -1.33 29.57 11.06
C PRO G 131 -2.66 29.97 11.70
N THR G 132 -2.80 31.20 12.18
CA THR G 132 -4.00 31.59 12.90
C THR G 132 -4.92 32.44 12.02
N GLN G 133 -6.19 32.49 12.42
CA GLN G 133 -7.21 33.21 11.67
C GLN G 133 -7.30 34.68 12.05
N ARG G 134 -6.93 35.04 13.28
CA ARG G 134 -6.94 36.42 13.75
C ARG G 134 -5.62 36.71 14.45
N VAL G 135 -5.10 37.91 14.24
CA VAL G 135 -3.88 38.35 14.93
C VAL G 135 -4.31 39.16 16.14
N GLY G 136 -5.00 40.28 15.91
CA GLY G 136 -5.69 40.98 16.96
C GLY G 136 -7.18 40.92 16.70
N LYS G 137 -7.72 42.03 16.18
CA LYS G 137 -9.04 42.03 15.55
C LYS G 137 -8.94 41.89 14.03
N TYR G 138 -7.73 41.75 13.50
CA TYR G 138 -7.48 41.76 12.07
C TYR G 138 -7.61 40.36 11.49
N ASP G 139 -8.41 40.24 10.43
CA ASP G 139 -8.59 38.97 9.75
C ASP G 139 -7.42 38.70 8.82
N THR G 140 -6.80 37.52 8.96
CA THR G 140 -5.56 37.23 8.24
C THR G 140 -5.77 36.95 6.76
N GLN G 141 -7.02 36.77 6.33
CA GLN G 141 -7.29 36.62 4.90
C GLN G 141 -7.10 37.93 4.14
N LEU G 142 -7.03 39.06 4.84
CA LEU G 142 -6.90 40.36 4.20
C LEU G 142 -5.46 40.70 3.82
N VAL G 143 -4.48 39.90 4.25
CA VAL G 143 -3.10 40.14 3.85
C VAL G 143 -2.92 39.89 2.36
N GLU G 144 -3.49 38.80 1.85
CA GLU G 144 -3.46 38.53 0.42
C GLU G 144 -4.26 39.58 -0.36
N HIS G 145 -5.43 39.96 0.16
CA HIS G 145 -6.27 40.93 -0.55
C HIS G 145 -5.62 42.29 -0.62
N PHE G 146 -4.81 42.65 0.37
CA PHE G 146 -4.12 43.94 0.35
C PHE G 146 -3.10 43.99 -0.79
N PHE G 147 -2.27 42.96 -0.91
CA PHE G 147 -1.22 42.99 -1.92
C PHE G 147 -1.75 42.75 -3.33
N GLN G 148 -2.87 42.04 -3.46
CA GLN G 148 -3.45 41.85 -4.79
C GLN G 148 -4.02 43.16 -5.33
N SER G 149 -4.65 43.97 -4.47
CA SER G 149 -5.21 45.24 -4.91
C SER G 149 -4.12 46.26 -5.19
N LEU G 150 -2.97 46.15 -4.52
CA LEU G 150 -1.89 47.10 -4.73
C LEU G 150 -1.24 46.92 -6.10
N VAL G 151 -1.02 45.68 -6.53
CA VAL G 151 -0.39 45.45 -7.81
C VAL G 151 -1.35 45.67 -8.98
N ASN G 152 -2.66 45.66 -8.74
CA ASN G 152 -3.61 45.87 -9.83
C ASN G 152 -3.64 47.33 -10.27
N THR G 153 -3.36 48.26 -9.36
CA THR G 153 -3.37 49.68 -9.69
C THR G 153 -1.98 50.24 -9.98
N SER G 154 -0.92 49.61 -9.47
CA SER G 154 0.43 50.08 -9.70
C SER G 154 1.12 49.41 -10.88
N GLY G 155 0.58 48.30 -11.37
CA GLY G 155 1.17 47.60 -12.50
C GLY G 155 2.54 47.02 -12.24
N MET G 156 2.69 46.27 -11.16
CA MET G 156 3.98 45.69 -10.78
C MET G 156 3.88 44.18 -10.71
N THR G 157 5.04 43.53 -10.88
CA THR G 157 5.17 42.08 -10.72
C THR G 157 5.78 41.82 -9.35
N LEU G 158 5.09 41.05 -8.52
CA LEU G 158 5.47 40.85 -7.13
C LEU G 158 5.44 39.37 -6.78
N HIS G 159 6.51 38.88 -6.16
CA HIS G 159 6.62 37.51 -5.69
C HIS G 159 6.96 37.50 -4.21
N ILE G 160 6.18 36.74 -3.43
CA ILE G 160 6.40 36.62 -1.98
C ILE G 160 6.50 35.14 -1.64
N ARG G 161 7.57 34.76 -0.94
CA ARG G 161 7.76 33.37 -0.54
C ARG G 161 8.25 33.31 0.90
N GLN G 162 7.70 32.37 1.67
CA GLN G 162 8.05 32.15 3.06
C GLN G 162 8.92 30.91 3.18
N PHE G 163 10.03 31.03 3.89
CA PHE G 163 10.93 29.91 4.11
C PHE G 163 10.83 29.31 5.51
N SER G 164 10.44 30.09 6.51
CA SER G 164 10.25 29.59 7.86
C SER G 164 9.36 30.57 8.62
N GLY G 165 8.84 30.11 9.75
CA GLY G 165 8.02 30.95 10.60
C GLY G 165 6.87 30.22 11.27
N THR G 166 6.57 30.58 12.51
CA THR G 166 5.49 29.97 13.25
C THR G 166 4.51 31.01 13.79
N ASN G 167 5.04 32.14 14.24
CA ASN G 167 4.23 33.17 14.86
C ASN G 167 3.58 34.05 13.79
N SER G 168 2.27 34.29 13.93
CA SER G 168 1.53 35.05 12.93
C SER G 168 1.97 36.50 12.86
N HIS G 169 2.21 37.13 14.02
CA HIS G 169 2.67 38.51 14.04
C HIS G 169 4.04 38.65 13.37
N HIS G 170 4.94 37.70 13.64
CA HIS G 170 6.29 37.78 13.08
C HIS G 170 6.28 37.57 11.56
N ILE G 171 5.44 36.67 11.05
CA ILE G 171 5.44 36.36 9.63
C ILE G 171 4.95 37.55 8.81
N ILE G 172 3.83 38.15 9.21
CA ILE G 172 3.27 39.27 8.46
C ILE G 172 4.19 40.48 8.51
N GLU G 173 4.72 40.80 9.69
CA GLU G 173 5.48 42.03 9.85
C GLU G 173 6.89 41.87 9.28
N ALA G 174 7.35 40.63 9.09
CA ALA G 174 8.56 40.40 8.31
C ALA G 174 8.30 40.59 6.82
N THR G 175 7.08 40.29 6.35
CA THR G 175 6.75 40.47 4.94
C THR G 175 6.78 41.95 4.56
N PHE G 176 6.26 42.82 5.42
CA PHE G 176 6.23 44.24 5.12
C PHE G 176 7.63 44.85 5.16
N LYS G 177 8.52 44.33 6.01
CA LYS G 177 9.89 44.82 6.03
C LYS G 177 10.62 44.50 4.74
N ALA G 178 10.45 43.27 4.22
CA ALA G 178 11.14 42.89 2.99
C ALA G 178 10.57 43.62 1.78
N PHE G 179 9.26 43.89 1.79
CA PHE G 179 8.64 44.63 0.69
C PHE G 179 9.11 46.07 0.65
N ALA G 180 9.28 46.69 1.81
CA ALA G 180 9.69 48.09 1.86
C ALA G 180 11.10 48.28 1.33
N ARG G 181 12.04 47.40 1.71
CA ARG G 181 13.41 47.55 1.28
C ARG G 181 13.62 47.12 -0.17
N ALA G 182 12.81 46.20 -0.67
CA ALA G 182 12.88 45.83 -2.07
C ALA G 182 12.30 46.92 -2.97
N LEU G 183 11.25 47.59 -2.50
CA LEU G 183 10.69 48.72 -3.25
C LEU G 183 11.64 49.90 -3.25
N ARG G 184 12.36 50.12 -2.15
CA ARG G 184 13.32 51.21 -2.08
C ARG G 184 14.45 51.00 -3.08
N GLN G 185 14.94 49.77 -3.22
CA GLN G 185 16.03 49.50 -4.15
C GLN G 185 15.59 49.68 -5.59
N ALA G 186 14.33 49.36 -5.89
CA ALA G 186 13.85 49.47 -7.27
C ALA G 186 13.64 50.93 -7.67
N THR G 187 13.40 51.81 -6.71
CA THR G 187 13.11 53.21 -7.03
C THR G 187 14.33 54.11 -7.00
N GLU G 188 15.49 53.64 -6.55
CA GLU G 188 16.68 54.46 -6.58
C GLU G 188 17.21 54.61 -8.00
N TYR G 189 17.83 55.75 -8.27
CA TYR G 189 18.40 56.02 -9.58
C TYR G 189 19.66 55.19 -9.79
N ASP G 190 19.78 54.61 -10.98
CA ASP G 190 20.96 53.84 -11.31
C ASP G 190 22.11 54.80 -11.61
N THR G 191 23.31 54.44 -11.15
CA THR G 191 24.49 55.28 -11.33
C THR G 191 25.19 55.06 -12.66
N ARG G 192 24.71 54.13 -13.47
CA ARG G 192 25.30 53.76 -14.78
C ARG G 192 26.72 53.27 -14.52
N ARG G 193 27.69 53.64 -15.35
CA ARG G 193 29.05 53.16 -15.17
C ARG G 193 29.77 53.95 -14.08
N ALA H 10 -46.61 -47.43 9.52
CA ALA H 10 -46.37 -46.24 8.72
C ALA H 10 -46.59 -44.98 9.55
N ARG H 11 -45.62 -44.06 9.49
CA ARG H 11 -45.65 -42.82 10.25
C ARG H 11 -46.19 -41.71 9.33
N ILE H 12 -47.28 -41.08 9.76
CA ILE H 12 -47.99 -40.08 8.96
C ILE H 12 -48.24 -38.85 9.82
N GLY H 13 -47.99 -37.68 9.25
CA GLY H 13 -48.25 -36.43 9.93
C GLY H 13 -49.13 -35.51 9.10
N GLU H 14 -50.00 -34.77 9.79
CA GLU H 14 -50.90 -33.84 9.14
C GLU H 14 -51.01 -32.56 9.96
N MET H 15 -51.41 -31.48 9.29
CA MET H 15 -51.52 -30.17 9.94
C MET H 15 -52.53 -29.32 9.18
N LYS H 16 -53.26 -28.49 9.93
CA LYS H 16 -54.25 -27.58 9.34
C LYS H 16 -54.26 -26.30 10.17
N ARG H 17 -53.97 -25.18 9.52
CA ARG H 17 -53.93 -23.89 10.18
C ARG H 17 -54.67 -22.86 9.35
N VAL H 18 -55.51 -22.06 9.99
CA VAL H 18 -56.27 -20.99 9.35
C VAL H 18 -55.90 -19.68 10.03
N THR H 19 -55.36 -18.74 9.27
CA THR H 19 -55.07 -17.40 9.75
C THR H 19 -55.80 -16.38 8.87
N LYS H 20 -55.59 -15.10 9.17
CA LYS H 20 -56.22 -14.03 8.39
C LYS H 20 -55.61 -13.88 7.01
N GLU H 21 -54.48 -14.53 6.74
CA GLU H 21 -53.80 -14.39 5.45
C GLU H 21 -53.78 -15.68 4.63
N THR H 22 -53.72 -16.84 5.27
CA THR H 22 -53.48 -18.09 4.55
C THR H 22 -54.34 -19.21 5.11
N ASN H 23 -54.65 -20.19 4.27
CA ASN H 23 -55.26 -21.44 4.66
C ASN H 23 -54.41 -22.58 4.12
N VAL H 24 -53.90 -23.43 5.01
CA VAL H 24 -52.91 -24.44 4.65
C VAL H 24 -53.32 -25.79 5.22
N SER H 25 -53.23 -26.83 4.40
CA SER H 25 -53.39 -28.22 4.83
C SER H 25 -52.23 -29.03 4.26
N VAL H 26 -51.55 -29.79 5.12
CA VAL H 26 -50.33 -30.50 4.74
C VAL H 26 -50.40 -31.92 5.30
N LYS H 27 -50.00 -32.90 4.47
CA LYS H 27 -49.93 -34.30 4.90
C LYS H 27 -48.62 -34.90 4.43
N ILE H 28 -47.90 -35.56 5.33
CA ILE H 28 -46.59 -36.15 5.07
C ILE H 28 -46.60 -37.61 5.53
N ASN H 29 -46.04 -38.49 4.69
CA ASN H 29 -45.91 -39.90 5.02
C ASN H 29 -44.44 -40.28 4.83
N LEU H 30 -43.79 -40.73 5.90
CA LEU H 30 -42.37 -41.05 5.84
C LEU H 30 -42.12 -42.37 5.14
N ASP H 31 -43.04 -43.31 5.23
CA ASP H 31 -42.92 -44.61 4.55
C ASP H 31 -43.81 -44.57 3.31
N GLY H 32 -43.27 -43.98 2.23
CA GLY H 32 -44.01 -43.78 1.02
C GLY H 32 -43.27 -44.31 -0.20
N THR H 33 -43.88 -44.08 -1.36
CA THR H 33 -43.32 -44.52 -2.63
C THR H 33 -43.05 -43.36 -3.59
N GLY H 34 -43.20 -42.12 -3.13
CA GLY H 34 -42.93 -40.97 -3.95
C GLY H 34 -44.13 -40.28 -4.57
N VAL H 35 -45.31 -40.42 -3.98
CA VAL H 35 -46.50 -39.74 -4.49
C VAL H 35 -46.41 -38.26 -4.17
N ALA H 36 -46.62 -37.41 -5.18
CA ALA H 36 -46.54 -35.97 -5.02
C ALA H 36 -47.85 -35.34 -5.48
N ASP H 37 -48.53 -34.63 -4.57
CA ASP H 37 -49.74 -33.88 -4.89
C ASP H 37 -49.61 -32.51 -4.20
N ASN H 38 -49.00 -31.56 -4.90
CA ASN H 38 -48.72 -30.25 -4.34
C ASN H 38 -49.42 -29.18 -5.17
N SER H 39 -50.19 -28.32 -4.50
CA SER H 39 -50.94 -27.27 -5.20
C SER H 39 -51.06 -26.07 -4.26
N SER H 40 -50.16 -25.12 -4.41
CA SER H 40 -50.23 -23.83 -3.75
C SER H 40 -50.28 -22.73 -4.82
N GLY H 41 -50.20 -21.48 -4.38
CA GLY H 41 -50.19 -20.37 -5.31
C GLY H 41 -48.83 -20.02 -5.86
N ILE H 42 -47.80 -20.78 -5.54
CA ILE H 42 -46.44 -20.53 -5.99
C ILE H 42 -45.99 -21.72 -6.84
N PRO H 43 -46.03 -21.59 -8.16
CA PRO H 43 -45.67 -22.73 -9.03
C PRO H 43 -44.25 -23.22 -8.85
N PHE H 44 -43.29 -22.34 -8.58
CA PHE H 44 -41.90 -22.79 -8.44
C PHE H 44 -41.70 -23.60 -7.18
N LEU H 45 -42.40 -23.24 -6.10
CA LEU H 45 -42.31 -24.01 -4.86
C LEU H 45 -42.89 -25.41 -5.04
N ASP H 46 -43.94 -25.53 -5.86
CA ASP H 46 -44.50 -26.84 -6.15
C ASP H 46 -43.51 -27.71 -6.91
N HIS H 47 -42.74 -27.10 -7.83
CA HIS H 47 -41.69 -27.83 -8.52
C HIS H 47 -40.63 -28.34 -7.55
N MET H 48 -40.33 -27.55 -6.51
CA MET H 48 -39.32 -27.95 -5.53
C MET H 48 -39.85 -29.06 -4.64
N LEU H 49 -41.12 -28.99 -4.24
CA LEU H 49 -41.67 -29.98 -3.32
C LEU H 49 -41.85 -31.33 -4.00
N ASP H 50 -41.99 -31.36 -5.33
CA ASP H 50 -42.09 -32.63 -6.04
C ASP H 50 -40.78 -33.40 -5.98
N GLN H 51 -39.64 -32.70 -6.04
CA GLN H 51 -38.35 -33.37 -5.97
C GLN H 51 -38.11 -33.98 -4.60
N LEU H 52 -38.69 -33.41 -3.55
CA LEU H 52 -38.55 -33.99 -2.22
C LEU H 52 -39.26 -35.34 -2.13
N ALA H 53 -40.38 -35.49 -2.85
CA ALA H 53 -41.09 -36.76 -2.85
C ALA H 53 -40.37 -37.81 -3.70
N SER H 54 -39.85 -37.42 -4.86
CA SER H 54 -39.24 -38.39 -5.76
C SER H 54 -37.89 -38.88 -5.23
N HIS H 55 -37.05 -37.95 -4.77
CA HIS H 55 -35.71 -38.32 -4.33
C HIS H 55 -35.70 -38.86 -2.91
N GLY H 56 -36.64 -38.43 -2.07
CA GLY H 56 -36.72 -38.91 -0.71
C GLY H 56 -37.65 -40.08 -0.48
N LEU H 57 -38.41 -40.47 -1.50
CA LEU H 57 -39.42 -41.53 -1.41
C LEU H 57 -40.44 -41.24 -0.32
N PHE H 58 -40.83 -39.97 -0.18
CA PHE H 58 -41.88 -39.55 0.73
C PHE H 58 -43.17 -39.31 -0.03
N ASP H 59 -44.27 -39.28 0.71
CA ASP H 59 -45.58 -38.90 0.18
C ASP H 59 -45.90 -37.51 0.72
N VAL H 60 -45.94 -36.52 -0.15
CA VAL H 60 -46.11 -35.12 0.22
C VAL H 60 -47.38 -34.59 -0.42
N HIS H 61 -48.27 -34.03 0.40
CA HIS H 61 -49.51 -33.42 -0.06
C HIS H 61 -49.64 -32.04 0.58
N VAL H 62 -49.67 -30.99 -0.25
CA VAL H 62 -49.79 -29.62 0.22
C VAL H 62 -50.93 -28.94 -0.53
N LYS H 63 -51.84 -28.32 0.21
CA LYS H 63 -52.91 -27.50 -0.36
C LYS H 63 -52.93 -26.17 0.37
N ALA H 64 -52.80 -25.08 -0.37
CA ALA H 64 -52.70 -23.77 0.25
C ALA H 64 -53.29 -22.70 -0.65
N THR H 65 -53.96 -21.72 -0.04
CA THR H 65 -54.41 -20.53 -0.71
C THR H 65 -54.16 -19.33 0.21
N GLY H 66 -53.93 -18.17 -0.40
CA GLY H 66 -53.56 -17.02 0.41
C GLY H 66 -53.52 -15.75 -0.40
N ASP H 67 -53.02 -14.70 0.24
CA ASP H 67 -53.01 -13.35 -0.35
C ASP H 67 -51.74 -13.16 -1.19
N THR H 68 -51.70 -13.90 -2.31
CA THR H 68 -50.57 -13.79 -3.22
C THR H 68 -50.60 -12.51 -4.05
N HIS H 69 -51.71 -11.76 -4.02
CA HIS H 69 -51.77 -10.50 -4.74
C HIS H 69 -50.86 -9.44 -4.14
N ILE H 70 -50.51 -9.58 -2.86
CA ILE H 70 -49.52 -8.70 -2.24
C ILE H 70 -48.11 -9.20 -2.47
N ASP H 71 -47.84 -10.43 -2.05
CA ASP H 71 -46.51 -11.04 -2.15
C ASP H 71 -46.66 -12.53 -1.94
N ASP H 72 -45.57 -13.25 -2.22
CA ASP H 72 -45.50 -14.67 -1.91
C ASP H 72 -44.93 -14.94 -0.52
N HIS H 73 -44.62 -13.89 0.24
CA HIS H 73 -43.93 -14.05 1.52
C HIS H 73 -44.79 -14.79 2.54
N HIS H 74 -46.04 -14.35 2.71
CA HIS H 74 -46.88 -14.91 3.77
C HIS H 74 -47.27 -16.36 3.46
N THR H 75 -47.48 -16.68 2.18
CA THR H 75 -47.81 -18.06 1.80
C THR H 75 -46.60 -18.97 1.95
N ASN H 76 -45.42 -18.50 1.54
CA ASN H 76 -44.20 -19.30 1.65
C ASN H 76 -43.86 -19.60 3.10
N GLU H 77 -44.04 -18.64 3.99
CA GLU H 77 -43.71 -18.83 5.40
C GLU H 77 -44.67 -19.83 6.06
N ASP H 78 -45.96 -19.75 5.74
CA ASP H 78 -46.93 -20.61 6.41
C ASP H 78 -46.84 -22.06 5.95
N VAL H 79 -46.46 -22.29 4.68
CA VAL H 79 -46.28 -23.66 4.20
C VAL H 79 -45.12 -24.33 4.91
N ALA H 80 -44.02 -23.60 5.10
CA ALA H 80 -42.83 -24.18 5.73
C ALA H 80 -43.10 -24.53 7.19
N LEU H 81 -43.86 -23.70 7.91
CA LEU H 81 -44.19 -23.99 9.29
C LEU H 81 -45.05 -25.25 9.41
N ALA H 82 -46.00 -25.43 8.48
CA ALA H 82 -46.89 -26.58 8.53
C ALA H 82 -46.15 -27.87 8.22
N ILE H 83 -45.21 -27.84 7.29
CA ILE H 83 -44.43 -29.02 6.96
C ILE H 83 -43.56 -29.45 8.14
N GLY H 84 -42.97 -28.47 8.84
CA GLY H 84 -42.14 -28.80 9.98
C GLY H 84 -42.92 -29.41 11.13
N THR H 85 -44.12 -28.91 11.38
CA THR H 85 -44.95 -29.46 12.46
C THR H 85 -45.40 -30.88 12.14
N ALA H 86 -45.81 -31.14 10.89
CA ALA H 86 -46.25 -32.47 10.51
C ALA H 86 -45.09 -33.48 10.55
N LEU H 87 -43.88 -33.02 10.24
CA LEU H 87 -42.72 -33.89 10.33
C LEU H 87 -42.43 -34.29 11.76
N LEU H 88 -42.59 -33.37 12.70
CA LEU H 88 -42.32 -33.65 14.11
C LEU H 88 -43.29 -34.69 14.66
N GLN H 89 -44.57 -34.61 14.29
CA GLN H 89 -45.55 -35.53 14.85
C GLN H 89 -45.40 -36.93 14.25
N ALA H 90 -44.97 -37.00 12.99
CA ALA H 90 -44.76 -38.30 12.36
C ALA H 90 -43.55 -39.02 12.95
N LEU H 91 -42.53 -38.26 13.37
CA LEU H 91 -41.34 -38.87 13.95
C LEU H 91 -41.64 -39.53 15.29
N GLY H 92 -42.46 -38.90 16.12
CA GLY H 92 -42.80 -39.48 17.41
C GLY H 92 -41.61 -39.48 18.36
N ASP H 93 -41.33 -40.66 18.93
CA ASP H 93 -40.27 -40.78 19.92
C ASP H 93 -38.87 -40.90 19.30
N ARG H 94 -38.79 -41.11 17.99
CA ARG H 94 -37.52 -41.19 17.26
C ARG H 94 -36.62 -42.30 17.81
N LYS H 95 -37.22 -43.44 18.14
CA LYS H 95 -36.50 -44.56 18.73
C LYS H 95 -36.11 -45.56 17.64
N GLY H 96 -34.83 -45.91 17.60
CA GLY H 96 -34.34 -46.88 16.64
C GLY H 96 -33.98 -46.34 15.28
N ILE H 97 -33.91 -45.02 15.12
CA ILE H 97 -33.59 -44.41 13.84
C ILE H 97 -32.15 -43.92 13.86
N ASN H 98 -31.63 -43.63 12.66
CA ASN H 98 -30.23 -43.23 12.52
C ASN H 98 -29.97 -41.85 13.11
N ARG H 99 -30.93 -40.93 12.94
CA ARG H 99 -30.93 -39.54 13.39
C ARG H 99 -29.90 -38.66 12.69
N PHE H 100 -29.08 -39.20 11.79
CA PHE H 100 -28.06 -38.43 11.10
C PHE H 100 -28.14 -38.68 9.61
N GLY H 101 -27.92 -37.62 8.82
CA GLY H 101 -27.94 -37.72 7.38
C GLY H 101 -26.94 -36.80 6.69
N ASN H 102 -26.26 -37.31 5.67
CA ASN H 102 -25.27 -36.54 4.92
C ASN H 102 -25.40 -36.89 3.44
N PHE H 103 -25.33 -35.87 2.58
CA PHE H 103 -25.38 -36.09 1.15
C PHE H 103 -24.85 -34.87 0.40
N SER H 104 -24.12 -35.13 -0.68
CA SER H 104 -23.70 -34.11 -1.63
C SER H 104 -24.34 -34.41 -2.98
N ALA H 105 -24.97 -33.40 -3.58
CA ALA H 105 -25.73 -33.58 -4.81
C ALA H 105 -25.13 -32.72 -5.93
N PRO H 106 -24.65 -33.32 -7.02
CA PRO H 106 -24.22 -32.53 -8.17
C PRO H 106 -25.33 -32.35 -9.19
N LEU H 107 -25.40 -31.14 -9.75
CA LEU H 107 -26.37 -30.83 -10.82
C LEU H 107 -25.64 -29.92 -11.80
N ASP H 108 -25.08 -30.54 -12.86
CA ASP H 108 -24.28 -29.85 -13.88
C ASP H 108 -23.11 -29.16 -13.17
N GLU H 109 -23.00 -27.84 -13.21
CA GLU H 109 -21.89 -27.15 -12.56
C GLU H 109 -22.11 -26.91 -11.08
N ALA H 110 -23.29 -27.18 -10.54
CA ALA H 110 -23.61 -26.91 -9.15
C ALA H 110 -23.33 -28.12 -8.27
N LEU H 111 -22.98 -27.85 -7.02
CA LEU H 111 -22.67 -28.89 -6.04
C LEU H 111 -22.98 -28.37 -4.65
N VAL H 112 -23.94 -29.01 -3.97
CA VAL H 112 -24.41 -28.58 -2.65
C VAL H 112 -24.33 -29.76 -1.69
N HIS H 113 -23.81 -29.51 -0.48
CA HIS H 113 -23.73 -30.52 0.56
C HIS H 113 -24.66 -30.17 1.71
N VAL H 114 -25.36 -31.18 2.23
CA VAL H 114 -26.35 -31.00 3.30
C VAL H 114 -26.01 -31.95 4.44
N SER H 115 -25.96 -31.41 5.66
CA SER H 115 -25.75 -32.20 6.87
C SER H 115 -26.84 -31.85 7.87
N LEU H 116 -27.53 -32.86 8.39
CA LEU H 116 -28.62 -32.64 9.32
C LEU H 116 -28.61 -33.68 10.43
N ASP H 117 -29.25 -33.34 11.53
CA ASP H 117 -29.40 -34.23 12.67
C ASP H 117 -30.67 -33.87 13.43
N LEU H 118 -31.47 -34.88 13.75
CA LEU H 118 -32.75 -34.67 14.43
C LEU H 118 -32.54 -34.80 15.93
N SER H 119 -32.42 -33.65 16.62
CA SER H 119 -32.03 -33.63 18.02
C SER H 119 -32.99 -32.90 18.95
N GLY H 120 -33.94 -32.11 18.42
CA GLY H 120 -34.79 -31.29 19.24
C GLY H 120 -34.28 -29.88 19.47
N ARG H 121 -33.07 -29.56 19.01
CA ARG H 121 -32.52 -28.22 19.15
C ARG H 121 -32.46 -27.56 17.78
N PRO H 122 -33.22 -26.48 17.54
CA PRO H 122 -33.27 -25.88 16.20
C PRO H 122 -32.05 -25.00 15.92
N HIS H 123 -31.45 -25.20 14.75
CA HIS H 123 -30.34 -24.37 14.30
C HIS H 123 -30.26 -24.49 12.77
N LEU H 124 -29.96 -23.37 12.11
CA LEU H 124 -29.79 -23.34 10.67
C LEU H 124 -28.44 -22.72 10.32
N GLY H 125 -27.65 -23.45 9.54
CA GLY H 125 -26.45 -22.89 8.95
C GLY H 125 -26.59 -22.77 7.45
N TYR H 126 -26.71 -21.54 6.95
CA TYR H 126 -27.05 -21.28 5.56
C TYR H 126 -25.86 -20.61 4.88
N ASP H 127 -25.30 -21.28 3.86
CA ASP H 127 -24.23 -20.71 3.04
C ASP H 127 -24.56 -21.00 1.57
N LEU H 128 -25.31 -20.08 0.97
CA LEU H 128 -25.68 -20.17 -0.44
C LEU H 128 -25.41 -18.83 -1.11
N ASN H 129 -25.07 -18.88 -2.39
CA ASN H 129 -24.79 -17.67 -3.18
C ASN H 129 -25.61 -17.74 -4.47
N ILE H 130 -26.84 -17.25 -4.42
CA ILE H 130 -27.73 -17.25 -5.56
C ILE H 130 -27.51 -15.94 -6.33
N PRO H 131 -27.11 -15.99 -7.59
CA PRO H 131 -26.69 -14.75 -8.27
C PRO H 131 -27.85 -13.84 -8.66
N THR H 132 -29.01 -14.38 -9.01
CA THR H 132 -30.10 -13.56 -9.51
C THR H 132 -31.17 -13.36 -8.43
N GLN H 133 -31.97 -12.32 -8.63
CA GLN H 133 -33.01 -11.94 -7.67
C GLN H 133 -34.32 -12.68 -7.91
N ARG H 134 -34.61 -13.08 -9.15
CA ARG H 134 -35.81 -13.81 -9.49
C ARG H 134 -35.44 -15.00 -10.37
N VAL H 135 -36.10 -16.13 -10.14
CA VAL H 135 -35.90 -17.31 -10.97
C VAL H 135 -36.98 -17.33 -12.03
N GLY H 136 -38.23 -17.41 -11.60
CA GLY H 136 -39.36 -17.16 -12.48
C GLY H 136 -40.09 -15.93 -12.00
N LYS H 137 -41.22 -16.15 -11.31
CA LYS H 137 -41.85 -15.12 -10.49
C LYS H 137 -41.45 -15.25 -9.02
N TYR H 138 -40.58 -16.20 -8.70
CA TYR H 138 -40.24 -16.53 -7.32
C TYR H 138 -39.07 -15.68 -6.85
N ASP H 139 -39.24 -15.05 -5.69
CA ASP H 139 -38.19 -14.22 -5.08
C ASP H 139 -37.19 -15.11 -4.38
N THR H 140 -35.90 -14.93 -4.71
CA THR H 140 -34.87 -15.86 -4.22
C THR H 140 -34.53 -15.64 -2.75
N GLN H 141 -35.00 -14.55 -2.15
CA GLN H 141 -34.80 -14.36 -0.71
C GLN H 141 -35.65 -15.32 0.12
N LEU H 142 -36.65 -15.96 -0.49
CA LEU H 142 -37.55 -16.86 0.22
C LEU H 142 -36.97 -18.26 0.40
N VAL H 143 -35.85 -18.58 -0.24
CA VAL H 143 -35.22 -19.88 -0.04
C VAL H 143 -34.69 -20.01 1.39
N GLU H 144 -34.03 -18.96 1.88
CA GLU H 144 -33.57 -18.95 3.27
C GLU H 144 -34.75 -18.95 4.24
N HIS H 145 -35.79 -18.16 3.94
CA HIS H 145 -36.93 -18.07 4.84
C HIS H 145 -37.69 -19.39 4.93
N PHE H 146 -37.69 -20.18 3.85
CA PHE H 146 -38.36 -21.48 3.88
C PHE H 146 -37.67 -22.43 4.84
N PHE H 147 -36.34 -22.54 4.75
CA PHE H 147 -35.63 -23.50 5.59
C PHE H 147 -35.51 -23.05 7.03
N GLN H 148 -35.53 -21.74 7.28
CA GLN H 148 -35.49 -21.26 8.66
C GLN H 148 -36.79 -21.58 9.39
N SER H 149 -37.93 -21.45 8.70
CA SER H 149 -39.21 -21.75 9.33
C SER H 149 -39.41 -23.24 9.52
N LEU H 150 -38.79 -24.07 8.67
CA LEU H 150 -38.94 -25.51 8.79
C LEU H 150 -38.22 -26.05 10.03
N VAL H 151 -37.03 -25.55 10.31
CA VAL H 151 -36.28 -26.05 11.46
C VAL H 151 -36.81 -25.49 12.78
N ASN H 152 -37.57 -24.39 12.74
CA ASN H 152 -38.09 -23.82 13.97
C ASN H 152 -39.24 -24.65 14.54
N THR H 153 -39.99 -25.34 13.67
CA THR H 153 -41.10 -26.16 14.12
C THR H 153 -40.76 -27.64 14.22
N SER H 154 -39.73 -28.11 13.51
CA SER H 154 -39.34 -29.51 13.56
C SER H 154 -38.23 -29.78 14.58
N GLY H 155 -37.53 -28.76 15.04
CA GLY H 155 -36.47 -28.94 16.01
C GLY H 155 -35.27 -29.71 15.50
N MET H 156 -34.75 -29.32 14.35
CA MET H 156 -33.62 -30.02 13.73
C MET H 156 -32.44 -29.08 13.55
N THR H 157 -31.25 -29.67 13.49
CA THR H 157 -30.01 -28.95 13.20
C THR H 157 -29.67 -29.19 11.72
N LEU H 158 -29.55 -28.12 10.95
CA LEU H 158 -29.39 -28.21 9.51
C LEU H 158 -28.25 -27.31 9.05
N HIS H 159 -27.36 -27.87 8.23
CA HIS H 159 -26.24 -27.13 7.64
C HIS H 159 -26.27 -27.28 6.13
N ILE H 160 -26.19 -26.17 5.41
CA ILE H 160 -26.20 -26.15 3.95
C ILE H 160 -24.99 -25.36 3.48
N ARG H 161 -24.19 -25.97 2.60
CA ARG H 161 -23.01 -25.31 2.05
C ARG H 161 -22.91 -25.56 0.56
N GLN H 162 -22.57 -24.51 -0.19
CA GLN H 162 -22.40 -24.56 -1.63
C GLN H 162 -20.93 -24.56 -1.98
N PHE H 163 -20.52 -25.48 -2.85
CA PHE H 163 -19.14 -25.57 -3.30
C PHE H 163 -18.91 -25.04 -4.71
N SER H 164 -19.93 -25.07 -5.57
CA SER H 164 -19.84 -24.52 -6.91
C SER H 164 -21.24 -24.28 -7.44
N GLY H 165 -21.32 -23.51 -8.51
CA GLY H 165 -22.60 -23.24 -9.15
C GLY H 165 -22.73 -21.83 -9.69
N THR H 166 -23.39 -21.69 -10.84
CA THR H 166 -23.60 -20.39 -11.45
C THR H 166 -25.07 -20.14 -11.74
N ASN H 167 -25.78 -21.17 -12.17
CA ASN H 167 -27.17 -21.04 -12.58
C ASN H 167 -28.09 -21.09 -11.35
N SER H 168 -29.02 -20.14 -11.27
CA SER H 168 -29.89 -20.05 -10.10
C SER H 168 -30.83 -21.23 -9.99
N HIS H 169 -31.40 -21.69 -11.12
CA HIS H 169 -32.28 -22.86 -11.09
C HIS H 169 -31.53 -24.11 -10.63
N HIS H 170 -30.30 -24.29 -11.12
CA HIS H 170 -29.54 -25.49 -10.76
C HIS H 170 -29.14 -25.49 -9.29
N ILE H 171 -28.78 -24.32 -8.74
CA ILE H 171 -28.30 -24.27 -7.36
C ILE H 171 -29.43 -24.61 -6.38
N ILE H 172 -30.60 -24.00 -6.55
CA ILE H 172 -31.71 -24.23 -5.64
C ILE H 172 -32.21 -25.66 -5.72
N GLU H 173 -32.34 -26.18 -6.94
CA GLU H 173 -32.97 -27.49 -7.11
C GLU H 173 -31.97 -28.61 -6.78
N ALA H 174 -30.68 -28.30 -6.77
CA ALA H 174 -29.70 -29.22 -6.20
C ALA H 174 -29.76 -29.24 -4.68
N THR H 175 -30.12 -28.11 -4.06
CA THR H 175 -30.24 -28.05 -2.61
C THR H 175 -31.37 -28.94 -2.11
N PHE H 176 -32.51 -28.94 -2.81
CA PHE H 176 -33.64 -29.75 -2.39
C PHE H 176 -33.38 -31.24 -2.60
N LYS H 177 -32.59 -31.60 -3.61
CA LYS H 177 -32.24 -33.00 -3.81
C LYS H 177 -31.38 -33.52 -2.67
N ALA H 178 -30.38 -32.74 -2.23
CA ALA H 178 -29.50 -33.18 -1.16
C ALA H 178 -30.23 -33.22 0.18
N PHE H 179 -31.18 -32.31 0.38
CA PHE H 179 -31.94 -32.30 1.62
C PHE H 179 -32.87 -33.51 1.72
N ALA H 180 -33.47 -33.91 0.59
CA ALA H 180 -34.39 -35.03 0.59
C ALA H 180 -33.68 -36.34 0.91
N ARG H 181 -32.51 -36.58 0.33
CA ARG H 181 -31.81 -37.83 0.55
C ARG H 181 -31.11 -37.87 1.90
N ALA H 182 -30.73 -36.71 2.45
CA ALA H 182 -30.17 -36.69 3.79
C ALA H 182 -31.25 -36.90 4.85
N LEU H 183 -32.45 -36.39 4.61
CA LEU H 183 -33.56 -36.62 5.53
C LEU H 183 -34.02 -38.07 5.48
N ARG H 184 -33.96 -38.69 4.30
CA ARG H 184 -34.33 -40.10 4.17
C ARG H 184 -33.39 -40.98 4.97
N GLN H 185 -32.09 -40.71 4.92
CA GLN H 185 -31.13 -41.52 5.65
C GLN H 185 -31.29 -41.38 7.16
N ALA H 186 -31.68 -40.19 7.61
CA ALA H 186 -31.82 -39.97 9.06
C ALA H 186 -33.07 -40.65 9.61
N THR H 187 -34.07 -40.88 8.76
CA THR H 187 -35.33 -41.46 9.24
C THR H 187 -35.41 -42.97 9.09
N GLU H 188 -34.44 -43.61 8.43
CA GLU H 188 -34.46 -45.06 8.35
C GLU H 188 -34.07 -45.69 9.67
N TYR H 189 -34.63 -46.87 9.94
CA TYR H 189 -34.33 -47.60 11.16
C TYR H 189 -32.93 -48.17 11.11
N ASP H 190 -32.19 -48.04 12.21
CA ASP H 190 -30.86 -48.61 12.29
C ASP H 190 -30.97 -50.12 12.49
N THR H 191 -30.09 -50.86 11.83
CA THR H 191 -30.10 -52.32 11.88
C THR H 191 -29.33 -52.88 13.07
N ARG H 192 -28.70 -52.02 13.87
CA ARG H 192 -27.88 -52.40 15.03
C ARG H 192 -26.73 -53.26 14.52
N ARG H 193 -26.37 -54.33 15.22
CA ARG H 193 -25.26 -55.18 14.80
C ARG H 193 -25.67 -56.11 13.67
N ALA I 10 37.44 53.91 14.31
CA ALA I 10 37.56 52.46 14.18
C ALA I 10 36.99 51.75 15.41
N ARG I 11 36.14 50.76 15.17
CA ARG I 11 35.48 50.01 16.23
C ARG I 11 36.26 48.72 16.47
N ILE I 12 36.72 48.54 17.71
CA ILE I 12 37.59 47.43 18.09
C ILE I 12 37.03 46.77 19.34
N GLY I 13 37.00 45.45 19.34
CA GLY I 13 36.55 44.69 20.50
C GLY I 13 37.58 43.68 20.93
N GLU I 14 37.68 43.47 22.25
CA GLU I 14 38.62 42.51 22.81
C GLU I 14 37.96 41.78 23.98
N MET I 15 38.50 40.60 24.28
CA MET I 15 37.95 39.76 25.35
C MET I 15 39.05 38.84 25.88
N LYS I 16 39.00 38.58 27.17
CA LYS I 16 39.95 37.69 27.83
C LYS I 16 39.23 36.93 28.93
N ARG I 17 39.22 35.60 28.84
CA ARG I 17 38.56 34.75 29.82
C ARG I 17 39.46 33.60 30.20
N VAL I 18 39.56 33.34 31.51
CA VAL I 18 40.35 32.23 32.04
C VAL I 18 39.42 31.32 32.83
N THR I 19 39.34 30.06 32.42
CA THR I 19 38.58 29.04 33.14
C THR I 19 39.51 27.89 33.48
N LYS I 20 38.95 26.86 34.13
CA LYS I 20 39.73 25.68 34.50
C LYS I 20 40.11 24.83 33.30
N GLU I 21 39.54 25.08 32.12
CA GLU I 21 39.81 24.28 30.93
C GLU I 21 40.53 25.04 29.83
N THR I 22 40.28 26.34 29.68
CA THR I 22 40.77 27.07 28.52
C THR I 22 41.25 28.46 28.93
N ASN I 23 42.19 28.99 28.14
CA ASN I 23 42.62 30.38 28.23
C ASN I 23 42.51 30.98 26.83
N VAL I 24 41.72 32.05 26.69
CA VAL I 24 41.36 32.60 25.40
C VAL I 24 41.54 34.11 25.42
N SER I 25 42.17 34.65 24.38
CA SER I 25 42.25 36.08 24.13
C SER I 25 41.87 36.35 22.68
N VAL I 26 40.94 37.28 22.46
CA VAL I 26 40.38 37.53 21.14
C VAL I 26 40.32 39.04 20.91
N LYS I 27 40.70 39.46 19.69
CA LYS I 27 40.63 40.87 19.30
C LYS I 27 40.03 40.97 17.90
N ILE I 28 39.04 41.83 17.74
CA ILE I 28 38.31 42.00 16.48
C ILE I 28 38.28 43.49 16.14
N ASN I 29 38.53 43.80 14.86
CA ASN I 29 38.46 45.16 14.35
C ASN I 29 37.53 45.16 13.14
N LEU I 30 36.44 45.92 13.22
CA LEU I 30 35.46 45.93 12.14
C LEU I 30 35.93 46.74 10.93
N ASP I 31 36.74 47.77 11.16
CA ASP I 31 37.30 48.58 10.08
C ASP I 31 38.74 48.15 9.86
N GLY I 32 38.91 47.06 9.10
CA GLY I 32 40.21 46.47 8.89
C GLY I 32 40.50 46.28 7.41
N THR I 33 41.65 45.66 7.15
CA THR I 33 42.11 45.38 5.79
C THR I 33 42.30 43.88 5.53
N GLY I 34 41.92 43.03 6.47
CA GLY I 34 42.03 41.60 6.29
C GLY I 34 43.21 40.93 6.96
N VAL I 35 43.76 41.52 8.01
CA VAL I 35 44.86 40.90 8.73
C VAL I 35 44.34 39.72 9.54
N ALA I 36 44.99 38.56 9.41
CA ALA I 36 44.58 37.36 10.11
C ALA I 36 45.76 36.81 10.91
N ASP I 37 45.59 36.72 12.23
CA ASP I 37 46.57 36.12 13.13
C ASP I 37 45.81 35.20 14.09
N ASN I 38 45.62 33.95 13.69
CA ASN I 38 44.83 32.99 14.45
C ASN I 38 45.71 31.81 14.83
N SER I 39 45.72 31.48 16.13
CA SER I 39 46.54 30.38 16.62
C SER I 39 45.84 29.76 17.83
N SER I 40 45.09 28.70 17.59
CA SER I 40 44.51 27.87 18.63
C SER I 40 45.03 26.44 18.47
N GLY I 41 44.49 25.52 19.25
CA GLY I 41 44.86 24.13 19.15
C GLY I 41 44.14 23.35 18.10
N ILE I 42 43.28 23.99 17.32
CA ILE I 42 42.48 23.34 16.29
C ILE I 42 42.88 23.92 14.94
N PRO I 43 43.72 23.22 14.18
CA PRO I 43 44.18 23.77 12.89
C PRO I 43 43.09 24.05 11.88
N PHE I 44 42.03 23.23 11.84
CA PHE I 44 40.97 23.45 10.85
C PHE I 44 40.16 24.68 11.18
N LEU I 45 39.95 24.97 12.47
CA LEU I 45 39.23 26.18 12.86
C LEU I 45 40.03 27.43 12.49
N ASP I 46 41.36 27.35 12.57
CA ASP I 46 42.19 28.47 12.15
C ASP I 46 42.08 28.73 10.66
N HIS I 47 41.95 27.66 9.87
CA HIS I 47 41.72 27.81 8.43
C HIS I 47 40.39 28.51 8.16
N MET I 48 39.38 28.22 8.98
CA MET I 48 38.07 28.84 8.80
C MET I 48 38.09 30.31 9.20
N LEU I 49 38.79 30.64 10.29
CA LEU I 49 38.80 32.01 10.78
C LEU I 49 39.60 32.93 9.86
N ASP I 50 40.55 32.38 9.09
CA ASP I 50 41.28 33.20 8.14
C ASP I 50 40.39 33.68 7.00
N GLN I 51 39.44 32.84 6.56
CA GLN I 51 38.53 33.25 5.49
C GLN I 51 37.59 34.35 5.94
N LEU I 52 37.27 34.41 7.23
CA LEU I 52 36.42 35.49 7.74
C LEU I 52 37.14 36.84 7.64
N ALA I 53 38.47 36.84 7.82
CA ALA I 53 39.23 38.07 7.70
C ALA I 53 39.39 38.50 6.24
N SER I 54 39.67 37.56 5.35
CA SER I 54 39.93 37.92 3.95
C SER I 54 38.66 38.33 3.23
N HIS I 55 37.58 37.57 3.40
CA HIS I 55 36.34 37.87 2.68
C HIS I 55 35.53 38.98 3.34
N GLY I 56 35.64 39.13 4.65
CA GLY I 56 34.93 40.18 5.35
C GLY I 56 35.69 41.46 5.56
N LEU I 57 36.98 41.48 5.23
CA LEU I 57 37.87 42.63 5.45
C LEU I 57 37.90 43.03 6.92
N PHE I 58 37.89 42.04 7.81
CA PHE I 58 38.04 42.25 9.24
C PHE I 58 39.47 41.93 9.68
N ASP I 59 39.83 42.42 10.86
CA ASP I 59 41.08 42.08 11.51
C ASP I 59 40.75 41.15 12.67
N VAL I 60 41.16 39.89 12.58
CA VAL I 60 40.81 38.86 13.55
C VAL I 60 42.09 38.32 14.18
N HIS I 61 42.15 38.35 15.51
CA HIS I 61 43.28 37.82 16.26
C HIS I 61 42.74 36.91 17.36
N VAL I 62 43.11 35.63 17.32
CA VAL I 62 42.67 34.66 18.31
C VAL I 62 43.89 33.92 18.84
N LYS I 63 44.01 33.86 20.17
CA LYS I 63 45.04 33.07 20.85
C LYS I 63 44.36 32.23 21.91
N ALA I 64 44.54 30.91 21.84
CA ALA I 64 43.85 30.02 22.76
C ALA I 64 44.68 28.78 23.04
N THR I 65 44.64 28.31 24.28
CA THR I 65 45.20 27.03 24.67
C THR I 65 44.22 26.35 25.62
N GLY I 66 44.24 25.02 25.62
CA GLY I 66 43.25 24.31 26.40
C GLY I 66 43.52 22.82 26.43
N ASP I 67 42.56 22.09 26.99
CA ASP I 67 42.68 20.65 27.21
C ASP I 67 42.22 19.89 25.95
N THR I 68 43.01 20.04 24.89
CA THR I 68 42.72 19.33 23.65
C THR I 68 43.05 17.85 23.71
N HIS I 69 43.74 17.39 24.76
CA HIS I 69 44.02 15.97 24.90
C HIS I 69 42.77 15.16 25.18
N ILE I 70 41.72 15.78 25.71
CA ILE I 70 40.44 15.12 25.88
C ILE I 70 39.59 15.22 24.61
N ASP I 71 39.34 16.44 24.16
CA ASP I 71 38.50 16.70 23.00
C ASP I 71 38.73 18.13 22.56
N ASP I 72 38.21 18.46 21.38
CA ASP I 72 38.20 19.83 20.90
C ASP I 72 36.93 20.59 21.31
N HIS I 73 36.04 19.94 22.06
CA HIS I 73 34.75 20.54 22.37
C HIS I 73 34.89 21.79 23.23
N HIS I 74 35.65 21.69 24.33
CA HIS I 74 35.71 22.80 25.28
C HIS I 74 36.45 24.01 24.68
N THR I 75 37.48 23.75 23.86
CA THR I 75 38.19 24.85 23.21
C THR I 75 37.34 25.51 22.14
N ASN I 76 36.61 24.71 21.35
CA ASN I 76 35.77 25.26 20.30
C ASN I 76 34.65 26.12 20.86
N GLU I 77 34.05 25.69 21.98
CA GLU I 77 32.96 26.43 22.58
C GLU I 77 33.43 27.76 23.16
N ASP I 78 34.60 27.78 23.81
CA ASP I 78 35.06 29.00 24.45
C ASP I 78 35.53 30.05 23.46
N VAL I 79 36.08 29.63 22.32
CA VAL I 79 36.48 30.58 21.29
C VAL I 79 35.27 31.29 20.71
N ALA I 80 34.19 30.54 20.46
CA ALA I 80 32.99 31.13 19.86
C ALA I 80 32.33 32.13 20.80
N LEU I 81 32.32 31.85 22.11
CA LEU I 81 31.74 32.78 23.07
C LEU I 81 32.54 34.08 23.13
N ALA I 82 33.88 33.99 23.05
CA ALA I 82 34.71 35.18 23.13
C ALA I 82 34.57 36.05 21.90
N ILE I 83 34.44 35.44 20.72
CA ILE I 83 34.26 36.21 19.48
C ILE I 83 32.93 36.96 19.51
N GLY I 84 31.88 36.31 20.02
CA GLY I 84 30.58 36.96 20.08
C GLY I 84 30.56 38.14 21.03
N THR I 85 31.22 38.02 22.17
CA THR I 85 31.26 39.13 23.13
C THR I 85 32.05 40.32 22.58
N ALA I 86 33.19 40.05 21.93
CA ALA I 86 33.99 41.13 21.37
C ALA I 86 33.26 41.83 20.22
N LEU I 87 32.46 41.09 19.46
CA LEU I 87 31.67 41.70 18.39
C LEU I 87 30.62 42.64 18.96
N LEU I 88 29.99 42.27 20.07
CA LEU I 88 28.95 43.10 20.67
C LEU I 88 29.52 44.43 21.16
N GLN I 89 30.70 44.40 21.77
CA GLN I 89 31.25 45.63 22.33
C GLN I 89 31.76 46.57 21.24
N ALA I 90 32.24 46.00 20.13
CA ALA I 90 32.70 46.83 19.02
C ALA I 90 31.52 47.51 18.31
N LEU I 91 30.36 46.86 18.28
CA LEU I 91 29.19 47.45 17.63
C LEU I 91 28.70 48.68 18.38
N GLY I 92 28.69 48.63 19.70
CA GLY I 92 28.24 49.77 20.48
C GLY I 92 26.74 50.00 20.33
N ASP I 93 26.36 51.23 20.00
CA ASP I 93 24.96 51.60 19.90
C ASP I 93 24.31 51.18 18.58
N ARG I 94 25.10 50.77 17.60
CA ARG I 94 24.61 50.31 16.30
C ARG I 94 23.78 51.37 15.59
N LYS I 95 24.22 52.62 15.67
CA LYS I 95 23.49 53.75 15.09
C LYS I 95 24.06 54.08 13.72
N GLY I 96 23.17 54.15 12.72
CA GLY I 96 23.57 54.49 11.37
C GLY I 96 24.05 53.34 10.51
N ILE I 97 23.88 52.10 10.96
CA ILE I 97 24.34 50.95 10.21
C ILE I 97 23.16 50.28 9.53
N ASN I 98 23.47 49.40 8.58
CA ASN I 98 22.42 48.75 7.78
C ASN I 98 21.62 47.75 8.61
N ARG I 99 22.29 47.02 9.52
CA ARG I 99 21.77 46.00 10.42
C ARG I 99 21.28 44.74 9.72
N PHE I 100 21.33 44.68 8.38
CA PHE I 100 20.85 43.52 7.65
C PHE I 100 21.89 43.09 6.63
N GLY I 101 22.04 41.77 6.47
CA GLY I 101 22.98 41.22 5.52
C GLY I 101 22.50 39.94 4.86
N ASN I 102 22.71 39.82 3.55
CA ASN I 102 22.31 38.64 2.79
C ASN I 102 23.40 38.31 1.78
N PHE I 103 23.69 37.01 1.64
CA PHE I 103 24.68 36.58 0.66
C PHE I 103 24.54 35.09 0.39
N SER I 104 24.71 34.71 -0.87
CA SER I 104 24.82 33.32 -1.29
C SER I 104 26.21 33.09 -1.87
N ALA I 105 26.88 32.04 -1.42
CA ALA I 105 28.26 31.78 -1.81
C ALA I 105 28.38 30.43 -2.51
N PRO I 106 28.79 30.39 -3.77
CA PRO I 106 29.06 29.11 -4.42
C PRO I 106 30.52 28.68 -4.29
N LEU I 107 30.72 27.39 -4.08
CA LEU I 107 32.07 26.81 -4.01
C LEU I 107 31.98 25.44 -4.69
N ASP I 108 32.32 25.42 -5.99
CA ASP I 108 32.24 24.22 -6.84
C ASP I 108 30.79 23.74 -6.82
N GLU I 109 30.50 22.54 -6.32
CA GLU I 109 29.14 22.02 -6.30
C GLU I 109 28.33 22.51 -5.11
N ALA I 110 28.94 23.19 -4.15
CA ALA I 110 28.26 23.62 -2.94
C ALA I 110 27.69 25.03 -3.09
N LEU I 111 26.59 25.29 -2.39
CA LEU I 111 25.93 26.59 -2.43
C LEU I 111 25.20 26.81 -1.11
N VAL I 112 25.60 27.83 -0.37
CA VAL I 112 25.06 28.12 0.96
C VAL I 112 24.59 29.57 1.00
N HIS I 113 23.40 29.81 1.56
CA HIS I 113 22.84 31.13 1.72
C HIS I 113 22.77 31.50 3.20
N VAL I 114 23.15 32.74 3.52
CA VAL I 114 23.19 33.22 4.90
C VAL I 114 22.38 34.51 4.99
N SER I 115 21.48 34.57 5.98
CA SER I 115 20.70 35.77 6.26
C SER I 115 20.83 36.09 7.74
N LEU I 116 21.21 37.33 8.07
CA LEU I 116 21.41 37.73 9.44
C LEU I 116 20.88 39.14 9.67
N ASP I 117 20.61 39.44 10.94
CA ASP I 117 20.16 40.76 11.36
C ASP I 117 20.58 40.99 12.80
N LEU I 118 21.16 42.16 13.07
CA LEU I 118 21.67 42.50 14.40
C LEU I 118 20.58 43.24 15.16
N SER I 119 19.86 42.52 16.03
CA SER I 119 18.69 43.06 16.69
C SER I 119 18.71 42.99 18.21
N GLY I 120 19.61 42.23 18.81
CA GLY I 120 19.60 42.01 20.24
C GLY I 120 18.84 40.79 20.70
N ARG I 121 18.16 40.09 19.79
CA ARG I 121 17.42 38.88 20.12
C ARG I 121 18.12 37.68 19.51
N PRO I 122 18.67 36.76 20.32
CA PRO I 122 19.45 35.65 19.76
C PRO I 122 18.55 34.55 19.20
N HIS I 123 18.86 34.10 17.99
CA HIS I 123 18.17 32.97 17.37
C HIS I 123 19.08 32.38 16.30
N LEU I 124 19.08 31.05 16.19
CA LEU I 124 19.86 30.36 15.18
C LEU I 124 18.95 29.42 14.38
N GLY I 125 18.96 29.58 13.06
CA GLY I 125 18.32 28.63 12.17
C GLY I 125 19.35 27.88 11.36
N TYR I 126 19.55 26.60 11.66
CA TYR I 126 20.64 25.81 11.11
C TYR I 126 20.06 24.71 10.22
N ASP I 127 20.39 24.75 8.92
CA ASP I 127 19.99 23.70 7.98
C ASP I 127 21.22 23.36 7.13
N LEU I 128 22.01 22.41 7.62
CA LEU I 128 23.19 21.93 6.91
C LEU I 128 23.18 20.41 6.92
N ASN I 129 23.73 19.82 5.86
CA ASN I 129 23.82 18.36 5.72
C ASN I 129 25.26 17.99 5.38
N ILE I 130 26.07 17.79 6.41
CA ILE I 130 27.47 17.44 6.24
C ILE I 130 27.56 15.91 6.20
N PRO I 131 28.06 15.32 5.12
CA PRO I 131 27.96 13.86 4.97
C PRO I 131 28.93 13.07 5.86
N THR I 132 30.12 13.59 6.12
CA THR I 132 31.12 12.84 6.86
C THR I 132 31.22 13.32 8.31
N GLN I 133 31.77 12.46 9.15
CA GLN I 133 31.89 12.73 10.58
C GLN I 133 33.16 13.50 10.93
N ARG I 134 34.23 13.35 10.14
CA ARG I 134 35.48 14.04 10.35
C ARG I 134 35.95 14.64 9.03
N VAL I 135 36.50 15.84 9.09
CA VAL I 135 37.08 16.48 7.90
C VAL I 135 38.57 16.21 7.90
N GLY I 136 39.27 16.69 8.93
CA GLY I 136 40.63 16.26 9.19
C GLY I 136 40.67 15.52 10.51
N LYS I 137 41.13 16.21 11.56
CA LYS I 137 40.91 15.78 12.93
C LYS I 137 39.70 16.48 13.56
N TYR I 138 39.01 17.31 12.79
CA TYR I 138 37.94 18.16 13.31
C TYR I 138 36.60 17.42 13.26
N ASP I 139 35.90 17.41 14.39
CA ASP I 139 34.59 16.78 14.47
C ASP I 139 33.53 17.69 13.90
N THR I 140 32.73 17.17 12.95
CA THR I 140 31.80 18.02 12.21
C THR I 140 30.58 18.43 13.03
N GLN I 141 30.37 17.82 14.19
CA GLN I 141 29.28 18.26 15.07
C GLN I 141 29.57 19.62 15.70
N LEU I 142 30.83 20.08 15.66
CA LEU I 142 31.20 21.34 16.28
C LEU I 142 30.89 22.55 15.41
N VAL I 143 30.50 22.36 14.15
CA VAL I 143 30.12 23.49 13.31
C VAL I 143 28.84 24.14 13.82
N GLU I 144 27.85 23.32 14.18
CA GLU I 144 26.63 23.85 14.79
C GLU I 144 26.91 24.49 16.15
N HIS I 145 27.75 23.84 16.96
CA HIS I 145 28.04 24.36 18.30
C HIS I 145 28.78 25.68 18.24
N PHE I 146 29.59 25.90 17.21
CA PHE I 146 30.31 27.17 17.07
C PHE I 146 29.34 28.32 16.82
N PHE I 147 28.41 28.14 15.88
CA PHE I 147 27.51 29.24 15.54
C PHE I 147 26.43 29.47 16.59
N GLN I 148 26.06 28.43 17.34
CA GLN I 148 25.08 28.61 18.40
C GLN I 148 25.67 29.44 19.54
N SER I 149 26.94 29.21 19.88
CA SER I 149 27.57 29.97 20.96
C SER I 149 27.86 31.40 20.54
N LEU I 150 28.06 31.65 19.24
CA LEU I 150 28.35 32.99 18.77
C LEU I 150 27.12 33.90 18.87
N VAL I 151 25.94 33.39 18.51
CA VAL I 151 24.74 34.21 18.56
C VAL I 151 24.22 34.39 19.98
N ASN I 152 24.63 33.53 20.92
CA ASN I 152 24.15 33.67 22.29
C ASN I 152 24.81 34.85 23.00
N THR I 153 26.04 35.19 22.62
CA THR I 153 26.74 36.31 23.23
C THR I 153 26.66 37.60 22.43
N SER I 154 26.42 37.52 21.12
CA SER I 154 26.33 38.70 20.28
C SER I 154 24.90 39.21 20.10
N GLY I 155 23.90 38.39 20.42
CA GLY I 155 22.51 38.80 20.29
C GLY I 155 22.06 39.05 18.87
N MET I 156 22.32 38.10 17.97
CA MET I 156 21.97 38.24 16.56
C MET I 156 21.03 37.14 16.12
N THR I 157 20.27 37.43 15.07
CA THR I 157 19.39 36.45 14.43
C THR I 157 20.10 35.95 13.17
N LEU I 158 20.31 34.64 13.08
CA LEU I 158 21.11 34.05 12.01
C LEU I 158 20.38 32.87 11.40
N HIS I 159 20.31 32.83 10.07
CA HIS I 159 19.72 31.74 9.32
C HIS I 159 20.72 31.21 8.31
N ILE I 160 20.92 29.89 8.31
CA ILE I 160 21.84 29.23 7.38
C ILE I 160 21.09 28.12 6.67
N ARG I 161 21.14 28.12 5.34
CA ARG I 161 20.47 27.10 4.54
C ARG I 161 21.39 26.64 3.41
N GLN I 162 21.42 25.32 3.18
CA GLN I 162 22.21 24.69 2.14
C GLN I 162 21.31 24.29 0.99
N PHE I 163 21.70 24.64 -0.23
CA PHE I 163 20.96 24.29 -1.42
C PHE I 163 21.58 23.15 -2.22
N SER I 164 22.90 22.98 -2.15
CA SER I 164 23.57 21.88 -2.82
C SER I 164 24.94 21.67 -2.17
N GLY I 165 25.54 20.53 -2.45
CA GLY I 165 26.87 20.23 -1.94
C GLY I 165 27.07 18.78 -1.57
N THR I 166 28.26 18.25 -1.83
CA THR I 166 28.58 16.87 -1.51
C THR I 166 29.84 16.77 -0.66
N ASN I 167 30.83 17.61 -0.94
CA ASN I 167 32.11 17.55 -0.27
C ASN I 167 32.04 18.30 1.06
N SER I 168 32.54 17.66 2.13
CA SER I 168 32.45 18.24 3.46
C SER I 168 33.29 19.50 3.60
N HIS I 169 34.51 19.50 3.03
CA HIS I 169 35.36 20.68 3.08
C HIS I 169 34.72 21.86 2.35
N HIS I 170 34.11 21.60 1.19
CA HIS I 170 33.52 22.67 0.40
C HIS I 170 32.29 23.26 1.09
N ILE I 171 31.47 22.43 1.73
CA ILE I 171 30.23 22.90 2.34
C ILE I 171 30.53 23.83 3.51
N ILE I 172 31.42 23.42 4.41
CA ILE I 172 31.73 24.22 5.60
C ILE I 172 32.40 25.52 5.21
N GLU I 173 33.37 25.46 4.30
CA GLU I 173 34.17 26.64 3.99
C GLU I 173 33.39 27.60 3.08
N ALA I 174 32.35 27.11 2.41
CA ALA I 174 31.42 28.01 1.75
C ALA I 174 30.50 28.71 2.75
N THR I 175 30.19 28.06 3.88
CA THR I 175 29.35 28.67 4.90
C THR I 175 30.06 29.87 5.53
N PHE I 176 31.36 29.75 5.80
CA PHE I 176 32.09 30.84 6.42
C PHE I 176 32.28 32.01 5.47
N LYS I 177 32.38 31.75 4.16
CA LYS I 177 32.48 32.83 3.19
C LYS I 177 31.20 33.65 3.13
N ALA I 178 30.03 32.98 3.14
CA ALA I 178 28.76 33.70 3.07
C ALA I 178 28.48 34.46 4.37
N PHE I 179 28.91 33.91 5.50
CA PHE I 179 28.71 34.59 6.78
C PHE I 179 29.56 35.84 6.88
N ALA I 180 30.78 35.79 6.36
CA ALA I 180 31.68 36.94 6.45
C ALA I 180 31.17 38.12 5.62
N ARG I 181 30.69 37.86 4.41
CA ARG I 181 30.23 38.94 3.55
C ARG I 181 28.86 39.46 3.96
N ALA I 182 28.03 38.63 4.57
CA ALA I 182 26.75 39.10 5.09
C ALA I 182 26.94 39.95 6.35
N LEU I 183 27.92 39.59 7.18
CA LEU I 183 28.22 40.39 8.37
C LEU I 183 28.85 41.72 7.97
N ARG I 184 29.65 41.73 6.91
CA ARG I 184 30.26 42.98 6.44
C ARG I 184 29.19 43.95 5.96
N GLN I 185 28.19 43.46 5.24
CA GLN I 185 27.14 44.34 4.73
C GLN I 185 26.28 44.92 5.85
N ALA I 186 26.09 44.14 6.92
CA ALA I 186 25.25 44.61 8.03
C ALA I 186 25.97 45.67 8.86
N THR I 187 27.30 45.66 8.85
CA THR I 187 28.05 46.60 9.69
C THR I 187 28.46 47.88 8.97
N GLU I 188 28.26 47.99 7.66
CA GLU I 188 28.57 49.22 6.97
C GLU I 188 27.55 50.30 7.29
N TYR I 189 28.01 51.55 7.29
CA TYR I 189 27.13 52.68 7.56
C TYR I 189 26.19 52.92 6.38
N ASP I 190 24.93 53.17 6.68
CA ASP I 190 23.97 53.48 5.65
C ASP I 190 24.18 54.91 5.17
N THR I 191 24.05 55.12 3.86
CA THR I 191 24.28 56.43 3.25
C THR I 191 23.04 57.32 3.27
N ARG I 192 21.92 56.81 3.78
CA ARG I 192 20.62 57.52 3.83
C ARG I 192 20.22 57.86 2.39
N ARG I 193 19.70 59.05 2.13
CA ARG I 193 19.26 59.41 0.79
C ARG I 193 20.45 59.80 -0.08
N ALA J 10 -23.68 54.56 -31.24
CA ALA J 10 -22.75 53.45 -31.46
C ALA J 10 -21.45 53.68 -30.70
N ARG J 11 -21.01 52.66 -29.96
CA ARG J 11 -19.80 52.73 -29.16
C ARG J 11 -18.65 52.10 -29.94
N ILE J 12 -17.60 52.89 -30.17
CA ILE J 12 -16.47 52.50 -31.02
C ILE J 12 -15.17 52.79 -30.27
N GLY J 13 -14.26 51.83 -30.31
CA GLY J 13 -12.95 52.00 -29.69
C GLY J 13 -11.84 51.74 -30.67
N GLU J 14 -10.75 52.50 -30.54
CA GLU J 14 -9.59 52.36 -31.40
C GLU J 14 -8.31 52.50 -30.59
N MET J 15 -7.22 51.96 -31.11
CA MET J 15 -5.94 51.99 -30.42
C MET J 15 -4.81 51.88 -31.45
N LYS J 16 -3.71 52.55 -31.18
CA LYS J 16 -2.53 52.52 -32.04
C LYS J 16 -1.29 52.60 -31.16
N ARG J 17 -0.43 51.59 -31.24
CA ARG J 17 0.79 51.53 -30.45
C ARG J 17 1.95 51.12 -31.33
N VAL J 18 3.07 51.83 -31.19
CA VAL J 18 4.30 51.54 -31.93
C VAL J 18 5.40 51.26 -30.92
N THR J 19 5.99 50.07 -30.98
CA THR J 19 7.13 49.70 -30.15
C THR J 19 8.27 49.26 -31.06
N LYS J 20 9.39 48.87 -30.44
CA LYS J 20 10.54 48.40 -31.20
C LYS J 20 10.32 47.04 -31.85
N GLU J 21 9.25 46.34 -31.49
CA GLU J 21 8.99 45.00 -32.02
C GLU J 21 7.75 44.91 -32.89
N THR J 22 6.72 45.70 -32.61
CA THR J 22 5.42 45.52 -33.26
C THR J 22 4.80 46.87 -33.59
N ASN J 23 3.96 46.88 -34.62
CA ASN J 23 3.09 48.00 -34.96
C ASN J 23 1.68 47.47 -35.08
N VAL J 24 0.75 48.01 -34.27
CA VAL J 24 -0.59 47.46 -34.13
C VAL J 24 -1.61 48.59 -34.23
N SER J 25 -2.66 48.38 -35.01
CA SER J 25 -3.82 49.25 -35.06
C SER J 25 -5.08 48.39 -34.95
N VAL J 26 -5.97 48.75 -34.03
CA VAL J 26 -7.14 47.94 -33.70
C VAL J 26 -8.36 48.86 -33.61
N LYS J 27 -9.48 48.41 -34.20
CA LYS J 27 -10.75 49.13 -34.12
C LYS J 27 -11.87 48.16 -33.79
N ILE J 28 -12.68 48.49 -32.80
CA ILE J 28 -13.77 47.65 -32.31
C ILE J 28 -15.05 48.47 -32.26
N ASN J 29 -16.15 47.87 -32.73
CA ASN J 29 -17.47 48.49 -32.69
C ASN J 29 -18.42 47.51 -32.00
N LEU J 30 -19.00 47.93 -30.88
CA LEU J 30 -19.87 47.04 -30.11
C LEU J 30 -21.24 46.88 -30.76
N ASP J 31 -21.72 47.91 -31.45
CA ASP J 31 -23.00 47.85 -32.16
C ASP J 31 -22.72 47.63 -33.64
N GLY J 32 -22.48 46.37 -34.01
CA GLY J 32 -22.10 46.01 -35.35
C GLY J 32 -22.99 44.92 -35.92
N THR J 33 -22.63 44.49 -37.13
CA THR J 33 -23.35 43.46 -37.85
C THR J 33 -22.48 42.24 -38.17
N GLY J 34 -21.25 42.20 -37.66
CA GLY J 34 -20.37 41.07 -37.88
C GLY J 34 -19.32 41.24 -38.95
N VAL J 35 -18.92 42.47 -39.26
CA VAL J 35 -17.87 42.69 -40.24
C VAL J 35 -16.53 42.31 -39.64
N ALA J 36 -15.75 41.51 -40.36
CA ALA J 36 -14.45 41.05 -39.89
C ALA J 36 -13.39 41.40 -40.92
N ASP J 37 -12.41 42.20 -40.52
CA ASP J 37 -11.25 42.54 -41.35
C ASP J 37 -10.00 42.41 -40.47
N ASN J 38 -9.43 41.21 -40.42
CA ASN J 38 -8.30 40.91 -39.56
C ASN J 38 -7.12 40.46 -40.41
N SER J 39 -5.97 41.11 -40.20
CA SER J 39 -4.77 40.79 -40.97
C SER J 39 -3.55 41.05 -40.09
N SER J 40 -3.05 40.00 -39.46
CA SER J 40 -1.79 40.02 -38.73
C SER J 40 -0.87 38.97 -39.35
N GLY J 41 0.28 38.76 -38.73
CA GLY J 41 1.21 37.76 -39.19
C GLY J 41 0.94 36.36 -38.70
N ILE J 42 -0.15 36.14 -37.98
CA ILE J 42 -0.50 34.85 -37.42
C ILE J 42 -1.83 34.41 -38.03
N PRO J 43 -1.81 33.54 -39.03
CA PRO J 43 -3.06 33.14 -39.70
C PRO J 43 -4.08 32.47 -38.80
N PHE J 44 -3.64 31.68 -37.81
CA PHE J 44 -4.60 30.99 -36.95
C PHE J 44 -5.30 31.96 -36.02
N LEU J 45 -4.60 33.00 -35.56
CA LEU J 45 -5.24 34.02 -34.72
C LEU J 45 -6.30 34.79 -35.51
N ASP J 46 -6.06 35.01 -36.80
CA ASP J 46 -7.05 35.67 -37.63
C ASP J 46 -8.31 34.82 -37.79
N HIS J 47 -8.13 33.50 -37.87
CA HIS J 47 -9.28 32.60 -37.90
C HIS J 47 -10.09 32.69 -36.61
N MET J 48 -9.41 32.87 -35.48
CA MET J 48 -10.10 32.97 -34.20
C MET J 48 -10.82 34.30 -34.06
N LEU J 49 -10.21 35.39 -34.53
CA LEU J 49 -10.82 36.71 -34.39
C LEU J 49 -12.03 36.87 -35.28
N ASP J 50 -12.11 36.12 -36.38
CA ASP J 50 -13.29 36.18 -37.24
C ASP J 50 -14.51 35.61 -36.55
N GLN J 51 -14.34 34.55 -35.75
CA GLN J 51 -15.47 33.96 -35.03
C GLN J 51 -16.01 34.90 -33.97
N LEU J 52 -15.16 35.77 -33.41
CA LEU J 52 -15.64 36.75 -32.43
C LEU J 52 -16.57 37.76 -33.08
N ALA J 53 -16.32 38.10 -34.35
CA ALA J 53 -17.19 39.04 -35.05
C ALA J 53 -18.51 38.38 -35.46
N SER J 54 -18.46 37.14 -35.94
CA SER J 54 -19.68 36.50 -36.45
C SER J 54 -20.61 36.10 -35.31
N HIS J 55 -20.06 35.49 -34.26
CA HIS J 55 -20.90 35.00 -33.16
C HIS J 55 -21.28 36.11 -32.19
N GLY J 56 -20.44 37.13 -32.05
CA GLY J 56 -20.74 38.23 -31.16
C GLY J 56 -21.41 39.42 -31.80
N LEU J 57 -21.54 39.42 -33.13
CA LEU J 57 -22.10 40.54 -33.90
C LEU J 57 -21.33 41.83 -33.64
N PHE J 58 -20.00 41.73 -33.51
CA PHE J 58 -19.12 42.87 -33.38
C PHE J 58 -18.44 43.17 -34.71
N ASP J 59 -17.91 44.38 -34.82
CA ASP J 59 -17.08 44.79 -35.95
C ASP J 59 -15.64 44.86 -35.45
N VAL J 60 -14.80 43.96 -35.94
CA VAL J 60 -13.42 43.82 -35.48
C VAL J 60 -12.48 44.08 -36.64
N HIS J 61 -11.54 45.01 -36.45
CA HIS J 61 -10.52 45.33 -37.44
C HIS J 61 -9.17 45.34 -36.76
N VAL J 62 -8.26 44.45 -37.20
CA VAL J 62 -6.93 44.35 -36.63
C VAL J 62 -5.92 44.39 -37.76
N LYS J 63 -4.92 45.27 -37.64
CA LYS J 63 -3.79 45.33 -38.57
C LYS J 63 -2.51 45.34 -37.75
N ALA J 64 -1.62 44.38 -38.01
CA ALA J 64 -0.42 44.25 -37.20
C ALA J 64 0.72 43.69 -38.04
N THR J 65 1.93 44.18 -37.78
CA THR J 65 3.15 43.63 -38.34
C THR J 65 4.20 43.62 -37.23
N GLY J 66 5.13 42.67 -37.31
CA GLY J 66 6.09 42.52 -36.24
C GLY J 66 7.17 41.52 -36.58
N ASP J 67 7.98 41.22 -35.57
CA ASP J 67 9.15 40.35 -35.72
C ASP J 67 8.75 38.88 -35.54
N THR J 68 7.96 38.40 -36.51
CA THR J 68 7.54 37.00 -36.49
C THR J 68 8.64 36.04 -36.88
N HIS J 69 9.78 36.54 -37.39
CA HIS J 69 10.89 35.66 -37.71
C HIS J 69 11.54 35.06 -36.48
N ILE J 70 11.38 35.70 -35.31
CA ILE J 70 11.83 35.12 -34.06
C ILE J 70 10.78 34.19 -33.46
N ASP J 71 9.58 34.71 -33.23
CA ASP J 71 8.50 33.97 -32.61
C ASP J 71 7.21 34.74 -32.84
N ASP J 72 6.09 34.09 -32.54
CA ASP J 72 4.79 34.74 -32.54
C ASP J 72 4.44 35.35 -31.18
N HIS J 73 5.33 35.25 -30.20
CA HIS J 73 5.02 35.67 -28.85
C HIS J 73 4.77 37.18 -28.76
N HIS J 74 5.69 37.97 -29.31
CA HIS J 74 5.60 39.42 -29.13
C HIS J 74 4.41 40.00 -29.90
N THR J 75 4.10 39.43 -31.07
CA THR J 75 2.94 39.91 -31.84
C THR J 75 1.64 39.51 -31.17
N ASN J 76 1.56 38.28 -30.65
CA ASN J 76 0.35 37.81 -29.98
C ASN J 76 0.05 38.62 -28.74
N GLU J 77 1.08 38.98 -27.97
CA GLU J 77 0.89 39.74 -26.74
C GLU J 77 0.42 41.16 -27.03
N ASP J 78 0.98 41.81 -28.05
CA ASP J 78 0.64 43.19 -28.32
C ASP J 78 -0.75 43.36 -28.91
N VAL J 79 -1.22 42.37 -29.68
CA VAL J 79 -2.58 42.42 -30.22
C VAL J 79 -3.60 42.33 -29.10
N ALA J 80 -3.36 41.45 -28.13
CA ALA J 80 -4.32 41.26 -27.04
C ALA J 80 -4.41 42.51 -26.16
N LEU J 81 -3.28 43.19 -25.92
CA LEU J 81 -3.31 44.41 -25.13
C LEU J 81 -4.09 45.52 -25.83
N ALA J 82 -3.95 45.62 -27.16
CA ALA J 82 -4.64 46.67 -27.90
C ALA J 82 -6.14 46.43 -27.94
N ILE J 83 -6.57 45.18 -28.06
CA ILE J 83 -8.00 44.86 -28.08
C ILE J 83 -8.63 45.19 -26.73
N GLY J 84 -7.92 44.89 -25.64
CA GLY J 84 -8.45 45.18 -24.32
C GLY J 84 -8.61 46.67 -24.06
N THR J 85 -7.64 47.46 -24.50
CA THR J 85 -7.73 48.91 -24.31
C THR J 85 -8.87 49.52 -25.12
N ALA J 86 -9.04 49.08 -26.37
CA ALA J 86 -10.11 49.61 -27.21
C ALA J 86 -11.48 49.22 -26.67
N LEU J 87 -11.58 48.03 -26.07
CA LEU J 87 -12.85 47.61 -25.46
C LEU J 87 -13.20 48.50 -24.27
N LEU J 88 -12.21 48.87 -23.46
CA LEU J 88 -12.47 49.70 -22.29
C LEU J 88 -12.99 51.08 -22.68
N GLN J 89 -12.42 51.68 -23.73
CA GLN J 89 -12.82 53.03 -24.11
C GLN J 89 -14.20 53.04 -24.76
N ALA J 90 -14.55 51.96 -25.47
CA ALA J 90 -15.87 51.88 -26.08
C ALA J 90 -16.96 51.69 -25.02
N LEU J 91 -16.64 51.01 -23.92
CA LEU J 91 -17.63 50.80 -22.87
C LEU J 91 -18.01 52.10 -22.18
N GLY J 92 -17.03 52.96 -21.92
CA GLY J 92 -17.32 54.24 -21.27
C GLY J 92 -17.73 54.04 -19.82
N ASP J 93 -18.86 54.64 -19.45
CA ASP J 93 -19.32 54.61 -18.07
C ASP J 93 -20.03 53.30 -17.70
N ARG J 94 -20.37 52.48 -18.68
CA ARG J 94 -21.02 51.18 -18.46
C ARG J 94 -22.34 51.33 -17.72
N LYS J 95 -23.12 52.35 -18.08
CA LYS J 95 -24.38 52.64 -17.41
C LYS J 95 -25.53 52.04 -18.21
N GLY J 96 -26.38 51.27 -17.52
CA GLY J 96 -27.54 50.66 -18.14
C GLY J 96 -27.30 49.35 -18.84
N ILE J 97 -26.13 48.72 -18.65
CA ILE J 97 -25.82 47.47 -19.30
C ILE J 97 -25.95 46.33 -18.30
N ASN J 98 -25.99 45.11 -18.83
CA ASN J 98 -26.20 43.93 -17.99
C ASN J 98 -25.00 43.64 -17.10
N ARG J 99 -23.78 43.85 -17.63
CA ARG J 99 -22.48 43.64 -17.00
C ARG J 99 -22.15 42.18 -16.72
N PHE J 100 -23.05 41.24 -17.02
CA PHE J 100 -22.82 39.83 -16.75
C PHE J 100 -23.13 39.01 -17.98
N GLY J 101 -22.32 37.98 -18.22
CA GLY J 101 -22.52 37.10 -19.35
C GLY J 101 -22.14 35.65 -19.07
N ASN J 102 -22.97 34.71 -19.53
CA ASN J 102 -22.73 33.29 -19.33
C ASN J 102 -23.11 32.54 -20.61
N PHE J 103 -22.28 31.57 -20.99
CA PHE J 103 -22.58 30.76 -22.17
C PHE J 103 -21.75 29.49 -22.16
N SER J 104 -22.36 28.39 -22.58
CA SER J 104 -21.68 27.13 -22.84
C SER J 104 -21.80 26.80 -24.32
N ALA J 105 -20.68 26.48 -24.96
CA ALA J 105 -20.64 26.26 -26.40
C ALA J 105 -20.19 24.83 -26.71
N PRO J 106 -21.02 24.02 -27.36
CA PRO J 106 -20.57 22.70 -27.80
C PRO J 106 -20.04 22.73 -29.23
N LEU J 107 -18.97 21.98 -29.46
CA LEU J 107 -18.38 21.83 -30.80
C LEU J 107 -17.92 20.38 -30.91
N ASP J 108 -18.79 19.54 -31.49
CA ASP J 108 -18.57 18.10 -31.63
C ASP J 108 -18.36 17.52 -30.23
N GLU J 109 -17.20 16.95 -29.92
CA GLU J 109 -16.96 16.37 -28.61
C GLU J 109 -16.53 17.39 -27.56
N ALA J 110 -16.26 18.63 -27.94
CA ALA J 110 -15.77 19.65 -27.03
C ALA J 110 -16.91 20.45 -26.43
N LEU J 111 -16.71 20.93 -25.21
CA LEU J 111 -17.70 21.73 -24.49
C LEU J 111 -16.99 22.65 -23.52
N VAL J 112 -17.13 23.96 -23.72
CA VAL J 112 -16.44 24.98 -22.93
C VAL J 112 -17.47 25.96 -22.39
N HIS J 113 -17.35 26.31 -21.10
CA HIS J 113 -18.21 27.28 -20.46
C HIS J 113 -17.42 28.53 -20.09
N VAL J 114 -18.02 29.70 -20.33
CA VAL J 114 -17.37 30.99 -20.10
C VAL J 114 -18.28 31.83 -19.21
N SER J 115 -17.71 32.40 -18.15
CA SER J 115 -18.42 33.32 -17.26
C SER J 115 -17.58 34.57 -17.10
N LEU J 116 -18.17 35.74 -17.34
CA LEU J 116 -17.45 36.99 -17.27
C LEU J 116 -18.32 38.07 -16.63
N ASP J 117 -17.66 39.09 -16.11
CA ASP J 117 -18.32 40.25 -15.52
C ASP J 117 -17.42 41.47 -15.65
N LEU J 118 -17.98 42.58 -16.11
CA LEU J 118 -17.22 43.82 -16.34
C LEU J 118 -17.30 44.68 -15.10
N SER J 119 -16.25 44.63 -14.27
CA SER J 119 -16.27 45.27 -12.96
C SER J 119 -15.14 46.25 -12.70
N GLY J 120 -14.09 46.26 -13.52
CA GLY J 120 -12.93 47.08 -13.26
C GLY J 120 -11.83 46.38 -12.49
N ARG J 121 -12.06 45.15 -12.02
CA ARG J 121 -11.05 44.39 -11.30
C ARG J 121 -10.58 43.23 -12.17
N PRO J 122 -9.31 43.21 -12.60
CA PRO J 122 -8.86 42.16 -13.53
C PRO J 122 -8.57 40.85 -12.80
N HIS J 123 -9.09 39.76 -13.36
CA HIS J 123 -8.82 38.42 -12.86
C HIS J 123 -9.08 37.42 -13.98
N LEU J 124 -8.23 36.40 -14.08
CA LEU J 124 -8.39 35.34 -15.06
C LEU J 124 -8.40 33.98 -14.37
N GLY J 125 -9.45 33.20 -14.62
CA GLY J 125 -9.48 31.81 -14.21
C GLY J 125 -9.43 30.89 -15.41
N TYR J 126 -8.31 30.22 -15.61
CA TYR J 126 -8.04 29.45 -16.82
C TYR J 126 -7.97 27.97 -16.47
N ASP J 127 -8.88 27.18 -17.04
CA ASP J 127 -8.87 25.72 -16.88
C ASP J 127 -9.12 25.10 -18.26
N LEU J 128 -8.03 24.89 -19.00
CA LEU J 128 -8.08 24.26 -20.31
C LEU J 128 -7.02 23.17 -20.38
N ASN J 129 -7.31 22.13 -21.15
CA ASN J 129 -6.39 21.00 -21.34
C ASN J 129 -6.23 20.75 -22.83
N ILE J 130 -5.27 21.44 -23.45
CA ILE J 130 -5.01 21.30 -24.88
C ILE J 130 -3.97 20.19 -25.05
N PRO J 131 -4.28 19.12 -25.77
CA PRO J 131 -3.38 17.96 -25.78
C PRO J 131 -2.11 18.16 -26.60
N THR J 132 -2.16 18.91 -27.70
CA THR J 132 -1.02 19.04 -28.58
C THR J 132 -0.31 20.38 -28.38
N GLN J 133 0.94 20.43 -28.81
CA GLN J 133 1.78 21.61 -28.65
C GLN J 133 1.62 22.61 -29.79
N ARG J 134 1.26 22.14 -30.99
CA ARG J 134 1.05 23.00 -32.15
C ARG J 134 -0.25 22.61 -32.82
N VAL J 135 -1.00 23.60 -33.29
CA VAL J 135 -2.23 23.35 -34.04
C VAL J 135 -1.89 23.40 -35.52
N GLY J 136 -1.42 24.56 -35.99
CA GLY J 136 -0.81 24.66 -37.29
C GLY J 136 0.65 25.03 -37.12
N LYS J 137 0.96 26.31 -37.34
CA LYS J 137 2.21 26.90 -36.90
C LYS J 137 2.05 27.62 -35.56
N TYR J 138 0.86 27.58 -34.98
CA TYR J 138 0.54 28.36 -33.79
C TYR J 138 0.88 27.57 -32.53
N ASP J 139 1.62 28.21 -31.63
CA ASP J 139 2.00 27.60 -30.36
C ASP J 139 0.85 27.69 -29.37
N THR J 140 0.46 26.54 -28.80
CA THR J 140 -0.76 26.49 -27.98
C THR J 140 -0.57 27.14 -26.61
N GLN J 141 0.66 27.45 -26.22
CA GLN J 141 0.87 28.18 -24.97
C GLN J 141 0.41 29.63 -25.06
N LEU J 142 0.18 30.14 -26.27
CA LEU J 142 -0.22 31.53 -26.46
C LEU J 142 -1.72 31.75 -26.25
N VAL J 143 -2.52 30.69 -26.11
CA VAL J 143 -3.94 30.87 -25.84
C VAL J 143 -4.15 31.48 -24.46
N GLU J 144 -3.42 30.96 -23.46
CA GLU J 144 -3.48 31.55 -22.12
C GLU J 144 -2.92 32.98 -22.11
N HIS J 145 -1.81 33.20 -22.81
CA HIS J 145 -1.20 34.53 -22.82
C HIS J 145 -2.09 35.56 -23.49
N PHE J 146 -2.89 35.15 -24.47
CA PHE J 146 -3.81 36.08 -25.13
C PHE J 146 -4.88 36.58 -24.17
N PHE J 147 -5.51 35.66 -23.44
CA PHE J 147 -6.61 36.06 -22.56
C PHE J 147 -6.13 36.76 -21.30
N GLN J 148 -4.91 36.46 -20.85
CA GLN J 148 -4.37 37.15 -19.69
C GLN J 148 -4.08 38.61 -20.00
N SER J 149 -3.56 38.89 -21.19
CA SER J 149 -3.26 40.27 -21.57
C SER J 149 -4.53 41.06 -21.86
N LEU J 150 -5.60 40.38 -22.28
CA LEU J 150 -6.84 41.08 -22.58
C LEU J 150 -7.53 41.59 -21.31
N VAL J 151 -7.54 40.78 -20.25
CA VAL J 151 -8.19 41.20 -19.02
C VAL J 151 -7.36 42.21 -18.23
N ASN J 152 -6.05 42.30 -18.50
CA ASN J 152 -5.22 43.25 -17.77
C ASN J 152 -5.48 44.69 -18.23
N THR J 153 -5.86 44.88 -19.48
CA THR J 153 -6.13 46.21 -20.00
C THR J 153 -7.61 46.58 -20.01
N SER J 154 -8.51 45.59 -20.01
CA SER J 154 -9.94 45.85 -20.02
C SER J 154 -10.56 45.86 -18.62
N GLY J 155 -9.86 45.32 -17.62
CA GLY J 155 -10.37 45.29 -16.27
C GLY J 155 -11.60 44.43 -16.08
N MET J 156 -11.56 43.19 -16.55
CA MET J 156 -12.69 42.28 -16.46
C MET J 156 -12.33 41.03 -15.68
N THR J 157 -13.35 40.40 -15.11
CA THR J 157 -13.21 39.12 -14.42
C THR J 157 -13.69 38.02 -15.38
N LEU J 158 -12.83 37.06 -15.67
CA LEU J 158 -13.09 36.05 -16.69
C LEU J 158 -12.78 34.67 -16.15
N HIS J 159 -13.71 33.73 -16.34
CA HIS J 159 -13.53 32.34 -15.94
C HIS J 159 -13.78 31.44 -17.14
N ILE J 160 -12.85 30.53 -17.41
CA ILE J 160 -12.96 29.58 -18.52
C ILE J 160 -12.77 28.18 -17.97
N ARG J 161 -13.71 27.28 -18.27
CA ARG J 161 -13.64 25.90 -17.82
C ARG J 161 -14.03 24.96 -18.95
N GLN J 162 -13.27 23.87 -19.09
CA GLN J 162 -13.49 22.84 -20.09
C GLN J 162 -14.12 21.62 -19.45
N PHE J 163 -15.20 21.11 -20.04
CA PHE J 163 -15.87 19.93 -19.55
C PHE J 163 -15.59 18.68 -20.37
N SER J 164 -15.29 18.82 -21.66
CA SER J 164 -14.93 17.69 -22.50
C SER J 164 -14.19 18.21 -23.73
N GLY J 165 -13.54 17.30 -24.43
CA GLY J 165 -12.83 17.65 -25.66
C GLY J 165 -11.54 16.90 -25.86
N THR J 166 -11.24 16.55 -27.10
CA THR J 166 -10.02 15.83 -27.43
C THR J 166 -9.22 16.55 -28.52
N ASN J 167 -9.92 17.12 -29.49
CA ASN J 167 -9.27 17.75 -30.63
C ASN J 167 -8.85 19.18 -30.27
N SER J 168 -7.60 19.52 -30.60
CA SER J 168 -7.06 20.83 -30.23
C SER J 168 -7.76 21.96 -30.96
N HIS J 169 -8.04 21.78 -32.27
CA HIS J 169 -8.75 22.80 -33.03
C HIS J 169 -10.15 23.04 -32.47
N HIS J 170 -10.85 21.97 -32.11
CA HIS J 170 -12.22 22.11 -31.62
C HIS J 170 -12.26 22.79 -30.25
N ILE J 171 -11.30 22.49 -29.38
CA ILE J 171 -11.32 23.04 -28.02
C ILE J 171 -11.10 24.54 -28.04
N ILE J 172 -10.09 25.01 -28.77
CA ILE J 172 -9.77 26.43 -28.81
C ILE J 172 -10.89 27.22 -29.48
N GLU J 173 -11.41 26.72 -30.60
CA GLU J 173 -12.37 27.49 -31.38
C GLU J 173 -13.76 27.43 -30.74
N ALA J 174 -14.00 26.45 -29.87
CA ALA J 174 -15.18 26.49 -29.02
C ALA J 174 -15.05 27.52 -27.91
N THR J 175 -13.82 27.76 -27.42
CA THR J 175 -13.60 28.75 -26.38
C THR J 175 -13.92 30.16 -26.88
N PHE J 176 -13.52 30.48 -28.12
CA PHE J 176 -13.76 31.80 -28.67
C PHE J 176 -15.24 32.02 -28.97
N LYS J 177 -15.97 30.96 -29.32
CA LYS J 177 -17.41 31.10 -29.54
C LYS J 177 -18.15 31.43 -28.25
N ALA J 178 -17.79 30.76 -27.14
CA ALA J 178 -18.46 31.02 -25.88
C ALA J 178 -18.10 32.39 -25.32
N PHE J 179 -16.86 32.83 -25.55
CA PHE J 179 -16.45 34.16 -25.09
C PHE J 179 -17.16 35.27 -25.84
N ALA J 180 -17.38 35.08 -27.14
CA ALA J 180 -18.03 36.11 -27.94
C ALA J 180 -19.48 36.31 -27.53
N ARG J 181 -20.22 35.23 -27.30
CA ARG J 181 -21.63 35.34 -26.95
C ARG J 181 -21.83 35.76 -25.50
N ALA J 182 -20.89 35.44 -24.61
CA ALA J 182 -20.98 35.92 -23.24
C ALA J 182 -20.66 37.40 -23.15
N LEU J 183 -19.72 37.88 -23.97
CA LEU J 183 -19.41 39.31 -24.01
C LEU J 183 -20.55 40.10 -24.62
N ARG J 184 -21.23 39.52 -25.61
CA ARG J 184 -22.38 40.19 -26.23
C ARG J 184 -23.50 40.39 -25.22
N GLN J 185 -23.77 39.38 -24.39
CA GLN J 185 -24.85 39.49 -23.41
C GLN J 185 -24.53 40.52 -22.34
N ALA J 186 -23.25 40.65 -21.99
CA ALA J 186 -22.87 41.60 -20.94
C ALA J 186 -22.95 43.04 -21.43
N THR J 187 -22.82 43.26 -22.73
CA THR J 187 -22.80 44.62 -23.26
C THR J 187 -24.16 45.12 -23.73
N GLU J 188 -25.19 44.27 -23.77
CA GLU J 188 -26.51 44.74 -24.14
C GLU J 188 -27.13 45.56 -23.02
N TYR J 189 -27.96 46.53 -23.41
CA TYR J 189 -28.64 47.38 -22.44
C TYR J 189 -29.74 46.60 -21.73
N ASP J 190 -29.82 46.77 -20.42
CA ASP J 190 -30.87 46.12 -19.65
C ASP J 190 -32.18 46.86 -19.87
N THR J 191 -33.27 46.10 -19.98
CA THR J 191 -34.59 46.67 -20.25
C THR J 191 -35.31 47.10 -18.98
N ARG J 192 -34.71 46.90 -17.82
CA ARG J 192 -35.30 47.23 -16.50
C ARG J 192 -36.59 46.43 -16.35
N ARG J 193 -37.66 47.02 -15.82
CA ARG J 193 -38.91 46.30 -15.62
C ARG J 193 -39.69 46.18 -16.93
N ALA K 10 56.70 -23.62 -27.20
CA ALA K 10 55.30 -23.99 -27.02
C ALA K 10 55.05 -24.47 -25.60
N ARG K 11 54.00 -23.92 -24.97
CA ARG K 11 53.65 -24.25 -23.60
C ARG K 11 52.55 -25.31 -23.61
N ILE K 12 52.82 -26.45 -22.98
CA ILE K 12 51.94 -27.62 -23.00
C ILE K 12 51.74 -28.11 -21.58
N GLY K 13 50.50 -28.41 -21.24
CA GLY K 13 50.18 -28.96 -19.93
C GLY K 13 49.41 -30.25 -20.04
N GLU K 14 49.68 -31.17 -19.11
CA GLU K 14 49.00 -32.46 -19.08
C GLU K 14 48.69 -32.85 -17.64
N MET K 15 47.71 -33.73 -17.48
CA MET K 15 47.28 -34.17 -16.15
C MET K 15 46.64 -35.55 -16.26
N LYS K 16 46.84 -36.36 -15.23
CA LYS K 16 46.26 -37.70 -15.17
C LYS K 16 45.91 -37.99 -13.72
N ARG K 17 44.63 -38.27 -13.45
CA ARG K 17 44.15 -38.56 -12.11
C ARG K 17 43.24 -39.77 -12.14
N VAL K 18 43.44 -40.69 -11.20
CA VAL K 18 42.62 -41.89 -11.07
C VAL K 18 42.01 -41.89 -9.67
N THR K 19 40.68 -41.89 -9.60
CA THR K 19 39.95 -42.00 -8.35
C THR K 19 39.02 -43.20 -8.42
N LYS K 20 38.26 -43.42 -7.35
CA LYS K 20 37.31 -44.52 -7.30
C LYS K 20 36.11 -44.31 -8.21
N GLU K 21 35.92 -43.10 -8.74
CA GLU K 21 34.76 -42.79 -9.58
C GLU K 21 35.11 -42.48 -11.02
N THR K 22 36.27 -41.88 -11.29
CA THR K 22 36.57 -41.37 -12.62
C THR K 22 38.03 -41.64 -12.97
N ASN K 23 38.29 -41.74 -14.28
CA ASN K 23 39.64 -41.77 -14.84
C ASN K 23 39.71 -40.70 -15.91
N VAL K 24 40.64 -39.75 -15.76
CA VAL K 24 40.70 -38.56 -16.59
C VAL K 24 42.13 -38.33 -17.06
N SER K 25 42.29 -38.05 -18.35
CA SER K 25 43.55 -37.61 -18.93
C SER K 25 43.29 -36.38 -19.80
N VAL K 26 44.05 -35.31 -19.57
CA VAL K 26 43.81 -34.03 -20.21
C VAL K 26 45.14 -33.47 -20.71
N LYS K 27 45.13 -32.93 -21.94
CA LYS K 27 46.31 -32.28 -22.52
C LYS K 27 45.90 -30.96 -23.16
N ILE K 28 46.62 -29.89 -22.84
CA ILE K 28 46.32 -28.54 -23.31
C ILE K 28 47.59 -27.94 -23.90
N ASN K 29 47.45 -27.28 -25.05
CA ASN K 29 48.55 -26.59 -25.71
C ASN K 29 48.09 -25.16 -25.98
N LEU K 30 48.80 -24.18 -25.40
CA LEU K 30 48.40 -22.79 -25.53
C LEU K 30 48.76 -22.22 -26.90
N ASP K 31 49.84 -22.71 -27.52
CA ASP K 31 50.24 -22.28 -28.86
C ASP K 31 49.80 -23.35 -29.85
N GLY K 32 48.53 -23.30 -30.24
CA GLY K 32 47.94 -24.29 -31.09
C GLY K 32 47.25 -23.67 -32.30
N THR K 33 46.62 -24.54 -33.09
CA THR K 33 45.91 -24.15 -34.29
C THR K 33 44.42 -24.51 -34.24
N GLY K 34 43.93 -25.00 -33.11
CA GLY K 34 42.53 -25.33 -32.96
C GLY K 34 42.17 -26.79 -33.09
N VAL K 35 43.11 -27.70 -32.83
CA VAL K 35 42.81 -29.12 -32.88
C VAL K 35 41.97 -29.50 -31.67
N ALA K 36 40.86 -30.21 -31.90
CA ALA K 36 39.96 -30.62 -30.84
C ALA K 36 39.77 -32.13 -30.89
N ASP K 37 40.13 -32.82 -29.82
CA ASP K 37 39.91 -34.25 -29.66
C ASP K 37 39.36 -34.48 -28.25
N ASN K 38 38.04 -34.41 -28.11
CA ASN K 38 37.38 -34.51 -26.82
C ASN K 38 36.43 -35.70 -26.82
N SER K 39 36.58 -36.57 -25.82
CA SER K 39 35.74 -37.76 -25.73
C SER K 39 35.55 -38.11 -24.25
N SER K 40 34.45 -37.66 -23.68
CA SER K 40 34.01 -38.05 -22.35
C SER K 40 32.64 -38.71 -22.46
N GLY K 41 32.03 -39.00 -21.33
CA GLY K 41 30.71 -39.57 -21.31
C GLY K 41 29.58 -38.57 -21.39
N ILE K 42 29.88 -37.29 -21.56
CA ILE K 42 28.89 -36.24 -21.61
C ILE K 42 28.98 -35.57 -22.99
N PRO K 43 28.09 -35.93 -23.91
CA PRO K 43 28.18 -35.37 -25.27
C PRO K 43 28.05 -33.86 -25.36
N PHE K 44 27.23 -33.24 -24.49
CA PHE K 44 27.06 -31.79 -24.57
C PHE K 44 28.31 -31.06 -24.10
N LEU K 45 29.01 -31.61 -23.11
CA LEU K 45 30.26 -31.00 -22.66
C LEU K 45 31.33 -31.06 -23.75
N ASP K 46 31.33 -32.14 -24.54
CA ASP K 46 32.26 -32.24 -25.65
C ASP K 46 31.98 -31.19 -26.72
N HIS K 47 30.70 -30.89 -26.94
CA HIS K 47 30.33 -29.81 -27.86
C HIS K 47 30.85 -28.47 -27.36
N MET K 48 30.84 -28.26 -26.04
CA MET K 48 31.31 -27.00 -25.47
C MET K 48 32.83 -26.90 -25.55
N LEU K 49 33.54 -28.00 -25.31
CA LEU K 49 35.00 -27.98 -25.30
C LEU K 49 35.56 -27.79 -26.70
N ASP K 50 34.81 -28.18 -27.73
CA ASP K 50 35.27 -27.96 -29.10
C ASP K 50 35.30 -26.48 -29.45
N GLN K 51 34.33 -25.70 -28.95
CA GLN K 51 34.31 -24.27 -29.22
C GLN K 51 35.47 -23.55 -28.55
N LEU K 52 35.96 -24.07 -27.43
CA LEU K 52 37.13 -23.47 -26.78
C LEU K 52 38.38 -23.62 -27.65
N ALA K 53 38.48 -24.73 -28.38
CA ALA K 53 39.62 -24.93 -29.26
C ALA K 53 39.52 -24.07 -30.52
N SER K 54 38.34 -23.97 -31.11
CA SER K 54 38.20 -23.24 -32.38
C SER K 54 38.30 -21.74 -32.17
N HIS K 55 37.61 -21.21 -31.16
CA HIS K 55 37.60 -19.76 -30.95
C HIS K 55 38.84 -19.27 -30.22
N GLY K 56 39.45 -20.11 -29.38
CA GLY K 56 40.64 -19.73 -28.67
C GLY K 56 41.95 -20.12 -29.33
N LEU K 57 41.89 -20.88 -30.41
CA LEU K 57 43.07 -21.41 -31.11
C LEU K 57 43.96 -22.22 -30.17
N PHE K 58 43.34 -22.99 -29.28
CA PHE K 58 44.04 -23.92 -28.40
C PHE K 58 43.93 -25.34 -28.93
N ASP K 59 44.81 -26.20 -28.44
CA ASP K 59 44.76 -27.63 -28.71
C ASP K 59 44.28 -28.31 -27.42
N VAL K 60 43.08 -28.88 -27.46
CA VAL K 60 42.44 -29.45 -26.28
C VAL K 60 42.20 -30.94 -26.53
N HIS K 61 42.68 -31.78 -25.62
CA HIS K 61 42.48 -33.22 -25.68
C HIS K 61 42.00 -33.70 -24.32
N VAL K 62 40.79 -34.27 -24.28
CA VAL K 62 40.21 -34.78 -23.04
C VAL K 62 39.74 -36.20 -23.27
N LYS K 63 40.15 -37.11 -22.38
CA LYS K 63 39.67 -38.50 -22.37
C LYS K 63 39.23 -38.83 -20.96
N ALA K 64 37.98 -39.26 -20.81
CA ALA K 64 37.44 -39.51 -19.48
C ALA K 64 36.40 -40.61 -19.52
N THR K 65 36.39 -41.44 -18.48
CA THR K 65 35.35 -42.42 -18.26
C THR K 65 35.01 -42.42 -16.78
N GLY K 66 33.76 -42.76 -16.46
CA GLY K 66 33.33 -42.67 -15.08
C GLY K 66 31.95 -43.26 -14.87
N ASP K 67 31.44 -43.05 -13.67
CA ASP K 67 30.16 -43.63 -13.24
C ASP K 67 29.00 -42.71 -13.65
N THR K 68 28.79 -42.64 -14.97
CA THR K 68 27.69 -41.84 -15.50
C THR K 68 26.34 -42.49 -15.31
N HIS K 69 26.29 -43.77 -14.89
CA HIS K 69 25.02 -44.41 -14.64
C HIS K 69 24.31 -43.84 -13.42
N ILE K 70 25.05 -43.21 -12.51
CA ILE K 70 24.44 -42.50 -11.39
C ILE K 70 24.07 -41.07 -11.77
N ASP K 71 25.05 -40.30 -12.23
CA ASP K 71 24.86 -38.90 -12.58
C ASP K 71 26.06 -38.46 -13.40
N ASP K 72 25.94 -37.27 -13.99
CA ASP K 72 27.06 -36.63 -14.66
C ASP K 72 27.87 -35.73 -13.72
N HIS K 73 27.50 -35.67 -12.45
CA HIS K 73 28.12 -34.73 -11.52
C HIS K 73 29.60 -35.04 -11.30
N HIS K 74 29.91 -36.30 -10.99
CA HIS K 74 31.29 -36.64 -10.62
C HIS K 74 32.23 -36.54 -11.82
N THR K 75 31.74 -36.89 -13.01
CA THR K 75 32.57 -36.77 -14.21
C THR K 75 32.79 -35.31 -14.60
N ASN K 76 31.75 -34.48 -14.50
CA ASN K 76 31.86 -33.07 -14.83
C ASN K 76 32.83 -32.35 -13.91
N GLU K 77 32.80 -32.68 -12.61
CA GLU K 77 33.67 -32.03 -11.64
C GLU K 77 35.13 -32.40 -11.86
N ASP K 78 35.41 -33.67 -12.16
CA ASP K 78 36.79 -34.11 -12.29
C ASP K 78 37.45 -33.61 -13.57
N VAL K 79 36.68 -33.44 -14.64
CA VAL K 79 37.22 -32.89 -15.88
C VAL K 79 37.64 -31.44 -15.68
N ALA K 80 36.83 -30.66 -14.97
CA ALA K 80 37.13 -29.25 -14.77
C ALA K 80 38.37 -29.06 -13.91
N LEU K 81 38.56 -29.91 -12.89
CA LEU K 81 39.75 -29.82 -12.05
C LEU K 81 41.02 -30.14 -12.85
N ALA K 82 40.94 -31.13 -13.75
CA ALA K 82 42.11 -31.52 -14.52
C ALA K 82 42.50 -30.45 -15.53
N ILE K 83 41.52 -29.79 -16.14
CA ILE K 83 41.80 -28.72 -17.10
C ILE K 83 42.47 -27.54 -16.40
N GLY K 84 42.00 -27.21 -15.19
CA GLY K 84 42.59 -26.10 -14.46
C GLY K 84 44.03 -26.36 -14.05
N THR K 85 44.33 -27.58 -13.64
CA THR K 85 45.70 -27.91 -13.24
C THR K 85 46.65 -27.88 -14.44
N ALA K 86 46.21 -28.42 -15.58
CA ALA K 86 47.06 -28.42 -16.77
C ALA K 86 47.30 -27.01 -17.29
N LEU K 87 46.31 -26.13 -17.14
CA LEU K 87 46.48 -24.73 -17.54
C LEU K 87 47.53 -24.04 -16.68
N LEU K 88 47.54 -24.32 -15.38
CA LEU K 88 48.50 -23.69 -14.47
C LEU K 88 49.93 -24.08 -14.82
N GLN K 89 50.16 -25.36 -15.14
CA GLN K 89 51.52 -25.81 -15.39
C GLN K 89 52.04 -25.30 -16.74
N ALA K 90 51.13 -25.14 -17.71
CA ALA K 90 51.54 -24.61 -19.01
C ALA K 90 51.90 -23.12 -18.92
N LEU K 91 51.24 -22.39 -18.02
CA LEU K 91 51.53 -20.96 -17.88
C LEU K 91 52.93 -20.73 -17.32
N GLY K 92 53.34 -21.54 -16.35
CA GLY K 92 54.67 -21.37 -15.77
C GLY K 92 54.77 -20.09 -14.96
N ASP K 93 55.81 -19.30 -15.25
CA ASP K 93 56.07 -18.09 -14.50
C ASP K 93 55.20 -16.90 -14.93
N ARG K 94 54.50 -17.01 -16.05
CA ARG K 94 53.60 -15.97 -16.55
C ARG K 94 54.33 -14.65 -16.77
N LYS K 95 55.54 -14.72 -17.31
CA LYS K 95 56.37 -13.54 -17.52
C LYS K 95 56.22 -13.06 -18.96
N GLY K 96 55.92 -11.77 -19.12
CA GLY K 96 55.78 -11.17 -20.43
C GLY K 96 54.43 -11.32 -21.09
N ILE K 97 53.41 -11.76 -20.35
CA ILE K 97 52.08 -11.95 -20.90
C ILE K 97 51.18 -10.81 -20.46
N ASN K 98 50.04 -10.68 -21.13
CA ASN K 98 49.12 -9.57 -20.87
C ASN K 98 48.44 -9.71 -19.51
N ARG K 99 48.10 -10.95 -19.12
CA ARG K 99 47.44 -11.35 -17.88
C ARG K 99 46.00 -10.87 -17.76
N PHE K 100 45.48 -10.12 -18.73
CA PHE K 100 44.12 -9.60 -18.67
C PHE K 100 43.40 -9.89 -19.97
N GLY K 101 42.11 -10.23 -19.87
CA GLY K 101 41.30 -10.50 -21.03
C GLY K 101 39.85 -10.06 -20.87
N ASN K 102 39.29 -9.46 -21.92
CA ASN K 102 37.91 -9.00 -21.92
C ASN K 102 37.28 -9.29 -23.27
N PHE K 103 36.03 -9.75 -23.26
CA PHE K 103 35.31 -10.02 -24.50
C PHE K 103 33.82 -10.13 -24.24
N SER K 104 33.03 -9.59 -25.16
CA SER K 104 31.59 -9.77 -25.19
C SER K 104 31.21 -10.52 -26.46
N ALA K 105 30.41 -11.58 -26.32
CA ALA K 105 30.08 -12.45 -27.44
C ALA K 105 28.57 -12.45 -27.68
N PRO K 106 28.11 -12.02 -28.86
CA PRO K 106 26.69 -12.14 -29.18
C PRO K 106 26.38 -13.43 -29.94
N LEU K 107 25.26 -14.03 -29.60
CA LEU K 107 24.77 -15.24 -30.28
C LEU K 107 23.25 -15.11 -30.38
N ASP K 108 22.79 -14.59 -31.53
CA ASP K 108 21.38 -14.32 -31.80
C ASP K 108 20.88 -13.35 -30.72
N GLU K 109 19.92 -13.73 -29.89
CA GLU K 109 19.40 -12.84 -28.86
C GLU K 109 20.25 -12.82 -27.59
N ALA K 110 21.23 -13.69 -27.46
CA ALA K 110 22.04 -13.79 -26.26
C ALA K 110 23.28 -12.92 -26.34
N LEU K 111 23.74 -12.45 -25.19
CA LEU K 111 24.92 -11.59 -25.10
C LEU K 111 25.56 -11.78 -23.72
N VAL K 112 26.79 -12.28 -23.70
CA VAL K 112 27.50 -12.60 -22.46
C VAL K 112 28.86 -11.90 -22.49
N HIS K 113 29.23 -11.28 -21.37
CA HIS K 113 30.52 -10.63 -21.21
C HIS K 113 31.37 -11.37 -20.19
N VAL K 114 32.66 -11.54 -20.50
CA VAL K 114 33.59 -12.29 -19.66
C VAL K 114 34.80 -11.40 -19.38
N SER K 115 35.17 -11.30 -18.10
CA SER K 115 36.37 -10.58 -17.68
C SER K 115 37.19 -11.49 -16.78
N LEU K 116 38.47 -11.66 -17.09
CA LEU K 116 39.33 -12.55 -16.33
C LEU K 116 40.72 -11.93 -16.16
N ASP K 117 41.42 -12.41 -15.15
CA ASP K 117 42.79 -12.00 -14.88
C ASP K 117 43.53 -13.13 -14.17
N LEU K 118 44.73 -13.44 -14.64
CA LEU K 118 45.54 -14.54 -14.10
C LEU K 118 46.45 -13.99 -13.02
N SER K 119 46.06 -14.15 -11.75
CA SER K 119 46.75 -13.52 -10.64
C SER K 119 47.21 -14.47 -9.55
N GLY K 120 46.74 -15.71 -9.52
CA GLY K 120 47.03 -16.62 -8.43
C GLY K 120 46.02 -16.61 -7.31
N ARG K 121 45.03 -15.72 -7.35
CA ARG K 121 43.99 -15.67 -6.34
C ARG K 121 42.67 -16.13 -6.94
N PRO K 122 42.10 -17.25 -6.49
CA PRO K 122 40.89 -17.79 -7.13
C PRO K 122 39.64 -17.04 -6.67
N HIS K 123 38.81 -16.66 -7.64
CA HIS K 123 37.52 -16.04 -7.36
C HIS K 123 36.62 -16.24 -8.58
N LEU K 124 35.34 -16.50 -8.34
CA LEU K 124 34.36 -16.65 -9.40
C LEU K 124 33.18 -15.71 -9.16
N GLY K 125 32.87 -14.89 -10.16
CA GLY K 125 31.65 -14.11 -10.14
C GLY K 125 30.69 -14.59 -11.22
N TYR K 126 29.61 -15.24 -10.81
CA TYR K 126 28.71 -15.93 -11.73
C TYR K 126 27.35 -15.23 -11.72
N ASP K 127 26.95 -14.69 -12.88
CA ASP K 127 25.63 -14.07 -13.04
C ASP K 127 25.05 -14.58 -14.37
N LEU K 128 24.36 -15.71 -14.30
CA LEU K 128 23.70 -16.30 -15.46
C LEU K 128 22.28 -16.67 -15.08
N ASN K 129 21.37 -16.60 -16.06
CA ASN K 129 19.96 -16.94 -15.86
C ASN K 129 19.54 -17.92 -16.95
N ILE K 130 19.74 -19.21 -16.69
CA ILE K 130 19.39 -20.26 -17.64
C ILE K 130 17.95 -20.68 -17.35
N PRO K 131 17.04 -20.56 -18.31
CA PRO K 131 15.61 -20.76 -18.00
C PRO K 131 15.22 -22.22 -17.80
N THR K 132 15.83 -23.15 -18.51
CA THR K 132 15.42 -24.54 -18.45
C THR K 132 16.37 -25.37 -17.59
N GLN K 133 15.87 -26.51 -17.13
CA GLN K 133 16.63 -27.39 -16.25
C GLN K 133 17.51 -28.38 -17.01
N ARG K 134 17.13 -28.75 -18.24
CA ARG K 134 17.90 -29.66 -19.07
C ARG K 134 18.01 -29.07 -20.47
N VAL K 135 19.18 -29.22 -21.08
CA VAL K 135 19.39 -28.78 -22.46
C VAL K 135 19.17 -29.99 -23.37
N GLY K 136 20.00 -31.02 -23.20
CA GLY K 136 19.74 -32.31 -23.79
C GLY K 136 19.50 -33.32 -22.69
N LYS K 137 20.53 -34.13 -22.40
CA LYS K 137 20.59 -34.90 -21.16
C LYS K 137 21.43 -34.19 -20.10
N TYR K 138 21.92 -32.99 -20.40
CA TYR K 138 22.85 -32.28 -19.54
C TYR K 138 22.10 -31.42 -18.53
N ASP K 139 22.46 -31.57 -17.26
CA ASP K 139 21.86 -30.78 -16.19
C ASP K 139 22.48 -29.40 -16.13
N THR K 140 21.64 -28.36 -16.17
CA THR K 140 22.15 -26.99 -16.31
C THR K 140 22.78 -26.47 -15.03
N GLN K 141 22.60 -27.15 -13.90
CA GLN K 141 23.28 -26.75 -12.67
C GLN K 141 24.78 -27.01 -12.73
N LEU K 142 25.24 -27.82 -13.69
CA LEU K 142 26.65 -28.17 -13.79
C LEU K 142 27.48 -27.11 -14.51
N VAL K 143 26.84 -26.10 -15.12
CA VAL K 143 27.60 -25.02 -15.75
C VAL K 143 28.35 -24.20 -14.71
N GLU K 144 27.68 -23.87 -13.61
CA GLU K 144 28.34 -23.18 -12.51
C GLU K 144 29.42 -24.05 -11.86
N HIS K 145 29.12 -25.34 -11.67
CA HIS K 145 30.09 -26.23 -11.02
C HIS K 145 31.33 -26.43 -11.87
N PHE K 146 31.19 -26.37 -13.19
CA PHE K 146 32.36 -26.51 -14.07
C PHE K 146 33.32 -25.35 -13.90
N PHE K 147 32.80 -24.12 -13.92
CA PHE K 147 33.68 -22.95 -13.85
C PHE K 147 34.22 -22.71 -12.45
N GLN K 148 33.50 -23.14 -11.42
CA GLN K 148 34.01 -23.01 -10.06
C GLN K 148 35.20 -23.92 -9.82
N SER K 149 35.14 -25.15 -10.35
CA SER K 149 36.25 -26.08 -10.17
C SER K 149 37.46 -25.69 -11.01
N LEU K 150 37.24 -25.00 -12.13
CA LEU K 150 38.35 -24.60 -12.98
C LEU K 150 39.19 -23.50 -12.34
N VAL K 151 38.55 -22.52 -11.71
CA VAL K 151 39.30 -21.44 -11.09
C VAL K 151 39.94 -21.85 -9.77
N ASN K 152 39.47 -22.94 -9.15
CA ASN K 152 40.06 -23.37 -7.89
C ASN K 152 41.44 -24.00 -8.10
N THR K 153 41.67 -24.62 -9.25
CA THR K 153 42.95 -25.25 -9.54
C THR K 153 43.88 -24.39 -10.38
N SER K 154 43.34 -23.43 -11.14
CA SER K 154 44.15 -22.56 -11.97
C SER K 154 44.52 -21.25 -11.30
N GLY K 155 43.84 -20.88 -10.21
CA GLY K 155 44.13 -19.65 -9.51
C GLY K 155 43.86 -18.39 -10.30
N MET K 156 42.67 -18.28 -10.89
CA MET K 156 42.30 -17.13 -11.71
C MET K 156 41.08 -16.43 -11.14
N THR K 157 40.96 -15.15 -11.47
CA THR K 157 39.80 -14.34 -11.12
C THR K 157 38.91 -14.24 -12.37
N LEU K 158 37.66 -14.67 -12.25
CA LEU K 158 36.77 -14.78 -13.39
C LEU K 158 35.42 -14.15 -13.07
N HIS K 159 34.93 -13.32 -13.98
CA HIS K 159 33.62 -12.68 -13.86
C HIS K 159 32.80 -12.96 -15.11
N ILE K 160 31.57 -13.44 -14.92
CA ILE K 160 30.66 -13.75 -16.02
C ILE K 160 29.35 -13.02 -15.78
N ARG K 161 28.89 -12.26 -16.77
CA ARG K 161 27.64 -11.52 -16.66
C ARG K 161 26.84 -11.65 -17.96
N GLN K 162 25.53 -11.87 -17.82
CA GLN K 162 24.61 -12.00 -18.93
C GLN K 162 23.80 -10.72 -19.08
N PHE K 163 23.72 -10.20 -20.29
CA PHE K 163 22.95 -9.00 -20.58
C PHE K 163 21.63 -9.27 -21.28
N SER K 164 21.53 -10.36 -22.04
CA SER K 164 20.29 -10.74 -22.70
C SER K 164 20.37 -12.22 -23.07
N GLY K 165 19.22 -12.79 -23.39
CA GLY K 165 19.15 -14.18 -23.81
C GLY K 165 17.93 -14.92 -23.32
N THR K 166 17.38 -15.79 -24.15
CA THR K 166 16.21 -16.57 -23.79
C THR K 166 16.45 -18.07 -23.97
N ASN K 167 17.17 -18.44 -25.03
CA ASN K 167 17.39 -19.83 -25.36
C ASN K 167 18.56 -20.40 -24.54
N SER K 168 18.34 -21.57 -23.95
CA SER K 168 19.35 -22.17 -23.07
C SER K 168 20.60 -22.57 -23.82
N HIS K 169 20.44 -23.15 -25.02
CA HIS K 169 21.59 -23.53 -25.83
C HIS K 169 22.42 -22.32 -26.22
N HIS K 170 21.76 -21.22 -26.60
CA HIS K 170 22.47 -20.03 -27.05
C HIS K 170 23.22 -19.36 -25.90
N ILE K 171 22.64 -19.34 -24.70
CA ILE K 171 23.25 -18.65 -23.57
C ILE K 171 24.54 -19.35 -23.14
N ILE K 172 24.49 -20.67 -22.98
CA ILE K 172 25.66 -21.41 -22.52
C ILE K 172 26.78 -21.37 -23.56
N GLU K 173 26.43 -21.57 -24.83
CA GLU K 173 27.46 -21.70 -25.85
C GLU K 173 28.02 -20.33 -26.24
N ALA K 174 27.29 -19.25 -25.93
CA ALA K 174 27.88 -17.92 -26.01
C ALA K 174 28.85 -17.65 -24.87
N THR K 175 28.62 -18.26 -23.69
CA THR K 175 29.52 -18.09 -22.56
C THR K 175 30.89 -18.70 -22.86
N PHE K 176 30.91 -19.88 -23.48
CA PHE K 176 32.17 -20.54 -23.78
C PHE K 176 32.95 -19.82 -24.87
N LYS K 177 32.25 -19.17 -25.81
CA LYS K 177 32.93 -18.40 -26.84
C LYS K 177 33.64 -17.18 -26.24
N ALA K 178 32.98 -16.47 -25.32
CA ALA K 178 33.58 -15.29 -24.72
C ALA K 178 34.73 -15.67 -23.79
N PHE K 179 34.62 -16.81 -23.11
CA PHE K 179 35.70 -17.26 -22.23
C PHE K 179 36.94 -17.66 -23.02
N ALA K 180 36.75 -18.28 -24.18
CA ALA K 180 37.89 -18.73 -24.98
C ALA K 180 38.69 -17.55 -25.52
N ARG K 181 38.01 -16.52 -26.03
CA ARG K 181 38.71 -15.39 -26.60
C ARG K 181 39.29 -14.46 -25.54
N ALA K 182 38.70 -14.41 -24.36
CA ALA K 182 39.28 -13.64 -23.27
C ALA K 182 40.51 -14.33 -22.70
N LEU K 183 40.50 -15.66 -22.65
CA LEU K 183 41.67 -16.40 -22.19
C LEU K 183 42.80 -16.31 -23.20
N ARG K 184 42.47 -16.28 -24.49
CA ARG K 184 43.50 -16.14 -25.53
C ARG K 184 44.21 -14.80 -25.41
N GLN K 185 43.47 -13.73 -25.16
CA GLN K 185 44.08 -12.41 -25.06
C GLN K 185 44.98 -12.29 -23.84
N ALA K 186 44.61 -12.98 -22.75
CA ALA K 186 45.42 -12.90 -21.53
C ALA K 186 46.72 -13.68 -21.65
N THR K 187 46.76 -14.69 -22.52
CA THR K 187 47.95 -15.52 -22.63
C THR K 187 48.91 -15.08 -23.73
N GLU K 188 48.55 -14.11 -24.56
CA GLU K 188 49.48 -13.63 -25.57
C GLU K 188 50.57 -12.78 -24.93
N TYR K 189 51.75 -12.81 -25.54
CA TYR K 189 52.88 -12.03 -25.05
C TYR K 189 52.67 -10.55 -25.35
N ASP K 190 52.97 -9.71 -24.37
CA ASP K 190 52.86 -8.28 -24.56
C ASP K 190 54.05 -7.80 -25.39
N THR K 191 53.78 -6.86 -26.30
CA THR K 191 54.81 -6.34 -27.21
C THR K 191 55.60 -5.19 -26.60
N ARG K 192 55.27 -4.77 -25.39
CA ARG K 192 55.91 -3.64 -24.68
C ARG K 192 55.72 -2.39 -25.53
N ARG K 193 56.73 -1.54 -25.66
CA ARG K 193 56.59 -0.31 -26.43
C ARG K 193 56.69 -0.59 -27.93
N ALA L 10 2.63 -25.88 -61.94
CA ALA L 10 2.88 -26.26 -60.55
C ALA L 10 4.20 -25.68 -60.06
N ARG L 11 4.17 -25.04 -58.89
CA ARG L 11 5.33 -24.40 -58.29
C ARG L 11 5.95 -25.35 -57.28
N ILE L 12 7.23 -25.69 -57.49
CA ILE L 12 7.93 -26.69 -56.69
C ILE L 12 9.27 -26.11 -56.26
N GLY L 13 9.60 -26.30 -54.99
CA GLY L 13 10.88 -25.86 -54.46
C GLY L 13 11.63 -26.99 -53.80
N GLU L 14 12.96 -26.97 -53.93
CA GLU L 14 13.81 -27.99 -53.34
C GLU L 14 15.08 -27.35 -52.79
N MET L 15 15.71 -28.03 -51.84
CA MET L 15 16.91 -27.52 -51.19
C MET L 15 17.73 -28.69 -50.66
N LYS L 16 19.05 -28.53 -50.71
CA LYS L 16 19.97 -29.55 -50.19
C LYS L 16 21.17 -28.84 -49.59
N ARG L 17 21.43 -29.07 -48.30
CA ARG L 17 22.54 -28.45 -47.60
C ARG L 17 23.27 -29.49 -46.77
N VAL L 18 24.60 -29.48 -46.85
CA VAL L 18 25.45 -30.38 -46.08
C VAL L 18 26.38 -29.53 -45.22
N THR L 19 26.30 -29.71 -43.90
CA THR L 19 27.20 -29.06 -42.96
C THR L 19 27.89 -30.13 -42.12
N LYS L 20 28.73 -29.68 -41.19
CA LYS L 20 29.44 -30.60 -40.30
C LYS L 20 28.53 -31.26 -39.28
N GLU L 21 27.29 -30.79 -39.14
CA GLU L 21 26.37 -31.33 -38.14
C GLU L 21 25.16 -32.03 -38.74
N THR L 22 24.67 -31.58 -39.89
CA THR L 22 23.39 -32.06 -40.41
C THR L 22 23.47 -32.26 -41.92
N ASN L 23 22.64 -33.17 -42.42
CA ASN L 23 22.39 -33.35 -43.84
C ASN L 23 20.89 -33.30 -44.06
N VAL L 24 20.43 -32.36 -44.90
CA VAL L 24 19.01 -32.06 -45.04
C VAL L 24 18.66 -31.98 -46.52
N SER L 25 17.57 -32.62 -46.91
CA SER L 25 16.97 -32.49 -48.23
C SER L 25 15.47 -32.24 -48.07
N VAL L 26 14.96 -31.20 -48.72
CA VAL L 26 13.59 -30.75 -48.53
C VAL L 26 12.97 -30.47 -49.90
N LYS L 27 11.72 -30.91 -50.10
CA LYS L 27 10.98 -30.64 -51.32
C LYS L 27 9.56 -30.20 -50.97
N ILE L 28 9.12 -29.10 -51.56
CA ILE L 28 7.81 -28.50 -51.29
C ILE L 28 7.10 -28.25 -52.61
N ASN L 29 5.80 -28.59 -52.65
CA ASN L 29 4.96 -28.36 -53.82
C ASN L 29 3.73 -27.59 -53.35
N LEU L 30 3.54 -26.38 -53.88
CA LEU L 30 2.43 -25.54 -53.44
C LEU L 30 1.09 -26.00 -54.02
N ASP L 31 1.10 -26.59 -55.21
CA ASP L 31 -0.11 -27.12 -55.83
C ASP L 31 -0.11 -28.64 -55.65
N GLY L 32 -0.55 -29.07 -54.46
CA GLY L 32 -0.52 -30.46 -54.10
C GLY L 32 -1.88 -30.95 -53.61
N THR L 33 -1.90 -32.22 -53.19
CA THR L 33 -3.10 -32.86 -52.69
C THR L 33 -2.96 -33.34 -51.24
N GLY L 34 -1.86 -33.00 -50.58
CA GLY L 34 -1.66 -33.37 -49.20
C GLY L 34 -0.77 -34.57 -48.94
N VAL L 35 0.14 -34.89 -49.86
CA VAL L 35 1.06 -35.99 -49.64
C VAL L 35 2.11 -35.58 -48.62
N ALA L 36 2.32 -36.43 -47.62
CA ALA L 36 3.28 -36.15 -46.56
C ALA L 36 4.27 -37.30 -46.46
N ASP L 37 5.55 -37.01 -46.65
CA ASP L 37 6.64 -37.97 -46.48
C ASP L 37 7.75 -37.26 -45.69
N ASN L 38 7.67 -37.34 -44.36
CA ASN L 38 8.59 -36.65 -43.48
C ASN L 38 9.32 -37.66 -42.61
N SER L 39 10.66 -37.58 -42.61
CA SER L 39 11.47 -38.51 -41.84
C SER L 39 12.75 -37.79 -41.40
N SER L 40 12.73 -37.27 -40.19
CA SER L 40 13.91 -36.72 -39.53
C SER L 40 14.15 -37.49 -38.24
N GLY L 41 15.11 -37.03 -37.45
CA GLY L 41 15.39 -37.65 -36.17
C GLY L 41 14.52 -37.18 -35.03
N ILE L 42 13.54 -36.32 -35.29
CA ILE L 42 12.67 -35.77 -34.27
C ILE L 42 11.24 -36.21 -34.58
N PRO L 43 10.74 -37.24 -33.90
CA PRO L 43 9.39 -37.75 -34.21
C PRO L 43 8.27 -36.75 -34.02
N PHE L 44 8.37 -35.85 -33.03
CA PHE L 44 7.29 -34.89 -32.80
C PHE L 44 7.24 -33.85 -33.89
N LEU L 45 8.40 -33.45 -34.43
CA LEU L 45 8.41 -32.50 -35.54
C LEU L 45 7.79 -33.11 -36.80
N ASP L 46 7.98 -34.42 -36.99
CA ASP L 46 7.35 -35.09 -38.12
C ASP L 46 5.83 -35.10 -37.99
N HIS L 47 5.33 -35.25 -36.76
CA HIS L 47 3.90 -35.16 -36.52
C HIS L 47 3.37 -33.78 -36.86
N MET L 48 4.16 -32.73 -36.59
CA MET L 48 3.74 -31.37 -36.88
C MET L 48 3.76 -31.10 -38.38
N LEU L 49 4.77 -31.60 -39.09
CA LEU L 49 4.90 -31.34 -40.52
C LEU L 49 3.83 -32.05 -41.32
N ASP L 50 3.29 -33.16 -40.80
CA ASP L 50 2.21 -33.85 -41.49
C ASP L 50 0.93 -33.02 -41.51
N GLN L 51 0.65 -32.29 -40.42
CA GLN L 51 -0.54 -31.45 -40.38
C GLN L 51 -0.45 -30.30 -41.35
N LEU L 52 0.75 -29.82 -41.66
CA LEU L 52 0.91 -28.75 -42.65
C LEU L 52 0.52 -29.24 -44.04
N ALA L 53 0.78 -30.52 -44.34
CA ALA L 53 0.41 -31.07 -45.64
C ALA L 53 -1.10 -31.32 -45.72
N SER L 54 -1.71 -31.85 -44.67
CA SER L 54 -3.12 -32.21 -44.73
C SER L 54 -4.01 -30.97 -44.71
N HIS L 55 -3.72 -30.02 -43.82
CA HIS L 55 -4.58 -28.85 -43.69
C HIS L 55 -4.28 -27.79 -44.75
N GLY L 56 -3.05 -27.73 -45.23
CA GLY L 56 -2.69 -26.77 -46.25
C GLY L 56 -2.76 -27.28 -47.67
N LEU L 57 -3.01 -28.57 -47.86
CA LEU L 57 -3.02 -29.22 -49.18
C LEU L 57 -1.70 -29.02 -49.91
N PHE L 58 -0.59 -29.07 -49.18
CA PHE L 58 0.74 -29.02 -49.75
C PHE L 58 1.35 -30.42 -49.82
N ASP L 59 2.38 -30.55 -50.63
CA ASP L 59 3.19 -31.77 -50.70
C ASP L 59 4.52 -31.46 -50.03
N VAL L 60 4.78 -32.09 -48.90
CA VAL L 60 5.95 -31.82 -48.08
C VAL L 60 6.78 -33.09 -47.96
N HIS L 61 8.07 -32.99 -48.32
CA HIS L 61 9.01 -34.10 -48.20
C HIS L 61 10.26 -33.60 -47.51
N VAL L 62 10.58 -34.18 -46.35
CA VAL L 62 11.74 -33.81 -45.57
C VAL L 62 12.53 -35.06 -45.23
N LYS L 63 13.84 -35.04 -45.51
CA LYS L 63 14.76 -36.10 -45.11
C LYS L 63 15.95 -35.46 -44.44
N ALA L 64 16.23 -35.87 -43.20
CA ALA L 64 17.30 -35.24 -42.44
C ALA L 64 17.94 -36.23 -41.49
N THR L 65 19.26 -36.13 -41.32
CA THR L 65 19.99 -36.85 -40.31
C THR L 65 21.01 -35.90 -39.70
N GLY L 66 21.35 -36.14 -38.43
CA GLY L 66 22.23 -35.21 -37.75
C GLY L 66 22.65 -35.72 -36.39
N ASP L 67 23.31 -34.84 -35.65
CA ASP L 67 23.90 -35.18 -34.35
C ASP L 67 22.85 -35.00 -33.24
N THR L 68 21.84 -35.87 -33.28
CA THR L 68 20.80 -35.84 -32.26
C THR L 68 21.26 -36.41 -30.92
N HIS L 69 22.44 -37.04 -30.87
CA HIS L 69 22.95 -37.54 -29.61
C HIS L 69 23.34 -36.43 -28.66
N ILE L 70 23.63 -35.23 -29.18
CA ILE L 70 23.87 -34.07 -28.34
C ILE L 70 22.56 -33.37 -27.97
N ASP L 71 21.80 -32.96 -28.97
CA ASP L 71 20.56 -32.23 -28.78
C ASP L 71 19.78 -32.27 -30.09
N ASP L 72 18.53 -31.84 -30.02
CA ASP L 72 17.71 -31.64 -31.21
C ASP L 72 17.83 -30.23 -31.78
N HIS L 73 18.66 -29.38 -31.17
CA HIS L 73 18.72 -27.98 -31.56
C HIS L 73 19.24 -27.81 -32.99
N HIS L 74 20.37 -28.45 -33.30
CA HIS L 74 21.01 -28.21 -34.60
C HIS L 74 20.18 -28.80 -35.74
N THR L 75 19.52 -29.93 -35.50
CA THR L 75 18.66 -30.52 -36.54
C THR L 75 17.40 -29.70 -36.75
N ASN L 76 16.79 -29.22 -35.66
CA ASN L 76 15.58 -28.41 -35.76
C ASN L 76 15.83 -27.11 -36.50
N GLU L 77 16.98 -26.47 -36.24
CA GLU L 77 17.30 -25.20 -36.88
C GLU L 77 17.55 -25.38 -38.38
N ASP L 78 18.25 -26.44 -38.78
CA ASP L 78 18.59 -26.62 -40.17
C ASP L 78 17.40 -27.01 -41.03
N VAL L 79 16.44 -27.74 -40.47
CA VAL L 79 15.23 -28.10 -41.20
C VAL L 79 14.41 -26.86 -41.51
N ALA L 80 14.29 -25.95 -40.53
CA ALA L 80 13.48 -24.75 -40.72
C ALA L 80 14.09 -23.83 -41.76
N LEU L 81 15.42 -23.72 -41.81
CA LEU L 81 16.06 -22.89 -42.81
C LEU L 81 15.85 -23.44 -44.22
N ALA L 82 15.89 -24.77 -44.37
CA ALA L 82 15.72 -25.38 -45.68
C ALA L 82 14.30 -25.23 -46.19
N ILE L 83 13.31 -25.34 -45.30
CA ILE L 83 11.91 -25.18 -45.71
C ILE L 83 11.65 -23.75 -46.17
N GLY L 84 12.23 -22.77 -45.47
CA GLY L 84 12.04 -21.38 -45.85
C GLY L 84 12.65 -21.04 -47.20
N THR L 85 13.83 -21.59 -47.48
CA THR L 85 14.47 -21.33 -48.77
C THR L 85 13.69 -21.96 -49.93
N ALA L 86 13.21 -23.19 -49.74
CA ALA L 86 12.45 -23.86 -50.79
C ALA L 86 11.12 -23.16 -51.04
N LEU L 87 10.52 -22.59 -50.00
CA LEU L 87 9.28 -21.84 -50.17
C LEU L 87 9.51 -20.58 -51.00
N LEU L 88 10.63 -19.90 -50.79
CA LEU L 88 10.93 -18.67 -51.52
C LEU L 88 11.10 -18.95 -53.01
N GLN L 89 11.78 -20.04 -53.36
CA GLN L 89 12.05 -20.31 -54.77
C GLN L 89 10.79 -20.77 -55.50
N ALA L 90 9.90 -21.47 -54.79
CA ALA L 90 8.65 -21.90 -55.40
C ALA L 90 7.71 -20.71 -55.65
N LEU L 91 7.77 -19.69 -54.81
CA LEU L 91 6.91 -18.52 -54.98
C LEU L 91 7.28 -17.74 -56.24
N GLY L 92 8.57 -17.59 -56.51
CA GLY L 92 9.00 -16.86 -57.69
C GLY L 92 8.70 -15.38 -57.58
N ASP L 93 8.04 -14.84 -58.61
CA ASP L 93 7.76 -13.41 -58.66
C ASP L 93 6.54 -13.00 -57.83
N ARG L 94 5.75 -13.96 -57.36
CA ARG L 94 4.58 -13.70 -56.51
C ARG L 94 3.58 -12.79 -57.20
N LYS L 95 3.36 -13.00 -58.49
CA LYS L 95 2.47 -12.16 -59.28
C LYS L 95 1.10 -12.82 -59.38
N GLY L 96 0.06 -12.05 -59.04
CA GLY L 96 -1.31 -12.53 -59.12
C GLY L 96 -1.80 -13.31 -57.92
N ILE L 97 -1.07 -13.30 -56.81
CA ILE L 97 -1.46 -14.02 -55.62
C ILE L 97 -2.03 -13.06 -54.59
N ASN L 98 -2.71 -13.62 -53.59
CA ASN L 98 -3.38 -12.80 -52.58
C ASN L 98 -2.39 -12.09 -51.67
N ARG L 99 -1.28 -12.77 -51.33
CA ARG L 99 -0.18 -12.32 -50.47
C ARG L 99 -0.57 -12.14 -49.00
N PHE L 100 -1.84 -12.35 -48.64
CA PHE L 100 -2.29 -12.16 -47.27
C PHE L 100 -3.09 -13.37 -46.81
N GLY L 101 -2.90 -13.75 -45.55
CA GLY L 101 -3.61 -14.88 -44.98
C GLY L 101 -3.95 -14.70 -43.51
N ASN L 102 -5.17 -15.07 -43.13
CA ASN L 102 -5.63 -14.97 -41.75
C ASN L 102 -6.45 -16.20 -41.40
N PHE L 103 -6.23 -16.73 -40.19
CA PHE L 103 -7.00 -17.88 -39.73
C PHE L 103 -6.89 -18.03 -38.23
N SER L 104 -8.00 -18.41 -37.60
CA SER L 104 -8.04 -18.79 -36.19
C SER L 104 -8.45 -20.26 -36.10
N ALA L 105 -7.69 -21.05 -35.35
CA ALA L 105 -7.91 -22.49 -35.27
C ALA L 105 -8.23 -22.90 -33.84
N PRO L 106 -9.41 -23.47 -33.59
CA PRO L 106 -9.70 -24.02 -32.26
C PRO L 106 -9.37 -25.50 -32.17
N LEU L 107 -8.82 -25.89 -31.03
CA LEU L 107 -8.51 -27.30 -30.74
C LEU L 107 -8.82 -27.52 -29.27
N ASP L 108 -10.05 -28.01 -29.00
CA ASP L 108 -10.57 -28.23 -27.65
C ASP L 108 -10.52 -26.89 -26.91
N GLU L 109 -9.76 -26.76 -25.83
CA GLU L 109 -9.70 -25.51 -25.08
C GLU L 109 -8.73 -24.50 -25.67
N ALA L 110 -7.93 -24.87 -26.67
CA ALA L 110 -6.92 -23.99 -27.24
C ALA L 110 -7.47 -23.22 -28.43
N LEU L 111 -6.93 -22.02 -28.64
CA LEU L 111 -7.35 -21.15 -29.73
C LEU L 111 -6.18 -20.24 -30.11
N VAL L 112 -5.70 -20.38 -31.34
CA VAL L 112 -4.52 -19.65 -31.83
C VAL L 112 -4.89 -18.95 -33.13
N HIS L 113 -4.49 -17.67 -33.25
CA HIS L 113 -4.71 -16.89 -34.45
C HIS L 113 -3.38 -16.59 -35.14
N VAL L 114 -3.36 -16.70 -36.47
CA VAL L 114 -2.15 -16.51 -37.26
C VAL L 114 -2.45 -15.49 -38.35
N SER L 115 -1.57 -14.49 -38.47
CA SER L 115 -1.66 -13.48 -39.53
C SER L 115 -0.30 -13.39 -40.21
N LEU L 116 -0.28 -13.51 -41.54
CA LEU L 116 0.96 -13.49 -42.29
C LEU L 116 0.79 -12.70 -43.59
N ASP L 117 1.91 -12.24 -44.12
CA ASP L 117 1.95 -11.53 -45.39
C ASP L 117 3.31 -11.74 -46.04
N LEU L 118 3.31 -12.07 -47.32
CA LEU L 118 4.54 -12.36 -48.06
C LEU L 118 5.01 -11.09 -48.74
N SER L 119 5.99 -10.40 -48.12
CA SER L 119 6.41 -9.09 -48.56
C SER L 119 7.89 -8.94 -48.86
N GLY L 120 8.73 -9.89 -48.45
CA GLY L 120 10.16 -9.76 -48.59
C GLY L 120 10.86 -9.17 -47.39
N ARG L 121 10.11 -8.72 -46.37
CA ARG L 121 10.69 -8.17 -45.16
C ARG L 121 10.45 -9.13 -44.00
N PRO L 122 11.51 -9.72 -43.42
CA PRO L 122 11.30 -10.74 -42.38
C PRO L 122 10.99 -10.11 -41.02
N HIS L 123 9.96 -10.63 -40.37
CA HIS L 123 9.60 -10.21 -39.02
C HIS L 123 8.77 -11.33 -38.38
N LEU L 124 9.01 -11.57 -37.09
CA LEU L 124 8.26 -12.56 -36.33
C LEU L 124 7.66 -11.92 -35.08
N GLY L 125 6.35 -12.06 -34.92
CA GLY L 125 5.70 -11.69 -33.68
C GLY L 125 5.18 -12.92 -32.97
N TYR L 126 5.81 -13.30 -31.86
CA TYR L 126 5.55 -14.56 -31.18
C TYR L 126 4.93 -14.28 -29.82
N ASP L 127 3.70 -14.74 -29.61
CA ASP L 127 3.02 -14.64 -28.31
C ASP L 127 2.37 -16.00 -28.02
N LEU L 128 3.14 -16.88 -27.38
CA LEU L 128 2.66 -18.19 -26.98
C LEU L 128 3.05 -18.44 -25.54
N ASN L 129 2.22 -19.20 -24.83
CA ASN L 129 2.46 -19.55 -23.43
C ASN L 129 2.33 -21.06 -23.27
N ILE L 130 3.43 -21.77 -23.48
CA ILE L 130 3.45 -23.23 -23.38
C ILE L 130 3.81 -23.57 -21.93
N PRO L 131 2.95 -24.28 -21.20
CA PRO L 131 3.17 -24.45 -19.76
C PRO L 131 4.29 -25.43 -19.41
N THR L 132 4.50 -26.48 -20.20
CA THR L 132 5.47 -27.50 -19.85
C THR L 132 6.75 -27.36 -20.67
N GLN L 133 7.82 -27.94 -20.16
CA GLN L 133 9.13 -27.85 -20.78
C GLN L 133 9.37 -28.93 -21.83
N ARG L 134 8.71 -30.09 -21.71
CA ARG L 134 8.83 -31.17 -22.67
C ARG L 134 7.43 -31.68 -23.01
N VAL L 135 7.22 -32.01 -24.28
CA VAL L 135 5.95 -32.60 -24.71
C VAL L 135 6.12 -34.11 -24.74
N GLY L 136 7.04 -34.59 -25.57
CA GLY L 136 7.50 -35.97 -25.50
C GLY L 136 8.96 -35.98 -25.11
N LYS L 137 9.82 -36.19 -26.10
CA LYS L 137 11.25 -35.89 -25.98
C LYS L 137 11.59 -34.52 -26.56
N TYR L 138 10.59 -33.79 -27.04
CA TYR L 138 10.80 -32.54 -27.76
C TYR L 138 10.85 -31.36 -26.79
N ASP L 139 11.89 -30.55 -26.91
CA ASP L 139 12.04 -29.37 -26.08
C ASP L 139 11.19 -28.23 -26.61
N THR L 140 10.35 -27.65 -25.73
CA THR L 140 9.35 -26.68 -26.19
C THR L 140 9.96 -25.33 -26.54
N GLN L 141 11.22 -25.09 -26.19
CA GLN L 141 11.88 -23.85 -26.61
C GLN L 141 12.17 -23.83 -28.10
N LEU L 142 12.09 -24.99 -28.77
CA LEU L 142 12.40 -25.07 -30.20
C LEU L 142 11.23 -24.66 -31.09
N VAL L 143 10.03 -24.45 -30.52
CA VAL L 143 8.91 -23.99 -31.33
C VAL L 143 9.15 -22.57 -31.82
N GLU L 144 9.64 -21.69 -30.94
CA GLU L 144 10.01 -20.34 -31.35
C GLU L 144 11.18 -20.35 -32.34
N HIS L 145 12.18 -21.19 -32.08
CA HIS L 145 13.36 -21.23 -32.95
C HIS L 145 13.02 -21.74 -34.33
N PHE L 146 12.02 -22.62 -34.45
CA PHE L 146 11.61 -23.11 -35.76
C PHE L 146 11.01 -22.00 -36.61
N PHE L 147 10.09 -21.23 -36.04
CA PHE L 147 9.42 -20.20 -36.83
C PHE L 147 10.30 -18.99 -37.09
N GLN L 148 11.26 -18.72 -36.21
CA GLN L 148 12.18 -17.61 -36.45
C GLN L 148 13.10 -17.91 -37.62
N SER L 149 13.57 -19.15 -37.73
CA SER L 149 14.46 -19.52 -38.83
C SER L 149 13.71 -19.60 -40.15
N LEU L 150 12.41 -19.91 -40.11
CA LEU L 150 11.64 -20.01 -41.34
C LEU L 150 11.41 -18.64 -41.98
N VAL L 151 11.12 -17.62 -41.18
CA VAL L 151 10.87 -16.30 -41.74
C VAL L 151 12.16 -15.60 -42.15
N ASN L 152 13.31 -16.04 -41.64
CA ASN L 152 14.57 -15.39 -42.00
C ASN L 152 15.00 -15.76 -43.43
N THR L 153 14.63 -16.94 -43.90
CA THR L 153 14.99 -17.37 -45.24
C THR L 153 13.88 -17.17 -46.26
N SER L 154 12.61 -17.09 -45.83
CA SER L 154 11.50 -16.89 -46.74
C SER L 154 11.10 -15.43 -46.90
N GLY L 155 11.55 -14.55 -46.01
CA GLY L 155 11.22 -13.14 -46.10
C GLY L 155 9.75 -12.83 -45.90
N MET L 156 9.15 -13.34 -44.85
CA MET L 156 7.73 -13.14 -44.58
C MET L 156 7.53 -12.45 -43.24
N THR L 157 6.39 -11.78 -43.12
CA THR L 157 5.95 -11.16 -41.86
C THR L 157 4.91 -12.08 -41.23
N LEU L 158 5.17 -12.52 -40.00
CA LEU L 158 4.35 -13.52 -39.34
C LEU L 158 4.01 -13.08 -37.93
N HIS L 159 2.74 -13.18 -37.57
CA HIS L 159 2.25 -12.86 -36.23
C HIS L 159 1.48 -14.04 -35.68
N ILE L 160 1.83 -14.46 -34.46
CA ILE L 160 1.17 -15.58 -33.79
C ILE L 160 0.71 -15.11 -32.42
N ARG L 161 -0.57 -15.32 -32.11
CA ARG L 161 -1.13 -14.93 -30.82
C ARG L 161 -2.04 -16.03 -30.29
N GLN L 162 -1.92 -16.31 -28.99
CA GLN L 162 -2.71 -17.31 -28.30
C GLN L 162 -3.78 -16.63 -27.46
N PHE L 163 -5.02 -17.09 -27.59
CA PHE L 163 -6.13 -16.56 -26.82
C PHE L 163 -6.57 -17.45 -25.67
N SER L 164 -6.37 -18.76 -25.78
CA SER L 164 -6.68 -19.69 -24.70
C SER L 164 -5.91 -20.98 -24.92
N GLY L 165 -5.86 -21.80 -23.88
CA GLY L 165 -5.19 -23.09 -23.97
C GLY L 165 -4.45 -23.49 -22.72
N THR L 166 -4.49 -24.77 -22.38
CA THR L 166 -3.81 -25.29 -21.21
C THR L 166 -2.87 -26.44 -21.56
N ASN L 167 -3.29 -27.30 -22.48
CA ASN L 167 -2.54 -28.48 -22.83
C ASN L 167 -1.45 -28.14 -23.85
N SER L 168 -0.23 -28.61 -23.59
CA SER L 168 0.91 -28.28 -24.44
C SER L 168 0.78 -28.87 -25.83
N HIS L 169 0.31 -30.13 -25.93
CA HIS L 169 0.12 -30.75 -27.23
C HIS L 169 -0.93 -30.01 -28.06
N HIS L 170 -2.03 -29.60 -27.41
CA HIS L 170 -3.10 -28.93 -28.14
C HIS L 170 -2.67 -27.54 -28.62
N ILE L 171 -1.89 -26.81 -27.83
CA ILE L 171 -1.52 -25.44 -28.18
C ILE L 171 -0.60 -25.44 -29.40
N ILE L 172 0.44 -26.28 -29.40
CA ILE L 172 1.39 -26.31 -30.50
C ILE L 172 0.74 -26.80 -31.78
N GLU L 173 -0.07 -27.86 -31.69
CA GLU L 173 -0.61 -28.47 -32.90
C GLU L 173 -1.78 -27.66 -33.44
N ALA L 174 -2.37 -26.80 -32.62
CA ALA L 174 -3.30 -25.80 -33.14
C ALA L 174 -2.58 -24.68 -33.87
N THR L 175 -1.35 -24.35 -33.45
CA THR L 175 -0.58 -23.31 -34.11
C THR L 175 -0.23 -23.72 -35.54
N PHE L 176 0.16 -24.99 -35.75
CA PHE L 176 0.53 -25.45 -37.07
C PHE L 176 -0.68 -25.55 -38.00
N LYS L 177 -1.86 -25.84 -37.45
CA LYS L 177 -3.07 -25.86 -38.27
C LYS L 177 -3.42 -24.47 -38.79
N ALA L 178 -3.32 -23.45 -37.93
CA ALA L 178 -3.66 -22.09 -38.35
C ALA L 178 -2.62 -21.54 -39.33
N PHE L 179 -1.36 -21.92 -39.16
CA PHE L 179 -0.31 -21.47 -40.07
C PHE L 179 -0.48 -22.08 -41.45
N ALA L 180 -0.89 -23.34 -41.52
CA ALA L 180 -1.03 -24.01 -42.81
C ALA L 180 -2.16 -23.41 -43.63
N ARG L 181 -3.30 -23.12 -43.01
CA ARG L 181 -4.43 -22.59 -43.74
C ARG L 181 -4.27 -21.10 -44.07
N ALA L 182 -3.52 -20.36 -43.26
CA ALA L 182 -3.22 -18.98 -43.59
C ALA L 182 -2.22 -18.87 -44.73
N LEU L 183 -1.25 -19.80 -44.77
CA LEU L 183 -0.29 -19.82 -45.88
C LEU L 183 -0.97 -20.25 -47.17
N ARG L 184 -1.94 -21.16 -47.09
CA ARG L 184 -2.67 -21.60 -48.28
C ARG L 184 -3.46 -20.44 -48.88
N GLN L 185 -4.10 -19.62 -48.05
CA GLN L 185 -4.88 -18.51 -48.57
C GLN L 185 -4.00 -17.45 -49.21
N ALA L 186 -2.79 -17.27 -48.69
CA ALA L 186 -1.90 -16.24 -49.24
C ALA L 186 -1.32 -16.67 -50.59
N THR L 187 -1.23 -17.97 -50.84
CA THR L 187 -0.61 -18.45 -52.07
C THR L 187 -1.60 -18.71 -53.19
N GLU L 188 -2.91 -18.65 -52.95
CA GLU L 188 -3.87 -18.82 -54.02
C GLU L 188 -3.90 -17.60 -54.93
N TYR L 189 -4.19 -17.84 -56.20
CA TYR L 189 -4.28 -16.76 -57.18
C TYR L 189 -5.54 -15.94 -56.95
N ASP L 190 -5.40 -14.62 -57.02
CA ASP L 190 -6.54 -13.75 -56.87
C ASP L 190 -7.36 -13.77 -58.16
N THR L 191 -8.68 -13.76 -58.03
CA THR L 191 -9.58 -13.83 -59.18
C THR L 191 -9.87 -12.46 -59.78
N ARG L 192 -9.33 -11.39 -59.20
CA ARG L 192 -9.56 -10.00 -59.64
C ARG L 192 -11.05 -9.71 -59.55
N ARG L 193 -11.64 -9.02 -60.51
CA ARG L 193 -13.06 -8.69 -60.45
C ARG L 193 -13.92 -9.88 -60.85
N ALA M 10 18.09 38.67 51.87
CA ALA M 10 17.03 38.55 50.88
C ALA M 10 17.49 39.06 49.52
N ARG M 11 17.27 38.26 48.48
CA ARG M 11 17.68 38.60 47.12
C ARG M 11 16.48 39.20 46.39
N ILE M 12 16.65 40.43 45.89
CA ILE M 12 15.58 41.20 45.27
C ILE M 12 16.07 41.75 43.94
N GLY M 13 15.24 41.64 42.92
CA GLY M 13 15.57 42.19 41.61
C GLY M 13 14.48 43.11 41.11
N GLU M 14 14.89 44.16 40.40
CA GLU M 14 13.96 45.13 39.85
C GLU M 14 14.42 45.55 38.45
N MET M 15 13.48 46.04 37.66
CA MET M 15 13.76 46.45 36.29
C MET M 15 12.74 47.50 35.85
N LYS M 16 13.20 48.44 35.04
CA LYS M 16 12.34 49.48 34.49
C LYS M 16 12.80 49.81 33.08
N ARG M 17 11.92 49.65 32.10
CA ARG M 17 12.23 49.91 30.71
C ARG M 17 11.11 50.71 30.07
N VAL M 18 11.48 51.74 29.32
CA VAL M 18 10.53 52.59 28.60
C VAL M 18 10.88 52.53 27.12
N THR M 19 9.93 52.08 26.30
CA THR M 19 10.08 52.07 24.85
C THR M 19 8.92 52.85 24.24
N LYS M 20 8.90 52.91 22.90
CA LYS M 20 7.84 53.61 22.19
C LYS M 20 6.50 52.88 22.26
N GLU M 21 6.48 51.63 22.72
CA GLU M 21 5.25 50.84 22.78
C GLU M 21 4.79 50.51 24.18
N THR M 22 5.71 50.33 25.13
CA THR M 22 5.35 49.80 26.44
C THR M 22 6.13 50.52 27.54
N ASN M 23 5.53 50.56 28.73
CA ASN M 23 6.20 50.99 29.95
C ASN M 23 6.01 49.90 30.99
N VAL M 24 7.12 49.36 31.51
CA VAL M 24 7.10 48.18 32.36
C VAL M 24 7.97 48.41 33.59
N SER M 25 7.45 48.06 34.76
CA SER M 25 8.20 48.02 36.00
C SER M 25 7.94 46.69 36.69
N VAL M 26 9.01 45.99 37.07
CA VAL M 26 8.91 44.63 37.60
C VAL M 26 9.80 44.52 38.83
N LYS M 27 9.29 43.87 39.88
CA LYS M 27 10.05 43.62 41.10
C LYS M 27 9.84 42.18 41.54
N ILE M 28 10.94 41.47 41.82
CA ILE M 28 10.92 40.06 42.19
C ILE M 28 11.73 39.87 43.46
N ASN M 29 11.19 39.08 44.39
CA ASN M 29 11.87 38.75 45.64
C ASN M 29 11.88 37.22 45.76
N LEU M 30 13.08 36.64 45.81
CA LEU M 30 13.20 35.18 45.85
C LEU M 30 12.88 34.62 47.23
N ASP M 31 13.15 35.38 48.29
CA ASP M 31 12.82 34.97 49.65
C ASP M 31 11.56 35.70 50.09
N GLY M 32 10.41 35.15 49.68
CA GLY M 32 9.13 35.78 49.92
C GLY M 32 8.15 34.82 50.57
N THR M 33 6.92 35.32 50.75
CA THR M 33 5.85 34.56 51.36
C THR M 33 4.65 34.38 50.42
N GLY M 34 4.76 34.79 49.17
CA GLY M 34 3.70 34.63 48.21
C GLY M 34 2.85 35.85 47.93
N VAL M 35 3.37 37.05 48.16
CA VAL M 35 2.62 38.26 47.86
C VAL M 35 2.56 38.46 46.36
N ALA M 36 1.36 38.70 45.83
CA ALA M 36 1.16 38.89 44.40
C ALA M 36 0.46 40.22 44.16
N ASP M 37 1.10 41.11 43.42
CA ASP M 37 0.52 42.39 43.00
C ASP M 37 0.85 42.57 41.51
N ASN M 38 -0.02 42.06 40.65
CA ASN M 38 0.19 42.07 39.21
C ASN M 38 -0.93 42.84 38.53
N SER M 39 -0.55 43.82 37.70
CA SER M 39 -1.54 44.64 37.01
C SER M 39 -0.95 45.07 35.67
N SER M 40 -1.28 44.34 34.62
CA SER M 40 -0.98 44.70 33.25
C SER M 40 -2.29 44.81 32.47
N GLY M 41 -2.18 45.00 31.17
CA GLY M 41 -3.35 45.07 30.32
C GLY M 41 -3.89 43.74 29.87
N ILE M 42 -3.31 42.64 30.32
CA ILE M 42 -3.71 41.30 29.92
C ILE M 42 -4.20 40.56 31.16
N PRO M 43 -5.51 40.47 31.36
CA PRO M 43 -6.03 39.82 32.58
C PRO M 43 -5.64 38.36 32.75
N PHE M 44 -5.54 37.60 31.65
CA PHE M 44 -5.20 36.18 31.78
C PHE M 44 -3.76 36.00 32.20
N LEU M 45 -2.86 36.87 31.74
CA LEU M 45 -1.46 36.78 32.16
C LEU M 45 -1.32 37.10 33.65
N ASP M 46 -2.15 38.01 34.16
CA ASP M 46 -2.13 38.31 35.59
C ASP M 46 -2.58 37.11 36.42
N HIS M 47 -3.55 36.35 35.89
CA HIS M 47 -3.97 35.11 36.55
C HIS M 47 -2.83 34.10 36.60
N MET M 48 -2.01 34.06 35.55
CA MET M 48 -0.90 33.12 35.50
C MET M 48 0.21 33.55 36.45
N LEU M 49 0.49 34.85 36.53
CA LEU M 49 1.59 35.33 37.36
C LEU M 49 1.27 35.20 38.84
N ASP M 50 -0.02 35.18 39.21
CA ASP M 50 -0.38 34.98 40.61
C ASP M 50 -0.04 33.57 41.08
N GLN M 51 -0.20 32.57 40.20
CA GLN M 51 0.13 31.20 40.58
C GLN M 51 1.62 31.02 40.79
N LEU M 52 2.45 31.80 40.10
CA LEU M 52 3.90 31.72 40.31
C LEU M 52 4.27 32.20 41.71
N ALA M 53 3.53 33.18 42.24
CA ALA M 53 3.81 33.67 43.59
C ALA M 53 3.31 32.68 44.65
N SER M 54 2.13 32.12 44.46
CA SER M 54 1.56 31.24 45.49
C SER M 54 2.28 29.90 45.55
N HIS M 55 2.53 29.29 44.40
CA HIS M 55 3.15 27.96 44.38
C HIS M 55 4.66 28.03 44.57
N GLY M 56 5.30 29.11 44.13
CA GLY M 56 6.72 29.26 44.29
C GLY M 56 7.17 30.00 45.53
N LEU M 57 6.24 30.57 46.29
CA LEU M 57 6.53 31.39 47.47
C LEU M 57 7.44 32.56 47.12
N PHE M 58 7.22 33.17 45.96
CA PHE M 58 7.92 34.37 45.54
C PHE M 58 7.04 35.59 45.75
N ASP M 59 7.67 36.76 45.75
CA ASP M 59 6.98 38.04 45.77
C ASP M 59 7.12 38.65 44.38
N VAL M 60 6.02 38.76 43.65
CA VAL M 60 6.01 39.20 42.26
C VAL M 60 5.17 40.47 42.16
N HIS M 61 5.77 41.53 41.60
CA HIS M 61 5.07 42.79 41.36
C HIS M 61 5.33 43.22 39.93
N VAL M 62 4.26 43.34 39.14
CA VAL M 62 4.36 43.74 37.74
C VAL M 62 3.39 44.88 37.50
N LYS M 63 3.88 45.97 36.90
CA LYS M 63 3.05 47.09 36.46
C LYS M 63 3.41 47.41 35.03
N ALA M 64 2.43 47.39 34.13
CA ALA M 64 2.70 47.59 32.72
C ALA M 64 1.52 48.24 32.03
N THR M 65 1.82 49.13 31.08
CA THR M 65 0.83 49.70 30.19
C THR M 65 1.43 49.75 28.79
N GLY M 66 0.57 49.67 27.78
CA GLY M 66 1.07 49.59 26.43
C GLY M 66 -0.03 49.68 25.40
N ASP M 67 0.35 49.44 24.15
CA ASP M 67 -0.55 49.59 23.01
C ASP M 67 -1.33 48.28 22.78
N THR M 68 -2.21 47.98 23.74
CA THR M 68 -3.05 46.80 23.63
C THR M 68 -4.17 46.95 22.62
N HIS M 69 -4.41 48.17 22.11
CA HIS M 69 -5.43 48.36 21.10
C HIS M 69 -5.06 47.71 19.77
N ILE M 70 -3.76 47.49 19.53
CA ILE M 70 -3.32 46.75 18.36
C ILE M 70 -3.32 45.25 18.62
N ASP M 71 -2.59 44.82 19.63
CA ASP M 71 -2.44 43.41 19.98
C ASP M 71 -1.86 43.32 21.38
N ASP M 72 -1.87 42.11 21.93
CA ASP M 72 -1.21 41.83 23.19
C ASP M 72 0.24 41.39 23.00
N HIS M 73 0.73 41.35 21.76
CA HIS M 73 2.04 40.80 21.47
C HIS M 73 3.16 41.63 22.11
N HIS M 74 3.13 42.95 21.88
CA HIS M 74 4.24 43.79 22.33
C HIS M 74 4.28 43.89 23.86
N THR M 75 3.11 43.91 24.51
CA THR M 75 3.08 43.94 25.97
C THR M 75 3.53 42.62 26.58
N ASN M 76 3.10 41.50 25.99
CA ASN M 76 3.49 40.19 26.49
C ASN M 76 4.99 39.96 26.38
N GLU M 77 5.60 40.41 25.28
CA GLU M 77 7.02 40.21 25.06
C GLU M 77 7.85 41.05 26.04
N ASP M 78 7.44 42.29 26.29
CA ASP M 78 8.23 43.17 27.14
C ASP M 78 8.17 42.79 28.61
N VAL M 79 7.04 42.23 29.06
CA VAL M 79 6.92 41.77 30.44
C VAL M 79 7.86 40.60 30.69
N ALA M 80 7.93 39.67 29.73
CA ALA M 80 8.77 38.48 29.91
C ALA M 80 10.25 38.85 29.94
N LEU M 81 10.67 39.82 29.13
CA LEU M 81 12.06 40.24 29.14
C LEU M 81 12.43 40.89 30.48
N ALA M 82 11.52 41.68 31.05
CA ALA M 82 11.80 42.37 32.30
C ALA M 82 11.88 41.39 33.47
N ILE M 83 11.04 40.36 33.48
CA ILE M 83 11.07 39.36 34.54
C ILE M 83 12.38 38.58 34.49
N GLY M 84 12.85 38.24 33.28
CA GLY M 84 14.09 37.50 33.16
C GLY M 84 15.30 38.29 33.62
N THR M 85 15.33 39.58 33.31
CA THR M 85 16.46 40.42 33.75
C THR M 85 16.48 40.59 35.27
N ALA M 86 15.31 40.80 35.88
CA ALA M 86 15.25 40.96 37.33
C ALA M 86 15.63 39.67 38.05
N LEU M 87 15.29 38.52 37.46
CA LEU M 87 15.68 37.24 38.05
C LEU M 87 17.19 37.06 38.03
N LEU M 88 17.85 37.48 36.95
CA LEU M 88 19.30 37.33 36.83
C LEU M 88 20.03 38.16 37.89
N GLN M 89 19.56 39.39 38.13
CA GLN M 89 20.27 40.26 39.07
C GLN M 89 20.05 39.81 40.51
N ALA M 90 18.88 39.23 40.80
CA ALA M 90 18.62 38.73 42.15
C ALA M 90 19.46 37.48 42.45
N LEU M 91 19.75 36.67 41.44
CA LEU M 91 20.54 35.46 41.65
C LEU M 91 21.98 35.80 42.02
N GLY M 92 22.56 36.81 41.38
CA GLY M 92 23.93 37.19 41.69
C GLY M 92 24.92 36.13 41.25
N ASP M 93 25.80 35.72 42.17
CA ASP M 93 26.85 34.77 41.85
C ASP M 93 26.38 33.32 41.83
N ARG M 94 25.18 33.05 42.33
CA ARG M 94 24.59 31.70 42.33
C ARG M 94 25.46 30.71 43.09
N LYS M 95 26.02 31.13 44.21
CA LYS M 95 26.93 30.30 45.00
C LYS M 95 26.16 29.64 46.13
N GLY M 96 26.30 28.31 46.23
CA GLY M 96 25.65 27.56 47.29
C GLY M 96 24.23 27.13 47.02
N ILE M 97 23.74 27.28 45.79
CA ILE M 97 22.37 26.93 45.46
C ILE M 97 22.36 25.60 44.71
N ASN M 98 21.17 25.01 44.62
CA ASN M 98 21.03 23.69 44.00
C ASN M 98 21.26 23.74 42.50
N ARG M 99 20.80 24.81 41.84
CA ARG M 99 20.88 25.10 40.41
C ARG M 99 20.05 24.16 39.54
N PHE M 100 19.37 23.16 40.12
CA PHE M 100 18.58 22.21 39.35
C PHE M 100 17.20 22.08 39.96
N GLY M 101 16.19 21.96 39.09
CA GLY M 101 14.82 21.79 39.54
C GLY M 101 13.99 20.90 38.63
N ASN M 102 13.19 20.02 39.23
CA ASN M 102 12.33 19.10 38.49
C ASN M 102 10.98 19.00 39.19
N PHE M 103 9.90 18.99 38.41
CA PHE M 103 8.57 18.85 38.97
C PHE M 103 7.58 18.46 37.89
N SER M 104 6.65 17.58 38.25
CA SER M 104 5.50 17.23 37.43
C SER M 104 4.23 17.66 38.15
N ALA M 105 3.36 18.36 37.45
CA ALA M 105 2.16 18.93 38.06
C ALA M 105 0.90 18.38 37.40
N PRO M 106 0.04 17.67 38.14
CA PRO M 106 -1.24 17.26 37.58
C PRO M 106 -2.35 18.27 37.86
N LEU M 107 -3.20 18.47 36.87
CA LEU M 107 -4.38 19.35 37.01
C LEU M 107 -5.51 18.67 36.23
N ASP M 108 -6.34 17.90 36.96
CA ASP M 108 -7.44 17.12 36.40
C ASP M 108 -6.85 16.17 35.35
N GLU M 109 -7.21 16.28 34.08
CA GLU M 109 -6.70 15.39 33.05
C GLU M 109 -5.34 15.81 32.51
N ALA M 110 -4.84 16.99 32.87
CA ALA M 110 -3.59 17.50 32.34
C ALA M 110 -2.41 17.12 33.23
N LEU M 111 -1.24 16.97 32.61
CA LEU M 111 -0.02 16.60 33.31
C LEU M 111 1.17 17.16 32.55
N VAL M 112 1.93 18.05 33.17
CA VAL M 112 3.06 18.75 32.54
C VAL M 112 4.29 18.58 33.42
N HIS M 113 5.43 18.25 32.80
CA HIS M 113 6.70 18.11 33.48
C HIS M 113 7.65 19.22 33.06
N VAL M 114 8.37 19.79 34.03
CA VAL M 114 9.28 20.91 33.80
C VAL M 114 10.65 20.55 34.37
N SER M 115 11.69 20.73 33.56
CA SER M 115 13.07 20.53 33.98
C SER M 115 13.87 21.77 33.62
N LEU M 116 14.59 22.34 34.59
CA LEU M 116 15.35 23.55 34.37
C LEU M 116 16.69 23.48 35.10
N ASP M 117 17.62 24.29 34.63
CA ASP M 117 18.94 24.42 35.24
C ASP M 117 19.49 25.81 34.96
N LEU M 118 20.00 26.46 35.99
CA LEU M 118 20.53 27.83 35.88
C LEU M 118 22.01 27.77 35.61
N SER M 119 22.39 27.92 34.33
CA SER M 119 23.77 27.71 33.90
C SER M 119 24.41 28.88 33.17
N GLY M 120 23.63 29.87 32.73
CA GLY M 120 24.16 30.94 31.91
C GLY M 120 24.05 30.71 30.42
N ARG M 121 23.61 29.53 29.99
CA ARG M 121 23.44 29.23 28.57
C ARG M 121 21.95 29.13 28.26
N PRO M 122 21.40 30.04 27.44
CA PRO M 122 19.95 30.03 27.20
C PRO M 122 19.54 28.96 26.20
N HIS M 123 18.50 28.20 26.54
CA HIS M 123 17.93 27.20 25.65
C HIS M 123 16.50 26.92 26.10
N LEU M 124 15.59 26.75 25.14
CA LEU M 124 14.20 26.43 25.42
C LEU M 124 13.80 25.17 24.65
N GLY M 125 13.29 24.18 25.38
CA GLY M 125 12.66 23.03 24.76
C GLY M 125 11.17 23.01 25.02
N TYR M 126 10.37 23.29 24.00
CA TYR M 126 8.94 23.50 24.14
C TYR M 126 8.19 22.38 23.44
N ASP M 127 7.41 21.60 24.21
CA ASP M 127 6.55 20.55 23.66
C ASP M 127 5.19 20.66 24.35
N LEU M 128 4.32 21.48 23.76
CA LEU M 128 2.96 21.66 24.25
C LEU M 128 2.00 21.56 23.09
N ASN M 129 0.79 21.06 23.37
CA ASN M 129 -0.26 20.91 22.36
C ASN M 129 -1.54 21.55 22.89
N ILE M 130 -1.70 22.84 22.64
CA ILE M 130 -2.86 23.59 23.09
C ILE M 130 -3.92 23.51 21.98
N PRO M 131 -5.10 22.96 22.25
CA PRO M 131 -6.04 22.68 21.15
C PRO M 131 -6.73 23.93 20.60
N THR M 132 -7.01 24.93 21.42
CA THR M 132 -7.77 26.08 20.97
C THR M 132 -6.86 27.29 20.73
N GLN M 133 -7.37 28.23 19.93
CA GLN M 133 -6.61 29.41 19.55
C GLN M 133 -6.74 30.55 20.56
N ARG M 134 -7.85 30.61 21.29
CA ARG M 134 -8.08 31.63 22.31
C ARG M 134 -8.59 30.96 23.57
N VAL M 135 -8.13 31.45 24.72
CA VAL M 135 -8.62 30.95 26.01
C VAL M 135 -9.72 31.89 26.48
N GLY M 136 -9.37 33.16 26.70
CA GLY M 136 -10.36 34.20 26.88
C GLY M 136 -10.25 35.18 25.74
N LYS M 137 -9.61 36.32 26.00
CA LYS M 137 -9.12 37.20 24.95
C LYS M 137 -7.64 36.96 24.65
N TYR M 138 -7.03 35.98 25.31
CA TYR M 138 -5.60 35.75 25.23
C TYR M 138 -5.27 34.80 24.08
N ASP M 139 -4.33 35.22 23.24
CA ASP M 139 -3.89 34.40 22.12
C ASP M 139 -2.91 33.34 22.59
N THR M 140 -3.19 32.07 22.25
CA THR M 140 -2.41 30.96 22.82
C THR M 140 -1.02 30.83 22.20
N GLN M 141 -0.75 31.55 21.10
CA GLN M 141 0.60 31.55 20.54
C GLN M 141 1.58 32.32 21.43
N LEU M 142 1.08 33.12 22.37
CA LEU M 142 1.95 33.92 23.23
C LEU M 142 2.52 33.14 24.41
N VAL M 143 2.05 31.91 24.65
CA VAL M 143 2.63 31.10 25.72
C VAL M 143 4.07 30.73 25.40
N GLU M 144 4.32 30.31 24.16
CA GLU M 144 5.69 30.03 23.73
C GLU M 144 6.55 31.29 23.72
N HIS M 145 5.99 32.40 23.25
CA HIS M 145 6.76 33.65 23.17
C HIS M 145 7.12 34.17 24.55
N PHE M 146 6.29 33.91 25.55
CA PHE M 146 6.60 34.35 26.91
C PHE M 146 7.82 33.62 27.46
N PHE M 147 7.85 32.30 27.33
CA PHE M 147 8.95 31.53 27.91
C PHE M 147 10.23 31.66 27.11
N GLN M 148 10.14 31.92 25.81
CA GLN M 148 11.35 32.12 25.02
C GLN M 148 12.04 33.42 25.40
N SER M 149 11.27 34.48 25.66
CA SER M 149 11.86 35.76 26.04
C SER M 149 12.41 35.73 27.46
N LEU M 150 11.85 34.88 28.32
CA LEU M 150 12.32 34.80 29.70
C LEU M 150 13.70 34.14 29.78
N VAL M 151 13.93 33.08 29.02
CA VAL M 151 15.22 32.41 29.07
C VAL M 151 16.31 33.17 28.32
N ASN M 152 15.94 34.09 27.43
CA ASN M 152 16.95 34.84 26.69
C ASN M 152 17.62 35.89 27.58
N THR M 153 16.91 36.41 28.57
CA THR M 153 17.48 37.41 29.47
C THR M 153 17.99 36.83 30.78
N SER M 154 17.48 35.66 31.20
CA SER M 154 17.91 35.05 32.44
C SER M 154 19.04 34.03 32.26
N GLY M 155 19.28 33.58 31.03
CA GLY M 155 20.33 32.61 30.77
C GLY M 155 20.12 31.26 31.40
N MET M 156 18.94 30.68 31.20
CA MET M 156 18.59 29.38 31.79
C MET M 156 18.26 28.37 30.71
N THR M 157 18.44 27.10 31.06
CA THR M 157 18.06 25.98 30.20
C THR M 157 16.72 25.43 30.72
N LEU M 158 15.71 25.41 29.85
CA LEU M 158 14.35 25.07 30.25
C LEU M 158 13.76 24.05 29.29
N HIS M 159 13.17 22.99 29.84
CA HIS M 159 12.49 21.96 29.07
C HIS M 159 11.07 21.79 29.58
N ILE M 160 10.10 21.83 28.66
CA ILE M 160 8.69 21.66 29.00
C ILE M 160 8.11 20.56 28.13
N ARG M 161 7.47 19.57 28.76
CA ARG M 161 6.86 18.46 28.04
C ARG M 161 5.49 18.16 28.62
N GLN M 162 4.52 17.91 27.73
CA GLN M 162 3.15 17.58 28.08
C GLN M 162 2.92 16.09 27.89
N PHE M 163 2.34 15.44 28.89
CA PHE M 163 2.03 14.03 28.82
C PHE M 163 0.55 13.74 28.59
N SER M 164 -0.34 14.62 29.03
CA SER M 164 -1.77 14.47 28.81
C SER M 164 -2.44 15.83 28.98
N GLY M 165 -3.68 15.92 28.51
CA GLY M 165 -4.45 17.14 28.65
C GLY M 165 -5.34 17.45 27.47
N THR M 166 -6.52 17.98 27.73
CA THR M 166 -7.46 18.33 26.68
C THR M 166 -7.91 19.79 26.79
N ASN M 167 -8.11 20.26 28.02
CA ASN M 167 -8.62 21.59 28.25
C ASN M 167 -7.49 22.62 28.19
N SER M 168 -7.72 23.71 27.45
CA SER M 168 -6.68 24.71 27.25
C SER M 168 -6.33 25.44 28.53
N HIS M 169 -7.34 25.79 29.34
CA HIS M 169 -7.08 26.45 30.62
C HIS M 169 -6.27 25.57 31.55
N HIS M 170 -6.59 24.27 31.61
CA HIS M 170 -5.91 23.37 32.51
C HIS M 170 -4.45 23.14 32.09
N ILE M 171 -4.19 23.05 30.78
CA ILE M 171 -2.84 22.75 30.30
C ILE M 171 -1.89 23.90 30.61
N ILE M 172 -2.29 25.13 30.30
CA ILE M 172 -1.43 26.29 30.51
C ILE M 172 -1.18 26.52 32.00
N GLU M 173 -2.24 26.44 32.81
CA GLU M 173 -2.11 26.80 34.22
C GLU M 173 -1.43 25.67 35.01
N ALA M 174 -1.42 24.46 34.46
CA ALA M 174 -0.57 23.41 35.02
C ALA M 174 0.90 23.64 34.68
N THR M 175 1.19 24.26 33.53
CA THR M 175 2.57 24.54 33.15
C THR M 175 3.19 25.56 34.10
N PHE M 176 2.44 26.59 34.48
CA PHE M 176 2.98 27.61 35.37
C PHE M 176 3.17 27.08 36.79
N LYS M 177 2.34 26.13 37.22
CA LYS M 177 2.53 25.53 38.53
C LYS M 177 3.82 24.72 38.60
N ALA M 178 4.11 23.93 37.55
CA ALA M 178 5.32 23.11 37.55
C ALA M 178 6.57 23.98 37.41
N PHE M 179 6.48 25.08 36.67
CA PHE M 179 7.62 25.98 36.52
C PHE M 179 7.95 26.69 37.82
N ALA M 180 6.92 27.07 38.58
CA ALA M 180 7.15 27.79 39.83
C ALA M 180 7.84 26.91 40.87
N ARG M 181 7.42 25.66 41.01
CA ARG M 181 8.00 24.78 42.01
C ARG M 181 9.36 24.25 41.59
N ALA M 182 9.62 24.13 40.29
CA ALA M 182 10.94 23.74 39.84
C ALA M 182 11.95 24.88 40.00
N LEU M 183 11.50 26.12 39.80
CA LEU M 183 12.37 27.28 40.01
C LEU M 183 12.66 27.47 41.49
N ARG M 184 11.68 27.17 42.35
CA ARG M 184 11.89 27.29 43.80
C ARG M 184 12.95 26.30 44.27
N GLN M 185 12.93 25.07 43.76
CA GLN M 185 13.90 24.07 44.18
C GLN M 185 15.31 24.43 43.72
N ALA M 186 15.42 25.06 42.55
CA ALA M 186 16.75 25.40 42.03
C ALA M 186 17.37 26.57 42.79
N THR M 187 16.54 27.42 43.40
CA THR M 187 17.07 28.61 44.07
C THR M 187 17.30 28.41 45.56
N GLU M 188 16.90 27.28 46.15
CA GLU M 188 17.18 27.04 47.55
C GLU M 188 18.65 26.71 47.76
N TYR M 189 19.16 27.08 48.93
CA TYR M 189 20.55 26.80 49.27
C TYR M 189 20.74 25.32 49.56
N ASP M 190 21.82 24.76 49.03
CA ASP M 190 22.13 23.37 49.30
C ASP M 190 22.70 23.24 50.71
N THR M 191 22.31 22.17 51.40
CA THR M 191 22.74 21.95 52.78
C THR M 191 24.07 21.23 52.88
N ARG M 192 24.67 20.86 51.75
CA ARG M 192 25.95 20.11 51.68
C ARG M 192 25.75 18.79 52.40
N ARG M 193 26.72 18.33 53.19
CA ARG M 193 26.61 17.05 53.88
C ARG M 193 25.73 17.17 55.11
N ALA N 10 54.81 -35.35 16.11
CA ALA N 10 54.32 -33.97 16.12
C ALA N 10 54.35 -33.38 14.72
N ARG N 11 53.23 -32.78 14.31
CA ARG N 11 53.08 -32.18 12.99
C ARG N 11 53.36 -30.69 13.09
N ILE N 12 54.34 -30.22 12.32
CA ILE N 12 54.81 -28.83 12.38
C ILE N 12 54.89 -28.28 10.97
N GLY N 13 54.40 -27.06 10.81
CA GLY N 13 54.47 -26.38 9.52
C GLY N 13 55.13 -25.03 9.64
N GLU N 14 55.88 -24.65 8.61
CA GLU N 14 56.57 -23.36 8.58
C GLU N 14 56.49 -22.77 7.18
N MET N 15 56.65 -21.46 7.10
CA MET N 15 56.56 -20.74 5.83
C MET N 15 57.36 -19.44 5.92
N LYS N 16 57.98 -19.07 4.81
CA LYS N 16 58.74 -17.83 4.72
C LYS N 16 58.57 -17.25 3.33
N ARG N 17 58.05 -16.03 3.24
CA ARG N 17 57.82 -15.36 1.97
C ARG N 17 58.31 -13.93 2.04
N VAL N 18 59.04 -13.50 1.01
CA VAL N 18 59.55 -12.13 0.91
C VAL N 18 58.99 -11.52 -0.37
N THR N 19 58.25 -10.42 -0.24
CA THR N 19 57.75 -9.66 -1.37
C THR N 19 58.23 -8.22 -1.25
N LYS N 20 57.82 -7.39 -2.21
CA LYS N 20 58.20 -5.98 -2.20
C LYS N 20 57.50 -5.19 -1.10
N GLU N 21 56.49 -5.76 -0.45
CA GLU N 21 55.73 -5.06 0.58
C GLU N 21 55.89 -5.64 1.97
N THR N 22 56.08 -6.95 2.10
CA THR N 22 56.02 -7.60 3.41
C THR N 22 57.10 -8.67 3.51
N ASN N 23 57.53 -8.93 4.75
CA ASN N 23 58.38 -10.05 5.09
C ASN N 23 57.71 -10.82 6.22
N VAL N 24 57.42 -12.10 6.01
CA VAL N 24 56.61 -12.89 6.91
C VAL N 24 57.28 -14.23 7.18
N SER N 25 57.34 -14.63 8.44
CA SER N 25 57.76 -15.96 8.86
C SER N 25 56.74 -16.51 9.85
N VAL N 26 56.25 -17.72 9.60
CA VAL N 26 55.16 -18.31 10.37
C VAL N 26 55.51 -19.75 10.70
N LYS N 27 55.25 -20.16 11.95
CA LYS N 27 55.47 -21.53 12.39
C LYS N 27 54.25 -22.00 13.20
N ILE N 28 53.72 -23.17 12.86
CA ILE N 28 52.53 -23.73 13.48
C ILE N 28 52.82 -25.16 13.91
N ASN N 29 52.38 -25.50 15.13
CA ASN N 29 52.52 -26.86 15.66
C ASN N 29 51.14 -27.32 16.11
N LEU N 30 50.64 -28.40 15.51
CA LEU N 30 49.30 -28.88 15.82
C LEU N 30 49.24 -29.60 17.15
N ASP N 31 50.33 -30.26 17.56
CA ASP N 31 50.40 -30.93 18.85
C ASP N 31 51.20 -30.05 19.80
N GLY N 32 50.51 -29.07 20.39
CA GLY N 32 51.13 -28.09 21.24
C GLY N 32 50.43 -27.98 22.59
N THR N 33 50.92 -27.03 23.39
CA THR N 33 50.39 -26.77 24.71
C THR N 33 49.86 -25.34 24.86
N GLY N 34 49.81 -24.57 23.79
CA GLY N 34 49.29 -23.23 23.83
C GLY N 34 50.31 -22.11 23.89
N VAL N 35 51.53 -22.34 23.42
CA VAL N 35 52.54 -21.29 23.40
C VAL N 35 52.21 -20.30 22.30
N ALA N 36 52.21 -19.01 22.65
CA ALA N 36 51.89 -17.95 21.71
C ALA N 36 53.03 -16.94 21.67
N ASP N 37 53.62 -16.76 20.49
CA ASP N 37 54.66 -15.75 20.26
C ASP N 37 54.32 -15.05 18.93
N ASN N 38 53.52 -14.00 19.01
CA ASN N 38 53.03 -13.30 17.83
C ASN N 38 53.49 -11.85 17.88
N SER N 39 54.13 -11.39 16.80
CA SER N 39 54.63 -10.02 16.75
C SER N 39 54.59 -9.55 15.29
N SER N 40 53.52 -8.86 14.93
CA SER N 40 53.40 -8.17 13.66
C SER N 40 53.19 -6.68 13.93
N GLY N 41 52.92 -5.92 12.87
CA GLY N 41 52.65 -4.51 13.01
C GLY N 41 51.23 -4.16 13.36
N ILE N 42 50.37 -5.14 13.57
CA ILE N 42 48.97 -4.94 13.87
C ILE N 42 48.69 -5.49 15.26
N PRO N 43 48.63 -4.64 16.28
CA PRO N 43 48.43 -5.14 17.66
C PRO N 43 47.13 -5.90 17.88
N PHE N 44 46.04 -5.51 17.21
CA PHE N 44 44.77 -6.20 17.43
C PHE N 44 44.79 -7.59 16.83
N LEU N 45 45.47 -7.78 15.70
CA LEU N 45 45.58 -9.12 15.12
C LEU N 45 46.40 -10.04 16.02
N ASP N 46 47.41 -9.49 16.71
CA ASP N 46 48.18 -10.29 17.65
C ASP N 46 47.32 -10.75 18.83
N HIS N 47 46.40 -9.88 19.27
CA HIS N 47 45.46 -10.27 20.32
C HIS N 47 44.57 -11.41 19.86
N MET N 48 44.18 -11.41 18.58
CA MET N 48 43.33 -12.46 18.05
C MET N 48 44.09 -13.77 17.90
N LEU N 49 45.35 -13.71 17.46
CA LEU N 49 46.12 -14.92 17.23
C LEU N 49 46.50 -15.60 18.54
N ASP N 50 46.57 -14.85 19.64
CA ASP N 50 46.85 -15.47 20.93
C ASP N 50 45.71 -16.36 21.39
N GLN N 51 44.46 -15.96 21.11
CA GLN N 51 43.32 -16.78 21.50
C GLN N 51 43.26 -18.08 20.72
N LEU N 52 43.79 -18.10 19.50
CA LEU N 52 43.83 -19.35 18.73
C LEU N 52 44.78 -20.35 19.38
N ALA N 53 45.86 -19.87 20.00
CA ALA N 53 46.79 -20.77 20.67
C ALA N 53 46.22 -21.27 21.99
N SER N 54 45.59 -20.40 22.77
CA SER N 54 45.10 -20.81 24.09
C SER N 54 43.89 -21.72 24.00
N HIS N 55 42.93 -21.38 23.15
CA HIS N 55 41.70 -22.17 23.06
C HIS N 55 41.87 -23.41 22.19
N GLY N 56 42.75 -23.36 21.20
CA GLY N 56 43.00 -24.50 20.35
C GLY N 56 44.13 -25.40 20.76
N LEU N 57 44.90 -25.01 21.78
CA LEU N 57 46.09 -25.74 22.24
C LEU N 57 47.09 -25.93 21.12
N PHE N 58 47.25 -24.91 20.27
CA PHE N 58 48.26 -24.89 19.23
C PHE N 58 49.45 -24.04 19.65
N ASP N 59 50.56 -24.23 18.96
CA ASP N 59 51.75 -23.39 19.11
C ASP N 59 51.84 -22.52 17.87
N VAL N 60 51.66 -21.22 18.03
CA VAL N 60 51.59 -20.27 16.93
C VAL N 60 52.72 -19.25 17.09
N HIS N 61 53.53 -19.10 16.05
CA HIS N 61 54.61 -18.12 16.02
C HIS N 61 54.53 -17.34 14.72
N VAL N 62 54.33 -16.03 14.81
CA VAL N 62 54.23 -15.16 13.65
C VAL N 62 55.18 -13.99 13.83
N LYS N 63 56.01 -13.73 12.81
CA LYS N 63 56.88 -12.56 12.77
C LYS N 63 56.70 -11.90 11.42
N ALA N 64 56.33 -10.61 11.43
CA ALA N 64 56.04 -9.92 10.18
C ALA N 64 56.38 -8.45 10.29
N THR N 65 56.89 -7.88 9.20
CA THR N 65 57.09 -6.45 9.07
C THR N 65 56.67 -6.05 7.66
N GLY N 66 56.21 -4.81 7.51
CA GLY N 66 55.68 -4.40 6.23
C GLY N 66 55.38 -2.92 6.19
N ASP N 67 54.73 -2.52 5.10
CA ASP N 67 54.44 -1.11 4.83
C ASP N 67 53.11 -0.70 5.49
N THR N 68 53.14 -0.69 6.82
CA THR N 68 51.96 -0.28 7.58
C THR N 68 51.72 1.22 7.55
N HIS N 69 52.68 2.01 7.04
CA HIS N 69 52.47 3.44 6.93
C HIS N 69 51.42 3.80 5.89
N ILE N 70 51.17 2.91 4.93
CA ILE N 70 50.08 3.09 3.98
C ILE N 70 48.76 2.56 4.53
N ASP N 71 48.74 1.29 4.89
CA ASP N 71 47.54 0.61 5.38
C ASP N 71 47.96 -0.69 6.04
N ASP N 72 47.01 -1.31 6.73
CA ASP N 72 47.21 -2.65 7.27
C ASP N 72 46.78 -3.74 6.30
N HIS N 73 46.33 -3.37 5.10
CA HIS N 73 45.75 -4.34 4.18
C HIS N 73 46.79 -5.36 3.70
N HIS N 74 47.95 -4.87 3.24
CA HIS N 74 48.93 -5.77 2.64
C HIS N 74 49.55 -6.70 3.69
N THR N 75 49.76 -6.20 4.91
CA THR N 75 50.30 -7.05 5.97
C THR N 75 49.28 -8.09 6.43
N ASN N 76 48.01 -7.69 6.56
CA ASN N 76 46.97 -8.61 6.99
C ASN N 76 46.77 -9.74 5.99
N GLU N 77 46.82 -9.42 4.69
CA GLU N 77 46.61 -10.42 3.66
C GLU N 77 47.76 -11.43 3.62
N ASP N 78 49.00 -10.96 3.76
CA ASP N 78 50.14 -11.85 3.65
C ASP N 78 50.29 -12.78 4.84
N VAL N 79 49.89 -12.34 6.03
CA VAL N 79 49.93 -13.19 7.21
C VAL N 79 48.95 -14.35 7.07
N ALA N 80 47.75 -14.06 6.56
CA ALA N 80 46.72 -15.09 6.43
C ALA N 80 47.12 -16.14 5.40
N LEU N 81 47.77 -15.74 4.30
CA LEU N 81 48.22 -16.69 3.31
C LEU N 81 49.30 -17.62 3.86
N ALA N 82 50.21 -17.07 4.68
CA ALA N 82 51.29 -17.87 5.23
C ALA N 82 50.78 -18.88 6.25
N ILE N 83 49.80 -18.50 7.06
CA ILE N 83 49.22 -19.41 8.05
C ILE N 83 48.52 -20.57 7.35
N GLY N 84 47.80 -20.28 6.26
CA GLY N 84 47.10 -21.33 5.54
C GLY N 84 48.04 -22.33 4.90
N THR N 85 49.15 -21.85 4.34
CA THR N 85 50.12 -22.76 3.71
C THR N 85 50.80 -23.65 4.75
N ALA N 86 51.18 -23.08 5.90
CA ALA N 86 51.83 -23.86 6.94
C ALA N 86 50.88 -24.91 7.53
N LEU N 87 49.59 -24.58 7.60
CA LEU N 87 48.60 -25.55 8.09
C LEU N 87 48.48 -26.72 7.13
N LEU N 88 48.52 -26.47 5.83
CA LEU N 88 48.38 -27.54 4.84
C LEU N 88 49.55 -28.52 4.92
N GLN N 89 50.77 -28.01 5.10
CA GLN N 89 51.93 -28.89 5.10
C GLN N 89 52.00 -29.71 6.39
N ALA N 90 51.52 -29.14 7.50
CA ALA N 90 51.52 -29.88 8.76
C ALA N 90 50.47 -31.01 8.74
N LEU N 91 49.37 -30.81 8.02
CA LEU N 91 48.34 -31.85 7.95
C LEU N 91 48.84 -33.08 7.20
N GLY N 92 49.57 -32.89 6.11
CA GLY N 92 50.08 -34.02 5.35
C GLY N 92 48.97 -34.76 4.64
N ASP N 93 48.93 -36.08 4.84
CA ASP N 93 47.97 -36.93 4.15
C ASP N 93 46.58 -36.92 4.80
N ARG N 94 46.46 -36.37 6.01
CA ARG N 94 45.18 -36.26 6.72
C ARG N 94 44.54 -37.63 6.94
N LYS N 95 45.35 -38.63 7.28
CA LYS N 95 44.87 -39.99 7.46
C LYS N 95 44.62 -40.26 8.93
N GLY N 96 43.41 -40.75 9.24
CA GLY N 96 43.05 -41.09 10.60
C GLY N 96 42.52 -39.95 11.44
N ILE N 97 42.21 -38.80 10.84
CA ILE N 97 41.72 -37.65 11.57
C ILE N 97 40.22 -37.52 11.37
N ASN N 98 39.59 -36.71 12.22
CA ASN N 98 38.13 -36.56 12.19
C ASN N 98 37.67 -35.82 10.95
N ARG N 99 38.43 -34.81 10.51
CA ARG N 99 38.21 -33.94 9.36
C ARG N 99 37.00 -33.01 9.51
N PHE N 100 36.24 -33.10 10.61
CA PHE N 100 35.06 -32.27 10.80
C PHE N 100 35.10 -31.61 12.17
N GLY N 101 34.65 -30.37 12.23
CA GLY N 101 34.61 -29.63 13.48
C GLY N 101 33.43 -28.68 13.59
N ASN N 102 32.79 -28.65 14.75
CA ASN N 102 31.65 -27.78 15.00
C ASN N 102 31.75 -27.21 16.41
N PHE N 103 31.44 -25.92 16.55
CA PHE N 103 31.45 -25.28 17.86
C PHE N 103 30.68 -23.98 17.82
N SER N 104 29.95 -23.71 18.90
CA SER N 104 29.30 -22.43 19.14
C SER N 104 29.91 -21.80 20.38
N ALA N 105 30.30 -20.54 20.28
CA ALA N 105 31.01 -19.86 21.36
C ALA N 105 30.22 -18.64 21.83
N PRO N 106 29.79 -18.61 23.09
CA PRO N 106 29.17 -17.39 23.63
C PRO N 106 30.17 -16.47 24.31
N LEU N 107 29.99 -15.18 24.10
CA LEU N 107 30.82 -14.15 24.75
C LEU N 107 29.89 -12.99 25.09
N ASP N 108 29.39 -13.00 26.34
CA ASP N 108 28.43 -12.02 26.85
C ASP N 108 27.19 -12.07 25.94
N GLU N 109 26.84 -11.00 25.23
CA GLU N 109 25.67 -11.00 24.38
C GLU N 109 25.92 -11.60 23.00
N ALA N 110 27.16 -11.90 22.65
CA ALA N 110 27.50 -12.40 21.33
C ALA N 110 27.49 -13.93 21.29
N LEU N 111 27.17 -14.48 20.12
CA LEU N 111 27.11 -15.92 19.92
C LEU N 111 27.41 -16.22 18.46
N VAL N 112 28.48 -16.95 18.20
CA VAL N 112 28.95 -17.25 16.85
C VAL N 112 29.14 -18.76 16.72
N HIS N 113 28.65 -19.33 15.61
CA HIS N 113 28.80 -20.74 15.31
C HIS N 113 29.72 -20.94 14.11
N VAL N 114 30.62 -21.92 14.21
CA VAL N 114 31.62 -22.20 13.17
C VAL N 114 31.52 -23.66 12.78
N SER N 115 31.44 -23.92 11.47
CA SER N 115 31.44 -25.27 10.93
C SER N 115 32.50 -25.36 9.85
N LEU N 116 33.40 -26.34 9.95
CA LEU N 116 34.48 -26.49 8.99
C LEU N 116 34.71 -27.96 8.66
N ASP N 117 35.34 -28.18 7.52
CA ASP N 117 35.71 -29.52 7.07
C ASP N 117 36.94 -29.42 6.17
N LEU N 118 37.92 -30.27 6.42
CA LEU N 118 39.19 -30.26 5.67
C LEU N 118 39.08 -31.24 4.52
N SER N 119 38.79 -30.72 3.31
CA SER N 119 38.49 -31.56 2.17
C SER N 119 39.35 -31.31 0.94
N GLY N 120 40.10 -30.21 0.88
CA GLY N 120 40.84 -29.85 -0.31
C GLY N 120 40.11 -28.93 -1.25
N ARG N 121 38.84 -28.63 -0.99
CA ARG N 121 38.06 -27.72 -1.82
C ARG N 121 37.81 -26.43 -1.06
N PRO N 122 38.36 -25.29 -1.51
CA PRO N 122 38.22 -24.04 -0.74
C PRO N 122 36.85 -23.40 -0.93
N HIS N 123 36.23 -23.01 0.18
CA HIS N 123 34.96 -22.28 0.15
C HIS N 123 34.82 -21.54 1.48
N LEU N 124 34.29 -20.32 1.41
CA LEU N 124 34.04 -19.51 2.60
C LEU N 124 32.58 -19.06 2.62
N GLY N 125 31.89 -19.35 3.72
CA GLY N 125 30.57 -18.79 3.95
C GLY N 125 30.61 -17.82 5.12
N TYR N 126 30.48 -16.53 4.84
CA TYR N 126 30.69 -15.48 5.82
C TYR N 126 29.36 -14.76 6.08
N ASP N 127 28.88 -14.83 7.33
CA ASP N 127 27.68 -14.11 7.74
C ASP N 127 27.98 -13.46 9.10
N LEU N 128 28.51 -12.24 9.04
CA LEU N 128 28.81 -11.46 10.24
C LEU N 128 28.27 -10.06 10.05
N ASN N 129 27.87 -9.43 11.16
CA ASN N 129 27.34 -8.07 11.16
C ASN N 129 28.08 -7.26 12.21
N ILE N 130 29.21 -6.67 11.82
CA ILE N 130 30.02 -5.87 12.72
C ILE N 130 29.53 -4.42 12.63
N PRO N 131 29.07 -3.82 13.72
CA PRO N 131 28.40 -2.52 13.62
C PRO N 131 29.35 -1.35 13.36
N THR N 132 30.57 -1.38 13.89
CA THR N 132 31.47 -0.25 13.79
C THR N 132 32.54 -0.49 12.72
N GLN N 133 33.13 0.60 12.26
CA GLN N 133 34.13 0.55 11.20
C GLN N 133 35.55 0.33 11.73
N ARG N 134 35.83 0.75 12.97
CA ARG N 134 37.13 0.56 13.60
C ARG N 134 36.92 0.02 15.00
N VAL N 135 37.79 -0.90 15.41
CA VAL N 135 37.75 -1.43 16.78
C VAL N 135 38.76 -0.65 17.60
N GLY N 136 40.04 -0.73 17.23
CA GLY N 136 41.05 0.17 17.74
C GLY N 136 41.57 1.02 16.61
N LYS N 137 42.75 0.67 16.11
CA LYS N 137 43.23 1.15 14.82
C LYS N 137 42.94 0.15 13.70
N TYR N 138 42.28 -0.96 14.01
CA TYR N 138 42.08 -2.06 13.08
C TYR N 138 40.80 -1.85 12.27
N ASP N 139 40.93 -1.95 10.95
CA ASP N 139 39.79 -1.81 10.06
C ASP N 139 38.99 -3.10 10.02
N THR N 140 37.68 -3.01 10.27
CA THR N 140 36.86 -4.21 10.44
C THR N 140 36.57 -4.92 9.12
N GLN N 141 36.87 -4.29 7.99
CA GLN N 141 36.72 -4.98 6.70
C GLN N 141 37.77 -6.06 6.51
N LEU N 142 38.84 -6.06 7.32
CA LEU N 142 39.91 -7.03 7.17
C LEU N 142 39.61 -8.37 7.84
N VAL N 143 38.53 -8.47 8.62
CA VAL N 143 38.16 -9.75 9.21
C VAL N 143 37.74 -10.74 8.14
N GLU N 144 36.92 -10.29 7.18
CA GLU N 144 36.55 -11.14 6.05
C GLU N 144 37.77 -11.47 5.18
N HIS N 145 38.63 -10.48 4.93
CA HIS N 145 39.79 -10.72 4.07
C HIS N 145 40.77 -11.69 4.70
N PHE N 146 40.85 -11.72 6.03
CA PHE N 146 41.74 -12.67 6.70
C PHE N 146 41.29 -14.11 6.47
N PHE N 147 40.00 -14.38 6.68
CA PHE N 147 39.52 -15.75 6.57
C PHE N 147 39.40 -16.22 5.13
N GLN N 148 39.20 -15.30 4.19
CA GLN N 148 39.15 -15.69 2.78
C GLN N 148 40.52 -16.12 2.29
N SER N 149 41.58 -15.43 2.72
CA SER N 149 42.93 -15.79 2.30
C SER N 149 43.41 -17.07 2.97
N LEU N 150 42.89 -17.37 4.16
CA LEU N 150 43.31 -18.58 4.86
C LEU N 150 42.77 -19.84 4.18
N VAL N 151 41.52 -19.82 3.74
CA VAL N 151 40.94 -20.99 3.11
C VAL N 151 41.43 -21.18 1.67
N ASN N 152 41.98 -20.13 1.05
CA ASN N 152 42.46 -20.27 -0.32
C ASN N 152 43.77 -21.05 -0.38
N THR N 153 44.58 -20.98 0.67
CA THR N 153 45.85 -21.70 0.71
C THR N 153 45.78 -23.02 1.46
N SER N 154 44.81 -23.18 2.38
CA SER N 154 44.68 -24.42 3.13
C SER N 154 43.70 -25.41 2.52
N GLY N 155 42.85 -24.96 1.59
CA GLY N 155 41.89 -25.84 0.95
C GLY N 155 40.83 -26.39 1.88
N MET N 156 40.18 -25.52 2.64
CA MET N 156 39.16 -25.94 3.60
C MET N 156 37.83 -25.30 3.29
N THR N 157 36.76 -25.95 3.74
CA THR N 157 35.40 -25.42 3.65
C THR N 157 35.03 -24.86 5.02
N LEU N 158 34.67 -23.58 5.06
CA LEU N 158 34.45 -22.87 6.31
C LEU N 158 33.14 -22.10 6.25
N HIS N 159 32.31 -22.25 7.29
CA HIS N 159 31.06 -21.52 7.43
C HIS N 159 31.03 -20.80 8.76
N ILE N 160 30.72 -19.50 8.72
CA ILE N 160 30.64 -18.67 9.93
C ILE N 160 29.28 -17.98 9.95
N ARG N 161 28.56 -18.12 11.06
CA ARG N 161 27.25 -17.50 11.20
C ARG N 161 27.12 -16.88 12.59
N GLN N 162 26.55 -15.67 12.64
CA GLN N 162 26.32 -14.93 13.86
C GLN N 162 24.85 -15.00 14.24
N PHE N 163 24.56 -15.34 15.49
CA PHE N 163 23.20 -15.41 15.99
C PHE N 163 22.81 -14.22 16.86
N SER N 164 23.76 -13.59 17.54
CA SER N 164 23.49 -12.41 18.34
C SER N 164 24.80 -11.67 18.57
N GLY N 165 24.68 -10.42 19.02
CA GLY N 165 25.86 -9.62 19.33
C GLY N 165 25.71 -8.16 18.98
N THR N 166 26.26 -7.28 19.81
CA THR N 166 26.20 -5.85 19.58
C THR N 166 27.58 -5.22 19.59
N ASN N 167 28.44 -5.69 20.49
CA ASN N 167 29.76 -5.10 20.67
C ASN N 167 30.74 -5.67 19.64
N SER N 168 31.49 -4.78 18.99
CA SER N 168 32.40 -5.20 17.92
C SER N 168 33.54 -6.05 18.44
N HIS N 169 34.11 -5.69 19.60
CA HIS N 169 35.18 -6.49 20.18
C HIS N 169 34.70 -7.89 20.54
N HIS N 170 33.49 -7.99 21.11
CA HIS N 170 32.98 -9.29 21.54
C HIS N 170 32.67 -10.19 20.34
N ILE N 171 32.15 -9.63 19.25
CA ILE N 171 31.74 -10.43 18.10
C ILE N 171 32.96 -11.06 17.43
N ILE N 172 33.99 -10.26 17.16
CA ILE N 172 35.18 -10.76 16.47
C ILE N 172 35.92 -11.78 17.32
N GLU N 173 36.08 -11.49 18.61
CA GLU N 173 36.91 -12.34 19.45
C GLU N 173 36.16 -13.61 19.86
N ALA N 174 34.83 -13.60 19.75
CA ALA N 174 34.07 -14.84 19.85
C ALA N 174 34.21 -15.69 18.60
N THR N 175 34.40 -15.06 17.43
CA THR N 175 34.58 -15.81 16.19
C THR N 175 35.89 -16.61 16.22
N PHE N 176 36.96 -16.01 16.73
CA PHE N 176 38.24 -16.69 16.77
C PHE N 176 38.24 -17.83 17.79
N LYS N 177 37.47 -17.69 18.88
CA LYS N 177 37.37 -18.78 19.84
C LYS N 177 36.68 -20.00 19.25
N ALA N 178 35.58 -19.78 18.50
CA ALA N 178 34.85 -20.90 17.91
C ALA N 178 35.66 -21.55 16.79
N PHE N 179 36.43 -20.76 16.05
CA PHE N 179 37.26 -21.32 14.98
C PHE N 179 38.38 -22.17 15.53
N ALA N 180 38.97 -21.76 16.65
CA ALA N 180 40.09 -22.50 17.23
C ALA N 180 39.65 -23.87 17.73
N ARG N 181 38.51 -23.94 18.42
CA ARG N 181 38.05 -25.20 18.97
C ARG N 181 37.45 -26.12 17.91
N ALA N 182 36.90 -25.56 16.84
CA ALA N 182 36.42 -26.39 15.74
C ALA N 182 37.57 -26.97 14.93
N LEU N 183 38.65 -26.19 14.78
CA LEU N 183 39.84 -26.70 14.08
C LEU N 183 40.54 -27.76 14.91
N ARG N 184 40.53 -27.61 16.24
CA ARG N 184 41.14 -28.61 17.11
C ARG N 184 40.42 -29.95 17.00
N GLN N 185 39.09 -29.93 16.95
CA GLN N 185 38.33 -31.17 16.86
C GLN N 185 38.54 -31.87 15.53
N ALA N 186 38.74 -31.09 14.46
CA ALA N 186 38.92 -31.70 13.14
C ALA N 186 40.30 -32.33 13.00
N THR N 187 41.28 -31.87 13.76
CA THR N 187 42.64 -32.38 13.62
C THR N 187 42.98 -33.50 14.59
N GLU N 188 42.12 -33.83 15.55
CA GLU N 188 42.38 -34.95 16.43
C GLU N 188 42.19 -36.27 15.71
N TYR N 189 42.96 -37.27 16.12
CA TYR N 189 42.87 -38.60 15.53
C TYR N 189 41.58 -39.29 15.97
N ASP N 190 40.91 -39.93 15.03
CA ASP N 190 39.71 -40.67 15.35
C ASP N 190 40.09 -41.98 16.03
N THR N 191 39.32 -42.37 17.04
CA THR N 191 39.60 -43.58 17.81
C THR N 191 39.01 -44.83 17.19
N ARG N 192 38.28 -44.70 16.08
CA ARG N 192 37.60 -45.81 15.38
C ARG N 192 36.60 -46.42 16.35
N ARG N 193 36.48 -47.74 16.39
CA ARG N 193 35.51 -48.38 17.28
C ARG N 193 36.03 -48.44 18.71
N ALA O 10 -29.75 -32.50 -50.71
CA ALA O 10 -30.08 -31.64 -49.58
C ALA O 10 -30.04 -32.43 -48.27
N ARG O 11 -29.35 -31.88 -47.27
CA ARG O 11 -29.19 -32.50 -45.97
C ARG O 11 -30.22 -31.93 -45.02
N ILE O 12 -31.06 -32.81 -44.46
CA ILE O 12 -32.19 -32.42 -43.62
C ILE O 12 -32.16 -33.24 -42.34
N GLY O 13 -32.37 -32.58 -41.22
CA GLY O 13 -32.44 -33.26 -39.94
C GLY O 13 -33.71 -32.94 -39.20
N GLU O 14 -34.25 -33.93 -38.48
CA GLU O 14 -35.47 -33.76 -37.71
C GLU O 14 -35.34 -34.48 -36.37
N MET O 15 -36.14 -34.06 -35.41
CA MET O 15 -36.11 -34.63 -34.06
C MET O 15 -37.46 -34.43 -33.39
N LYS O 16 -37.85 -35.40 -32.59
CA LYS O 16 -39.11 -35.33 -31.83
C LYS O 16 -38.90 -36.01 -30.49
N ARG O 17 -39.10 -35.27 -29.40
CA ARG O 17 -38.93 -35.79 -28.05
C ARG O 17 -40.10 -35.37 -27.18
N VAL O 18 -40.63 -36.33 -26.42
CA VAL O 18 -41.74 -36.08 -25.50
C VAL O 18 -41.27 -36.46 -24.10
N THR O 19 -41.29 -35.49 -23.18
CA THR O 19 -40.98 -35.73 -21.78
C THR O 19 -42.16 -35.27 -20.93
N LYS O 20 -42.02 -35.40 -19.61
CA LYS O 20 -43.07 -34.98 -18.69
C LYS O 20 -43.22 -33.47 -18.61
N GLU O 21 -42.28 -32.70 -19.16
CA GLU O 21 -42.32 -31.24 -19.09
C GLU O 21 -42.51 -30.56 -20.43
N THR O 22 -42.01 -31.13 -21.52
CA THR O 22 -41.97 -30.43 -22.80
C THR O 22 -42.31 -31.39 -23.94
N ASN O 23 -42.85 -30.83 -25.02
CA ASN O 23 -43.03 -31.51 -26.29
C ASN O 23 -42.39 -30.66 -27.38
N VAL O 24 -41.42 -31.22 -28.10
CA VAL O 24 -40.59 -30.47 -29.03
C VAL O 24 -40.50 -31.21 -30.35
N SER O 25 -40.67 -30.49 -31.45
CA SER O 25 -40.42 -30.99 -32.80
C SER O 25 -39.57 -29.96 -33.55
N VAL O 26 -38.47 -30.41 -34.14
CA VAL O 26 -37.49 -29.52 -34.76
C VAL O 26 -37.10 -30.09 -36.12
N LYS O 27 -37.02 -29.21 -37.13
CA LYS O 27 -36.58 -29.60 -38.47
C LYS O 27 -35.57 -28.57 -38.98
N ILE O 28 -34.44 -29.04 -39.48
CA ILE O 28 -33.35 -28.20 -39.96
C ILE O 28 -32.94 -28.66 -41.36
N ASN O 29 -32.73 -27.69 -42.25
CA ASN O 29 -32.27 -27.96 -43.61
C ASN O 29 -31.04 -27.10 -43.85
N LEU O 30 -29.91 -27.74 -44.13
CA LEU O 30 -28.65 -27.01 -44.31
C LEU O 30 -28.58 -26.31 -45.67
N ASP O 31 -29.22 -26.88 -46.69
CA ASP O 31 -29.27 -26.27 -48.02
C ASP O 31 -30.64 -25.61 -48.19
N GLY O 32 -30.76 -24.39 -47.65
CA GLY O 32 -32.01 -23.68 -47.64
C GLY O 32 -31.87 -22.27 -48.21
N THR O 33 -32.98 -21.54 -48.16
CA THR O 33 -33.04 -20.18 -48.65
C THR O 33 -33.41 -19.17 -47.56
N GLY O 34 -33.49 -19.60 -46.31
CA GLY O 34 -33.80 -18.71 -45.21
C GLY O 34 -35.23 -18.73 -44.71
N VAL O 35 -35.96 -19.81 -44.92
CA VAL O 35 -37.32 -19.90 -44.41
C VAL O 35 -37.28 -20.10 -42.90
N ALA O 36 -38.06 -19.29 -42.18
CA ALA O 36 -38.11 -19.35 -40.73
C ALA O 36 -39.55 -19.55 -40.27
N ASP O 37 -39.81 -20.64 -39.57
CA ASP O 37 -41.11 -20.93 -38.96
C ASP O 37 -40.85 -21.42 -37.53
N ASN O 38 -40.78 -20.48 -36.59
CA ASN O 38 -40.44 -20.78 -35.21
C ASN O 38 -41.59 -20.36 -34.31
N SER O 39 -42.05 -21.29 -33.47
CA SER O 39 -43.17 -21.00 -32.57
C SER O 39 -42.99 -21.84 -31.30
N SER O 40 -42.41 -21.24 -30.28
CA SER O 40 -42.33 -21.80 -28.94
C SER O 40 -43.02 -20.86 -27.97
N GLY O 41 -42.92 -21.16 -26.68
CA GLY O 41 -43.50 -20.30 -25.67
C GLY O 41 -42.63 -19.15 -25.24
N ILE O 42 -41.47 -18.96 -25.86
CA ILE O 42 -40.53 -17.91 -25.52
C ILE O 42 -40.38 -16.98 -26.72
N PRO O 43 -41.06 -15.84 -26.73
CA PRO O 43 -41.01 -14.95 -27.90
C PRO O 43 -39.63 -14.43 -28.24
N PHE O 44 -38.77 -14.17 -27.24
CA PHE O 44 -37.44 -13.64 -27.54
C PHE O 44 -36.56 -14.68 -28.19
N LEU O 45 -36.71 -15.95 -27.80
CA LEU O 45 -35.94 -17.02 -28.45
C LEU O 45 -36.35 -17.19 -29.91
N ASP O 46 -37.63 -16.98 -30.21
CA ASP O 46 -38.08 -17.04 -31.59
C ASP O 46 -37.47 -15.93 -32.43
N HIS O 47 -37.31 -14.74 -31.83
CA HIS O 47 -36.63 -13.65 -32.52
C HIS O 47 -35.18 -14.01 -32.82
N MET O 48 -34.53 -14.74 -31.91
CA MET O 48 -33.14 -15.13 -32.12
C MET O 48 -33.02 -16.20 -33.19
N LEU O 49 -33.94 -17.16 -33.20
CA LEU O 49 -33.87 -18.27 -34.16
C LEU O 49 -34.16 -17.81 -35.57
N ASP O 50 -34.91 -16.71 -35.73
CA ASP O 50 -35.16 -16.18 -37.07
C ASP O 50 -33.89 -15.63 -37.70
N GLN O 51 -33.02 -15.00 -36.90
CA GLN O 51 -31.77 -14.46 -37.43
C GLN O 51 -30.84 -15.57 -37.88
N LEU O 52 -30.92 -16.75 -37.27
CA LEU O 52 -30.09 -17.87 -37.71
C LEU O 52 -30.49 -18.34 -39.10
N ALA O 53 -31.78 -18.24 -39.43
CA ALA O 53 -32.24 -18.63 -40.76
C ALA O 53 -31.87 -17.58 -41.81
N SER O 54 -32.02 -16.30 -41.49
CA SER O 54 -31.78 -15.26 -42.49
C SER O 54 -30.30 -15.09 -42.77
N HIS O 55 -29.47 -15.04 -41.72
CA HIS O 55 -28.04 -14.80 -41.91
C HIS O 55 -27.29 -16.06 -42.32
N GLY O 56 -27.77 -17.23 -41.90
CA GLY O 56 -27.12 -18.47 -42.26
C GLY O 56 -27.67 -19.16 -43.49
N LEU O 57 -28.77 -18.65 -44.05
CA LEU O 57 -29.46 -19.26 -45.19
C LEU O 57 -29.87 -20.70 -44.89
N PHE O 58 -30.31 -20.96 -43.66
CA PHE O 58 -30.85 -22.25 -43.26
C PHE O 58 -32.37 -22.20 -43.23
N ASP O 59 -32.98 -23.38 -43.23
CA ASP O 59 -34.42 -23.53 -43.04
C ASP O 59 -34.62 -24.11 -41.64
N VAL O 60 -35.20 -23.33 -40.75
CA VAL O 60 -35.36 -23.69 -39.34
C VAL O 60 -36.84 -23.72 -39.01
N HIS O 61 -37.30 -24.86 -38.46
CA HIS O 61 -38.68 -25.02 -38.02
C HIS O 61 -38.67 -25.59 -36.61
N VAL O 62 -39.23 -24.86 -35.66
CA VAL O 62 -39.29 -25.27 -34.27
C VAL O 62 -40.72 -25.14 -33.78
N LYS O 63 -41.25 -26.21 -33.18
CA LYS O 63 -42.57 -26.20 -32.53
C LYS O 63 -42.41 -26.79 -31.15
N ALA O 64 -42.79 -26.04 -30.12
CA ALA O 64 -42.58 -26.50 -28.75
C ALA O 64 -43.67 -25.96 -27.84
N THR O 65 -44.09 -26.78 -26.88
CA THR O 65 -44.96 -26.36 -25.80
C THR O 65 -44.46 -27.00 -24.51
N GLY O 66 -44.71 -26.33 -23.39
CA GLY O 66 -44.15 -26.81 -22.14
C GLY O 66 -44.68 -26.04 -20.95
N ASP O 67 -44.08 -26.32 -19.80
CA ASP O 67 -44.52 -25.75 -18.52
C ASP O 67 -43.84 -24.39 -18.29
N THR O 68 -44.23 -23.43 -19.12
CA THR O 68 -43.70 -22.07 -18.98
C THR O 68 -44.30 -21.32 -17.80
N HIS O 69 -45.34 -21.86 -17.16
CA HIS O 69 -45.90 -21.21 -15.99
C HIS O 69 -44.97 -21.26 -14.80
N ILE O 70 -44.03 -22.22 -14.77
CA ILE O 70 -43.00 -22.25 -13.75
C ILE O 70 -41.81 -21.38 -14.13
N ASP O 71 -41.21 -21.66 -15.28
CA ASP O 71 -40.03 -20.96 -15.75
C ASP O 71 -39.86 -21.26 -17.23
N ASP O 72 -38.96 -20.52 -17.87
CA ASP O 72 -38.55 -20.81 -19.23
C ASP O 72 -37.36 -21.76 -19.31
N HIS O 73 -36.87 -22.24 -18.16
CA HIS O 73 -35.64 -23.03 -18.13
C HIS O 73 -35.81 -24.36 -18.86
N HIS O 74 -36.88 -25.10 -18.53
CA HIS O 74 -37.03 -26.45 -19.07
C HIS O 74 -37.32 -26.42 -20.58
N THR O 75 -38.07 -25.41 -21.03
CA THR O 75 -38.35 -25.29 -22.47
C THR O 75 -37.11 -24.87 -23.24
N ASN O 76 -36.33 -23.93 -22.69
CA ASN O 76 -35.11 -23.46 -23.35
C ASN O 76 -34.09 -24.57 -23.49
N GLU O 77 -33.95 -25.41 -22.45
CA GLU O 77 -32.98 -26.49 -22.48
C GLU O 77 -33.36 -27.57 -23.50
N ASP O 78 -34.64 -27.91 -23.59
CA ASP O 78 -35.06 -28.99 -24.47
C ASP O 78 -35.00 -28.60 -25.94
N VAL O 79 -35.24 -27.32 -26.25
CA VAL O 79 -35.14 -26.85 -27.63
C VAL O 79 -33.70 -26.93 -28.12
N ALA O 80 -32.75 -26.54 -27.26
CA ALA O 80 -31.34 -26.54 -27.66
C ALA O 80 -30.83 -27.96 -27.89
N LEU O 81 -31.27 -28.93 -27.08
CA LEU O 81 -30.85 -30.31 -27.27
C LEU O 81 -31.39 -30.87 -28.59
N ALA O 82 -32.63 -30.52 -28.95
CA ALA O 82 -33.22 -31.04 -30.17
C ALA O 82 -32.56 -30.46 -31.41
N ILE O 83 -32.18 -29.18 -31.37
CA ILE O 83 -31.51 -28.55 -32.51
C ILE O 83 -30.14 -29.19 -32.72
N GLY O 84 -29.42 -29.48 -31.64
CA GLY O 84 -28.11 -30.09 -31.76
C GLY O 84 -28.16 -31.49 -32.34
N THR O 85 -29.16 -32.28 -31.94
CA THR O 85 -29.29 -33.63 -32.47
C THR O 85 -29.64 -33.62 -33.96
N ALA O 86 -30.56 -32.74 -34.36
CA ALA O 86 -30.95 -32.66 -35.76
C ALA O 86 -29.79 -32.18 -36.64
N LEU O 87 -28.94 -31.30 -36.10
CA LEU O 87 -27.77 -30.85 -36.84
C LEU O 87 -26.79 -31.99 -37.07
N LEU O 88 -26.60 -32.85 -36.08
CA LEU O 88 -25.66 -33.96 -36.20
C LEU O 88 -26.10 -34.94 -37.29
N GLN O 89 -27.41 -35.24 -37.35
CA GLN O 89 -27.88 -36.23 -38.31
C GLN O 89 -27.85 -35.68 -39.74
N ALA O 90 -28.06 -34.38 -39.89
CA ALA O 90 -28.00 -33.77 -41.22
C ALA O 90 -26.56 -33.72 -41.75
N LEU O 91 -25.59 -33.58 -40.86
CA LEU O 91 -24.19 -33.53 -41.29
C LEU O 91 -23.73 -34.87 -41.85
N GLY O 92 -24.14 -35.98 -41.23
CA GLY O 92 -23.74 -37.29 -41.71
C GLY O 92 -22.26 -37.54 -41.51
N ASP O 93 -21.59 -37.95 -42.59
CA ASP O 93 -20.18 -38.30 -42.51
C ASP O 93 -19.24 -37.09 -42.54
N ARG O 94 -19.76 -35.91 -42.87
CA ARG O 94 -18.98 -34.67 -42.89
C ARG O 94 -17.80 -34.76 -43.85
N LYS O 95 -18.02 -35.37 -45.01
CA LYS O 95 -16.95 -35.57 -45.99
C LYS O 95 -17.01 -34.48 -47.04
N GLY O 96 -15.86 -33.83 -47.27
CA GLY O 96 -15.76 -32.79 -48.28
C GLY O 96 -16.17 -31.40 -47.83
N ILE O 97 -16.36 -31.18 -46.53
CA ILE O 97 -16.77 -29.89 -46.02
C ILE O 97 -15.57 -29.19 -45.39
N ASN O 98 -15.73 -27.89 -45.16
CA ASN O 98 -14.63 -27.07 -44.64
C ASN O 98 -14.31 -27.41 -43.19
N ARG O 99 -15.34 -27.70 -42.38
CA ARG O 99 -15.31 -28.04 -40.97
C ARG O 99 -14.87 -26.90 -40.06
N PHE O 100 -14.51 -25.73 -40.61
CA PHE O 100 -14.05 -24.61 -39.80
C PHE O 100 -14.80 -23.34 -40.19
N GLY O 101 -15.12 -22.52 -39.20
CA GLY O 101 -15.81 -21.27 -39.44
C GLY O 101 -15.39 -20.16 -38.49
N ASN O 102 -15.21 -18.96 -39.03
CA ASN O 102 -14.81 -17.79 -38.24
C ASN O 102 -15.58 -16.57 -38.74
N PHE O 103 -16.04 -15.75 -37.80
CA PHE O 103 -16.75 -14.52 -38.16
C PHE O 103 -16.81 -13.58 -36.97
N SER O 104 -16.65 -12.29 -37.26
CA SER O 104 -16.87 -11.22 -36.30
C SER O 104 -18.03 -10.36 -36.78
N ALA O 105 -19.00 -10.10 -35.90
CA ALA O 105 -20.22 -9.39 -36.27
C ALA O 105 -20.34 -8.10 -35.47
N PRO O 106 -20.36 -6.94 -36.12
CA PRO O 106 -20.64 -5.69 -35.40
C PRO O 106 -22.12 -5.33 -35.43
N LEU O 107 -22.60 -4.82 -34.30
CA LEU O 107 -23.99 -4.35 -34.19
C LEU O 107 -23.94 -3.10 -33.30
N ASP O 108 -23.88 -1.93 -33.95
CA ASP O 108 -23.76 -0.63 -33.29
C ASP O 108 -22.49 -0.66 -32.43
N GLU O 109 -22.59 -0.53 -31.11
CA GLU O 109 -21.41 -0.53 -30.25
C GLU O 109 -20.93 -1.93 -29.90
N ALA O 110 -21.67 -2.97 -30.23
CA ALA O 110 -21.32 -4.33 -29.86
C ALA O 110 -20.49 -5.01 -30.95
N LEU O 111 -19.63 -5.93 -30.53
CA LEU O 111 -18.76 -6.67 -31.44
C LEU O 111 -18.44 -8.03 -30.82
N VAL O 112 -18.86 -9.10 -31.49
CA VAL O 112 -18.71 -10.47 -30.98
C VAL O 112 -18.03 -11.31 -32.06
N HIS O 113 -17.04 -12.11 -31.65
CA HIS O 113 -16.34 -13.02 -32.53
C HIS O 113 -16.65 -14.47 -32.17
N VAL O 114 -16.87 -15.30 -33.19
CA VAL O 114 -17.25 -16.70 -33.01
C VAL O 114 -16.29 -17.56 -33.81
N SER O 115 -15.74 -18.59 -33.15
CA SER O 115 -14.88 -19.57 -33.81
C SER O 115 -15.39 -20.96 -33.47
N LEU O 116 -15.62 -21.79 -34.49
CA LEU O 116 -16.16 -23.12 -34.29
C LEU O 116 -15.48 -24.12 -35.22
N ASP O 117 -15.55 -25.38 -34.83
CA ASP O 117 -15.03 -26.49 -35.63
C ASP O 117 -15.82 -27.75 -35.32
N LEU O 118 -16.23 -28.46 -36.37
CA LEU O 118 -17.05 -29.67 -36.23
C LEU O 118 -16.14 -30.87 -36.19
N SER O 119 -15.86 -31.38 -34.98
CA SER O 119 -14.86 -32.42 -34.79
C SER O 119 -15.35 -33.66 -34.07
N GLY O 120 -16.52 -33.63 -33.43
CA GLY O 120 -16.99 -34.73 -32.63
C GLY O 120 -16.63 -34.64 -31.16
N ARG O 121 -15.84 -33.64 -30.76
CA ARG O 121 -15.47 -33.45 -29.37
C ARG O 121 -16.15 -32.20 -28.84
N PRO O 122 -17.07 -32.32 -27.86
CA PRO O 122 -17.83 -31.15 -27.41
C PRO O 122 -17.01 -30.28 -26.44
N HIS O 123 -17.02 -28.98 -26.69
CA HIS O 123 -16.38 -28.02 -25.80
C HIS O 123 -17.02 -26.65 -26.05
N LEU O 124 -17.22 -25.89 -24.98
CA LEU O 124 -17.77 -24.54 -25.06
C LEU O 124 -16.84 -23.56 -24.35
N GLY O 125 -16.43 -22.52 -25.07
CA GLY O 125 -15.73 -21.41 -24.45
C GLY O 125 -16.58 -20.16 -24.49
N TYR O 126 -17.09 -19.74 -23.33
CA TYR O 126 -18.07 -18.67 -23.23
C TYR O 126 -17.45 -17.48 -22.52
N ASP O 127 -17.37 -16.34 -23.22
CA ASP O 127 -16.89 -15.08 -22.63
C ASP O 127 -17.84 -13.97 -23.09
N LEU O 128 -18.90 -13.77 -22.31
CA LEU O 128 -19.87 -12.72 -22.57
C LEU O 128 -20.14 -11.96 -21.28
N ASN O 129 -20.44 -10.67 -21.41
CA ASN O 129 -20.74 -9.80 -20.27
C ASN O 129 -22.05 -9.07 -20.54
N ILE O 130 -23.16 -9.70 -20.17
CA ILE O 130 -24.49 -9.13 -20.37
C ILE O 130 -24.83 -8.31 -19.12
N PRO O 131 -25.07 -7.01 -19.25
CA PRO O 131 -25.19 -6.17 -18.05
C PRO O 131 -26.51 -6.35 -17.29
N THR O 132 -27.61 -6.62 -17.98
CA THR O 132 -28.91 -6.69 -17.32
C THR O 132 -29.36 -8.14 -17.13
N GLN O 133 -30.28 -8.32 -16.19
CA GLN O 133 -30.78 -9.64 -15.83
C GLN O 133 -31.94 -10.09 -16.71
N ARG O 134 -32.72 -9.16 -17.26
CA ARG O 134 -33.84 -9.47 -18.14
C ARG O 134 -33.76 -8.57 -19.36
N VAL O 135 -34.08 -9.12 -20.52
CA VAL O 135 -34.15 -8.34 -21.76
C VAL O 135 -35.59 -7.93 -21.98
N GLY O 136 -36.47 -8.92 -22.14
CA GLY O 136 -37.90 -8.68 -22.08
C GLY O 136 -38.47 -9.42 -20.89
N LYS O 137 -39.10 -10.57 -21.16
CA LYS O 137 -39.39 -11.55 -20.12
C LYS O 137 -38.32 -12.65 -20.07
N TYR O 138 -37.29 -12.55 -20.90
CA TYR O 138 -36.30 -13.60 -21.06
C TYR O 138 -35.16 -13.42 -20.06
N ASP O 139 -34.85 -14.50 -19.34
CA ASP O 139 -33.77 -14.49 -18.37
C ASP O 139 -32.43 -14.65 -19.07
N THR O 140 -31.49 -13.73 -18.80
CA THR O 140 -30.24 -13.70 -19.57
C THR O 140 -29.29 -14.81 -19.19
N GLN O 141 -29.55 -15.53 -18.09
CA GLN O 141 -28.72 -16.68 -17.75
C GLN O 141 -28.94 -17.85 -18.70
N LEU O 142 -30.01 -17.82 -19.49
CA LEU O 142 -30.33 -18.92 -20.40
C LEU O 142 -29.56 -18.84 -21.72
N VAL O 143 -28.84 -17.75 -21.99
CA VAL O 143 -28.03 -17.67 -23.19
C VAL O 143 -26.88 -18.66 -23.13
N GLU O 144 -26.20 -18.74 -21.98
CA GLU O 144 -25.15 -19.73 -21.79
C GLU O 144 -25.71 -21.16 -21.82
N HIS O 145 -26.86 -21.37 -21.17
CA HIS O 145 -27.45 -22.71 -21.12
C HIS O 145 -27.88 -23.19 -22.48
N PHE O 146 -28.29 -22.28 -23.36
CA PHE O 146 -28.69 -22.67 -24.72
C PHE O 146 -27.51 -23.21 -25.50
N PHE O 147 -26.38 -22.50 -25.48
CA PHE O 147 -25.24 -22.92 -26.29
C PHE O 147 -24.51 -24.11 -25.69
N GLN O 148 -24.57 -24.29 -24.37
CA GLN O 148 -23.96 -25.46 -23.77
C GLN O 148 -24.70 -26.73 -24.14
N SER O 149 -26.03 -26.68 -24.19
CA SER O 149 -26.81 -27.86 -24.55
C SER O 149 -26.70 -28.17 -26.03
N LEU O 150 -26.44 -27.16 -26.87
CA LEU O 150 -26.33 -27.39 -28.30
C LEU O 150 -25.05 -28.14 -28.65
N VAL O 151 -23.93 -27.79 -28.02
CA VAL O 151 -22.68 -28.46 -28.33
C VAL O 151 -22.58 -29.85 -27.70
N ASN O 152 -23.41 -30.14 -26.68
CA ASN O 152 -23.35 -31.45 -26.05
C ASN O 152 -23.98 -32.53 -26.95
N THR O 153 -24.95 -32.16 -27.77
CA THR O 153 -25.60 -33.12 -28.66
C THR O 153 -25.05 -33.10 -30.08
N SER O 154 -24.43 -31.99 -30.51
CA SER O 154 -23.88 -31.90 -31.85
C SER O 154 -22.40 -32.26 -31.93
N GLY O 155 -21.71 -32.30 -30.79
CA GLY O 155 -20.29 -32.63 -30.77
C GLY O 155 -19.40 -31.63 -31.46
N MET O 156 -19.53 -30.35 -31.14
CA MET O 156 -18.76 -29.30 -31.77
C MET O 156 -17.94 -28.54 -30.74
N THR O 157 -16.86 -27.93 -31.22
CA THR O 157 -16.02 -27.05 -30.40
C THR O 157 -16.38 -25.61 -30.75
N LEU O 158 -16.78 -24.84 -29.75
CA LEU O 158 -17.32 -23.50 -29.96
C LEU O 158 -16.66 -22.51 -29.00
N HIS O 159 -16.21 -21.39 -29.54
CA HIS O 159 -15.61 -20.31 -28.76
C HIS O 159 -16.33 -19.01 -29.05
N ILE O 160 -16.75 -18.31 -28.00
CA ILE O 160 -17.45 -17.03 -28.13
C ILE O 160 -16.73 -16.00 -27.28
N ARG O 161 -16.37 -14.87 -27.88
CA ARG O 161 -15.69 -13.80 -27.16
C ARG O 161 -16.28 -12.45 -27.54
N GLN O 162 -16.48 -11.59 -26.54
CA GLN O 162 -17.01 -10.25 -26.70
C GLN O 162 -15.89 -9.23 -26.60
N PHE O 163 -15.83 -8.31 -27.55
CA PHE O 163 -14.83 -7.26 -27.54
C PHE O 163 -15.37 -5.90 -27.12
N SER O 164 -16.66 -5.63 -27.34
CA SER O 164 -17.29 -4.40 -26.91
C SER O 164 -18.79 -4.60 -26.87
N GLY O 165 -19.48 -3.67 -26.21
CA GLY O 165 -20.93 -3.72 -26.13
C GLY O 165 -21.49 -3.27 -24.80
N THR O 166 -22.62 -2.57 -24.83
CA THR O 166 -23.26 -2.09 -23.62
C THR O 166 -24.72 -2.54 -23.55
N ASN O 167 -25.41 -2.54 -24.69
CA ASN O 167 -26.82 -2.85 -24.73
C ASN O 167 -27.03 -4.37 -24.76
N SER O 168 -27.93 -4.85 -23.90
CA SER O 168 -28.15 -6.30 -23.78
C SER O 168 -28.75 -6.89 -25.04
N HIS O 169 -29.72 -6.19 -25.66
CA HIS O 169 -30.32 -6.68 -26.90
C HIS O 169 -29.29 -6.77 -28.02
N HIS O 170 -28.42 -5.75 -28.12
CA HIS O 170 -27.43 -5.74 -29.20
C HIS O 170 -26.38 -6.83 -29.02
N ILE O 171 -25.96 -7.11 -27.78
CA ILE O 171 -24.90 -8.08 -27.54
C ILE O 171 -25.37 -9.49 -27.90
N ILE O 172 -26.55 -9.88 -27.43
CA ILE O 172 -27.05 -11.23 -27.68
C ILE O 172 -27.34 -11.44 -29.16
N GLU O 173 -27.98 -10.46 -29.81
CA GLU O 173 -28.42 -10.66 -31.18
C GLU O 173 -27.25 -10.51 -32.15
N ALA O 174 -26.16 -9.88 -31.72
CA ALA O 174 -24.92 -9.94 -32.48
C ALA O 174 -24.24 -11.30 -32.36
N THR O 175 -24.41 -11.98 -31.22
CA THR O 175 -23.83 -13.30 -31.03
C THR O 175 -24.46 -14.31 -31.99
N PHE O 176 -25.78 -14.25 -32.16
CA PHE O 176 -26.46 -15.19 -33.03
C PHE O 176 -26.14 -14.94 -34.50
N LYS O 177 -25.88 -13.68 -34.88
CA LYS O 177 -25.49 -13.39 -36.25
C LYS O 177 -24.12 -13.99 -36.58
N ALA O 178 -23.15 -13.86 -35.66
CA ALA O 178 -21.82 -14.39 -35.91
C ALA O 178 -21.81 -15.92 -35.90
N PHE O 179 -22.65 -16.52 -35.06
CA PHE O 179 -22.74 -17.98 -35.02
C PHE O 179 -23.34 -18.55 -36.29
N ALA O 180 -24.34 -17.86 -36.85
CA ALA O 180 -25.00 -18.35 -38.06
C ALA O 180 -24.06 -18.34 -39.26
N ARG O 181 -23.28 -17.27 -39.43
CA ARG O 181 -22.40 -17.16 -40.57
C ARG O 181 -21.14 -18.02 -40.42
N ALA O 182 -20.70 -18.27 -39.19
CA ALA O 182 -19.59 -19.17 -38.98
C ALA O 182 -19.99 -20.63 -39.20
N LEU O 183 -21.22 -20.98 -38.83
CA LEU O 183 -21.72 -22.33 -39.08
C LEU O 183 -21.95 -22.55 -40.57
N ARG O 184 -22.38 -21.52 -41.29
CA ARG O 184 -22.58 -21.63 -42.73
C ARG O 184 -21.26 -21.91 -43.44
N GLN O 185 -20.19 -21.23 -43.04
CA GLN O 185 -18.90 -21.43 -43.69
C GLN O 185 -18.34 -22.82 -43.42
N ALA O 186 -18.62 -23.37 -42.23
CA ALA O 186 -18.09 -24.69 -41.90
C ALA O 186 -18.82 -25.80 -42.64
N THR O 187 -20.07 -25.56 -43.05
CA THR O 187 -20.85 -26.60 -43.70
C THR O 187 -20.79 -26.56 -45.22
N GLU O 188 -20.18 -25.54 -45.82
CA GLU O 188 -20.04 -25.52 -47.27
C GLU O 188 -19.00 -26.52 -47.73
N TYR O 189 -19.20 -27.06 -48.92
CA TYR O 189 -18.26 -28.02 -49.50
C TYR O 189 -16.98 -27.31 -49.93
N ASP O 190 -15.85 -27.92 -49.63
CA ASP O 190 -14.58 -27.37 -50.05
C ASP O 190 -14.37 -27.64 -51.54
N THR O 191 -13.82 -26.67 -52.25
CA THR O 191 -13.61 -26.77 -53.69
C THR O 191 -12.30 -27.45 -54.05
N ARG O 192 -11.50 -27.83 -53.06
CA ARG O 192 -10.17 -28.46 -53.25
C ARG O 192 -9.30 -27.49 -54.04
N ARG O 193 -8.51 -27.96 -55.00
CA ARG O 193 -7.64 -27.08 -55.76
C ARG O 193 -8.41 -26.33 -56.84
N ALA P 10 -42.67 17.83 48.73
CA ALA P 10 -41.82 18.43 47.71
C ALA P 10 -40.36 18.40 48.14
N ARG P 11 -39.48 17.93 47.24
CA ARG P 11 -38.06 17.81 47.51
C ARG P 11 -37.35 19.04 46.93
N ILE P 12 -36.65 19.77 47.79
CA ILE P 12 -36.01 21.04 47.43
C ILE P 12 -34.57 21.02 47.91
N GLY P 13 -33.67 21.46 47.06
CA GLY P 13 -32.26 21.56 47.41
C GLY P 13 -31.72 22.95 47.17
N GLU P 14 -30.81 23.38 48.05
CA GLU P 14 -30.19 24.70 47.94
C GLU P 14 -28.71 24.60 48.29
N MET P 15 -27.94 25.57 47.80
CA MET P 15 -26.50 25.59 48.03
C MET P 15 -26.00 27.03 47.93
N LYS P 16 -25.00 27.34 48.74
CA LYS P 16 -24.37 28.66 48.74
C LYS P 16 -22.89 28.49 49.02
N ARG P 17 -22.04 28.94 48.10
CA ARG P 17 -20.60 28.84 48.24
C ARG P 17 -19.95 30.16 47.87
N VAL P 18 -19.00 30.60 48.69
CA VAL P 18 -18.25 31.83 48.46
C VAL P 18 -16.77 31.47 48.39
N THR P 19 -16.13 31.76 47.26
CA THR P 19 -14.70 31.57 47.08
C THR P 19 -14.08 32.91 46.68
N LYS P 20 -12.76 32.89 46.45
CA LYS P 20 -12.05 34.10 46.04
C LYS P 20 -12.37 34.51 44.61
N GLU P 21 -13.04 33.65 43.84
CA GLU P 21 -13.34 33.95 42.44
C GLU P 21 -14.82 34.11 42.14
N THR P 22 -15.69 33.39 42.85
CA THR P 22 -17.10 33.33 42.48
C THR P 22 -17.98 33.36 43.73
N ASN P 23 -19.20 33.86 43.55
CA ASN P 23 -20.27 33.78 44.55
C ASN P 23 -21.49 33.18 43.87
N VAL P 24 -21.98 32.05 44.38
CA VAL P 24 -23.01 31.26 43.73
C VAL P 24 -24.09 30.89 44.73
N SER P 25 -25.34 31.06 44.34
CA SER P 25 -26.50 30.57 45.09
C SER P 25 -27.43 29.83 44.12
N VAL P 26 -27.81 28.61 44.48
CA VAL P 26 -28.57 27.73 43.59
C VAL P 26 -29.71 27.10 44.38
N LYS P 27 -30.90 27.04 43.77
CA LYS P 27 -32.06 26.40 44.37
C LYS P 27 -32.75 25.53 43.32
N ILE P 28 -33.03 24.28 43.67
CA ILE P 28 -33.63 23.31 42.77
C ILE P 28 -34.84 22.67 43.46
N ASN P 29 -35.93 22.53 42.71
CA ASN P 29 -37.15 21.88 43.21
C ASN P 29 -37.52 20.79 42.20
N LEU P 30 -37.55 19.54 42.66
CA LEU P 30 -37.82 18.42 41.77
C LEU P 30 -39.30 18.31 41.42
N ASP P 31 -40.19 18.73 42.32
CA ASP P 31 -41.62 18.73 42.07
C ASP P 31 -42.05 20.15 41.74
N GLY P 32 -41.85 20.54 40.48
CA GLY P 32 -42.11 21.89 40.04
C GLY P 32 -43.01 21.92 38.82
N THR P 33 -43.21 23.14 38.31
CA THR P 33 -44.05 23.38 37.14
C THR P 33 -43.27 24.04 36.00
N GLY P 34 -41.96 24.18 36.12
CA GLY P 34 -41.15 24.76 35.08
C GLY P 34 -40.76 26.21 35.25
N VAL P 35 -40.73 26.72 36.47
CA VAL P 35 -40.31 28.09 36.71
C VAL P 35 -38.81 28.20 36.52
N ALA P 36 -38.37 29.18 35.73
CA ALA P 36 -36.95 29.38 35.45
C ALA P 36 -36.57 30.81 35.81
N ASP P 37 -35.62 30.96 36.73
CA ASP P 37 -35.05 32.25 37.11
C ASP P 37 -33.53 32.08 37.18
N ASN P 38 -32.86 32.27 36.06
CA ASN P 38 -31.43 32.05 35.95
C ASN P 38 -30.74 33.35 35.55
N SER P 39 -29.73 33.74 36.33
CA SER P 39 -29.01 34.99 36.05
C SER P 39 -27.56 34.81 36.52
N SER P 40 -26.69 34.46 35.59
CA SER P 40 -25.25 34.44 35.79
C SER P 40 -24.60 35.39 34.79
N GLY P 41 -23.28 35.38 34.75
CA GLY P 41 -22.55 36.20 33.81
C GLY P 41 -22.38 35.60 32.44
N ILE P 42 -22.95 34.43 32.19
CA ILE P 42 -22.82 33.73 30.93
C ILE P 42 -24.21 33.61 30.30
N PRO P 43 -24.55 34.46 29.34
CA PRO P 43 -25.90 34.43 28.76
C PRO P 43 -26.27 33.12 28.08
N PHE P 44 -25.31 32.45 27.44
CA PHE P 44 -25.65 31.20 26.74
C PHE P 44 -25.95 30.08 27.72
N LEU P 45 -25.26 30.06 28.87
CA LEU P 45 -25.55 29.04 29.88
C LEU P 45 -26.95 29.25 30.48
N ASP P 46 -27.38 30.51 30.59
CA ASP P 46 -28.73 30.79 31.07
C ASP P 46 -29.78 30.28 30.09
N HIS P 47 -29.49 30.39 28.79
CA HIS P 47 -30.39 29.83 27.78
C HIS P 47 -30.49 28.32 27.92
N MET P 48 -29.38 27.66 28.27
CA MET P 48 -29.39 26.21 28.42
C MET P 48 -30.14 25.79 29.68
N LEU P 49 -29.97 26.53 30.77
CA LEU P 49 -30.60 26.15 32.03
C LEU P 49 -32.11 26.36 31.99
N ASP P 50 -32.60 27.27 31.13
CA ASP P 50 -34.03 27.45 30.99
C ASP P 50 -34.70 26.23 30.37
N GLN P 51 -34.03 25.58 29.41
CA GLN P 51 -34.59 24.38 28.79
C GLN P 51 -34.68 23.23 29.77
N LEU P 52 -33.79 23.18 30.76
CA LEU P 52 -33.87 22.12 31.78
C LEU P 52 -35.13 22.28 32.63
N ALA P 53 -35.56 23.52 32.87
CA ALA P 53 -36.77 23.75 33.64
C ALA P 53 -38.02 23.45 32.82
N SER P 54 -38.05 23.86 31.56
CA SER P 54 -39.26 23.68 30.75
C SER P 54 -39.48 22.22 30.37
N HIS P 55 -38.42 21.54 29.92
CA HIS P 55 -38.57 20.16 29.45
C HIS P 55 -38.59 19.17 30.61
N GLY P 56 -37.92 19.48 31.71
CA GLY P 56 -37.91 18.60 32.86
C GLY P 56 -38.96 18.88 33.91
N LEU P 57 -39.70 19.98 33.78
CA LEU P 57 -40.69 20.42 34.76
C LEU P 57 -40.07 20.61 36.13
N PHE P 58 -38.85 21.14 36.17
CA PHE P 58 -38.17 21.49 37.41
C PHE P 58 -38.25 22.99 37.65
N ASP P 59 -38.00 23.39 38.89
CA ASP P 59 -37.87 24.79 39.27
C ASP P 59 -36.39 25.05 39.52
N VAL P 60 -35.77 25.86 38.68
CA VAL P 60 -34.33 26.11 38.72
C VAL P 60 -34.10 27.60 38.96
N HIS P 61 -33.31 27.91 39.99
CA HIS P 61 -32.94 29.28 40.31
C HIS P 61 -31.44 29.34 40.52
N VAL P 62 -30.74 30.13 39.69
CA VAL P 62 -29.30 30.27 39.78
C VAL P 62 -28.96 31.75 39.81
N LYS P 63 -28.15 32.16 40.79
CA LYS P 63 -27.61 33.52 40.87
C LYS P 63 -26.12 33.42 41.08
N ALA P 64 -25.34 34.04 40.20
CA ALA P 64 -23.89 33.91 40.27
C ALA P 64 -23.22 35.17 39.74
N THR P 65 -22.11 35.55 40.38
CA THR P 65 -21.24 36.60 39.90
C THR P 65 -19.80 36.15 40.10
N GLY P 66 -18.91 36.63 39.24
CA GLY P 66 -17.54 36.15 39.29
C GLY P 66 -16.63 36.93 38.38
N ASP P 67 -15.40 36.43 38.26
CA ASP P 67 -14.34 37.10 37.50
C ASP P 67 -14.42 36.69 36.02
N THR P 68 -15.49 37.15 35.37
CA THR P 68 -15.67 36.87 33.95
C THR P 68 -14.76 37.72 33.07
N HIS P 69 -14.08 38.72 33.63
CA HIS P 69 -13.15 39.52 32.84
C HIS P 69 -11.92 38.73 32.42
N ILE P 70 -11.59 37.65 33.15
CA ILE P 70 -10.53 36.76 32.74
C ILE P 70 -11.03 35.69 31.77
N ASP P 71 -12.04 34.93 32.19
CA ASP P 71 -12.59 33.83 31.41
C ASP P 71 -13.92 33.45 32.02
N ASP P 72 -14.66 32.61 31.29
CA ASP P 72 -15.88 32.01 31.81
C ASP P 72 -15.63 30.68 32.50
N HIS P 73 -14.37 30.25 32.59
CA HIS P 73 -14.06 28.92 33.10
C HIS P 73 -14.43 28.77 34.58
N HIS P 74 -13.99 29.73 35.41
CA HIS P 74 -14.18 29.58 36.85
C HIS P 74 -15.66 29.71 37.23
N THR P 75 -16.41 30.57 36.53
CA THR P 75 -17.84 30.69 36.81
C THR P 75 -18.61 29.46 36.35
N ASN P 76 -18.27 28.92 35.17
CA ASN P 76 -18.94 27.74 34.65
C ASN P 76 -18.72 26.53 35.54
N GLU P 77 -17.50 26.37 36.07
CA GLU P 77 -17.19 25.23 36.92
C GLU P 77 -17.92 25.30 38.26
N ASP P 78 -18.01 26.49 38.86
CA ASP P 78 -18.61 26.61 40.17
C ASP P 78 -20.13 26.46 40.13
N VAL P 79 -20.77 26.87 39.04
CA VAL P 79 -22.21 26.70 38.90
C VAL P 79 -22.56 25.22 38.82
N ALA P 80 -21.77 24.45 38.06
CA ALA P 80 -22.06 23.03 37.88
C ALA P 80 -21.89 22.26 39.19
N LEU P 81 -20.89 22.62 40.00
CA LEU P 81 -20.69 21.95 41.28
C LEU P 81 -21.86 22.23 42.24
N ALA P 82 -22.38 23.46 42.22
CA ALA P 82 -23.46 23.82 43.12
C ALA P 82 -24.76 23.12 42.74
N ILE P 83 -25.02 22.98 41.44
CA ILE P 83 -26.24 22.29 40.98
C ILE P 83 -26.19 20.82 41.38
N GLY P 84 -25.01 20.19 41.25
CA GLY P 84 -24.89 18.79 41.61
C GLY P 84 -25.09 18.54 43.09
N THR P 85 -24.57 19.43 43.94
CA THR P 85 -24.75 19.26 45.38
C THR P 85 -26.21 19.45 45.80
N ALA P 86 -26.89 20.44 45.23
CA ALA P 86 -28.29 20.68 45.56
C ALA P 86 -29.18 19.53 45.09
N LEU P 87 -28.82 18.91 43.96
CA LEU P 87 -29.58 17.75 43.48
C LEU P 87 -29.44 16.58 44.43
N LEU P 88 -28.25 16.36 44.98
CA LEU P 88 -28.02 15.23 45.89
C LEU P 88 -28.84 15.38 47.16
N GLN P 89 -28.93 16.59 47.71
CA GLN P 89 -29.63 16.78 48.98
C GLN P 89 -31.14 16.68 48.79
N ALA P 90 -31.63 17.09 47.62
CA ALA P 90 -33.07 16.99 47.35
C ALA P 90 -33.49 15.52 47.15
N LEU P 91 -32.60 14.69 46.62
CA LEU P 91 -32.93 13.29 46.40
C LEU P 91 -33.10 12.55 47.72
N GLY P 92 -32.25 12.83 48.70
CA GLY P 92 -32.36 12.16 49.99
C GLY P 92 -32.00 10.69 49.90
N ASP P 93 -32.89 9.84 50.41
CA ASP P 93 -32.63 8.41 50.46
C ASP P 93 -32.90 7.70 49.13
N ARG P 94 -33.55 8.37 48.19
CA ARG P 94 -33.84 7.81 46.86
C ARG P 94 -34.66 6.53 46.95
N LYS P 95 -35.64 6.51 47.84
CA LYS P 95 -36.46 5.32 48.07
C LYS P 95 -37.76 5.44 47.29
N GLY P 96 -38.06 4.40 46.51
CA GLY P 96 -39.29 4.37 45.73
C GLY P 96 -39.24 5.04 44.38
N ILE P 97 -38.05 5.43 43.90
CA ILE P 97 -37.92 6.10 42.63
C ILE P 97 -37.41 5.12 41.58
N ASN P 98 -37.53 5.52 40.32
CA ASN P 98 -37.16 4.64 39.21
C ASN P 98 -35.65 4.43 39.12
N ARG P 99 -34.88 5.49 39.40
CA ARG P 99 -33.42 5.56 39.39
C ARG P 99 -32.80 5.42 38.00
N PHE P 100 -33.60 5.21 36.95
CA PHE P 100 -33.08 5.04 35.60
C PHE P 100 -33.84 5.94 34.64
N GLY P 101 -33.11 6.51 33.68
CA GLY P 101 -33.70 7.37 32.68
C GLY P 101 -33.05 7.26 31.31
N ASN P 102 -33.86 7.22 30.26
CA ASN P 102 -33.37 7.12 28.89
C ASN P 102 -34.21 8.02 27.99
N PHE P 103 -33.54 8.73 27.07
CA PHE P 103 -34.25 9.58 26.13
C PHE P 103 -33.35 9.93 24.95
N SER P 104 -33.94 9.97 23.76
CA SER P 104 -33.30 10.48 22.56
C SER P 104 -34.07 11.70 22.08
N ALA P 105 -33.35 12.78 21.81
CA ALA P 105 -33.97 14.05 21.46
C ALA P 105 -33.54 14.50 20.06
N PRO P 106 -34.46 14.63 19.11
CA PRO P 106 -34.10 15.20 17.81
C PRO P 106 -34.32 16.71 17.75
N LEU P 107 -33.40 17.39 17.10
CA LEU P 107 -33.50 18.85 16.89
C LEU P 107 -32.97 19.11 15.48
N ASP P 108 -33.89 19.17 14.51
CA ASP P 108 -33.58 19.35 13.09
C ASP P 108 -32.65 18.21 12.67
N GLU P 109 -31.42 18.47 12.25
CA GLU P 109 -30.51 17.42 11.82
C GLU P 109 -29.78 16.75 12.97
N ALA P 110 -29.88 17.26 14.19
CA ALA P 110 -29.16 16.73 15.33
C ALA P 110 -29.97 15.68 16.08
N LEU P 111 -29.28 14.73 16.69
CA LEU P 111 -29.91 13.65 17.45
C LEU P 111 -28.95 13.18 18.53
N VAL P 112 -29.34 13.33 19.78
CA VAL P 112 -28.50 13.01 20.94
C VAL P 112 -29.27 12.07 21.86
N HIS P 113 -28.60 11.01 22.34
CA HIS P 113 -29.17 10.07 23.28
C HIS P 113 -28.48 10.17 24.63
N VAL P 114 -29.27 10.14 25.70
CA VAL P 114 -28.76 10.29 27.07
C VAL P 114 -29.25 9.11 27.90
N SER P 115 -28.32 8.47 28.62
CA SER P 115 -28.64 7.39 29.54
C SER P 115 -28.00 7.70 30.88
N LEU P 116 -28.78 7.66 31.95
CA LEU P 116 -28.29 7.99 33.28
C LEU P 116 -28.88 7.05 34.32
N ASP P 117 -28.19 6.95 35.45
CA ASP P 117 -28.65 6.16 36.58
C ASP P 117 -28.08 6.75 37.86
N LEU P 118 -28.94 6.92 38.87
CA LEU P 118 -28.55 7.53 40.14
C LEU P 118 -28.15 6.43 41.11
N SER P 119 -26.83 6.21 41.24
CA SER P 119 -26.31 5.08 42.00
C SER P 119 -25.33 5.43 43.11
N GLY P 120 -24.81 6.66 43.15
CA GLY P 120 -23.78 7.02 44.10
C GLY P 120 -22.37 6.85 43.59
N ARG P 121 -22.18 6.29 42.39
CA ARG P 121 -20.86 6.12 41.80
C ARG P 121 -20.71 7.06 40.62
N PRO P 122 -19.81 8.06 40.69
CA PRO P 122 -19.72 9.05 39.60
C PRO P 122 -18.96 8.51 38.40
N HIS P 123 -19.53 8.71 37.22
CA HIS P 123 -18.87 8.35 35.96
C HIS P 123 -19.50 9.17 34.84
N LEU P 124 -18.67 9.62 33.90
CA LEU P 124 -19.14 10.37 32.75
C LEU P 124 -18.63 9.71 31.46
N GLY P 125 -19.56 9.40 30.56
CA GLY P 125 -19.21 8.98 29.22
C GLY P 125 -19.62 10.02 28.20
N TYR P 126 -18.64 10.72 27.63
CA TYR P 126 -18.89 11.87 26.78
C TYR P 126 -18.46 11.56 25.36
N ASP P 127 -19.42 11.58 24.42
CA ASP P 127 -19.14 11.40 23.00
C ASP P 127 -19.93 12.46 22.23
N LEU P 128 -19.30 13.63 22.06
CA LEU P 128 -19.88 14.73 21.30
C LEU P 128 -18.86 15.26 20.33
N ASN P 129 -19.33 15.76 19.19
CA ASN P 129 -18.47 16.33 18.15
C ASN P 129 -19.01 17.70 17.77
N ILE P 130 -18.56 18.73 18.49
CA ILE P 130 -18.99 20.10 18.25
C ILE P 130 -18.02 20.71 17.24
N PRO P 131 -18.49 21.16 16.08
CA PRO P 131 -17.56 21.56 15.01
C PRO P 131 -16.87 22.90 15.27
N THR P 132 -17.54 23.86 15.90
CA THR P 132 -16.98 25.19 16.06
C THR P 132 -16.45 25.40 17.47
N GLN P 133 -15.56 26.39 17.60
CA GLN P 133 -14.92 26.69 18.87
C GLN P 133 -15.73 27.65 19.74
N ARG P 134 -16.55 28.51 19.13
CA ARG P 134 -17.39 29.45 19.84
C ARG P 134 -18.80 29.39 19.26
N VAL P 135 -19.80 29.48 20.13
CA VAL P 135 -21.19 29.53 19.69
C VAL P 135 -21.61 30.99 19.63
N GLY P 136 -21.58 31.67 20.78
CA GLY P 136 -21.68 33.11 20.82
C GLY P 136 -20.38 33.68 21.34
N LYS P 137 -20.38 34.07 22.62
CA LYS P 137 -19.16 34.30 23.37
C LYS P 137 -18.75 33.08 24.20
N TYR P 138 -19.51 31.99 24.10
CA TYR P 138 -19.33 30.82 24.95
C TYR P 138 -18.33 29.86 24.32
N ASP P 139 -17.34 29.45 25.11
CA ASP P 139 -16.34 28.50 24.66
C ASP P 139 -16.88 27.09 24.73
N THR P 140 -16.79 26.36 23.61
CA THR P 140 -17.45 25.05 23.52
C THR P 140 -16.73 23.96 24.30
N GLN P 141 -15.51 24.23 24.77
CA GLN P 141 -14.83 23.26 25.64
C GLN P 141 -15.47 23.17 27.02
N LEU P 142 -16.31 24.14 27.38
CA LEU P 142 -16.93 24.16 28.70
C LEU P 142 -18.17 23.26 28.80
N VAL P 143 -18.65 22.72 27.68
CA VAL P 143 -19.78 21.80 27.74
C VAL P 143 -19.39 20.50 28.45
N GLU P 144 -18.22 19.96 28.11
CA GLU P 144 -17.71 18.79 28.81
C GLU P 144 -17.41 19.10 30.28
N HIS P 145 -16.81 20.26 30.55
CA HIS P 145 -16.46 20.61 31.93
C HIS P 145 -17.68 20.80 32.80
N PHE P 146 -18.79 21.25 32.21
CA PHE P 146 -20.02 21.42 32.98
C PHE P 146 -20.57 20.08 33.46
N PHE P 147 -20.65 19.10 32.56
CA PHE P 147 -21.24 17.82 32.93
C PHE P 147 -20.31 16.97 33.78
N GLN P 148 -19.00 17.16 33.65
CA GLN P 148 -18.07 16.42 34.50
C GLN P 148 -18.16 16.89 35.95
N SER P 149 -18.31 18.20 36.17
CA SER P 149 -18.42 18.72 37.53
C SER P 149 -19.76 18.39 38.15
N LEU P 150 -20.80 18.22 37.34
CA LEU P 150 -22.12 17.90 37.88
C LEU P 150 -22.18 16.48 38.43
N VAL P 151 -21.58 15.52 37.73
CA VAL P 151 -21.62 14.14 38.20
C VAL P 151 -20.65 13.89 39.35
N ASN P 152 -19.66 14.76 39.55
CA ASN P 152 -18.71 14.55 40.64
C ASN P 152 -19.34 14.88 41.99
N THR P 153 -20.30 15.80 42.03
CA THR P 153 -20.96 16.17 43.27
C THR P 153 -22.29 15.48 43.49
N SER P 154 -22.95 15.01 42.42
CA SER P 154 -24.23 14.34 42.54
C SER P 154 -24.11 12.82 42.61
N GLY P 155 -22.95 12.26 42.25
CA GLY P 155 -22.75 10.82 42.29
C GLY P 155 -23.62 10.03 41.34
N MET P 156 -23.64 10.42 40.07
CA MET P 156 -24.46 9.77 39.06
C MET P 156 -23.61 9.22 37.94
N THR P 157 -24.15 8.20 37.26
CA THR P 157 -23.53 7.62 36.07
C THR P 157 -24.26 8.19 34.85
N LEU P 158 -23.51 8.83 33.95
CA LEU P 158 -24.09 9.55 32.83
C LEU P 158 -23.38 9.18 31.54
N HIS P 159 -24.15 8.86 30.50
CA HIS P 159 -23.63 8.56 29.18
C HIS P 159 -24.30 9.45 28.15
N ILE P 160 -23.49 10.10 27.32
CA ILE P 160 -23.98 10.99 26.26
C ILE P 160 -23.37 10.55 24.94
N ARG P 161 -24.22 10.33 23.93
CA ARG P 161 -23.76 9.92 22.61
C ARG P 161 -24.51 10.69 21.54
N GLN P 162 -23.77 11.14 20.52
CA GLN P 162 -24.31 11.87 19.39
C GLN P 162 -24.39 10.96 18.17
N PHE P 163 -25.54 10.95 17.51
CA PHE P 163 -25.73 10.15 16.31
C PHE P 163 -25.71 10.96 15.03
N SER P 164 -26.08 12.23 15.08
CA SER P 164 -26.02 13.11 13.91
C SER P 164 -26.03 14.55 14.39
N GLY P 165 -25.67 15.45 13.48
CA GLY P 165 -25.68 16.88 13.79
C GLY P 165 -24.56 17.65 13.15
N THR P 166 -24.84 18.87 12.71
CA THR P 166 -23.84 19.72 12.09
C THR P 166 -23.75 21.08 12.78
N ASN P 167 -24.90 21.62 13.18
CA ASN P 167 -24.96 22.95 13.76
C ASN P 167 -24.61 22.90 15.25
N SER P 168 -23.73 23.79 15.68
CA SER P 168 -23.26 23.78 17.07
C SER P 168 -24.36 24.12 18.06
N HIS P 169 -25.20 25.12 17.72
CA HIS P 169 -26.31 25.48 18.59
C HIS P 169 -27.30 24.33 18.75
N HIS P 170 -27.60 23.63 17.65
CA HIS P 170 -28.58 22.55 17.69
C HIS P 170 -28.05 21.36 18.49
N ILE P 171 -26.76 21.04 18.38
CA ILE P 171 -26.21 19.87 19.04
C ILE P 171 -26.23 20.04 20.56
N ILE P 172 -25.75 21.19 21.05
CA ILE P 172 -25.68 21.42 22.48
C ILE P 172 -27.08 21.50 23.09
N GLU P 173 -27.99 22.21 22.44
CA GLU P 173 -29.30 22.46 23.03
C GLU P 173 -30.20 21.22 22.90
N ALA P 174 -29.86 20.31 21.98
CA ALA P 174 -30.50 19.00 21.99
C ALA P 174 -29.99 18.12 23.12
N THR P 175 -28.72 18.30 23.53
CA THR P 175 -28.17 17.53 24.63
C THR P 175 -28.88 17.87 25.95
N PHE P 176 -29.15 19.16 26.18
CA PHE P 176 -29.80 19.56 27.42
C PHE P 176 -31.26 19.12 27.46
N LYS P 177 -31.92 19.04 26.31
CA LYS P 177 -33.29 18.54 26.28
C LYS P 177 -33.37 17.07 26.66
N ALA P 178 -32.44 16.25 26.14
CA ALA P 178 -32.46 14.82 26.44
C ALA P 178 -32.06 14.56 27.89
N PHE P 179 -31.16 15.38 28.43
CA PHE P 179 -30.75 15.22 29.83
C PHE P 179 -31.87 15.57 30.78
N ALA P 180 -32.66 16.59 30.45
CA ALA P 180 -33.74 17.02 31.34
C ALA P 180 -34.84 15.96 31.43
N ARG P 181 -35.22 15.37 30.30
CA ARG P 181 -36.29 14.39 30.31
C ARG P 181 -35.84 13.03 30.84
N ALA P 182 -34.56 12.70 30.70
CA ALA P 182 -34.05 11.48 31.29
C ALA P 182 -33.92 11.60 32.81
N LEU P 183 -33.56 12.79 33.29
CA LEU P 183 -33.49 13.02 34.74
C LEU P 183 -34.89 13.04 35.35
N ARG P 184 -35.87 13.55 34.62
CA ARG P 184 -37.25 13.56 35.11
C ARG P 184 -37.77 12.14 35.28
N GLN P 185 -37.49 11.26 34.34
CA GLN P 185 -37.97 9.88 34.43
C GLN P 185 -37.32 9.13 35.59
N ALA P 186 -36.06 9.45 35.88
CA ALA P 186 -35.36 8.75 36.96
C ALA P 186 -35.85 9.19 38.33
N THR P 187 -36.38 10.40 38.43
CA THR P 187 -36.80 10.92 39.74
C THR P 187 -38.27 10.69 40.04
N GLU P 188 -39.07 10.20 39.10
CA GLU P 188 -40.46 9.90 39.40
C GLU P 188 -40.58 8.66 40.26
N TYR P 189 -41.61 8.63 41.10
CA TYR P 189 -41.86 7.48 41.96
C TYR P 189 -42.37 6.30 41.15
N ASP P 190 -41.84 5.12 41.44
CA ASP P 190 -42.30 3.92 40.76
C ASP P 190 -43.65 3.50 41.34
N THR P 191 -44.55 3.05 40.47
CA THR P 191 -45.90 2.66 40.88
C THR P 191 -45.99 1.23 41.36
N ARG P 192 -44.88 0.48 41.32
CA ARG P 192 -44.81 -0.94 41.71
C ARG P 192 -45.76 -1.72 40.81
N ARG P 193 -46.51 -2.68 41.34
CA ARG P 193 -47.41 -3.48 40.52
C ARG P 193 -48.69 -2.72 40.20
N ALA Q 10 -16.36 -62.61 18.03
CA ALA Q 10 -16.18 -61.29 18.61
C ALA Q 10 -14.71 -60.95 18.78
N ARG Q 11 -14.31 -59.77 18.31
CA ARG Q 11 -12.93 -59.31 18.37
C ARG Q 11 -12.75 -58.43 19.60
N ILE Q 12 -11.82 -58.81 20.47
CA ILE Q 12 -11.61 -58.15 21.76
C ILE Q 12 -10.12 -57.88 21.92
N GLY Q 13 -9.80 -56.67 22.37
CA GLY Q 13 -8.43 -56.30 22.64
C GLY Q 13 -8.25 -55.78 24.05
N GLU Q 14 -7.10 -56.09 24.65
CA GLU Q 14 -6.79 -55.65 26.00
C GLU Q 14 -5.32 -55.25 26.09
N MET Q 15 -5.01 -54.42 27.08
CA MET Q 15 -3.65 -53.92 27.26
C MET Q 15 -3.45 -53.54 28.73
N LYS Q 16 -2.24 -53.76 29.21
CA LYS Q 16 -1.87 -53.40 30.58
C LYS Q 16 -0.42 -52.94 30.59
N ARG Q 17 -0.19 -51.71 31.04
CA ARG Q 17 1.15 -51.14 31.09
C ARG Q 17 1.37 -50.45 32.42
N VAL Q 18 2.52 -50.71 33.04
CA VAL Q 18 2.90 -50.09 34.31
C VAL Q 18 4.20 -49.33 34.08
N THR Q 19 4.18 -48.02 34.33
CA THR Q 19 5.37 -47.19 34.27
C THR Q 19 5.54 -46.49 35.61
N LYS Q 20 6.58 -45.65 35.71
CA LYS Q 20 6.84 -44.91 36.94
C LYS Q 20 5.83 -43.79 37.18
N GLU Q 21 5.00 -43.47 36.19
CA GLU Q 21 4.03 -42.38 36.32
C GLU Q 21 2.58 -42.83 36.30
N THR Q 22 2.26 -43.89 35.57
CA THR Q 22 0.86 -44.25 35.34
C THR Q 22 0.69 -45.77 35.40
N ASN Q 23 -0.53 -46.19 35.76
CA ASN Q 23 -0.97 -47.57 35.66
C ASN Q 23 -2.27 -47.59 34.88
N VAL Q 24 -2.30 -48.32 33.76
CA VAL Q 24 -3.41 -48.27 32.82
C VAL Q 24 -3.82 -49.68 32.44
N SER Q 25 -5.12 -49.94 32.45
CA SER Q 25 -5.71 -51.17 31.92
C SER Q 25 -6.88 -50.80 31.00
N VAL Q 26 -6.88 -51.34 29.79
CA VAL Q 26 -7.84 -50.96 28.76
C VAL Q 26 -8.38 -52.22 28.10
N LYS Q 27 -9.70 -52.26 27.86
CA LYS Q 27 -10.34 -53.37 27.17
C LYS Q 27 -11.32 -52.82 26.14
N ILE Q 28 -11.23 -53.31 24.91
CA ILE Q 28 -12.05 -52.84 23.79
C ILE Q 28 -12.69 -54.05 23.11
N ASN Q 29 -13.98 -53.93 22.79
CA ASN Q 29 -14.71 -54.97 22.07
C ASN Q 29 -15.37 -54.31 20.86
N LEU Q 30 -15.01 -54.77 19.66
CA LEU Q 30 -15.52 -54.16 18.44
C LEU Q 30 -16.96 -54.57 18.15
N ASP Q 31 -17.36 -55.77 18.56
CA ASP Q 31 -18.73 -56.24 18.40
C ASP Q 31 -19.45 -56.12 19.74
N GLY Q 32 -19.92 -54.90 20.02
CA GLY Q 32 -20.53 -54.59 21.29
C GLY Q 32 -21.90 -53.95 21.12
N THR Q 33 -22.48 -53.57 22.26
CA THR Q 33 -23.79 -52.94 22.30
C THR Q 33 -23.75 -51.54 22.92
N GLY Q 34 -22.57 -51.02 23.21
CA GLY Q 34 -22.44 -49.69 23.76
C GLY Q 34 -22.21 -49.60 25.25
N VAL Q 35 -21.67 -50.64 25.87
CA VAL Q 35 -21.38 -50.58 27.30
C VAL Q 35 -20.17 -49.70 27.53
N ALA Q 36 -20.29 -48.76 28.47
CA ALA Q 36 -19.22 -47.83 28.79
C ALA Q 36 -18.90 -47.90 30.27
N ASP Q 37 -17.67 -48.25 30.60
CA ASP Q 37 -17.16 -48.25 31.98
C ASP Q 37 -15.78 -47.59 31.96
N ASN Q 38 -15.76 -46.27 32.12
CA ASN Q 38 -14.53 -45.50 32.03
C ASN Q 38 -14.30 -44.77 33.35
N SER Q 39 -13.10 -44.95 33.91
CA SER Q 39 -12.77 -44.32 35.19
C SER Q 39 -11.26 -44.03 35.20
N SER Q 40 -10.90 -42.81 34.85
CA SER Q 40 -9.55 -42.30 34.99
C SER Q 40 -9.58 -41.07 35.90
N GLY Q 41 -8.45 -40.40 36.02
CA GLY Q 41 -8.37 -39.19 36.82
C GLY Q 41 -8.79 -37.94 36.11
N ILE Q 42 -9.25 -38.03 34.88
CA ILE Q 42 -9.65 -36.89 34.07
C ILE Q 42 -11.13 -37.02 33.75
N PRO Q 43 -12.00 -36.31 34.48
CA PRO Q 43 -13.45 -36.46 34.25
C PRO Q 43 -13.92 -36.09 32.86
N PHE Q 44 -13.30 -35.09 32.22
CA PHE Q 44 -13.76 -34.68 30.89
C PHE Q 44 -13.41 -35.72 29.85
N LEU Q 45 -12.26 -36.40 30.00
CA LEU Q 45 -11.90 -37.46 29.06
C LEU Q 45 -12.86 -38.65 29.19
N ASP Q 46 -13.35 -38.91 30.40
CA ASP Q 46 -14.33 -39.97 30.58
C ASP Q 46 -15.65 -39.64 29.89
N HIS Q 47 -16.03 -38.36 29.90
CA HIS Q 47 -17.21 -37.93 29.16
C HIS Q 47 -17.04 -38.15 27.66
N MET Q 48 -15.82 -37.95 27.16
CA MET Q 48 -15.56 -38.13 25.74
C MET Q 48 -15.55 -39.61 25.36
N LEU Q 49 -14.99 -40.46 26.22
CA LEU Q 49 -14.89 -41.88 25.90
C LEU Q 49 -16.25 -42.56 25.95
N ASP Q 50 -17.20 -42.02 26.72
CA ASP Q 50 -18.54 -42.58 26.74
C ASP Q 50 -19.25 -42.41 25.41
N GLN Q 51 -19.04 -41.26 24.74
CA GLN Q 51 -19.66 -41.03 23.44
C GLN Q 51 -19.12 -41.97 22.38
N LEU Q 52 -17.88 -42.42 22.51
CA LEU Q 52 -17.32 -43.38 21.56
C LEU Q 52 -18.03 -44.72 21.67
N ALA Q 53 -18.46 -45.10 22.88
CA ALA Q 53 -19.17 -46.35 23.06
C ALA Q 53 -20.61 -46.25 22.56
N SER Q 54 -21.29 -45.14 22.84
CA SER Q 54 -22.71 -45.03 22.47
C SER Q 54 -22.88 -44.85 20.97
N HIS Q 55 -22.08 -43.97 20.36
CA HIS Q 55 -22.25 -43.68 18.93
C HIS Q 55 -21.59 -44.74 18.05
N GLY Q 56 -20.53 -45.37 18.53
CA GLY Q 56 -19.85 -46.40 17.77
C GLY Q 56 -20.30 -47.82 18.05
N LEU Q 57 -21.16 -48.02 19.04
CA LEU Q 57 -21.62 -49.34 19.48
C LEU Q 57 -20.45 -50.24 19.86
N PHE Q 58 -19.43 -49.66 20.51
CA PHE Q 58 -18.30 -50.40 21.04
C PHE Q 58 -18.46 -50.60 22.54
N ASP Q 59 -17.70 -51.55 23.07
CA ASP Q 59 -17.60 -51.76 24.52
C ASP Q 59 -16.22 -51.27 24.94
N VAL Q 60 -16.19 -50.20 25.72
CA VAL Q 60 -14.95 -49.53 26.12
C VAL Q 60 -14.83 -49.58 27.64
N HIS Q 61 -13.70 -50.09 28.13
CA HIS Q 61 -13.41 -50.14 29.55
C HIS Q 61 -12.01 -49.60 29.78
N VAL Q 62 -11.90 -48.52 30.54
CA VAL Q 62 -10.63 -47.88 30.84
C VAL Q 62 -10.51 -47.70 32.34
N LYS Q 63 -9.39 -48.14 32.92
CA LYS Q 63 -9.07 -47.91 34.33
C LYS Q 63 -7.65 -47.38 34.40
N ALA Q 64 -7.48 -46.21 35.00
CA ALA Q 64 -6.17 -45.57 35.03
C ALA Q 64 -6.00 -44.75 36.29
N THR Q 65 -4.79 -44.76 36.84
CA THR Q 65 -4.40 -43.88 37.92
C THR Q 65 -2.99 -43.37 37.63
N GLY Q 66 -2.68 -42.17 38.12
CA GLY Q 66 -1.41 -41.58 37.79
C GLY Q 66 -1.15 -40.31 38.56
N ASP Q 67 -0.07 -39.63 38.18
CA ASP Q 67 0.40 -38.43 38.88
C ASP Q 67 -0.31 -37.18 38.33
N THR Q 68 -1.62 -37.12 38.60
CA THR Q 68 -2.41 -35.97 38.18
C THR Q 68 -2.15 -34.73 39.02
N HIS Q 69 -1.42 -34.86 40.14
CA HIS Q 69 -1.10 -33.69 40.94
C HIS Q 69 -0.12 -32.76 40.25
N ILE Q 70 0.65 -33.27 39.28
CA ILE Q 70 1.51 -32.43 38.46
C ILE Q 70 0.75 -31.87 37.27
N ASP Q 71 0.17 -32.75 36.45
CA ASP Q 71 -0.53 -32.37 35.24
C ASP Q 71 -1.35 -33.56 34.78
N ASP Q 72 -2.23 -33.31 33.81
CA ASP Q 72 -2.96 -34.37 33.14
C ASP Q 72 -2.24 -34.91 31.91
N HIS Q 73 -1.04 -34.39 31.62
CA HIS Q 73 -0.35 -34.73 30.38
C HIS Q 73 0.04 -36.21 30.34
N HIS Q 74 0.69 -36.69 31.41
CA HIS Q 74 1.23 -38.05 31.38
C HIS Q 74 0.11 -39.10 31.39
N THR Q 75 -0.99 -38.81 32.11
CA THR Q 75 -2.12 -39.74 32.11
C THR Q 75 -2.85 -39.75 30.77
N ASN Q 76 -3.03 -38.58 30.16
CA ASN Q 76 -3.71 -38.49 28.88
C ASN Q 76 -2.94 -39.21 27.78
N GLU Q 77 -1.60 -39.09 27.80
CA GLU Q 77 -0.78 -39.71 26.78
C GLU Q 77 -0.79 -41.24 26.90
N ASP Q 78 -0.74 -41.76 28.13
CA ASP Q 78 -0.66 -43.20 28.31
C ASP Q 78 -1.97 -43.90 28.01
N VAL Q 79 -3.11 -43.24 28.25
CA VAL Q 79 -4.40 -43.82 27.92
C VAL Q 79 -4.55 -43.97 26.41
N ALA Q 80 -4.12 -42.96 25.66
CA ALA Q 80 -4.27 -42.99 24.21
C ALA Q 80 -3.39 -44.08 23.59
N LEU Q 81 -2.18 -44.29 24.12
CA LEU Q 81 -1.32 -45.34 23.60
C LEU Q 81 -1.92 -46.73 23.85
N ALA Q 82 -2.54 -46.92 25.02
CA ALA Q 82 -3.11 -48.22 25.35
C ALA Q 82 -4.33 -48.54 24.49
N ILE Q 83 -5.15 -47.53 24.20
CA ILE Q 83 -6.33 -47.74 23.36
C ILE Q 83 -5.91 -48.11 21.94
N GLY Q 84 -4.86 -47.46 21.43
CA GLY Q 84 -4.40 -47.77 20.08
C GLY Q 84 -3.84 -49.17 19.95
N THR Q 85 -3.10 -49.63 20.96
CA THR Q 85 -2.55 -50.98 20.92
C THR Q 85 -3.65 -52.04 20.99
N ALA Q 86 -4.64 -51.83 21.86
CA ALA Q 86 -5.73 -52.80 21.98
C ALA Q 86 -6.58 -52.85 20.71
N LEU Q 87 -6.72 -51.72 20.03
CA LEU Q 87 -7.45 -51.70 18.76
C LEU Q 87 -6.72 -52.50 17.70
N LEU Q 88 -5.40 -52.42 17.66
CA LEU Q 88 -4.62 -53.14 16.65
C LEU Q 88 -4.75 -54.65 16.83
N GLN Q 89 -4.72 -55.13 18.08
CA GLN Q 89 -4.76 -56.57 18.31
C GLN Q 89 -6.15 -57.14 18.05
N ALA Q 90 -7.19 -56.34 18.30
CA ALA Q 90 -8.55 -56.79 18.02
C ALA Q 90 -8.82 -56.88 16.51
N LEU Q 91 -8.19 -56.01 15.73
CA LEU Q 91 -8.39 -56.03 14.28
C LEU Q 91 -7.81 -57.30 13.66
N GLY Q 92 -6.64 -57.73 14.11
CA GLY Q 92 -6.04 -58.94 13.57
C GLY Q 92 -5.58 -58.73 12.14
N ASP Q 93 -5.99 -59.64 11.25
CA ASP Q 93 -5.55 -59.61 9.87
C ASP Q 93 -6.33 -58.61 9.01
N ARG Q 94 -7.43 -58.07 9.52
CA ARG Q 94 -8.24 -57.06 8.82
C ARG Q 94 -8.74 -57.58 7.47
N LYS Q 95 -9.16 -58.84 7.43
CA LYS Q 95 -9.61 -59.48 6.20
C LYS Q 95 -11.13 -59.41 6.11
N GLY Q 96 -11.63 -58.91 4.98
CA GLY Q 96 -13.06 -58.83 4.75
C GLY Q 96 -13.74 -57.60 5.30
N ILE Q 97 -12.99 -56.60 5.75
CA ILE Q 97 -13.57 -55.39 6.31
C ILE Q 97 -13.49 -54.27 5.29
N ASN Q 98 -14.25 -53.20 5.56
CA ASN Q 98 -14.34 -52.08 4.62
C ASN Q 98 -13.04 -51.29 4.56
N ARG Q 99 -12.37 -51.12 5.70
CA ARG Q 99 -11.12 -50.40 5.92
C ARG Q 99 -11.23 -48.89 5.71
N PHE Q 100 -12.39 -48.37 5.32
CA PHE Q 100 -12.56 -46.95 5.08
C PHE Q 100 -13.79 -46.43 5.81
N GLY Q 101 -13.69 -45.22 6.35
CA GLY Q 101 -14.79 -44.60 7.05
C GLY Q 101 -14.85 -43.09 6.87
N ASN Q 102 -16.06 -42.57 6.65
CA ASN Q 102 -16.26 -41.13 6.47
C ASN Q 102 -17.54 -40.72 7.20
N PHE Q 103 -17.49 -39.57 7.88
CA PHE Q 103 -18.67 -39.06 8.57
C PHE Q 103 -18.49 -37.59 8.89
N SER Q 104 -19.58 -36.83 8.75
CA SER Q 104 -19.66 -35.45 9.20
C SER Q 104 -20.71 -35.36 10.30
N ALA Q 105 -20.36 -34.73 11.41
CA ALA Q 105 -21.24 -34.68 12.58
C ALA Q 105 -21.58 -33.24 12.93
N PRO Q 106 -22.85 -32.84 12.88
CA PRO Q 106 -23.24 -31.51 13.36
C PRO Q 106 -23.65 -31.52 14.82
N LEU Q 107 -23.25 -30.48 15.53
CA LEU Q 107 -23.64 -30.29 16.94
C LEU Q 107 -23.87 -28.79 17.13
N ASP Q 108 -25.14 -28.38 17.00
CA ASP Q 108 -25.57 -26.98 17.08
C ASP Q 108 -24.81 -26.21 15.99
N GLU Q 109 -23.97 -25.23 16.34
CA GLU Q 109 -23.24 -24.46 15.35
C GLU Q 109 -21.97 -25.14 14.86
N ALA Q 110 -21.55 -26.24 15.47
CA ALA Q 110 -20.31 -26.90 15.13
C ALA Q 110 -20.53 -27.99 14.08
N LEU Q 111 -19.51 -28.22 13.26
CA LEU Q 111 -19.55 -29.22 12.20
C LEU Q 111 -18.14 -29.72 11.94
N VAL Q 112 -17.91 -31.00 12.17
CA VAL Q 112 -16.58 -31.62 12.04
C VAL Q 112 -16.69 -32.84 11.12
N HIS Q 113 -15.74 -32.97 10.18
CA HIS Q 113 -15.67 -34.09 9.28
C HIS Q 113 -14.44 -34.94 9.58
N VAL Q 114 -14.61 -36.26 9.57
CA VAL Q 114 -13.54 -37.21 9.90
C VAL Q 114 -13.42 -38.21 8.76
N SER Q 115 -12.18 -38.41 8.29
CA SER Q 115 -11.88 -39.41 7.27
C SER Q 115 -10.72 -40.27 7.77
N LEU Q 116 -10.89 -41.59 7.76
CA LEU Q 116 -9.88 -42.49 8.25
C LEU Q 116 -9.77 -43.73 7.36
N ASP Q 117 -8.63 -44.38 7.44
CA ASP Q 117 -8.38 -45.62 6.72
C ASP Q 117 -7.36 -46.45 7.48
N LEU Q 118 -7.65 -47.74 7.66
CA LEU Q 118 -6.79 -48.65 8.42
C LEU Q 118 -5.83 -49.33 7.47
N SER Q 119 -4.59 -48.82 7.39
CA SER Q 119 -3.63 -49.27 6.40
C SER Q 119 -2.30 -49.76 6.95
N GLY Q 120 -1.99 -49.50 8.22
CA GLY Q 120 -0.69 -49.82 8.76
C GLY Q 120 0.32 -48.70 8.69
N ARG Q 121 -0.01 -47.58 8.04
CA ARG Q 121 0.88 -46.44 7.95
C ARG Q 121 0.32 -45.30 8.78
N PRO Q 122 1.01 -44.89 9.87
CA PRO Q 122 0.44 -43.86 10.75
C PRO Q 122 0.61 -42.45 10.18
N HIS Q 123 -0.48 -41.68 10.21
CA HIS Q 123 -0.45 -40.29 9.80
C HIS Q 123 -1.65 -39.58 10.45
N LEU Q 124 -1.43 -38.34 10.89
CA LEU Q 124 -2.48 -37.53 11.47
C LEU Q 124 -2.57 -36.19 10.75
N GLY Q 125 -3.76 -35.86 10.26
CA GLY Q 125 -4.03 -34.53 9.75
C GLY Q 125 -5.01 -33.80 10.65
N TYR Q 126 -4.53 -32.80 11.38
CA TYR Q 126 -5.30 -32.14 12.42
C TYR Q 126 -5.56 -30.69 12.01
N ASP Q 127 -6.84 -30.34 11.85
CA ASP Q 127 -7.25 -28.96 11.57
C ASP Q 127 -8.44 -28.63 12.47
N LEU Q 128 -8.13 -28.14 13.67
CA LEU Q 128 -9.14 -27.72 14.63
C LEU Q 128 -8.78 -26.35 15.17
N ASN Q 129 -9.80 -25.57 15.51
CA ASN Q 129 -9.62 -24.22 16.06
C ASN Q 129 -10.45 -24.10 17.33
N ILE Q 130 -9.86 -24.48 18.46
CA ILE Q 130 -10.53 -24.43 19.75
C ILE Q 130 -10.25 -23.05 20.36
N PRO Q 131 -11.26 -22.25 20.64
CA PRO Q 131 -11.01 -20.85 21.03
C PRO Q 131 -10.47 -20.69 22.46
N THR Q 132 -10.88 -21.54 23.39
CA THR Q 132 -10.49 -21.36 24.78
C THR Q 132 -9.39 -22.34 25.18
N GLN Q 133 -8.69 -21.99 26.26
CA GLN Q 133 -7.56 -22.77 26.74
C GLN Q 133 -7.98 -23.89 27.69
N ARG Q 134 -9.10 -23.72 28.41
CA ARG Q 134 -9.62 -24.72 29.32
C ARG Q 134 -11.11 -24.90 29.07
N VAL Q 135 -11.58 -26.13 29.14
CA VAL Q 135 -13.01 -26.42 29.01
C VAL Q 135 -13.59 -26.52 30.41
N GLY Q 136 -13.11 -27.48 31.19
CA GLY Q 136 -13.37 -27.52 32.62
C GLY Q 136 -12.06 -27.33 33.36
N LYS Q 137 -11.51 -28.43 33.86
CA LYS Q 137 -10.12 -28.49 34.29
C LYS Q 137 -9.22 -29.07 33.20
N TYR Q 138 -9.78 -29.38 32.03
CA TYR Q 138 -9.06 -30.07 30.97
C TYR Q 138 -8.36 -29.08 30.06
N ASP Q 139 -7.07 -29.31 29.83
CA ASP Q 139 -6.29 -28.46 28.95
C ASP Q 139 -6.54 -28.83 27.50
N THR Q 140 -6.90 -27.84 26.68
CA THR Q 140 -7.34 -28.12 25.31
C THR Q 140 -6.20 -28.50 24.37
N GLN Q 141 -4.95 -28.31 24.80
CA GLN Q 141 -3.82 -28.77 23.99
C GLN Q 141 -3.71 -30.29 23.97
N LEU Q 142 -4.39 -30.99 24.88
CA LEU Q 142 -4.31 -32.44 24.96
C LEU Q 142 -5.22 -33.15 23.96
N VAL Q 143 -6.10 -32.43 23.27
CA VAL Q 143 -6.94 -33.05 22.25
C VAL Q 143 -6.09 -33.53 21.08
N GLU Q 144 -5.16 -32.69 20.63
CA GLU Q 144 -4.23 -33.10 19.58
C GLU Q 144 -3.31 -34.23 20.05
N HIS Q 145 -2.81 -34.13 21.29
CA HIS Q 145 -1.90 -35.16 21.80
C HIS Q 145 -2.58 -36.50 21.95
N PHE Q 146 -3.88 -36.51 22.24
CA PHE Q 146 -4.61 -37.77 22.35
C PHE Q 146 -4.67 -38.50 21.02
N PHE Q 147 -5.05 -37.79 19.95
CA PHE Q 147 -5.22 -38.44 18.66
C PHE Q 147 -3.89 -38.77 17.99
N GLN Q 148 -2.83 -38.02 18.29
CA GLN Q 148 -1.52 -38.33 17.74
C GLN Q 148 -0.98 -39.63 18.33
N SER Q 149 -1.18 -39.85 19.63
CA SER Q 149 -0.69 -41.07 20.27
C SER Q 149 -1.52 -42.28 19.86
N LEU Q 150 -2.79 -42.07 19.51
CA LEU Q 150 -3.64 -43.19 19.12
C LEU Q 150 -3.24 -43.75 17.76
N VAL Q 151 -2.93 -42.89 16.80
CA VAL Q 151 -2.55 -43.37 15.48
C VAL Q 151 -1.13 -43.92 15.43
N ASN Q 152 -0.29 -43.57 16.41
CA ASN Q 152 1.08 -44.08 16.40
C ASN Q 152 1.13 -45.56 16.79
N THR Q 153 0.19 -46.02 17.61
CA THR Q 153 0.16 -47.41 18.04
C THR Q 153 -0.81 -48.27 17.23
N SER Q 154 -1.83 -47.67 16.61
CA SER Q 154 -2.79 -48.42 15.82
C SER Q 154 -2.45 -48.48 14.34
N GLY Q 155 -1.54 -47.62 13.86
CA GLY Q 155 -1.16 -47.61 12.46
C GLY Q 155 -2.26 -47.21 11.51
N MET Q 156 -2.93 -46.11 11.77
CA MET Q 156 -4.04 -45.65 10.95
C MET Q 156 -3.76 -44.27 10.38
N THR Q 157 -4.41 -43.98 9.26
CA THR Q 157 -4.36 -42.65 8.63
C THR Q 157 -5.65 -41.92 9.00
N LEU Q 158 -5.51 -40.75 9.62
CA LEU Q 158 -6.65 -40.02 10.18
C LEU Q 158 -6.59 -38.56 9.76
N HIS Q 159 -7.71 -38.04 9.27
CA HIS Q 159 -7.84 -36.64 8.89
C HIS Q 159 -9.03 -36.03 9.61
N ILE Q 160 -8.81 -34.89 10.26
CA ILE Q 160 -9.86 -34.17 10.99
C ILE Q 160 -9.90 -32.74 10.49
N ARG Q 161 -11.08 -32.27 10.09
CA ARG Q 161 -11.25 -30.91 9.61
C ARG Q 161 -12.52 -30.30 10.19
N GLN Q 162 -12.42 -29.04 10.61
CA GLN Q 162 -13.52 -28.28 11.18
C GLN Q 162 -14.05 -27.29 10.16
N PHE Q 163 -15.36 -27.26 9.96
CA PHE Q 163 -15.99 -26.34 9.04
C PHE Q 163 -16.69 -25.17 9.72
N SER Q 164 -17.16 -25.35 10.96
CA SER Q 164 -17.77 -24.27 11.72
C SER Q 164 -17.75 -24.64 13.19
N GLY Q 165 -17.99 -23.65 14.03
CA GLY Q 165 -18.04 -23.87 15.47
C GLY Q 165 -17.47 -22.74 16.29
N THR Q 166 -18.09 -22.45 17.43
CA THR Q 166 -17.62 -21.39 18.31
C THR Q 166 -17.40 -21.90 19.74
N ASN Q 167 -18.27 -22.79 20.20
CA ASN Q 167 -18.23 -23.28 21.56
C ASN Q 167 -17.21 -24.42 21.68
N SER Q 168 -16.35 -24.34 22.70
CA SER Q 168 -15.29 -25.33 22.86
C SER Q 168 -15.82 -26.71 23.19
N HIS Q 169 -16.85 -26.79 24.06
CA HIS Q 169 -17.45 -28.07 24.39
C HIS Q 169 -18.08 -28.72 23.16
N HIS Q 170 -18.77 -27.92 22.34
CA HIS Q 170 -19.46 -28.48 21.18
C HIS Q 170 -18.46 -28.97 20.12
N ILE Q 171 -17.35 -28.26 19.92
CA ILE Q 171 -16.40 -28.61 18.88
C ILE Q 171 -15.72 -29.94 19.20
N ILE Q 172 -15.23 -30.10 20.42
CA ILE Q 172 -14.52 -31.32 20.80
C ILE Q 172 -15.45 -32.52 20.79
N GLU Q 173 -16.65 -32.36 21.35
CA GLU Q 173 -17.54 -33.51 21.51
C GLU Q 173 -18.22 -33.87 20.19
N ALA Q 174 -18.24 -32.94 19.24
CA ALA Q 174 -18.62 -33.29 17.87
C ALA Q 174 -17.52 -34.07 17.16
N THR Q 175 -16.25 -33.81 17.50
CA THR Q 175 -15.14 -34.54 16.90
C THR Q 175 -15.18 -36.02 17.29
N PHE Q 176 -15.47 -36.31 18.56
CA PHE Q 176 -15.51 -37.69 19.01
C PHE Q 176 -16.70 -38.45 18.43
N LYS Q 177 -17.81 -37.76 18.18
CA LYS Q 177 -18.95 -38.42 17.55
C LYS Q 177 -18.64 -38.84 16.12
N ALA Q 178 -17.98 -37.96 15.35
CA ALA Q 178 -17.66 -38.28 13.96
C ALA Q 178 -16.59 -39.37 13.88
N PHE Q 179 -15.65 -39.38 14.83
CA PHE Q 179 -14.62 -40.41 14.84
C PHE Q 179 -15.19 -41.78 15.17
N ALA Q 180 -16.16 -41.83 16.07
CA ALA Q 180 -16.74 -43.11 16.47
C ALA Q 180 -17.51 -43.76 15.33
N ARG Q 181 -18.30 -42.98 14.59
CA ARG Q 181 -19.10 -43.53 13.52
C ARG Q 181 -18.28 -43.83 12.27
N ALA Q 182 -17.18 -43.10 12.06
CA ALA Q 182 -16.30 -43.42 10.95
C ALA Q 182 -15.48 -44.68 11.23
N LEU Q 183 -15.09 -44.88 12.49
CA LEU Q 183 -14.38 -46.11 12.86
C LEU Q 183 -15.31 -47.31 12.80
N ARG Q 184 -16.58 -47.13 13.14
CA ARG Q 184 -17.55 -48.23 13.06
C ARG Q 184 -17.73 -48.68 11.62
N GLN Q 185 -17.81 -47.75 10.68
CA GLN Q 185 -18.01 -48.11 9.28
C GLN Q 185 -16.79 -48.83 8.71
N ALA Q 186 -15.59 -48.47 9.18
CA ALA Q 186 -14.38 -49.10 8.65
C ALA Q 186 -14.21 -50.52 9.17
N THR Q 187 -14.79 -50.83 10.33
CA THR Q 187 -14.60 -52.15 10.92
C THR Q 187 -15.71 -53.14 10.58
N GLU Q 188 -16.79 -52.72 9.93
CA GLU Q 188 -17.82 -53.66 9.52
C GLU Q 188 -17.35 -54.51 8.36
N TYR Q 189 -17.84 -55.74 8.30
CA TYR Q 189 -17.49 -56.66 7.22
C TYR Q 189 -18.17 -56.24 5.93
N ASP Q 190 -17.42 -56.28 4.84
CA ASP Q 190 -17.98 -55.95 3.54
C ASP Q 190 -18.82 -57.12 3.05
N THR Q 191 -19.96 -56.81 2.43
CA THR Q 191 -20.89 -57.83 1.95
C THR Q 191 -20.54 -58.35 0.56
N ARG Q 192 -19.50 -57.81 -0.07
CA ARG Q 192 -19.06 -58.17 -1.43
C ARG Q 192 -20.22 -57.86 -2.38
N ARG Q 193 -20.49 -58.72 -3.36
CA ARG Q 193 -21.56 -58.46 -4.31
C ARG Q 193 -22.92 -58.78 -3.72
N ALA R 10 39.56 50.34 -20.34
CA ALA R 10 38.47 49.50 -20.83
C ALA R 10 38.99 48.11 -21.19
N ARG R 11 38.31 47.08 -20.70
CA ARG R 11 38.69 45.69 -20.92
C ARG R 11 37.87 45.14 -22.08
N ILE R 12 38.56 44.68 -23.13
CA ILE R 12 37.94 44.23 -24.37
C ILE R 12 38.51 42.87 -24.75
N GLY R 13 37.63 41.96 -25.14
CA GLY R 13 38.04 40.64 -25.59
C GLY R 13 37.49 40.32 -26.95
N GLU R 14 38.29 39.60 -27.75
CA GLU R 14 37.89 39.21 -29.09
C GLU R 14 38.35 37.78 -29.37
N MET R 15 37.69 37.14 -30.33
CA MET R 15 38.00 35.75 -30.68
C MET R 15 37.58 35.49 -32.12
N LYS R 16 38.34 34.66 -32.80
CA LYS R 16 38.05 34.28 -34.19
C LYS R 16 38.47 32.83 -34.37
N ARG R 17 37.52 31.97 -34.75
CA ARG R 17 37.78 30.55 -34.96
C ARG R 17 37.13 30.10 -36.25
N VAL R 18 37.88 29.34 -37.05
CA VAL R 18 37.39 28.79 -38.31
C VAL R 18 37.52 27.27 -38.23
N THR R 19 36.39 26.57 -38.36
CA THR R 19 36.37 25.11 -38.42
C THR R 19 35.68 24.69 -39.71
N LYS R 20 35.56 23.37 -39.90
CA LYS R 20 34.90 22.83 -41.09
C LYS R 20 33.40 23.05 -41.08
N GLU R 21 32.82 23.47 -39.95
CA GLU R 21 31.38 23.66 -39.84
C GLU R 21 30.95 25.10 -39.64
N THR R 22 31.76 25.91 -38.95
CA THR R 22 31.32 27.24 -38.54
C THR R 22 32.45 28.25 -38.69
N ASN R 23 32.07 29.51 -38.89
CA ASN R 23 32.99 30.65 -38.84
C ASN R 23 32.40 31.66 -37.88
N VAL R 24 33.15 32.01 -36.83
CA VAL R 24 32.65 32.81 -35.72
C VAL R 24 33.64 33.92 -35.40
N SER R 25 33.13 35.13 -35.23
CA SER R 25 33.89 36.27 -34.72
C SER R 25 33.09 36.94 -33.61
N VAL R 26 33.72 37.15 -32.46
CA VAL R 26 33.04 37.64 -31.27
C VAL R 26 33.88 38.74 -30.63
N LYS R 27 33.22 39.83 -30.21
CA LYS R 27 33.89 40.92 -29.51
C LYS R 27 33.05 41.33 -28.30
N ILE R 28 33.69 41.43 -27.14
CA ILE R 28 33.03 41.75 -25.88
C ILE R 28 33.77 42.90 -25.21
N ASN R 29 33.01 43.87 -24.69
CA ASN R 29 33.57 45.00 -23.95
C ASN R 29 32.85 45.06 -22.60
N LEU R 30 33.62 44.93 -21.51
CA LEU R 30 33.02 44.91 -20.18
C LEU R 30 32.61 46.30 -19.71
N ASP R 31 33.31 47.34 -20.15
CA ASP R 31 32.97 48.72 -19.81
C ASP R 31 32.26 49.34 -21.01
N GLY R 32 30.96 49.07 -21.12
CA GLY R 32 30.17 49.49 -22.25
C GLY R 32 28.93 50.24 -21.81
N THR R 33 28.11 50.59 -22.81
CA THR R 33 26.87 51.32 -22.61
C THR R 33 25.65 50.54 -23.11
N GLY R 34 25.82 49.30 -23.53
CA GLY R 34 24.72 48.48 -23.98
C GLY R 34 24.54 48.36 -25.48
N VAL R 35 25.60 48.56 -26.26
CA VAL R 35 25.50 48.41 -27.70
C VAL R 35 25.40 46.93 -28.05
N ALA R 36 24.41 46.58 -28.88
CA ALA R 36 24.19 45.20 -29.28
C ALA R 36 24.20 45.10 -30.80
N ASP R 37 25.11 44.31 -31.34
CA ASP R 37 25.19 44.01 -32.77
C ASP R 37 25.41 42.50 -32.92
N ASN R 38 24.32 41.75 -32.97
CA ASN R 38 24.37 40.30 -33.01
C ASN R 38 23.70 39.80 -34.28
N SER R 39 24.42 38.96 -35.04
CA SER R 39 23.89 38.44 -36.29
C SER R 39 24.48 37.04 -36.52
N SER R 40 23.73 36.03 -36.13
CA SER R 40 24.03 34.64 -36.43
C SER R 40 22.87 34.05 -37.23
N GLY R 41 22.92 32.75 -37.47
CA GLY R 41 21.85 32.07 -38.17
C GLY R 41 20.70 31.64 -37.30
N ILE R 42 20.71 31.97 -36.01
CA ILE R 42 19.68 31.58 -35.07
C ILE R 42 19.02 32.85 -34.54
N PRO R 43 17.85 33.22 -35.06
CA PRO R 43 17.21 34.47 -34.62
C PRO R 43 16.86 34.54 -33.15
N PHE R 44 16.48 33.41 -32.54
CA PHE R 44 16.10 33.45 -31.12
C PHE R 44 17.31 33.66 -30.23
N LEU R 45 18.46 33.12 -30.62
CA LEU R 45 19.69 33.35 -29.84
C LEU R 45 20.11 34.81 -29.91
N ASP R 46 19.87 35.46 -31.05
CA ASP R 46 20.17 36.89 -31.16
C ASP R 46 19.28 37.72 -30.25
N HIS R 47 18.02 37.31 -30.10
CA HIS R 47 17.12 37.97 -29.15
C HIS R 47 17.63 37.83 -27.72
N MET R 48 18.22 36.68 -27.40
CA MET R 48 18.73 36.45 -26.05
C MET R 48 20.00 37.26 -25.81
N LEU R 49 20.88 37.35 -26.80
CA LEU R 49 22.15 38.05 -26.63
C LEU R 49 21.95 39.55 -26.52
N ASP R 50 20.86 40.08 -27.08
CA ASP R 50 20.58 41.50 -26.95
C ASP R 50 20.25 41.88 -25.51
N GLN R 51 19.53 41.00 -24.79
CA GLN R 51 19.20 41.28 -23.40
C GLN R 51 20.43 41.28 -22.51
N LEU R 52 21.46 40.52 -22.87
CA LEU R 52 22.70 40.53 -22.09
C LEU R 52 23.40 41.89 -22.20
N ALA R 53 23.29 42.54 -23.36
CA ALA R 53 23.89 43.86 -23.53
C ALA R 53 23.09 44.94 -22.80
N SER R 54 21.77 44.89 -22.88
CA SER R 54 20.95 45.96 -22.29
C SER R 54 20.94 45.87 -20.77
N HIS R 55 20.75 44.67 -20.22
CA HIS R 55 20.64 44.53 -18.77
C HIS R 55 22.01 44.51 -18.09
N GLY R 56 23.04 44.04 -18.79
CA GLY R 56 24.37 44.01 -18.22
C GLY R 56 25.25 45.20 -18.54
N LEU R 57 24.78 46.10 -19.40
CA LEU R 57 25.55 47.26 -19.87
C LEU R 57 26.87 46.84 -20.50
N PHE R 58 26.86 45.74 -21.24
CA PHE R 58 28.01 45.27 -22.00
C PHE R 58 27.85 45.63 -23.48
N ASP R 59 28.96 45.60 -24.19
CA ASP R 59 28.98 45.75 -25.64
C ASP R 59 29.26 44.37 -26.24
N VAL R 60 28.28 43.81 -26.92
CA VAL R 60 28.35 42.45 -27.45
C VAL R 60 28.22 42.50 -28.97
N HIS R 61 29.19 41.90 -29.67
CA HIS R 61 29.18 41.81 -31.12
C HIS R 61 29.47 40.37 -31.51
N VAL R 62 28.52 39.73 -32.20
CA VAL R 62 28.66 38.35 -32.64
C VAL R 62 28.34 38.27 -34.12
N LYS R 63 29.23 37.65 -34.89
CA LYS R 63 29.01 37.37 -36.31
C LYS R 63 29.34 35.92 -36.55
N ALA R 64 28.38 35.16 -37.08
CA ALA R 64 28.57 33.73 -37.26
C ALA R 64 27.80 33.22 -38.46
N THR R 65 28.39 32.28 -39.19
CA THR R 65 27.71 31.55 -40.24
C THR R 65 28.12 30.08 -40.13
N GLY R 66 27.23 29.19 -40.56
CA GLY R 66 27.50 27.78 -40.38
C GLY R 66 26.48 26.91 -41.08
N ASP R 67 26.57 25.62 -40.81
CA ASP R 67 25.74 24.61 -41.47
C ASP R 67 24.41 24.44 -40.72
N THR R 68 23.60 25.50 -40.79
CA THR R 68 22.28 25.46 -40.16
C THR R 68 21.28 24.62 -40.93
N HIS R 69 21.61 24.18 -42.15
CA HIS R 69 20.71 23.32 -42.89
C HIS R 69 20.60 21.94 -42.28
N ILE R 70 21.59 21.51 -41.50
CA ILE R 70 21.50 20.27 -40.75
C ILE R 70 20.80 20.48 -39.41
N ASP R 71 21.34 21.37 -38.59
CA ASP R 71 20.82 21.64 -37.26
C ASP R 71 21.41 22.95 -36.77
N ASP R 72 20.88 23.45 -35.67
CA ASP R 72 21.45 24.60 -34.98
C ASP R 72 22.47 24.21 -33.92
N HIS R 73 22.75 22.91 -33.78
CA HIS R 73 23.60 22.44 -32.70
C HIS R 73 25.04 22.95 -32.84
N HIS R 74 25.63 22.78 -34.03
CA HIS R 74 27.04 23.10 -34.20
C HIS R 74 27.28 24.61 -34.12
N THR R 75 26.33 25.41 -34.62
CA THR R 75 26.47 26.87 -34.53
C THR R 75 26.29 27.36 -33.10
N ASN R 76 25.31 26.79 -32.38
CA ASN R 76 25.07 27.19 -30.99
C ASN R 76 26.25 26.88 -30.10
N GLU R 77 26.88 25.72 -30.31
CA GLU R 77 28.01 25.31 -29.48
C GLU R 77 29.23 26.20 -29.73
N ASP R 78 29.50 26.55 -30.99
CA ASP R 78 30.70 27.31 -31.30
C ASP R 78 30.60 28.76 -30.86
N VAL R 79 29.40 29.34 -30.87
CA VAL R 79 29.21 30.70 -30.39
C VAL R 79 29.48 30.79 -28.89
N ALA R 80 29.00 29.80 -28.13
CA ALA R 80 29.17 29.82 -26.68
C ALA R 80 30.64 29.67 -26.30
N LEU R 81 31.40 28.84 -27.02
CA LEU R 81 32.82 28.68 -26.73
C LEU R 81 33.59 29.98 -27.00
N ALA R 82 33.23 30.70 -28.07
CA ALA R 82 33.93 31.93 -28.41
C ALA R 82 33.64 33.03 -27.41
N ILE R 83 32.41 33.12 -26.91
CA ILE R 83 32.06 34.13 -25.92
C ILE R 83 32.82 33.88 -24.62
N GLY R 84 32.94 32.61 -24.22
CA GLY R 84 33.65 32.30 -22.99
C GLY R 84 35.13 32.62 -23.07
N THR R 85 35.76 32.36 -24.21
CA THR R 85 37.18 32.67 -24.36
C THR R 85 37.43 34.18 -24.35
N ALA R 86 36.58 34.94 -25.04
CA ALA R 86 36.75 36.39 -25.07
C ALA R 86 36.53 37.01 -23.69
N LEU R 87 35.62 36.43 -22.90
CA LEU R 87 35.40 36.92 -21.54
C LEU R 87 36.63 36.69 -20.67
N LEU R 88 37.29 35.55 -20.83
CA LEU R 88 38.47 35.24 -20.02
C LEU R 88 39.61 36.22 -20.30
N GLN R 89 39.82 36.57 -21.57
CA GLN R 89 40.95 37.43 -21.91
C GLN R 89 40.69 38.88 -21.48
N ALA R 90 39.42 39.29 -21.50
CA ALA R 90 39.09 40.65 -21.06
C ALA R 90 39.24 40.79 -19.54
N LEU R 91 39.00 39.72 -18.79
CA LEU R 91 39.13 39.78 -17.34
C LEU R 91 40.58 39.97 -16.92
N GLY R 92 41.50 39.29 -17.58
CA GLY R 92 42.91 39.44 -17.24
C GLY R 92 43.22 38.82 -15.88
N ASP R 93 43.88 39.61 -15.02
CA ASP R 93 44.31 39.12 -13.72
C ASP R 93 43.19 39.11 -12.67
N ARG R 94 42.06 39.75 -12.96
CA ARG R 94 40.90 39.79 -12.06
C ARG R 94 41.26 40.39 -10.71
N LYS R 95 42.06 41.44 -10.71
CA LYS R 95 42.53 42.07 -9.47
C LYS R 95 41.65 43.27 -9.15
N GLY R 96 41.14 43.31 -7.92
CA GLY R 96 40.32 44.41 -7.46
C GLY R 96 38.85 44.33 -7.80
N ILE R 97 38.37 43.17 -8.27
CA ILE R 97 36.98 43.01 -8.64
C ILE R 97 36.26 42.23 -7.56
N ASN R 98 34.92 42.27 -7.61
CA ASN R 98 34.10 41.63 -6.58
C ASN R 98 34.18 40.11 -6.66
N ARG R 99 34.23 39.56 -7.88
CA ARG R 99 34.30 38.15 -8.23
C ARG R 99 33.03 37.36 -7.88
N PHE R 100 32.02 37.99 -7.28
CA PHE R 100 30.80 37.30 -6.89
C PHE R 100 29.59 38.08 -7.37
N GLY R 101 28.57 37.35 -7.83
CA GLY R 101 27.34 37.96 -8.29
C GLY R 101 26.10 37.15 -7.99
N ASN R 102 25.04 37.82 -7.55
CA ASN R 102 23.77 37.16 -7.22
C ASN R 102 22.62 38.04 -7.71
N PHE R 103 21.60 37.40 -8.28
CA PHE R 103 20.43 38.13 -8.74
C PHE R 103 19.27 37.18 -8.97
N SER R 104 18.07 37.63 -8.60
CA SER R 104 16.82 36.95 -8.92
C SER R 104 15.99 37.85 -9.83
N ALA R 105 15.51 37.30 -10.94
CA ALA R 105 14.80 38.09 -11.95
C ALA R 105 13.37 37.58 -12.11
N PRO R 106 12.36 38.40 -11.84
CA PRO R 106 10.98 37.99 -12.14
C PRO R 106 10.53 38.46 -13.52
N LEU R 107 9.79 37.60 -14.19
CA LEU R 107 9.20 37.92 -15.51
C LEU R 107 7.82 37.28 -15.53
N ASP R 108 6.80 38.08 -15.18
CA ASP R 108 5.41 37.64 -15.07
C ASP R 108 5.36 36.49 -14.06
N GLU R 109 4.97 35.28 -14.45
CA GLU R 109 4.89 34.17 -13.52
C GLU R 109 6.22 33.47 -13.30
N ALA R 110 7.26 33.80 -14.05
CA ALA R 110 8.54 33.13 -13.96
C ALA R 110 9.47 33.83 -12.98
N LEU R 111 10.35 33.06 -12.35
CA LEU R 111 11.31 33.58 -11.38
C LEU R 111 12.54 32.68 -11.37
N VAL R 112 13.69 33.24 -11.75
CA VAL R 112 14.94 32.49 -11.87
C VAL R 112 16.02 33.19 -11.05
N HIS R 113 16.79 32.41 -10.29
CA HIS R 113 17.90 32.92 -9.51
C HIS R 113 19.22 32.41 -10.06
N VAL R 114 20.21 33.30 -10.13
CA VAL R 114 21.53 32.99 -10.69
C VAL R 114 22.59 33.36 -9.67
N SER R 115 23.51 32.42 -9.42
CA SER R 115 24.66 32.65 -8.55
C SER R 115 25.92 32.23 -9.28
N LEU R 116 26.91 33.12 -9.35
CA LEU R 116 28.13 32.84 -10.07
C LEU R 116 29.34 33.38 -9.31
N ASP R 117 30.50 32.82 -9.61
CA ASP R 117 31.77 33.26 -9.04
C ASP R 117 32.89 32.95 -10.02
N LEU R 118 33.75 33.93 -10.25
CA LEU R 118 34.86 33.80 -11.21
C LEU R 118 36.09 33.33 -10.48
N SER R 119 36.37 32.02 -10.55
CA SER R 119 37.42 31.41 -9.76
C SER R 119 38.47 30.64 -10.54
N GLY R 120 38.23 30.34 -11.82
CA GLY R 120 39.13 29.50 -12.59
C GLY R 120 38.78 28.03 -12.58
N ARG R 121 37.77 27.61 -11.80
CA ARG R 121 37.34 26.23 -11.75
C ARG R 121 35.97 26.11 -12.39
N PRO R 122 35.84 25.39 -13.52
CA PRO R 122 34.55 25.35 -14.23
C PRO R 122 33.58 24.37 -13.58
N HIS R 123 32.35 24.83 -13.38
CA HIS R 123 31.28 23.99 -12.86
C HIS R 123 29.94 24.62 -13.26
N LEU R 124 28.98 23.77 -13.63
CA LEU R 124 27.64 24.23 -13.98
C LEU R 124 26.60 23.48 -13.14
N GLY R 125 25.75 24.23 -12.45
CA GLY R 125 24.59 23.65 -11.80
C GLY R 125 23.32 24.12 -12.47
N TYR R 126 22.65 23.22 -13.18
CA TYR R 126 21.52 23.56 -14.04
C TYR R 126 20.25 22.92 -13.47
N ASP R 127 19.28 23.76 -13.09
CA ASP R 127 17.97 23.29 -12.63
C ASP R 127 16.91 24.16 -13.31
N LEU R 128 16.49 23.72 -14.50
CA LEU R 128 15.44 24.39 -15.26
C LEU R 128 14.43 23.36 -15.73
N ASN R 129 13.18 23.78 -15.84
CA ASN R 129 12.09 22.92 -16.30
C ASN R 129 11.33 23.63 -17.42
N ILE R 130 11.80 23.45 -18.65
CA ILE R 130 11.19 24.08 -19.82
C ILE R 130 10.12 23.12 -20.35
N PRO R 131 8.86 23.52 -20.40
CA PRO R 131 7.79 22.55 -20.71
C PRO R 131 7.74 22.14 -22.18
N THR R 132 8.06 23.03 -23.11
CA THR R 132 7.91 22.72 -24.53
C THR R 132 9.26 22.40 -25.17
N GLN R 133 9.20 21.72 -26.31
CA GLN R 133 10.39 21.28 -27.02
C GLN R 133 10.92 22.34 -27.99
N ARG R 134 10.06 23.21 -28.50
CA ARG R 134 10.45 24.28 -29.41
C ARG R 134 9.81 25.58 -28.94
N VAL R 135 10.56 26.67 -29.04
CA VAL R 135 10.02 28.00 -28.71
C VAL R 135 9.57 28.65 -30.01
N GLY R 136 10.51 28.86 -30.93
CA GLY R 136 10.17 29.21 -32.30
C GLY R 136 10.62 28.09 -33.21
N LYS R 137 11.75 28.31 -33.88
CA LYS R 137 12.50 27.23 -34.52
C LYS R 137 13.64 26.73 -33.64
N TYR R 138 13.76 27.27 -32.43
CA TYR R 138 14.89 26.99 -31.55
C TYR R 138 14.60 25.78 -30.68
N ASP R 139 15.54 24.83 -30.67
CA ASP R 139 15.41 23.64 -29.86
C ASP R 139 15.80 23.93 -28.42
N THR R 140 14.92 23.60 -27.47
CA THR R 140 15.11 24.01 -26.08
C THR R 140 16.20 23.21 -25.38
N GLN R 141 16.67 22.12 -25.97
CA GLN R 141 17.79 21.38 -25.38
C GLN R 141 19.10 22.15 -25.50
N LEU R 142 19.15 23.18 -26.35
CA LEU R 142 20.38 23.94 -26.56
C LEU R 142 20.61 25.01 -25.49
N VAL R 143 19.64 25.27 -24.62
CA VAL R 143 19.85 26.23 -23.54
C VAL R 143 20.90 25.71 -22.55
N GLU R 144 20.79 24.43 -22.18
CA GLU R 144 21.80 23.81 -21.33
C GLU R 144 23.16 23.73 -22.03
N HIS R 145 23.16 23.37 -23.31
CA HIS R 145 24.43 23.24 -24.04
C HIS R 145 25.13 24.57 -24.19
N PHE R 146 24.38 25.67 -24.27
CA PHE R 146 24.99 26.99 -24.38
C PHE R 146 25.76 27.35 -23.11
N PHE R 147 25.13 27.17 -21.95
CA PHE R 147 25.78 27.57 -20.70
C PHE R 147 26.88 26.62 -20.28
N GLN R 148 26.79 25.35 -20.68
CA GLN R 148 27.87 24.41 -20.36
C GLN R 148 29.14 24.74 -21.13
N SER R 149 29.00 25.14 -22.40
CA SER R 149 30.17 25.48 -23.20
C SER R 149 30.77 26.81 -22.77
N LEU R 150 29.96 27.71 -22.21
CA LEU R 150 30.47 29.01 -21.79
C LEU R 150 31.36 28.88 -20.55
N VAL R 151 30.97 28.06 -19.59
CA VAL R 151 31.77 27.92 -18.38
C VAL R 151 33.01 27.06 -18.60
N ASN R 152 33.04 26.25 -19.67
CA ASN R 152 34.22 25.42 -19.91
C ASN R 152 35.40 26.25 -20.43
N THR R 153 35.13 27.34 -21.13
CA THR R 153 36.19 28.19 -21.65
C THR R 153 36.49 29.40 -20.78
N SER R 154 35.53 29.85 -19.96
CA SER R 154 35.73 31.00 -19.10
C SER R 154 36.20 30.63 -17.69
N GLY R 155 36.06 29.36 -17.30
CA GLY R 155 36.49 28.93 -15.98
C GLY R 155 35.71 29.53 -14.83
N MET R 156 34.38 29.47 -14.90
CA MET R 156 33.52 30.06 -13.88
C MET R 156 32.64 29.00 -13.25
N THR R 157 32.21 29.28 -12.02
CA THR R 157 31.25 28.44 -11.30
C THR R 157 29.87 29.11 -11.41
N LEU R 158 28.90 28.38 -11.95
CA LEU R 158 27.59 28.95 -12.26
C LEU R 158 26.49 28.04 -11.74
N HIS R 159 25.52 28.63 -11.05
CA HIS R 159 24.36 27.91 -10.53
C HIS R 159 23.09 28.60 -11.01
N ILE R 160 22.17 27.82 -11.59
CA ILE R 160 20.90 28.34 -12.09
C ILE R 160 19.78 27.51 -11.48
N ARG R 161 18.80 28.19 -10.86
CA ARG R 161 17.67 27.52 -10.25
C ARG R 161 16.38 28.26 -10.58
N GLN R 162 15.33 27.50 -10.90
CA GLN R 162 14.02 28.02 -11.23
C GLN R 162 13.08 27.80 -10.06
N PHE R 163 12.36 28.85 -9.66
CA PHE R 163 11.40 28.77 -8.58
C PHE R 163 9.95 28.73 -9.05
N SER R 164 9.65 29.32 -10.21
CA SER R 164 8.31 29.28 -10.78
C SER R 164 8.39 29.59 -12.26
N GLY R 165 7.32 29.29 -12.97
CA GLY R 165 7.25 29.58 -14.40
C GLY R 165 6.51 28.53 -15.20
N THR R 166 5.76 28.97 -16.21
CA THR R 166 5.01 28.06 -17.06
C THR R 166 5.33 28.28 -18.54
N ASN R 167 5.51 29.54 -18.93
CA ASN R 167 5.72 29.89 -20.31
C ASN R 167 7.20 29.72 -20.68
N SER R 168 7.45 29.05 -21.81
CA SER R 168 8.82 28.75 -22.22
C SER R 168 9.61 29.99 -22.57
N HIS R 169 8.98 30.95 -23.27
CA HIS R 169 9.65 32.20 -23.61
C HIS R 169 10.02 32.98 -22.36
N HIS R 170 9.12 33.04 -21.38
CA HIS R 170 9.37 33.81 -20.17
C HIS R 170 10.48 33.19 -19.33
N ILE R 171 10.54 31.86 -19.25
CA ILE R 171 11.52 31.19 -18.39
C ILE R 171 12.93 31.42 -18.92
N ILE R 172 13.15 31.20 -20.21
CA ILE R 172 14.48 31.34 -20.80
C ILE R 172 14.95 32.79 -20.74
N GLU R 173 14.07 33.73 -21.09
CA GLU R 173 14.50 35.12 -21.21
C GLU R 173 14.62 35.77 -19.83
N ALA R 174 14.00 35.18 -18.81
CA ALA R 174 14.29 35.59 -17.44
C ALA R 174 15.64 35.07 -16.98
N THR R 175 16.08 33.90 -17.49
CA THR R 175 17.37 33.36 -17.12
C THR R 175 18.50 34.25 -17.62
N PHE R 176 18.39 34.77 -18.85
CA PHE R 176 19.43 35.61 -19.40
C PHE R 176 19.49 36.97 -18.71
N LYS R 177 18.35 37.48 -18.23
CA LYS R 177 18.36 38.73 -17.49
C LYS R 177 19.09 38.60 -16.16
N ALA R 178 18.86 37.49 -15.44
CA ALA R 178 19.51 37.30 -14.15
C ALA R 178 21.01 37.03 -14.32
N PHE R 179 21.38 36.35 -15.40
CA PHE R 179 22.80 36.08 -15.66
C PHE R 179 23.56 37.35 -16.00
N ALA R 180 22.92 38.25 -16.75
CA ALA R 180 23.59 39.49 -17.15
C ALA R 180 23.87 40.39 -15.96
N ARG R 181 22.91 40.54 -15.05
CA ARG R 181 23.10 41.42 -13.91
C ARG R 181 23.98 40.81 -12.84
N ALA R 182 24.02 39.49 -12.74
CA ALA R 182 24.94 38.85 -11.81
C ALA R 182 26.38 38.91 -12.31
N LEU R 183 26.56 38.81 -13.63
CA LEU R 183 27.91 38.95 -14.21
C LEU R 183 28.39 40.39 -14.10
N ARG R 184 27.49 41.36 -14.22
CA ARG R 184 27.87 42.77 -14.08
C ARG R 184 28.36 43.06 -12.68
N GLN R 185 27.70 42.52 -11.66
CA GLN R 185 28.11 42.77 -10.28
C GLN R 185 29.46 42.14 -9.97
N ALA R 186 29.74 40.99 -10.58
CA ALA R 186 31.01 40.31 -10.30
C ALA R 186 32.19 41.02 -10.96
N THR R 187 31.94 41.76 -12.04
CA THR R 187 33.04 42.40 -12.76
C THR R 187 33.29 43.84 -12.33
N GLU R 188 32.45 44.43 -11.49
CA GLU R 188 32.72 45.78 -11.00
C GLU R 188 33.86 45.78 -10.00
N TYR R 189 34.60 46.88 -9.97
CA TYR R 189 35.71 47.02 -9.04
C TYR R 189 35.19 47.23 -7.62
N ASP R 190 35.81 46.55 -6.67
CA ASP R 190 35.44 46.72 -5.28
C ASP R 190 36.01 48.04 -4.76
N THR R 191 35.22 48.74 -3.95
CA THR R 191 35.62 50.04 -3.42
C THR R 191 36.44 49.93 -2.14
N ARG R 192 36.67 48.73 -1.64
CA ARG R 192 37.42 48.46 -0.39
C ARG R 192 36.68 49.15 0.74
N ARG R 193 37.38 49.79 1.68
CA ARG R 193 36.74 50.44 2.81
C ARG R 193 36.15 51.79 2.40
N ALA S 10 -45.64 28.87 -39.95
CA ALA S 10 -45.51 27.75 -39.02
C ALA S 10 -44.75 26.60 -39.67
N ARG S 11 -43.75 26.08 -38.96
CA ARG S 11 -42.91 24.99 -39.45
C ARG S 11 -43.43 23.68 -38.89
N ILE S 12 -43.78 22.76 -39.79
CA ILE S 12 -44.42 21.49 -39.43
C ILE S 12 -43.68 20.35 -40.13
N GLY S 13 -43.41 19.30 -39.39
CA GLY S 13 -42.77 18.11 -39.95
C GLY S 13 -43.57 16.87 -39.68
N GLU S 14 -43.56 15.95 -40.65
CA GLU S 14 -44.28 14.68 -40.53
C GLU S 14 -43.45 13.55 -41.11
N MET S 15 -43.74 12.34 -40.67
CA MET S 15 -42.99 11.16 -41.12
C MET S 15 -43.88 9.92 -40.98
N LYS S 16 -43.71 9.00 -41.91
CA LYS S 16 -44.46 7.73 -41.90
C LYS S 16 -43.54 6.63 -42.42
N ARG S 17 -43.30 5.61 -41.60
CA ARG S 17 -42.44 4.49 -41.97
C ARG S 17 -43.11 3.18 -41.60
N VAL S 18 -43.08 2.22 -42.52
CA VAL S 18 -43.64 0.89 -42.30
C VAL S 18 -42.51 -0.12 -42.49
N THR S 19 -42.23 -0.90 -41.45
CA THR S 19 -41.26 -1.98 -41.52
C THR S 19 -41.95 -3.28 -41.11
N LYS S 20 -41.17 -4.37 -41.09
CA LYS S 20 -41.71 -5.67 -40.69
C LYS S 20 -42.00 -5.76 -39.20
N GLU S 21 -41.55 -4.79 -38.41
CA GLU S 21 -41.74 -4.82 -36.96
C GLU S 21 -42.64 -3.72 -36.43
N THR S 22 -42.64 -2.54 -37.05
CA THR S 22 -43.31 -1.38 -36.47
C THR S 22 -44.01 -0.58 -37.56
N ASN S 23 -45.07 0.13 -37.16
CA ASN S 23 -45.74 1.12 -37.98
C ASN S 23 -45.81 2.41 -37.17
N VAL S 24 -45.24 3.50 -37.70
CA VAL S 24 -45.06 4.73 -36.96
C VAL S 24 -45.50 5.91 -37.81
N SER S 25 -46.28 6.81 -37.22
CA SER S 25 -46.63 8.10 -37.81
C SER S 25 -46.39 9.20 -36.78
N VAL S 26 -45.65 10.23 -37.17
CA VAL S 26 -45.21 11.28 -36.26
C VAL S 26 -45.44 12.64 -36.91
N LYS S 27 -45.96 13.59 -36.13
CA LYS S 27 -46.16 14.96 -36.59
C LYS S 27 -45.67 15.93 -35.52
N ILE S 28 -44.85 16.90 -35.93
CA ILE S 28 -44.24 17.87 -35.02
C ILE S 28 -44.49 19.28 -35.57
N ASN S 29 -44.87 20.19 -34.68
CA ASN S 29 -45.08 21.60 -35.03
C ASN S 29 -44.23 22.44 -34.07
N LEU S 30 -43.29 23.21 -34.62
CA LEU S 30 -42.38 23.99 -33.79
C LEU S 30 -43.06 25.24 -33.23
N ASP S 31 -44.03 25.80 -33.95
CA ASP S 31 -44.78 26.96 -33.47
C ASP S 31 -46.14 26.48 -32.97
N GLY S 32 -46.15 25.99 -31.73
CA GLY S 32 -47.33 25.40 -31.14
C GLY S 32 -47.66 26.02 -29.79
N THR S 33 -48.70 25.46 -29.17
CA THR S 33 -49.17 25.91 -27.87
C THR S 33 -49.11 24.81 -26.81
N GLY S 34 -48.53 23.67 -27.12
CA GLY S 34 -48.39 22.59 -26.17
C GLY S 34 -49.39 21.46 -26.28
N VAL S 35 -49.98 21.25 -27.45
CA VAL S 35 -50.91 20.14 -27.62
C VAL S 35 -50.14 18.84 -27.68
N ALA S 36 -50.58 17.86 -26.88
CA ALA S 36 -49.92 16.56 -26.81
C ALA S 36 -50.94 15.46 -27.10
N ASP S 37 -50.68 14.68 -28.15
CA ASP S 37 -51.49 13.51 -28.50
C ASP S 37 -50.52 12.37 -28.82
N ASN S 38 -50.14 11.61 -27.80
CA ASN S 38 -49.15 10.56 -27.94
C ASN S 38 -49.77 9.23 -27.54
N SER S 39 -49.65 8.23 -28.43
CA SER S 39 -50.24 6.92 -28.17
C SER S 39 -49.37 5.87 -28.87
N SER S 40 -48.46 5.28 -28.11
CA SER S 40 -47.68 4.13 -28.54
C SER S 40 -47.94 2.97 -27.58
N GLY S 41 -47.21 1.88 -27.74
CA GLY S 41 -47.34 0.75 -26.86
C GLY S 41 -46.53 0.84 -25.59
N ILE S 42 -45.85 1.94 -25.35
CA ILE S 42 -45.01 2.14 -24.18
C ILE S 42 -45.57 3.29 -23.36
N PRO S 43 -46.32 3.01 -22.30
CA PRO S 43 -46.94 4.09 -21.52
C PRO S 43 -45.97 5.08 -20.90
N PHE S 44 -44.79 4.62 -20.47
CA PHE S 44 -43.85 5.55 -19.83
C PHE S 44 -43.25 6.51 -20.84
N LEU S 45 -43.02 6.05 -22.08
CA LEU S 45 -42.52 6.94 -23.12
C LEU S 45 -43.54 8.02 -23.47
N ASP S 46 -44.83 7.67 -23.41
CA ASP S 46 -45.87 8.66 -23.65
C ASP S 46 -45.89 9.73 -22.57
N HIS S 47 -45.62 9.33 -21.32
CA HIS S 47 -45.49 10.29 -20.23
C HIS S 47 -44.33 11.25 -20.47
N MET S 48 -43.24 10.74 -21.05
CA MET S 48 -42.07 11.58 -21.31
C MET S 48 -42.33 12.53 -22.47
N LEU S 49 -43.02 12.06 -23.51
CA LEU S 49 -43.26 12.89 -24.69
C LEU S 49 -44.25 14.01 -24.40
N ASP S 50 -45.12 13.83 -23.40
CA ASP S 50 -46.04 14.90 -23.03
C ASP S 50 -45.32 16.08 -22.42
N GLN S 51 -44.26 15.82 -21.63
CA GLN S 51 -43.50 16.91 -21.03
C GLN S 51 -42.75 17.71 -22.07
N LEU S 52 -42.37 17.10 -23.19
CA LEU S 52 -41.71 17.84 -24.26
C LEU S 52 -42.66 18.86 -24.89
N ALA S 53 -43.95 18.52 -24.96
CA ALA S 53 -44.93 19.45 -25.52
C ALA S 53 -45.24 20.58 -24.54
N SER S 54 -45.39 20.27 -23.25
CA SER S 54 -45.80 21.30 -22.29
C SER S 54 -44.66 22.27 -22.00
N HIS S 55 -43.45 21.75 -21.78
CA HIS S 55 -42.33 22.61 -21.41
C HIS S 55 -41.70 23.29 -22.62
N GLY S 56 -41.77 22.65 -23.79
CA GLY S 56 -41.21 23.24 -24.99
C GLY S 56 -42.18 24.02 -25.84
N LEU S 57 -43.47 24.00 -25.50
CA LEU S 57 -44.53 24.64 -26.28
C LEU S 57 -44.56 24.13 -27.72
N PHE S 58 -44.32 22.84 -27.90
CA PHE S 58 -44.43 22.18 -29.19
C PHE S 58 -45.74 21.42 -29.30
N ASP S 59 -46.12 21.09 -30.52
CA ASP S 59 -47.26 20.22 -30.79
C ASP S 59 -46.69 18.88 -31.26
N VAL S 60 -46.88 17.84 -30.46
CA VAL S 60 -46.30 16.53 -30.70
C VAL S 60 -47.43 15.51 -30.85
N HIS S 61 -47.41 14.77 -31.96
CA HIS S 61 -48.38 13.72 -32.22
C HIS S 61 -47.63 12.47 -32.66
N VAL S 62 -47.77 11.39 -31.89
CA VAL S 62 -47.11 10.13 -32.18
C VAL S 62 -48.14 9.02 -32.14
N LYS S 63 -48.17 8.20 -33.20
CA LYS S 63 -49.01 7.00 -33.25
C LYS S 63 -48.13 5.85 -33.70
N ALA S 64 -48.08 4.78 -32.90
CA ALA S 64 -47.19 3.67 -33.20
C ALA S 64 -47.77 2.37 -32.68
N THR S 65 -47.57 1.29 -33.45
CA THR S 65 -47.88 -0.05 -33.02
C THR S 65 -46.74 -0.96 -33.48
N GLY S 66 -46.51 -2.04 -32.73
CA GLY S 66 -45.37 -2.88 -33.04
C GLY S 66 -45.37 -4.15 -32.21
N ASP S 67 -44.26 -4.88 -32.32
CA ASP S 67 -44.11 -6.19 -31.68
C ASP S 67 -43.59 -6.02 -30.25
N THR S 68 -44.46 -5.44 -29.41
CA THR S 68 -44.11 -5.26 -28.00
C THR S 68 -44.17 -6.55 -27.21
N HIS S 69 -44.70 -7.64 -27.78
CA HIS S 69 -44.72 -8.91 -27.08
C HIS S 69 -43.33 -9.51 -26.93
N ILE S 70 -42.38 -9.11 -27.78
CA ILE S 70 -40.99 -9.51 -27.61
C ILE S 70 -40.25 -8.57 -26.67
N ASP S 71 -40.24 -7.29 -27.00
CA ASP S 71 -39.53 -6.28 -26.22
C ASP S 71 -40.04 -4.91 -26.65
N ASP S 72 -39.66 -3.89 -25.89
CA ASP S 72 -39.91 -2.51 -26.26
C ASP S 72 -38.78 -1.90 -27.09
N HIS S 73 -37.75 -2.69 -27.41
CA HIS S 73 -36.57 -2.15 -28.07
C HIS S 73 -36.88 -1.64 -29.47
N HIS S 74 -37.55 -2.47 -30.28
CA HIS S 74 -37.76 -2.12 -31.68
C HIS S 74 -38.74 -0.94 -31.82
N THR S 75 -39.74 -0.87 -30.94
CA THR S 75 -40.68 0.26 -30.99
C THR S 75 -40.02 1.55 -30.52
N ASN S 76 -39.21 1.47 -29.46
CA ASN S 76 -38.52 2.65 -28.93
C ASN S 76 -37.56 3.23 -29.95
N GLU S 77 -36.83 2.36 -30.67
CA GLU S 77 -35.85 2.82 -31.64
C GLU S 77 -36.53 3.49 -32.84
N ASP S 78 -37.64 2.93 -33.32
CA ASP S 78 -38.28 3.47 -34.51
C ASP S 78 -38.98 4.79 -34.26
N VAL S 79 -39.51 5.00 -33.04
CA VAL S 79 -40.13 6.27 -32.70
C VAL S 79 -39.10 7.39 -32.69
N ALA S 80 -37.92 7.11 -32.13
CA ALA S 80 -36.88 8.14 -32.02
C ALA S 80 -36.36 8.54 -33.40
N LEU S 81 -36.23 7.58 -34.32
CA LEU S 81 -35.77 7.90 -35.67
C LEU S 81 -36.79 8.78 -36.40
N ALA S 82 -38.09 8.51 -36.21
CA ALA S 82 -39.12 9.27 -36.90
C ALA S 82 -39.20 10.70 -36.37
N ILE S 83 -39.03 10.89 -35.07
CA ILE S 83 -39.06 12.23 -34.49
C ILE S 83 -37.89 13.06 -35.00
N GLY S 84 -36.71 12.44 -35.12
CA GLY S 84 -35.55 13.17 -35.60
C GLY S 84 -35.68 13.60 -37.05
N THR S 85 -36.25 12.74 -37.89
CA THR S 85 -36.44 13.09 -39.30
C THR S 85 -37.45 14.22 -39.46
N ALA S 86 -38.56 14.16 -38.72
CA ALA S 86 -39.57 15.21 -38.81
C ALA S 86 -39.05 16.55 -38.30
N LEU S 87 -38.17 16.51 -37.30
CA LEU S 87 -37.56 17.75 -36.80
C LEU S 87 -36.67 18.38 -37.85
N LEU S 88 -35.92 17.57 -38.60
CA LEU S 88 -35.01 18.09 -39.62
C LEU S 88 -35.78 18.79 -40.74
N GLN S 89 -36.91 18.22 -41.16
CA GLN S 89 -37.64 18.79 -42.29
C GLN S 89 -38.36 20.07 -41.87
N ALA S 90 -38.79 20.15 -40.61
CA ALA S 90 -39.45 21.36 -40.13
C ALA S 90 -38.46 22.52 -39.99
N LEU S 91 -37.20 22.22 -39.67
CA LEU S 91 -36.20 23.27 -39.53
C LEU S 91 -35.89 23.93 -40.86
N GLY S 92 -35.80 23.16 -41.94
CA GLY S 92 -35.52 23.73 -43.24
C GLY S 92 -34.10 24.26 -43.32
N ASP S 93 -33.97 25.51 -43.76
CA ASP S 93 -32.66 26.11 -43.97
C ASP S 93 -32.02 26.63 -42.68
N ARG S 94 -32.78 26.71 -41.59
CA ARG S 94 -32.28 27.15 -40.28
C ARG S 94 -31.70 28.55 -40.35
N LYS S 95 -32.35 29.44 -41.08
CA LYS S 95 -31.86 30.81 -41.27
C LYS S 95 -32.56 31.74 -40.29
N GLY S 96 -31.75 32.52 -39.56
CA GLY S 96 -32.28 33.48 -38.61
C GLY S 96 -32.61 32.94 -37.24
N ILE S 97 -32.19 31.72 -36.92
CA ILE S 97 -32.47 31.12 -35.63
C ILE S 97 -31.23 31.17 -34.76
N ASN S 98 -31.43 30.94 -33.46
CA ASN S 98 -30.33 31.05 -32.50
C ASN S 98 -29.32 29.92 -32.66
N ARG S 99 -29.80 28.71 -32.97
CA ARG S 99 -29.05 27.47 -33.17
C ARG S 99 -28.38 26.93 -31.91
N PHE S 100 -28.49 27.62 -30.77
CA PHE S 100 -27.85 27.18 -29.54
C PHE S 100 -28.86 27.21 -28.39
N GLY S 101 -28.78 26.21 -27.52
CA GLY S 101 -29.65 26.13 -26.38
C GLY S 101 -28.99 25.55 -25.14
N ASN S 102 -29.24 26.15 -23.98
CA ASN S 102 -28.68 25.69 -22.72
C ASN S 102 -29.74 25.79 -21.63
N PHE S 103 -29.81 24.77 -20.77
CA PHE S 103 -30.76 24.79 -19.66
C PHE S 103 -30.37 23.76 -18.62
N SER S 104 -30.54 24.13 -17.35
CA SER S 104 -30.42 23.22 -16.22
C SER S 104 -31.77 23.11 -15.53
N ALA S 105 -32.23 21.89 -15.29
CA ALA S 105 -33.56 21.65 -14.74
C ALA S 105 -33.46 20.93 -13.40
N PRO S 106 -33.94 21.53 -12.31
CA PRO S 106 -34.01 20.81 -11.04
C PRO S 106 -35.35 20.14 -10.82
N LEU S 107 -35.31 18.94 -10.27
CA LEU S 107 -36.52 18.18 -9.92
C LEU S 107 -36.23 17.47 -8.60
N ASP S 108 -36.64 18.12 -7.49
CA ASP S 108 -36.39 17.64 -6.13
C ASP S 108 -34.88 17.50 -5.95
N GLU S 109 -34.35 16.30 -5.71
CA GLU S 109 -32.92 16.12 -5.51
C GLU S 109 -32.14 15.99 -6.82
N ALA S 110 -32.81 15.89 -7.96
CA ALA S 110 -32.15 15.69 -9.24
C ALA S 110 -31.86 17.01 -9.93
N LEU S 111 -30.79 17.03 -10.72
CA LEU S 111 -30.37 18.22 -11.45
C LEU S 111 -29.61 17.79 -12.70
N VAL S 112 -30.15 18.13 -13.87
CA VAL S 112 -29.60 17.71 -15.16
C VAL S 112 -29.40 18.95 -16.03
N HIS S 113 -28.24 19.04 -16.68
CA HIS S 113 -27.93 20.12 -17.60
C HIS S 113 -27.84 19.60 -19.03
N VAL S 114 -28.41 20.36 -19.97
CA VAL S 114 -28.46 19.97 -21.38
C VAL S 114 -27.89 21.10 -22.21
N SER S 115 -26.97 20.76 -23.12
CA SER S 115 -26.39 21.70 -24.07
C SER S 115 -26.50 21.12 -25.46
N LEU S 116 -27.07 21.87 -26.40
CA LEU S 116 -27.27 21.39 -27.75
C LEU S 116 -26.99 22.50 -28.76
N ASP S 117 -26.70 22.08 -29.99
CA ASP S 117 -26.48 22.99 -31.10
C ASP S 117 -26.85 22.30 -32.40
N LEU S 118 -27.61 22.99 -33.24
CA LEU S 118 -28.10 22.43 -34.51
C LEU S 118 -27.12 22.79 -35.61
N SER S 119 -26.24 21.85 -35.97
CA SER S 119 -25.15 22.13 -36.88
C SER S 119 -25.07 21.22 -38.10
N GLY S 120 -25.79 20.10 -38.12
CA GLY S 120 -25.66 19.13 -39.18
C GLY S 120 -24.67 18.02 -38.91
N ARG S 121 -23.92 18.09 -37.81
CA ARG S 121 -22.96 17.05 -37.45
C ARG S 121 -23.47 16.30 -36.23
N PRO S 122 -23.79 15.01 -36.35
CA PRO S 122 -24.39 14.28 -35.22
C PRO S 122 -23.34 13.86 -34.19
N HIS S 123 -23.64 14.12 -32.92
CA HIS S 123 -22.79 13.68 -31.82
C HIS S 123 -23.64 13.64 -30.55
N LEU S 124 -23.41 12.63 -29.72
CA LEU S 124 -24.10 12.49 -28.45
C LEU S 124 -23.09 12.35 -27.31
N GLY S 125 -23.20 13.21 -26.31
CA GLY S 125 -22.45 13.05 -25.08
C GLY S 125 -23.38 12.71 -23.93
N TYR S 126 -23.32 11.48 -23.46
CA TYR S 126 -24.28 10.95 -22.49
C TYR S 126 -23.56 10.66 -21.18
N ASP S 127 -23.97 11.36 -20.11
CA ASP S 127 -23.44 11.12 -18.76
C ASP S 127 -24.63 11.10 -17.80
N LEU S 128 -25.21 9.91 -17.63
CA LEU S 128 -26.32 9.71 -16.71
C LEU S 128 -26.04 8.48 -15.86
N ASN S 129 -26.54 8.49 -14.63
CA ASN S 129 -26.37 7.38 -13.69
C ASN S 129 -27.73 7.01 -13.12
N ILE S 130 -28.44 6.12 -13.82
CA ILE S 130 -29.76 5.68 -13.40
C ILE S 130 -29.58 4.46 -12.50
N PRO S 131 -30.02 4.49 -11.25
CA PRO S 131 -29.67 3.41 -10.32
C PRO S 131 -30.43 2.11 -10.56
N THR S 132 -31.68 2.17 -11.00
CA THR S 132 -32.49 0.97 -11.14
C THR S 132 -32.59 0.53 -12.60
N GLN S 133 -32.93 -0.74 -12.78
CA GLN S 133 -33.02 -1.34 -14.10
C GLN S 133 -34.39 -1.15 -14.75
N ARG S 134 -35.45 -1.01 -13.95
CA ARG S 134 -36.80 -0.80 -14.45
C ARG S 134 -37.43 0.34 -13.67
N VAL S 135 -38.19 1.18 -14.36
CA VAL S 135 -38.93 2.26 -13.71
C VAL S 135 -40.35 1.77 -13.47
N GLY S 136 -41.07 1.46 -14.55
CA GLY S 136 -42.31 0.72 -14.46
C GLY S 136 -42.14 -0.62 -15.13
N LYS S 137 -42.66 -0.73 -16.35
CA LYS S 137 -42.29 -1.81 -17.26
C LYS S 137 -41.20 -1.38 -18.24
N TYR S 138 -40.71 -0.15 -18.11
CA TYR S 138 -39.78 0.43 -19.07
C TYR S 138 -38.34 0.10 -18.68
N ASP S 139 -37.58 -0.41 -19.65
CA ASP S 139 -36.18 -0.73 -19.44
C ASP S 139 -35.33 0.52 -19.54
N THR S 140 -34.51 0.77 -18.51
CA THR S 140 -33.79 2.04 -18.42
C THR S 140 -32.62 2.13 -19.40
N GLN S 141 -32.24 1.02 -20.03
CA GLN S 141 -31.20 1.08 -21.06
C GLN S 141 -31.69 1.77 -22.33
N LEU S 142 -33.01 1.94 -22.48
CA LEU S 142 -33.57 2.55 -23.68
C LEU S 142 -33.53 4.07 -23.66
N VAL S 143 -33.18 4.69 -22.53
CA VAL S 143 -33.06 6.14 -22.48
C VAL S 143 -31.89 6.61 -23.34
N GLU S 144 -30.75 5.93 -23.24
CA GLU S 144 -29.61 6.23 -24.11
C GLU S 144 -29.93 5.93 -25.58
N HIS S 145 -30.59 4.81 -25.84
CA HIS S 145 -30.89 4.43 -27.22
C HIS S 145 -31.86 5.40 -27.87
N PHE S 146 -32.75 6.00 -27.09
CA PHE S 146 -33.69 6.98 -27.64
C PHE S 146 -32.96 8.22 -28.14
N PHE S 147 -32.07 8.77 -27.32
CA PHE S 147 -31.40 10.02 -27.70
C PHE S 147 -30.32 9.80 -28.75
N GLN S 148 -29.73 8.61 -28.81
CA GLN S 148 -28.75 8.33 -29.85
C GLN S 148 -29.40 8.26 -31.22
N SER S 149 -30.59 7.66 -31.30
CA SER S 149 -31.29 7.56 -32.58
C SER S 149 -31.85 8.90 -33.02
N LEU S 150 -32.16 9.79 -32.07
CA LEU S 150 -32.71 11.09 -32.42
C LEU S 150 -31.66 11.99 -33.08
N VAL S 151 -30.44 11.99 -32.56
CA VAL S 151 -29.40 12.84 -33.13
C VAL S 151 -28.84 12.28 -34.43
N ASN S 152 -29.04 10.99 -34.70
CA ASN S 152 -28.51 10.42 -35.94
C ASN S 152 -29.34 10.86 -37.15
N THR S 153 -30.63 11.13 -36.96
CA THR S 153 -31.49 11.56 -38.06
C THR S 153 -31.68 13.07 -38.12
N SER S 154 -31.50 13.78 -37.00
CA SER S 154 -31.67 15.22 -36.99
C SER S 154 -30.37 15.99 -37.20
N GLY S 155 -29.22 15.33 -37.06
CA GLY S 155 -27.94 15.98 -37.25
C GLY S 155 -27.62 17.06 -36.24
N MET S 156 -27.75 16.75 -34.96
CA MET S 156 -27.52 17.72 -33.89
C MET S 156 -26.42 17.24 -32.96
N THR S 157 -25.78 18.20 -32.30
CA THR S 157 -24.78 17.92 -31.26
C THR S 157 -25.46 18.10 -29.90
N LEU S 158 -25.43 17.05 -29.09
CA LEU S 158 -26.17 17.03 -27.83
C LEU S 158 -25.28 16.54 -26.70
N HIS S 159 -25.29 17.27 -25.59
CA HIS S 159 -24.54 16.92 -24.39
C HIS S 159 -25.48 16.87 -23.20
N ILE S 160 -25.44 15.77 -22.45
CA ILE S 160 -26.28 15.59 -21.26
C ILE S 160 -25.38 15.23 -20.09
N ARG S 161 -25.51 15.97 -18.99
CA ARG S 161 -24.71 15.71 -17.79
C ARG S 161 -25.59 15.80 -16.55
N GLN S 162 -25.40 14.86 -15.63
CA GLN S 162 -26.12 14.79 -14.37
C GLN S 162 -25.23 15.28 -13.24
N PHE S 163 -25.75 16.17 -12.41
CA PHE S 163 -25.02 16.69 -11.27
C PHE S 163 -25.47 16.10 -9.94
N SER S 164 -26.73 15.69 -9.82
CA SER S 164 -27.23 15.05 -8.62
C SER S 164 -28.50 14.28 -8.96
N GLY S 165 -28.90 13.40 -8.05
CA GLY S 165 -30.12 12.63 -8.24
C GLY S 165 -30.04 11.22 -7.72
N THR S 166 -31.13 10.72 -7.14
CA THR S 166 -31.18 9.37 -6.61
C THR S 166 -32.35 8.58 -7.20
N ASN S 167 -33.49 9.25 -7.38
CA ASN S 167 -34.70 8.59 -7.83
C ASN S 167 -34.69 8.46 -9.35
N SER S 168 -35.01 7.26 -9.84
CA SER S 168 -34.95 7.00 -11.28
C SER S 168 -35.99 7.79 -12.05
N HIS S 169 -37.22 7.89 -11.51
CA HIS S 169 -38.26 8.66 -12.17
C HIS S 169 -37.89 10.14 -12.26
N HIS S 170 -37.31 10.69 -11.18
CA HIS S 170 -36.97 12.11 -11.17
C HIS S 170 -35.82 12.42 -12.14
N ILE S 171 -34.84 11.53 -12.25
CA ILE S 171 -33.67 11.80 -13.09
C ILE S 171 -34.06 11.84 -14.56
N ILE S 172 -34.81 10.84 -15.02
CA ILE S 172 -35.19 10.77 -16.43
C ILE S 172 -36.11 11.92 -16.81
N GLU S 173 -37.10 12.21 -15.96
CA GLU S 173 -38.11 13.19 -16.33
C GLU S 173 -37.58 14.61 -16.16
N ALA S 174 -36.50 14.78 -15.38
CA ALA S 174 -35.78 16.05 -15.39
C ALA S 174 -34.96 16.22 -16.66
N THR S 175 -34.47 15.11 -17.25
CA THR S 175 -33.70 15.19 -18.48
C THR S 175 -34.56 15.68 -19.63
N PHE S 176 -35.81 15.19 -19.72
CA PHE S 176 -36.69 15.60 -20.80
C PHE S 176 -37.14 17.05 -20.66
N LYS S 177 -37.26 17.54 -19.43
CA LYS S 177 -37.61 18.95 -19.23
C LYS S 177 -36.50 19.87 -19.71
N ALA S 178 -35.23 19.54 -19.41
CA ALA S 178 -34.12 20.38 -19.82
C ALA S 178 -33.91 20.32 -21.33
N PHE S 179 -34.16 19.16 -21.93
CA PHE S 179 -34.02 19.03 -23.39
C PHE S 179 -35.08 19.84 -24.13
N ALA S 180 -36.30 19.87 -23.60
CA ALA S 180 -37.38 20.59 -24.26
C ALA S 180 -37.13 22.09 -24.27
N ARG S 181 -36.69 22.66 -23.15
CA ARG S 181 -36.47 24.09 -23.07
C ARG S 181 -35.19 24.53 -23.77
N ALA S 182 -34.20 23.66 -23.86
CA ALA S 182 -33.00 23.98 -24.62
C ALA S 182 -33.27 23.92 -26.13
N LEU S 183 -34.12 22.99 -26.56
CA LEU S 183 -34.49 22.93 -27.98
C LEU S 183 -35.37 24.11 -28.36
N ARG S 184 -36.22 24.57 -27.45
CA ARG S 184 -37.06 25.73 -27.72
C ARG S 184 -36.22 26.98 -27.93
N GLN S 185 -35.18 27.17 -27.11
CA GLN S 185 -34.34 28.35 -27.24
C GLN S 185 -33.54 28.33 -28.53
N ALA S 186 -33.15 27.14 -29.00
CA ALA S 186 -32.35 27.06 -30.22
C ALA S 186 -33.20 27.32 -31.46
N THR S 187 -34.51 27.08 -31.38
CA THR S 187 -35.36 27.23 -32.56
C THR S 187 -36.03 28.60 -32.66
N GLU S 188 -35.93 29.45 -31.64
CA GLU S 188 -36.49 30.79 -31.75
C GLU S 188 -35.67 31.66 -32.67
N TYR S 189 -36.34 32.59 -33.34
CA TYR S 189 -35.67 33.51 -34.25
C TYR S 189 -34.86 34.54 -33.47
N ASP S 190 -33.64 34.80 -33.93
CA ASP S 190 -32.81 35.80 -33.29
C ASP S 190 -33.30 37.19 -33.69
N THR S 191 -33.29 38.11 -32.73
CA THR S 191 -33.78 39.46 -32.96
C THR S 191 -32.71 40.39 -33.53
N ARG S 192 -31.50 39.90 -33.73
CA ARG S 192 -30.35 40.68 -34.24
C ARG S 192 -30.10 41.83 -33.26
N ARG S 193 -29.81 43.03 -33.75
CA ARG S 193 -29.52 44.15 -32.86
C ARG S 193 -30.80 44.75 -32.30
N ALA T 10 -52.97 -14.02 38.86
CA ALA T 10 -51.52 -14.18 38.84
C ALA T 10 -51.11 -15.31 37.92
N ARG T 11 -50.14 -15.04 37.04
CA ARG T 11 -49.65 -16.00 36.07
C ARG T 11 -48.39 -16.66 36.62
N ILE T 12 -48.42 -17.99 36.74
CA ILE T 12 -47.35 -18.76 37.36
C ILE T 12 -46.98 -19.92 36.45
N GLY T 13 -45.69 -20.13 36.27
CA GLY T 13 -45.21 -21.25 35.48
C GLY T 13 -44.23 -22.09 36.25
N GLU T 14 -44.27 -23.41 36.01
CA GLU T 14 -43.38 -24.35 36.67
C GLU T 14 -42.92 -25.41 35.68
N MET T 15 -41.79 -26.04 35.99
CA MET T 15 -41.21 -27.05 35.11
C MET T 15 -40.35 -28.00 35.94
N LYS T 16 -40.35 -29.26 35.55
CA LYS T 16 -39.53 -30.28 36.22
C LYS T 16 -39.04 -31.27 35.17
N ARG T 17 -37.73 -31.41 35.03
CA ARG T 17 -37.13 -32.31 34.06
C ARG T 17 -36.02 -33.11 34.71
N VAL T 18 -36.00 -34.42 34.47
CA VAL T 18 -34.97 -35.32 34.98
C VAL T 18 -34.30 -35.98 33.79
N THR T 19 -32.99 -35.79 33.66
CA THR T 19 -32.18 -36.45 32.64
C THR T 19 -31.06 -37.21 33.33
N LYS T 20 -30.21 -37.86 32.52
CA LYS T 20 -29.08 -38.60 33.05
C LYS T 20 -27.98 -37.71 33.60
N GLU T 21 -28.05 -36.40 33.36
CA GLU T 21 -27.01 -35.47 33.82
C GLU T 21 -27.49 -34.47 34.85
N THR T 22 -28.75 -34.05 34.80
CA THR T 22 -29.21 -32.94 35.63
C THR T 22 -30.62 -33.22 36.16
N ASN T 23 -30.92 -32.62 37.31
CA ASN T 23 -32.26 -32.57 37.86
C ASN T 23 -32.60 -31.12 38.15
N VAL T 24 -33.67 -30.60 37.55
CA VAL T 24 -33.99 -29.18 37.57
C VAL T 24 -35.46 -28.99 37.91
N SER T 25 -35.74 -28.07 38.83
CA SER T 25 -37.09 -27.62 39.13
C SER T 25 -37.10 -26.09 39.14
N VAL T 26 -38.03 -25.49 38.41
CA VAL T 26 -38.06 -24.05 38.20
C VAL T 26 -39.49 -23.55 38.37
N LYS T 27 -39.65 -22.42 39.08
CA LYS T 27 -40.95 -21.80 39.26
C LYS T 27 -40.82 -20.29 39.03
N ILE T 28 -41.70 -19.74 38.20
CA ILE T 28 -41.68 -18.33 37.82
C ILE T 28 -43.07 -17.74 38.04
N ASN T 29 -43.11 -16.53 38.62
CA ASN T 29 -44.35 -15.80 38.84
C ASN T 29 -44.18 -14.41 38.23
N LEU T 30 -45.01 -14.08 37.25
CA LEU T 30 -44.88 -12.80 36.55
C LEU T 30 -45.41 -11.64 37.38
N ASP T 31 -46.41 -11.88 38.23
CA ASP T 31 -46.95 -10.86 39.12
C ASP T 31 -46.39 -11.09 40.52
N GLY T 32 -45.17 -10.60 40.74
CA GLY T 32 -44.46 -10.82 41.97
C GLY T 32 -43.96 -9.52 42.58
N THR T 33 -43.23 -9.67 43.68
CA THR T 33 -42.67 -8.55 44.41
C THR T 33 -41.14 -8.60 44.49
N GLY T 34 -40.51 -9.54 43.80
CA GLY T 34 -39.07 -9.64 43.79
C GLY T 34 -38.46 -10.69 44.69
N VAL T 35 -39.20 -11.73 45.04
CA VAL T 35 -38.65 -12.80 45.87
C VAL T 35 -37.70 -13.64 45.03
N ALA T 36 -36.49 -13.88 45.56
CA ALA T 36 -35.48 -14.65 44.86
C ALA T 36 -35.02 -15.80 45.74
N ASP T 37 -35.19 -17.03 45.25
CA ASP T 37 -34.71 -18.24 45.92
C ASP T 37 -34.05 -19.11 44.85
N ASN T 38 -32.75 -18.90 44.62
CA ASN T 38 -32.02 -19.58 43.57
C ASN T 38 -30.88 -20.37 44.19
N SER T 39 -30.81 -21.67 43.86
CA SER T 39 -29.76 -22.53 44.41
C SER T 39 -29.44 -23.61 43.37
N SER T 40 -28.40 -23.37 42.58
CA SER T 40 -27.83 -24.35 41.68
C SER T 40 -26.37 -24.57 42.06
N GLY T 41 -25.66 -25.33 41.24
CA GLY T 41 -24.25 -25.57 41.47
C GLY T 41 -23.33 -24.51 40.93
N ILE T 42 -23.86 -23.44 40.36
CA ILE T 42 -23.09 -22.38 39.76
C ILE T 42 -23.36 -21.09 40.53
N PRO T 43 -22.48 -20.69 41.45
CA PRO T 43 -22.74 -19.49 42.26
C PRO T 43 -22.89 -18.20 41.48
N PHE T 44 -22.15 -18.04 40.38
CA PHE T 44 -22.25 -16.79 39.62
C PHE T 44 -23.58 -16.69 38.89
N LEU T 45 -24.12 -17.82 38.42
CA LEU T 45 -25.43 -17.79 37.77
C LEU T 45 -26.53 -17.43 38.77
N ASP T 46 -26.37 -17.86 40.02
CA ASP T 46 -27.34 -17.49 41.05
C ASP T 46 -27.31 -15.99 41.33
N HIS T 47 -26.11 -15.39 41.27
CA HIS T 47 -26.00 -13.94 41.41
C HIS T 47 -26.72 -13.23 40.27
N MET T 48 -26.67 -13.80 39.06
CA MET T 48 -27.33 -13.18 37.92
C MET T 48 -28.84 -13.33 38.01
N LEU T 49 -29.33 -14.48 38.46
CA LEU T 49 -30.76 -14.72 38.52
C LEU T 49 -31.43 -13.89 39.60
N ASP T 50 -30.68 -13.49 40.64
CA ASP T 50 -31.25 -12.63 41.67
C ASP T 50 -31.57 -11.25 41.13
N GLN T 51 -30.72 -10.72 40.23
CA GLN T 51 -30.97 -9.41 39.65
C GLN T 51 -32.20 -9.41 38.76
N LEU T 52 -32.54 -10.55 38.15
CA LEU T 52 -33.75 -10.63 37.34
C LEU T 52 -35.00 -10.49 38.21
N ALA T 53 -34.94 -10.99 39.45
CA ALA T 53 -36.08 -10.87 40.35
C ALA T 53 -36.20 -9.45 40.90
N SER T 54 -35.09 -8.83 41.28
CA SER T 54 -35.16 -7.50 41.90
C SER T 54 -35.51 -6.42 40.89
N HIS T 55 -34.87 -6.44 39.72
CA HIS T 55 -35.11 -5.39 38.73
C HIS T 55 -36.38 -5.62 37.93
N GLY T 56 -36.77 -6.87 37.73
CA GLY T 56 -37.98 -7.18 37.00
C GLY T 56 -39.22 -7.36 37.83
N LEU T 57 -39.09 -7.36 39.16
CA LEU T 57 -40.20 -7.60 40.09
C LEU T 57 -40.87 -8.94 39.82
N PHE T 58 -40.07 -9.96 39.49
CA PHE T 58 -40.55 -11.32 39.32
C PHE T 58 -40.22 -12.16 40.55
N ASP T 59 -40.90 -13.29 40.67
CA ASP T 59 -40.59 -14.29 41.69
C ASP T 59 -39.94 -15.47 40.98
N VAL T 60 -38.67 -15.69 41.26
CA VAL T 60 -37.86 -16.70 40.58
C VAL T 60 -37.38 -17.72 41.60
N HIS T 61 -37.65 -19.00 41.34
CA HIS T 61 -37.20 -20.09 42.19
C HIS T 61 -36.56 -21.16 41.31
N VAL T 62 -35.28 -21.43 41.52
CA VAL T 62 -34.54 -22.42 40.76
C VAL T 62 -33.84 -23.36 41.72
N LYS T 63 -34.03 -24.67 41.51
CA LYS T 63 -33.31 -25.71 42.26
C LYS T 63 -32.74 -26.69 41.26
N ALA T 64 -31.43 -26.90 41.29
CA ALA T 64 -30.78 -27.75 40.31
C ALA T 64 -29.56 -28.43 40.90
N THR T 65 -29.34 -29.69 40.51
CA THR T 65 -28.13 -30.42 40.82
C THR T 65 -27.71 -31.18 39.57
N GLY T 66 -26.41 -31.41 39.43
CA GLY T 66 -25.93 -32.03 38.21
C GLY T 66 -24.46 -32.38 38.30
N ASP T 67 -23.92 -32.79 37.15
CA ASP T 67 -22.54 -33.27 37.06
C ASP T 67 -21.59 -32.09 36.82
N THR T 68 -21.47 -31.25 37.86
CA THR T 68 -20.57 -30.11 37.79
C THR T 68 -19.11 -30.51 37.92
N HIS T 69 -18.81 -31.76 38.28
CA HIS T 69 -17.43 -32.21 38.36
C HIS T 69 -16.77 -32.29 37.00
N ILE T 70 -17.56 -32.43 35.93
CA ILE T 70 -17.03 -32.37 34.58
C ILE T 70 -16.94 -30.93 34.07
N ASP T 71 -18.06 -30.24 34.07
CA ASP T 71 -18.15 -28.87 33.57
C ASP T 71 -19.45 -28.27 34.06
N ASP T 72 -19.58 -26.95 33.88
CA ASP T 72 -20.83 -26.26 34.14
C ASP T 72 -21.74 -26.20 32.91
N HIS T 73 -21.31 -26.80 31.79
CA HIS T 73 -22.04 -26.67 30.54
C HIS T 73 -23.43 -27.31 30.61
N HIS T 74 -23.49 -28.56 31.08
CA HIS T 74 -24.75 -29.30 31.04
C HIS T 74 -25.77 -28.71 32.03
N THR T 75 -25.29 -28.24 33.19
CA THR T 75 -26.20 -27.61 34.15
C THR T 75 -26.69 -26.26 33.66
N ASN T 76 -25.81 -25.46 33.06
CA ASN T 76 -26.19 -24.15 32.56
C ASN T 76 -27.22 -24.26 31.44
N GLU T 77 -27.06 -25.24 30.55
CA GLU T 77 -27.98 -25.41 29.43
C GLU T 77 -29.36 -25.86 29.90
N ASP T 78 -29.42 -26.77 30.88
CA ASP T 78 -30.70 -27.30 31.31
C ASP T 78 -31.51 -26.29 32.12
N VAL T 79 -30.85 -25.41 32.87
CA VAL T 79 -31.55 -24.37 33.62
C VAL T 79 -32.21 -23.39 32.66
N ALA T 80 -31.51 -23.01 31.59
CA ALA T 80 -32.05 -22.03 30.65
C ALA T 80 -33.25 -22.59 29.90
N LEU T 81 -33.23 -23.88 29.55
CA LEU T 81 -34.37 -24.49 28.87
C LEU T 81 -35.60 -24.53 29.78
N ALA T 82 -35.40 -24.81 31.07
CA ALA T 82 -36.52 -24.90 31.99
C ALA T 82 -37.15 -23.54 32.25
N ILE T 83 -36.34 -22.49 32.33
CA ILE T 83 -36.86 -21.14 32.54
C ILE T 83 -37.69 -20.70 31.34
N GLY T 84 -37.23 -21.02 30.13
CA GLY T 84 -37.96 -20.64 28.94
C GLY T 84 -39.30 -21.33 28.82
N THR T 85 -39.36 -22.61 29.18
CA THR T 85 -40.63 -23.34 29.12
C THR T 85 -41.63 -22.82 30.14
N ALA T 86 -41.17 -22.54 31.36
CA ALA T 86 -42.06 -22.02 32.40
C ALA T 86 -42.58 -20.63 32.05
N LEU T 87 -41.76 -19.83 31.37
CA LEU T 87 -42.20 -18.51 30.93
C LEU T 87 -43.30 -18.62 29.89
N LEU T 88 -43.19 -19.57 28.97
CA LEU T 88 -44.20 -19.74 27.92
C LEU T 88 -45.55 -20.13 28.51
N GLN T 89 -45.56 -21.01 29.50
CA GLN T 89 -46.84 -21.49 30.04
C GLN T 89 -47.51 -20.41 30.90
N ALA T 90 -46.70 -19.58 31.56
CA ALA T 90 -47.27 -18.49 32.36
C ALA T 90 -47.88 -17.40 31.47
N LEU T 91 -47.32 -17.19 30.28
CA LEU T 91 -47.85 -16.17 29.38
C LEU T 91 -49.23 -16.55 28.86
N GLY T 92 -49.45 -17.82 28.53
CA GLY T 92 -50.74 -18.25 28.04
C GLY T 92 -51.03 -17.69 26.66
N ASP T 93 -52.20 -17.06 26.52
CA ASP T 93 -52.64 -16.56 25.23
C ASP T 93 -52.02 -15.20 24.87
N ARG T 94 -51.38 -14.54 25.82
CA ARG T 94 -50.70 -13.25 25.60
C ARG T 94 -51.67 -12.19 25.09
N LYS T 95 -52.88 -12.16 25.64
CA LYS T 95 -53.92 -11.23 25.20
C LYS T 95 -53.94 -10.02 26.11
N GLY T 96 -53.88 -8.83 25.50
CA GLY T 96 -53.92 -7.59 26.24
C GLY T 96 -52.60 -7.09 26.78
N ILE T 97 -51.48 -7.68 26.37
CA ILE T 97 -50.18 -7.29 26.86
C ILE T 97 -49.47 -6.45 25.80
N ASN T 98 -48.41 -5.77 26.23
CA ASN T 98 -47.69 -4.86 25.34
C ASN T 98 -46.92 -5.61 24.25
N ARG T 99 -46.34 -6.76 24.60
CA ARG T 99 -45.56 -7.67 23.77
C ARG T 99 -44.22 -7.08 23.32
N PHE T 100 -43.90 -5.84 23.67
CA PHE T 100 -42.65 -5.21 23.26
C PHE T 100 -41.95 -4.58 24.46
N GLY T 101 -40.63 -4.69 24.49
CA GLY T 101 -39.85 -4.12 25.55
C GLY T 101 -38.50 -3.59 25.10
N ASN T 102 -38.11 -2.41 25.60
CA ASN T 102 -36.84 -1.79 25.26
C ASN T 102 -36.24 -1.16 26.51
N PHE T 103 -34.93 -1.32 26.68
CA PHE T 103 -34.25 -0.71 27.82
C PHE T 103 -32.75 -0.67 27.58
N SER T 104 -32.12 0.42 28.00
CA SER T 104 -30.67 0.55 28.05
C SER T 104 -30.24 0.72 29.50
N ALA T 105 -29.26 -0.07 29.92
CA ALA T 105 -28.83 -0.09 31.31
C ALA T 105 -27.37 0.32 31.44
N PRO T 106 -27.06 1.41 32.13
CA PRO T 106 -25.66 1.75 32.40
C PRO T 106 -25.17 1.18 33.73
N LEU T 107 -23.94 0.70 33.72
CA LEU T 107 -23.28 0.19 34.94
C LEU T 107 -21.82 0.63 34.86
N ASP T 108 -21.52 1.78 35.50
CA ASP T 108 -20.20 2.40 35.49
C ASP T 108 -19.82 2.67 34.03
N GLU T 109 -18.76 2.07 33.50
CA GLU T 109 -18.36 2.31 32.12
C GLU T 109 -19.12 1.46 31.11
N ALA T 110 -19.93 0.51 31.54
CA ALA T 110 -20.63 -0.40 30.65
C ALA T 110 -22.02 0.13 30.30
N LEU T 111 -22.49 -0.21 29.11
CA LEU T 111 -23.79 0.22 28.62
C LEU T 111 -24.31 -0.82 27.63
N VAL T 112 -25.43 -1.45 27.95
CA VAL T 112 -26.00 -2.53 27.15
C VAL T 112 -27.46 -2.20 26.86
N HIS T 113 -27.88 -2.39 25.60
CA HIS T 113 -29.25 -2.18 25.17
C HIS T 113 -29.90 -3.51 24.80
N VAL T 114 -31.15 -3.70 25.22
CA VAL T 114 -31.88 -4.94 25.00
C VAL T 114 -33.22 -4.60 24.34
N SER T 115 -33.53 -5.31 23.24
CA SER T 115 -34.81 -5.18 22.55
C SER T 115 -35.40 -6.56 22.37
N LEU T 116 -36.65 -6.75 22.79
CA LEU T 116 -37.29 -8.04 22.71
C LEU T 116 -38.75 -7.89 22.30
N ASP T 117 -39.31 -8.97 21.77
CA ASP T 117 -40.71 -9.04 21.39
C ASP T 117 -41.19 -10.48 21.48
N LEU T 118 -42.34 -10.68 22.11
CA LEU T 118 -42.90 -12.02 22.32
C LEU T 118 -43.85 -12.34 21.18
N SER T 119 -43.36 -13.11 20.19
CA SER T 119 -44.09 -13.35 18.97
C SER T 119 -44.31 -14.81 18.61
N GLY T 120 -43.62 -15.75 19.26
CA GLY T 120 -43.69 -17.14 18.89
C GLY T 120 -42.63 -17.59 17.90
N ARG T 121 -41.82 -16.66 17.38
CA ARG T 121 -40.75 -17.00 16.45
C ARG T 121 -39.41 -16.80 17.14
N PRO T 122 -38.63 -17.87 17.37
CA PRO T 122 -37.37 -17.72 18.13
C PRO T 122 -36.25 -17.15 17.27
N HIS T 123 -35.56 -16.15 17.80
CA HIS T 123 -34.38 -15.57 17.15
C HIS T 123 -33.54 -14.88 18.22
N LEU T 124 -32.22 -15.01 18.10
CA LEU T 124 -31.28 -14.36 19.01
C LEU T 124 -30.28 -13.52 18.21
N GLY T 125 -30.18 -12.25 18.56
CA GLY T 125 -29.12 -11.40 18.04
C GLY T 125 -28.15 -11.02 19.15
N TYR T 126 -26.95 -11.57 19.12
CA TYR T 126 -25.99 -11.46 20.21
C TYR T 126 -24.79 -10.65 19.73
N ASP T 127 -24.55 -9.49 20.37
CA ASP T 127 -23.37 -8.67 20.09
C ASP T 127 -22.79 -8.23 21.44
N LEU T 128 -21.90 -9.06 21.97
CA LEU T 128 -21.21 -8.77 23.22
C LEU T 128 -19.73 -9.03 23.04
N ASN T 129 -18.91 -8.26 23.76
CA ASN T 129 -17.45 -8.40 23.71
C ASN T 129 -16.92 -8.50 25.13
N ILE T 130 -16.87 -9.73 25.65
CA ILE T 130 -16.40 -9.98 27.00
C ILE T 130 -14.88 -10.22 26.92
N PRO T 131 -14.07 -9.42 27.59
CA PRO T 131 -12.61 -9.50 27.37
C PRO T 131 -11.95 -10.73 28.00
N THR T 132 -12.43 -11.20 29.15
CA THR T 132 -11.77 -12.28 29.85
C THR T 132 -12.51 -13.60 29.66
N GLN T 133 -11.79 -14.69 29.89
CA GLN T 133 -12.33 -16.03 29.70
C GLN T 133 -13.05 -16.56 30.93
N ARG T 134 -12.68 -16.10 32.13
CA ARG T 134 -13.32 -16.51 33.37
C ARG T 134 -13.62 -15.27 34.20
N VAL T 135 -14.77 -15.27 34.86
CA VAL T 135 -15.13 -14.17 35.76
C VAL T 135 -14.76 -14.60 37.17
N GLY T 136 -15.38 -15.68 37.66
CA GLY T 136 -14.92 -16.35 38.86
C GLY T 136 -14.45 -17.73 38.50
N LYS T 137 -15.29 -18.73 38.77
CA LYS T 137 -15.15 -20.06 38.18
C LYS T 137 -16.04 -20.23 36.95
N TYR T 138 -16.75 -19.18 36.56
CA TYR T 138 -17.75 -19.26 35.50
C TYR T 138 -17.11 -18.99 34.14
N ASP T 139 -17.37 -19.89 33.19
CA ASP T 139 -16.85 -19.74 31.84
C ASP T 139 -17.71 -18.77 31.05
N THR T 140 -17.07 -17.76 30.45
CA THR T 140 -17.83 -16.66 29.82
C THR T 140 -18.47 -17.06 28.50
N GLN T 141 -18.11 -18.22 27.95
CA GLN T 141 -18.78 -18.71 26.75
C GLN T 141 -20.21 -19.16 27.03
N LEU T 142 -20.57 -19.36 28.30
CA LEU T 142 -21.90 -19.83 28.66
C LEU T 142 -22.94 -18.72 28.70
N VAL T 143 -22.53 -17.45 28.60
CA VAL T 143 -23.50 -16.36 28.57
C VAL T 143 -24.32 -16.41 27.29
N GLU T 144 -23.66 -16.64 26.15
CA GLU T 144 -24.38 -16.82 24.89
C GLU T 144 -25.25 -18.08 24.91
N HIS T 145 -24.71 -19.18 25.45
CA HIS T 145 -25.46 -20.43 25.47
C HIS T 145 -26.69 -20.34 26.35
N PHE T 146 -26.65 -19.53 27.41
CA PHE T 146 -27.81 -19.36 28.27
C PHE T 146 -28.96 -18.69 27.53
N PHE T 147 -28.67 -17.59 26.84
CA PHE T 147 -29.74 -16.84 26.18
C PHE T 147 -30.24 -17.53 24.91
N GLN T 148 -29.39 -18.32 24.26
CA GLN T 148 -29.84 -19.06 23.08
C GLN T 148 -30.83 -20.15 23.47
N SER T 149 -30.59 -20.84 24.59
CA SER T 149 -31.50 -21.89 25.03
C SER T 149 -32.80 -21.32 25.57
N LEU T 150 -32.77 -20.10 26.10
CA LEU T 150 -33.98 -19.50 26.64
C LEU T 150 -34.97 -19.12 25.53
N VAL T 151 -34.48 -18.56 24.43
CA VAL T 151 -35.37 -18.17 23.35
C VAL T 151 -35.86 -19.36 22.53
N ASN T 152 -35.17 -20.50 22.60
CA ASN T 152 -35.60 -21.66 21.83
C ASN T 152 -36.85 -22.30 22.44
N THR T 153 -37.03 -22.20 23.75
CA THR T 153 -38.19 -22.78 24.41
C THR T 153 -39.31 -21.77 24.67
N SER T 154 -38.99 -20.47 24.74
CA SER T 154 -40.00 -19.45 24.98
C SER T 154 -40.55 -18.83 23.71
N GLY T 155 -39.88 -19.02 22.57
CA GLY T 155 -40.35 -18.47 21.31
C GLY T 155 -40.35 -16.96 21.25
N MET T 156 -39.24 -16.34 21.60
CA MET T 156 -39.13 -14.88 21.62
C MET T 156 -38.03 -14.41 20.69
N THR T 157 -38.16 -13.16 20.24
CA THR T 157 -37.13 -12.49 19.43
C THR T 157 -36.36 -11.56 20.36
N LEU T 158 -35.05 -11.75 20.43
CA LEU T 158 -34.21 -11.04 21.39
C LEU T 158 -32.98 -10.47 20.70
N HIS T 159 -32.70 -9.19 20.95
CA HIS T 159 -31.52 -8.52 20.42
C HIS T 159 -30.74 -7.90 21.57
N ILE T 160 -29.43 -8.17 21.61
CA ILE T 160 -28.54 -7.64 22.64
C ILE T 160 -27.37 -6.95 21.96
N ARG T 161 -27.11 -5.70 22.33
CA ARG T 161 -26.01 -4.94 21.76
C ARG T 161 -25.28 -4.18 22.86
N GLN T 162 -23.94 -4.19 22.79
CA GLN T 162 -23.07 -3.51 23.73
C GLN T 162 -22.52 -2.25 23.09
N PHE T 163 -22.60 -1.13 23.80
CA PHE T 163 -22.07 0.14 23.32
C PHE T 163 -20.77 0.54 23.98
N SER T 164 -20.52 0.11 25.22
CA SER T 164 -19.27 0.39 25.91
C SER T 164 -19.10 -0.61 27.04
N GLY T 165 -17.88 -0.69 27.56
CA GLY T 165 -17.59 -1.57 28.68
C GLY T 165 -16.23 -2.22 28.62
N THR T 166 -15.58 -2.36 29.77
CA THR T 166 -14.27 -2.98 29.85
C THR T 166 -14.25 -4.13 30.85
N ASN T 167 -14.95 -3.97 31.97
CA ASN T 167 -14.94 -4.95 33.03
C ASN T 167 -15.93 -6.07 32.74
N SER T 168 -15.48 -7.32 32.89
CA SER T 168 -16.31 -8.47 32.56
C SER T 168 -17.51 -8.60 33.48
N HIS T 169 -17.31 -8.37 34.79
CA HIS T 169 -18.43 -8.43 35.73
C HIS T 169 -19.48 -7.38 35.42
N HIS T 170 -19.04 -6.16 35.09
CA HIS T 170 -19.99 -5.08 34.83
C HIS T 170 -20.78 -5.32 33.54
N ILE T 171 -20.14 -5.86 32.50
CA ILE T 171 -20.81 -6.04 31.22
C ILE T 171 -21.92 -7.08 31.33
N ILE T 172 -21.63 -8.23 31.93
CA ILE T 172 -22.62 -9.30 32.03
C ILE T 172 -23.78 -8.89 32.93
N GLU T 173 -23.48 -8.27 34.07
CA GLU T 173 -24.52 -7.99 35.05
C GLU T 173 -25.34 -6.76 34.63
N ALA T 174 -24.80 -5.94 33.73
CA ALA T 174 -25.62 -4.92 33.08
C ALA T 174 -26.56 -5.52 32.05
N THR T 175 -26.15 -6.62 31.40
CA THR T 175 -27.01 -7.28 30.42
C THR T 175 -28.26 -7.86 31.09
N PHE T 176 -28.10 -8.47 32.26
CA PHE T 176 -29.24 -9.06 32.94
C PHE T 176 -30.19 -8.00 33.49
N LYS T 177 -29.67 -6.83 33.86
CA LYS T 177 -30.54 -5.75 34.31
C LYS T 177 -31.42 -5.22 33.18
N ALA T 178 -30.84 -5.05 31.98
CA ALA T 178 -31.62 -4.54 30.86
C ALA T 178 -32.63 -5.57 30.37
N PHE T 179 -32.28 -6.85 30.44
CA PHE T 179 -33.21 -7.90 30.03
C PHE T 179 -34.40 -8.00 30.97
N ALA T 180 -34.16 -7.82 32.26
CA ALA T 180 -35.24 -7.94 33.24
C ALA T 180 -36.27 -6.83 33.07
N ARG T 181 -35.82 -5.59 32.87
CA ARG T 181 -36.74 -4.48 32.76
C ARG T 181 -37.42 -4.42 31.39
N ALA T 182 -36.78 -4.94 30.35
CA ALA T 182 -37.43 -5.03 29.05
C ALA T 182 -38.49 -6.13 29.03
N LEU T 183 -38.23 -7.23 29.74
CA LEU T 183 -39.23 -8.30 29.84
C LEU T 183 -40.41 -7.86 30.69
N ARG T 184 -40.16 -7.06 31.72
CA ARG T 184 -41.25 -6.55 32.55
C ARG T 184 -42.18 -5.66 31.75
N GLN T 185 -41.63 -4.79 30.90
CA GLN T 185 -42.47 -3.89 30.11
C GLN T 185 -43.30 -4.65 29.09
N ALA T 186 -42.76 -5.75 28.55
CA ALA T 186 -43.49 -6.51 27.54
C ALA T 186 -44.64 -7.30 28.15
N THR T 187 -44.54 -7.64 29.43
CA THR T 187 -45.57 -8.47 30.06
C THR T 187 -46.65 -7.67 30.77
N GLU T 188 -46.52 -6.35 30.90
CA GLU T 188 -47.58 -5.56 31.51
C GLU T 188 -48.76 -5.43 30.57
N TYR T 189 -49.95 -5.33 31.16
CA TYR T 189 -51.17 -5.17 30.38
C TYR T 189 -51.25 -3.77 29.78
N ASP T 190 -51.64 -3.70 28.52
CA ASP T 190 -51.80 -2.41 27.87
C ASP T 190 -53.10 -1.77 28.35
N THR T 191 -53.06 -0.45 28.57
CA THR T 191 -54.21 0.28 29.08
C THR T 191 -55.16 0.73 27.98
N ARG T 192 -54.84 0.46 26.72
CA ARG T 192 -55.64 0.86 25.54
C ARG T 192 -55.72 2.38 25.53
N ARG T 193 -56.87 2.97 25.22
CA ARG T 193 -56.99 4.42 25.16
C ARG T 193 -57.13 5.01 26.56
N ALA U 10 32.23 7.45 58.47
CA ALA U 10 32.46 7.57 57.04
C ALA U 10 32.64 6.20 56.40
N ARG U 11 31.91 5.96 55.30
CA ARG U 11 31.94 4.69 54.59
C ARG U 11 32.91 4.81 53.42
N ILE U 12 33.92 3.93 53.40
CA ILE U 12 35.01 3.98 52.42
C ILE U 12 35.20 2.59 51.84
N GLY U 13 35.35 2.54 50.52
CA GLY U 13 35.61 1.28 49.84
C GLY U 13 36.84 1.36 48.98
N GLU U 14 37.58 0.25 48.91
CA GLU U 14 38.79 0.17 48.11
C GLU U 14 38.88 -1.18 47.42
N MET U 15 39.64 -1.23 46.34
CA MET U 15 39.78 -2.46 45.55
C MET U 15 41.11 -2.43 44.80
N LYS U 16 41.72 -3.59 44.66
CA LYS U 16 42.97 -3.74 43.93
C LYS U 16 42.97 -5.08 43.21
N ARG U 17 43.10 -5.05 41.89
CA ARG U 17 43.09 -6.25 41.07
C ARG U 17 44.22 -6.20 40.06
N VAL U 18 44.96 -7.30 39.93
CA VAL U 18 46.05 -7.42 38.97
C VAL U 18 45.73 -8.60 38.05
N THR U 19 45.63 -8.32 36.75
CA THR U 19 45.44 -9.35 35.74
C THR U 19 46.57 -9.25 34.72
N LYS U 20 46.53 -10.12 33.70
CA LYS U 20 47.54 -10.10 32.65
C LYS U 20 47.41 -8.90 31.73
N GLU U 21 46.32 -8.14 31.81
CA GLU U 21 46.10 -6.99 30.93
C GLU U 21 46.10 -5.66 31.65
N THR U 22 45.65 -5.60 32.90
CA THR U 22 45.42 -4.32 33.56
C THR U 22 45.85 -4.40 35.02
N ASN U 23 46.22 -3.24 35.57
CA ASN U 23 46.45 -3.06 37.00
C ASN U 23 45.61 -1.87 37.45
N VAL U 24 44.72 -2.09 38.42
CA VAL U 24 43.72 -1.11 38.80
C VAL U 24 43.69 -0.99 40.32
N SER U 25 43.67 0.24 40.82
CA SER U 25 43.43 0.55 42.22
C SER U 25 42.38 1.65 42.32
N VAL U 26 41.34 1.43 43.12
CA VAL U 26 40.19 2.31 43.19
C VAL U 26 39.83 2.55 44.65
N LYS U 27 39.53 3.80 45.00
CA LYS U 27 39.10 4.16 46.34
C LYS U 27 37.90 5.10 46.25
N ILE U 28 36.84 4.80 46.99
CA ILE U 28 35.59 5.55 46.97
C ILE U 28 35.20 5.89 48.41
N ASN U 29 34.77 7.14 48.61
CA ASN U 29 34.29 7.60 49.92
C ASN U 29 32.91 8.21 49.70
N LEU U 30 31.90 7.65 50.36
CA LEU U 30 30.53 8.11 50.16
C LEU U 30 30.25 9.42 50.90
N ASP U 31 30.93 9.65 52.03
CA ASP U 31 30.80 10.90 52.78
C ASP U 31 32.01 11.77 52.48
N GLY U 32 31.94 12.48 51.34
CA GLY U 32 33.04 13.27 50.86
C GLY U 32 32.62 14.70 50.56
N THR U 33 33.58 15.46 50.04
CA THR U 33 33.37 16.86 49.68
C THR U 33 33.62 17.13 48.19
N GLY U 34 33.84 16.09 47.40
CA GLY U 34 34.04 16.25 45.98
C GLY U 34 35.48 16.21 45.49
N VAL U 35 36.38 15.58 46.23
CA VAL U 35 37.76 15.46 45.79
C VAL U 35 37.84 14.45 44.65
N ALA U 36 38.50 14.84 43.56
CA ALA U 36 38.64 13.99 42.39
C ALA U 36 40.11 13.83 42.04
N ASP U 37 40.60 12.60 42.06
CA ASP U 37 41.97 12.26 41.64
C ASP U 37 41.88 11.02 40.75
N ASN U 38 41.69 11.23 39.46
CA ASN U 38 41.50 10.16 38.50
C ASN U 38 42.60 10.20 37.45
N SER U 39 43.27 9.06 37.25
CA SER U 39 44.36 8.99 36.28
C SER U 39 44.40 7.57 35.72
N SER U 40 43.78 7.38 34.57
CA SER U 40 43.88 6.16 33.79
C SER U 40 44.44 6.51 32.41
N GLY U 41 44.46 5.53 31.52
CA GLY U 41 44.93 5.75 30.17
C GLY U 41 43.90 6.29 29.22
N ILE U 42 42.70 6.59 29.70
CA ILE U 42 41.60 7.07 28.88
C ILE U 42 41.23 8.47 29.36
N PRO U 43 41.69 9.52 28.68
CA PRO U 43 41.41 10.89 29.16
C PRO U 43 39.94 11.25 29.23
N PHE U 44 39.11 10.74 28.31
CA PHE U 44 37.69 11.11 28.32
C PHE U 44 36.97 10.47 29.50
N LEU U 45 37.37 9.25 29.88
CA LEU U 45 36.76 8.61 31.05
C LEU U 45 37.12 9.36 32.33
N ASP U 46 38.33 9.93 32.39
CA ASP U 46 38.71 10.74 33.54
C ASP U 46 37.86 12.00 33.65
N HIS U 47 37.52 12.59 32.50
CA HIS U 47 36.62 13.74 32.49
C HIS U 47 35.24 13.36 33.02
N MET U 48 34.78 12.14 32.72
CA MET U 48 33.48 11.70 33.18
C MET U 48 33.49 11.40 34.67
N LEU U 49 34.57 10.80 35.17
CA LEU U 49 34.64 10.42 36.58
C LEU U 49 34.77 11.65 37.48
N ASP U 50 35.31 12.76 36.96
CA ASP U 50 35.38 13.98 37.75
C ASP U 50 34.00 14.55 38.04
N GLN U 51 33.08 14.46 37.07
CA GLN U 51 31.73 14.96 37.28
C GLN U 51 30.98 14.15 38.32
N LEU U 52 31.30 12.87 38.47
CA LEU U 52 30.66 12.06 39.51
C LEU U 52 31.06 12.54 40.90
N ALA U 53 32.30 13.03 41.05
CA ALA U 53 32.74 13.54 42.34
C ALA U 53 32.13 14.91 42.64
N SER U 54 32.08 15.79 41.65
CA SER U 54 31.59 17.15 41.90
C SER U 54 30.09 17.18 42.12
N HIS U 55 29.33 16.48 41.27
CA HIS U 55 27.87 16.53 41.37
C HIS U 55 27.34 15.60 42.46
N GLY U 56 28.03 14.51 42.74
CA GLY U 56 27.61 13.59 43.77
C GLY U 56 28.20 13.82 45.14
N LEU U 57 29.16 14.74 45.26
CA LEU U 57 29.88 15.01 46.50
C LEU U 57 30.56 13.76 47.04
N PHE U 58 31.10 12.94 46.15
CA PHE U 58 31.89 11.77 46.51
C PHE U 58 33.37 12.06 46.37
N ASP U 59 34.18 11.22 47.00
CA ASP U 59 35.63 11.24 46.85
C ASP U 59 36.01 10.03 46.00
N VAL U 60 36.49 10.27 44.79
CA VAL U 60 36.79 9.22 43.82
C VAL U 60 38.27 9.26 43.48
N HIS U 61 38.96 8.12 43.64
CA HIS U 61 40.36 7.99 43.30
C HIS U 61 40.54 6.74 42.45
N VAL U 62 41.01 6.91 41.21
CA VAL U 62 41.22 5.80 40.30
C VAL U 62 42.63 5.89 39.74
N LYS U 63 43.38 4.78 39.82
CA LYS U 63 44.70 4.66 39.20
C LYS U 63 44.73 3.38 38.40
N ALA U 64 45.03 3.48 37.11
CA ALA U 64 44.98 2.30 36.24
C ALA U 64 46.00 2.42 35.13
N THR U 65 46.61 1.30 34.77
CA THR U 65 47.46 1.19 33.60
C THR U 65 47.15 -0.14 32.92
N GLY U 66 47.33 -0.18 31.60
CA GLY U 66 46.94 -1.37 30.87
C GLY U 66 47.39 -1.32 29.42
N ASP U 67 46.91 -2.30 28.67
CA ASP U 67 47.32 -2.48 27.27
C ASP U 67 46.42 -1.63 26.35
N THR U 68 46.58 -0.31 26.47
CA THR U 68 45.83 0.61 25.63
C THR U 68 46.34 0.67 24.20
N HIS U 69 47.50 0.06 23.91
CA HIS U 69 48.00 0.03 22.55
C HIS U 69 47.16 -0.85 21.64
N ILE U 70 46.41 -1.80 22.21
CA ILE U 70 45.46 -2.59 21.44
C ILE U 70 44.11 -1.89 21.33
N ASP U 71 43.52 -1.58 22.47
CA ASP U 71 42.20 -0.95 22.54
C ASP U 71 42.00 -0.40 23.94
N ASP U 72 40.94 0.39 24.10
CA ASP U 72 40.52 0.85 25.42
C ASP U 72 39.52 -0.09 26.08
N HIS U 73 39.19 -1.21 25.42
CA HIS U 73 38.13 -2.08 25.91
C HIS U 73 38.50 -2.72 27.25
N HIS U 74 39.69 -3.32 27.33
CA HIS U 74 40.05 -4.08 28.53
C HIS U 74 40.25 -3.16 29.73
N THR U 75 40.79 -1.95 29.51
CA THR U 75 40.95 -1.00 30.61
C THR U 75 39.61 -0.45 31.08
N ASN U 76 38.71 -0.13 30.14
CA ASN U 76 37.41 0.40 30.49
C ASN U 76 36.59 -0.61 31.28
N GLU U 77 36.66 -1.89 30.91
CA GLU U 77 35.89 -2.92 31.59
C GLU U 77 36.40 -3.15 33.01
N ASP U 78 37.72 -3.15 33.21
CA ASP U 78 38.27 -3.45 34.52
C ASP U 78 38.07 -2.32 35.52
N VAL U 79 38.06 -1.07 35.05
CA VAL U 79 37.79 0.06 35.93
C VAL U 79 36.37 0.01 36.46
N ALA U 80 35.41 -0.33 35.59
CA ALA U 80 34.01 -0.36 35.99
C ALA U 80 33.75 -1.47 37.01
N LEU U 81 34.40 -2.62 36.85
CA LEU U 81 34.22 -3.71 37.81
C LEU U 81 34.78 -3.33 39.18
N ALA U 82 35.91 -2.62 39.21
CA ALA U 82 36.52 -2.25 40.48
C ALA U 82 35.69 -1.20 41.22
N ILE U 83 35.10 -0.26 40.49
CA ILE U 83 34.26 0.76 41.11
C ILE U 83 33.02 0.12 41.73
N GLY U 84 32.43 -0.85 41.03
CA GLY U 84 31.24 -1.50 41.55
C GLY U 84 31.51 -2.31 42.81
N THR U 85 32.65 -2.99 42.86
CA THR U 85 32.99 -3.77 44.05
C THR U 85 33.26 -2.86 45.26
N ALA U 86 33.97 -1.76 45.04
CA ALA U 86 34.26 -0.84 46.14
C ALA U 86 32.99 -0.16 46.66
N LEU U 87 32.04 0.09 45.77
CA LEU U 87 30.76 0.67 46.19
C LEU U 87 29.99 -0.30 47.07
N LEU U 88 30.02 -1.59 46.74
CA LEU U 88 29.28 -2.59 47.52
C LEU U 88 29.83 -2.70 48.94
N GLN U 89 31.16 -2.66 49.09
CA GLN U 89 31.75 -2.85 50.42
C GLN U 89 31.54 -1.61 51.29
N ALA U 90 31.51 -0.43 50.67
CA ALA U 90 31.27 0.79 51.43
C ALA U 90 29.82 0.87 51.92
N LEU U 91 28.88 0.31 51.16
CA LEU U 91 27.48 0.34 51.57
C LEU U 91 27.24 -0.51 52.81
N GLY U 92 27.87 -1.67 52.88
CA GLY U 92 27.69 -2.54 54.05
C GLY U 92 26.29 -3.12 54.10
N ASP U 93 25.64 -2.97 55.26
CA ASP U 93 24.32 -3.55 55.47
C ASP U 93 23.19 -2.72 54.87
N ARG U 94 23.46 -1.49 54.45
CA ARG U 94 22.48 -0.61 53.82
C ARG U 94 21.28 -0.36 54.73
N LYS U 95 21.53 -0.16 56.01
CA LYS U 95 20.47 0.03 57.00
C LYS U 95 20.27 1.51 57.25
N GLY U 96 19.02 1.96 57.14
CA GLY U 96 18.68 3.35 57.39
C GLY U 96 18.84 4.29 56.22
N ILE U 97 19.08 3.77 55.01
CA ILE U 97 19.27 4.61 53.85
C ILE U 97 18.01 4.61 53.00
N ASN U 98 17.94 5.56 52.08
CA ASN U 98 16.74 5.73 51.25
C ASN U 98 16.57 4.59 50.26
N ARG U 99 17.68 4.09 49.69
CA ARG U 99 17.79 3.01 48.72
C ARG U 99 17.20 3.35 47.35
N PHE U 100 16.61 4.54 47.17
CA PHE U 100 16.00 4.91 45.90
C PHE U 100 16.49 6.28 45.48
N GLY U 101 16.71 6.45 44.18
CA GLY U 101 17.15 7.72 43.64
C GLY U 101 16.59 8.02 42.25
N ASN U 102 16.17 9.26 42.04
CA ASN U 102 15.61 9.68 40.75
C ASN U 102 16.12 11.09 40.44
N PHE U 103 16.48 11.31 39.17
CA PHE U 103 16.94 12.63 38.74
C PHE U 103 16.89 12.74 37.23
N SER U 104 16.49 13.91 36.75
CA SER U 104 16.57 14.28 35.35
C SER U 104 17.53 15.46 35.20
N ALA U 105 18.47 15.34 34.27
CA ALA U 105 19.52 16.34 34.12
C ALA U 105 19.47 16.96 32.72
N PRO U 106 19.23 18.27 32.61
CA PRO U 106 19.33 18.92 31.30
C PRO U 106 20.71 19.50 31.04
N LEU U 107 21.16 19.36 29.80
CA LEU U 107 22.45 19.93 29.36
C LEU U 107 22.22 20.44 27.93
N ASP U 108 21.91 21.74 27.82
CA ASP U 108 21.60 22.40 26.55
C ASP U 108 20.41 21.66 25.92
N GLU U 109 20.55 21.05 24.76
CA GLU U 109 19.45 20.35 24.11
C GLU U 109 19.24 18.94 24.63
N ALA U 110 20.14 18.41 25.45
CA ALA U 110 20.06 17.04 25.93
C ALA U 110 19.31 16.95 27.25
N LEU U 111 18.65 15.82 27.47
CA LEU U 111 17.88 15.58 28.69
C LEU U 111 17.85 14.08 28.95
N VAL U 112 18.41 13.66 30.07
CA VAL U 112 18.53 12.24 30.44
C VAL U 112 17.95 12.04 31.83
N HIS U 113 17.15 10.98 32.00
CA HIS U 113 16.57 10.61 33.27
C HIS U 113 17.16 9.30 33.77
N VAL U 114 17.47 9.24 35.06
CA VAL U 114 18.10 8.08 35.68
C VAL U 114 17.27 7.65 36.88
N SER U 115 16.95 6.35 36.94
CA SER U 115 16.25 5.76 38.08
C SER U 115 17.02 4.55 38.55
N LEU U 116 17.33 4.49 39.85
CA LEU U 116 18.11 3.40 40.39
C LEU U 116 17.57 2.99 41.76
N ASP U 117 17.89 1.77 42.15
CA ASP U 117 17.53 1.23 43.45
C ASP U 117 18.55 0.18 43.86
N LEU U 118 19.02 0.27 45.10
CA LEU U 118 20.05 -0.65 45.62
C LEU U 118 19.37 -1.81 46.31
N SER U 119 19.26 -2.94 45.61
CA SER U 119 18.48 -4.07 46.09
C SER U 119 19.22 -5.39 46.16
N GLY U 120 20.40 -5.51 45.56
CA GLY U 120 21.10 -6.77 45.48
C GLY U 120 20.81 -7.58 44.24
N ARG U 121 19.88 -7.14 43.39
CA ARG U 121 19.56 -7.83 42.15
C ARG U 121 20.03 -6.99 40.97
N PRO U 122 21.02 -7.47 40.19
CA PRO U 122 21.57 -6.64 39.11
C PRO U 122 20.68 -6.63 37.88
N HIS U 123 20.43 -5.44 37.35
CA HIS U 123 19.68 -5.27 36.11
C HIS U 123 20.04 -3.91 35.51
N LEU U 124 20.17 -3.86 34.19
CA LEU U 124 20.46 -2.63 33.48
C LEU U 124 19.41 -2.40 32.39
N GLY U 125 18.78 -1.23 32.42
CA GLY U 125 17.93 -0.80 31.33
C GLY U 125 18.54 0.39 30.61
N TYR U 126 19.02 0.17 29.39
CA TYR U 126 19.81 1.15 28.66
C TYR U 126 19.03 1.61 27.43
N ASP U 127 18.70 2.90 27.38
CA ASP U 127 18.04 3.50 26.22
C ASP U 127 18.75 4.83 25.92
N LEU U 128 19.80 4.75 25.10
CA LEU U 128 20.55 5.92 24.68
C LEU U 128 20.75 5.86 23.17
N ASN U 129 20.80 7.03 22.54
CA ASN U 129 21.00 7.14 21.09
C ASN U 129 22.14 8.12 20.84
N ILE U 130 23.37 7.60 20.82
CA ILE U 130 24.56 8.41 20.59
C ILE U 130 24.81 8.44 19.08
N PRO U 131 24.81 9.60 18.44
CA PRO U 131 24.85 9.64 16.97
C PRO U 131 26.22 9.30 16.38
N THR U 132 27.31 9.66 17.04
CA THR U 132 28.63 9.47 16.46
C THR U 132 29.34 8.27 17.08
N GLN U 133 30.34 7.77 16.36
CA GLN U 133 31.08 6.59 16.78
C GLN U 133 32.25 6.92 17.70
N ARG U 134 32.82 8.12 17.58
CA ARG U 134 33.93 8.57 18.42
C ARG U 134 33.63 9.97 18.93
N VAL U 135 33.98 10.22 20.18
CA VAL U 135 33.83 11.56 20.76
C VAL U 135 35.16 12.27 20.63
N GLY U 136 36.20 11.73 21.27
CA GLY U 136 37.56 12.14 21.01
C GLY U 136 38.32 10.98 20.41
N LYS U 137 39.12 10.31 21.24
CA LYS U 137 39.64 8.99 20.92
C LYS U 137 38.80 7.88 21.55
N TYR U 138 37.72 8.24 22.23
CA TYR U 138 36.92 7.30 23.01
C TYR U 138 35.83 6.68 22.14
N ASP U 139 35.76 5.35 22.17
CA ASP U 139 34.74 4.63 21.43
C ASP U 139 33.42 4.64 22.17
N THR U 140 32.35 5.07 21.49
CA THR U 140 31.07 5.30 22.17
C THR U 140 30.35 4.01 22.53
N GLN U 141 30.80 2.87 22.01
CA GLN U 141 30.21 1.59 22.42
C GLN U 141 30.59 1.23 23.85
N LEU U 142 31.59 1.88 24.43
CA LEU U 142 32.05 1.57 25.78
C LEU U 142 31.20 2.22 26.87
N VAL U 143 30.29 3.13 26.51
CA VAL U 143 29.41 3.72 27.51
C VAL U 143 28.46 2.68 28.09
N GLU U 144 27.87 1.86 27.21
CA GLU U 144 27.03 0.76 27.67
C GLU U 144 27.84 -0.28 28.46
N HIS U 145 29.04 -0.61 27.98
CA HIS U 145 29.86 -1.62 28.65
C HIS U 145 30.30 -1.17 30.03
N PHE U 146 30.48 0.14 30.22
CA PHE U 146 30.87 0.65 31.53
C PHE U 146 29.76 0.44 32.56
N PHE U 147 28.53 0.81 32.20
CA PHE U 147 27.44 0.71 33.17
C PHE U 147 26.97 -0.72 33.38
N GLN U 148 27.14 -1.59 32.39
CA GLN U 148 26.77 -2.99 32.57
C GLN U 148 27.71 -3.67 33.56
N SER U 149 29.01 -3.36 33.50
CA SER U 149 29.96 -3.97 34.41
C SER U 149 29.83 -3.42 35.82
N LEU U 150 29.35 -2.17 35.95
CA LEU U 150 29.20 -1.58 37.27
C LEU U 150 28.05 -2.22 38.06
N VAL U 151 26.93 -2.49 37.40
CA VAL U 151 25.80 -3.09 38.10
C VAL U 151 26.00 -4.58 38.36
N ASN U 152 26.91 -5.23 37.64
CA ASN U 152 27.13 -6.66 37.86
C ASN U 152 27.88 -6.92 39.16
N THR U 153 28.72 -5.98 39.58
CA THR U 153 29.49 -6.14 40.82
C THR U 153 28.86 -5.43 42.01
N SER U 154 28.04 -4.40 41.78
CA SER U 154 27.40 -3.68 42.87
C SER U 154 26.01 -4.19 43.21
N GLY U 155 25.40 -4.98 42.33
CA GLY U 155 24.07 -5.52 42.59
C GLY U 155 22.97 -4.49 42.66
N MET U 156 22.90 -3.61 41.66
CA MET U 156 21.91 -2.54 41.63
C MET U 156 21.03 -2.65 40.40
N THR U 157 19.83 -2.08 40.51
CA THR U 157 18.89 -1.98 39.40
C THR U 157 18.97 -0.55 38.85
N LEU U 158 19.29 -0.42 37.57
CA LEU U 158 19.56 0.88 36.96
C LEU U 158 18.79 1.02 35.66
N HIS U 159 18.10 2.15 35.49
CA HIS U 159 17.37 2.48 34.28
C HIS U 159 17.83 3.83 33.76
N ILE U 160 18.18 3.88 32.47
CA ILE U 160 18.63 5.11 31.82
C ILE U 160 17.79 5.34 30.58
N ARG U 161 17.20 6.53 30.46
CA ARG U 161 16.37 6.87 29.31
C ARG U 161 16.70 8.28 28.84
N GLN U 162 16.79 8.44 27.51
CA GLN U 162 17.07 9.71 26.87
C GLN U 162 15.79 10.28 26.27
N PHE U 163 15.51 11.55 26.55
CA PHE U 163 14.34 12.22 26.01
C PHE U 163 14.65 13.18 24.87
N SER U 164 15.86 13.74 24.83
CA SER U 164 16.27 14.62 23.75
C SER U 164 17.79 14.70 23.74
N GLY U 165 18.33 15.20 22.64
CA GLY U 165 19.77 15.38 22.52
C GLY U 165 20.32 15.10 21.14
N THR U 166 21.30 15.88 20.71
CA THR U 166 21.91 15.71 19.41
C THR U 166 23.43 15.57 19.51
N ASN U 167 24.04 16.33 20.42
CA ASN U 167 25.48 16.35 20.55
C ASN U 167 25.96 15.18 21.41
N SER U 168 26.98 14.47 20.92
CA SER U 168 27.46 13.28 21.62
C SER U 168 28.09 13.60 22.96
N HIS U 169 28.88 14.69 23.03
CA HIS U 169 29.49 15.10 24.29
C HIS U 169 28.43 15.47 25.32
N HIS U 170 27.38 16.19 24.90
CA HIS U 170 26.35 16.63 25.83
C HIS U 170 25.53 15.46 26.35
N ILE U 171 25.23 14.47 25.51
CA ILE U 171 24.38 13.35 25.91
C ILE U 171 25.07 12.50 26.97
N ILE U 172 26.33 12.13 26.73
CA ILE U 172 27.05 11.27 27.67
C ILE U 172 27.28 11.98 28.99
N GLU U 173 27.70 13.25 28.94
CA GLU U 173 28.09 13.94 30.16
C GLU U 173 26.86 14.39 30.95
N ALA U 174 25.70 14.46 30.30
CA ALA U 174 24.45 14.62 31.03
C ALA U 174 24.04 13.33 31.73
N THR U 175 24.39 12.17 31.16
CA THR U 175 24.07 10.89 31.78
C THR U 175 24.82 10.72 33.10
N PHE U 176 26.09 11.11 33.13
CA PHE U 176 26.88 10.96 34.35
C PHE U 176 26.44 11.93 35.43
N LYS U 177 25.94 13.11 35.06
CA LYS U 177 25.42 14.04 36.05
C LYS U 177 24.17 13.50 36.73
N ALA U 178 23.25 12.91 35.95
CA ALA U 178 22.02 12.39 36.53
C ALA U 178 22.29 11.14 37.37
N PHE U 179 23.27 10.34 36.98
CA PHE U 179 23.61 9.15 37.75
C PHE U 179 24.24 9.51 39.09
N ALA U 180 25.06 10.56 39.11
CA ALA U 180 25.73 10.96 40.35
C ALA U 180 24.74 11.47 41.39
N ARG U 181 23.78 12.29 40.97
CA ARG U 181 22.83 12.85 41.91
C ARG U 181 21.75 11.86 42.33
N ALA U 182 21.44 10.89 41.48
CA ALA U 182 20.51 9.84 41.87
C ALA U 182 21.16 8.86 42.84
N LEU U 183 22.45 8.59 42.66
CA LEU U 183 23.17 7.72 43.61
C LEU U 183 23.35 8.42 44.95
N ARG U 184 23.55 9.74 44.94
CA ARG U 184 23.68 10.49 46.19
C ARG U 184 22.40 10.42 47.00
N GLN U 185 21.25 10.55 46.35
CA GLN U 185 19.98 10.52 47.06
C GLN U 185 19.69 9.15 47.66
N ALA U 186 20.14 8.09 46.96
CA ALA U 186 19.87 6.74 47.46
C ALA U 186 20.75 6.39 48.65
N THR U 187 21.90 7.04 48.78
CA THR U 187 22.83 6.70 49.86
C THR U 187 22.67 7.57 51.10
N GLU U 188 21.86 8.63 51.06
CA GLU U 188 21.64 9.43 52.25
C GLU U 188 20.76 8.69 53.25
N TYR U 189 20.99 8.96 54.53
CA TYR U 189 20.21 8.34 55.59
C TYR U 189 18.80 8.93 55.63
N ASP U 190 17.81 8.06 55.78
CA ASP U 190 16.44 8.51 55.89
C ASP U 190 16.21 9.09 57.28
N THR U 191 15.45 10.18 57.35
CA THR U 191 15.19 10.85 58.62
C THR U 191 14.01 10.28 59.37
N ARG U 192 13.33 9.28 58.81
CA ARG U 192 12.13 8.63 59.39
C ARG U 192 11.06 9.71 59.54
N ARG U 193 10.32 9.72 60.65
CA ARG U 193 9.26 10.69 60.84
C ARG U 193 9.82 12.05 61.26
N ALA V 10 41.42 -5.24 -52.63
CA ALA V 10 40.42 -4.33 -52.07
C ALA V 10 39.01 -4.85 -52.33
N ARG V 11 38.19 -4.89 -51.28
CA ARG V 11 36.82 -5.38 -51.35
C ARG V 11 35.88 -4.20 -51.52
N ILE V 12 35.11 -4.21 -52.61
CA ILE V 12 34.23 -3.10 -52.99
C ILE V 12 32.85 -3.64 -53.30
N GLY V 13 31.84 -2.97 -52.78
CA GLY V 13 30.46 -3.34 -53.06
C GLY V 13 29.66 -2.18 -53.60
N GLU V 14 28.74 -2.48 -54.52
CA GLU V 14 27.89 -1.47 -55.13
C GLU V 14 26.47 -2.01 -55.28
N MET V 15 25.52 -1.09 -55.38
CA MET V 15 24.11 -1.46 -55.50
C MET V 15 23.35 -0.33 -56.20
N LYS V 16 22.36 -0.72 -56.99
CA LYS V 16 21.51 0.25 -57.70
C LYS V 16 20.10 -0.32 -57.75
N ARG V 17 19.13 0.41 -57.19
CA ARG V 17 17.74 -0.01 -57.17
C ARG V 17 16.85 1.15 -57.56
N VAL V 18 15.88 0.88 -58.44
CA VAL V 18 14.91 1.87 -58.89
C VAL V 18 13.52 1.35 -58.55
N THR V 19 12.78 2.11 -57.74
CA THR V 19 11.39 1.79 -57.42
C THR V 19 10.53 2.99 -57.79
N LYS V 20 9.22 2.87 -57.53
CA LYS V 20 8.29 3.95 -57.82
C LYS V 20 8.45 5.14 -56.89
N GLU V 21 9.21 5.00 -55.81
CA GLU V 21 9.38 6.08 -54.83
C GLU V 21 10.79 6.63 -54.76
N THR V 22 11.81 5.81 -54.99
CA THR V 22 13.19 6.22 -54.73
C THR V 22 14.11 5.71 -55.83
N ASN V 23 15.21 6.43 -56.03
CA ASN V 23 16.32 6.00 -56.86
C ASN V 23 17.60 6.11 -56.03
N VAL V 24 18.31 4.99 -55.86
CA VAL V 24 19.42 4.91 -54.93
C VAL V 24 20.61 4.24 -55.61
N SER V 25 21.79 4.82 -55.45
CA SER V 25 23.05 4.22 -55.86
C SER V 25 24.04 4.33 -54.70
N VAL V 26 24.66 3.21 -54.33
CA VAL V 26 25.51 3.13 -53.15
C VAL V 26 26.79 2.38 -53.51
N LYS V 27 27.93 2.90 -53.05
CA LYS V 27 29.22 2.24 -53.24
C LYS V 27 30.00 2.25 -51.93
N ILE V 28 30.52 1.10 -51.53
CA ILE V 28 31.23 0.92 -50.27
C ILE V 28 32.57 0.23 -50.56
N ASN V 29 33.63 0.74 -49.92
CA ASN V 29 34.96 0.15 -50.03
C ASN V 29 35.47 -0.10 -48.61
N LEU V 30 35.75 -1.37 -48.29
CA LEU V 30 36.17 -1.73 -46.94
C LEU V 30 37.62 -1.35 -46.67
N ASP V 31 38.47 -1.36 -47.70
CA ASP V 31 39.86 -0.96 -47.57
C ASP V 31 40.01 0.45 -48.12
N GLY V 32 39.67 1.44 -47.28
CA GLY V 32 39.66 2.82 -47.69
C GLY V 32 40.47 3.70 -46.74
N THR V 33 40.43 5.00 -47.02
CA THR V 33 41.14 5.99 -46.24
C THR V 33 40.20 7.03 -45.62
N GLY V 34 38.89 6.84 -45.73
CA GLY V 34 37.93 7.75 -45.14
C GLY V 34 37.30 8.76 -46.08
N VAL V 35 37.25 8.48 -47.37
CA VAL V 35 36.60 9.39 -48.31
C VAL V 35 35.09 9.30 -48.13
N ALA V 36 34.44 10.46 -48.00
CA ALA V 36 33.00 10.52 -47.81
C ALA V 36 32.38 11.41 -48.88
N ASP V 37 31.48 10.84 -49.67
CA ASP V 37 30.71 11.58 -50.68
C ASP V 37 29.25 11.12 -50.56
N ASN V 38 28.49 11.80 -49.70
CA ASN V 38 27.12 11.42 -49.41
C ASN V 38 26.19 12.57 -49.77
N SER V 39 25.17 12.27 -50.57
CA SER V 39 24.22 13.30 -51.01
C SER V 39 22.86 12.64 -51.21
N SER V 40 22.02 12.72 -50.20
CA SER V 40 20.62 12.33 -50.28
C SER V 40 19.75 13.54 -49.95
N GLY V 41 18.45 13.32 -49.84
CA GLY V 41 17.54 14.39 -49.48
C GLY V 41 17.40 14.63 -48.00
N ILE V 42 18.16 13.93 -47.16
CA ILE V 42 18.09 14.04 -45.72
C ILE V 42 19.44 14.54 -45.21
N PRO V 43 19.56 15.83 -44.92
CA PRO V 43 20.87 16.37 -44.50
C PRO V 43 21.43 15.76 -43.22
N PHE V 44 20.57 15.41 -42.26
CA PHE V 44 21.09 14.85 -41.01
C PHE V 44 21.64 13.45 -41.20
N LEU V 45 21.03 12.67 -42.10
CA LEU V 45 21.55 11.33 -42.39
C LEU V 45 22.92 11.42 -43.07
N ASP V 46 23.12 12.44 -43.90
CA ASP V 46 24.43 12.64 -44.52
C ASP V 46 25.50 12.97 -43.49
N HIS V 47 25.12 13.74 -42.46
CA HIS V 47 26.04 14.01 -41.36
C HIS V 47 26.43 12.73 -40.63
N MET V 48 25.47 11.80 -40.49
CA MET V 48 25.75 10.55 -39.80
C MET V 48 26.63 9.63 -40.65
N LEU V 49 26.39 9.59 -41.96
CA LEU V 49 27.15 8.70 -42.83
C LEU V 49 28.59 9.16 -42.99
N ASP V 50 28.86 10.45 -42.81
CA ASP V 50 30.23 10.94 -42.88
C ASP V 50 31.07 10.42 -41.72
N GLN V 51 30.47 10.31 -40.52
CA GLN V 51 31.20 9.79 -39.38
C GLN V 51 31.55 8.32 -39.54
N LEU V 52 30.75 7.57 -40.28
CA LEU V 52 31.07 6.16 -40.53
C LEU V 52 32.32 6.03 -41.39
N ALA V 53 32.53 6.98 -42.31
CA ALA V 53 33.73 6.95 -43.15
C ALA V 53 34.97 7.39 -42.37
N SER V 54 34.85 8.43 -41.55
CA SER V 54 36.03 8.96 -40.86
C SER V 54 36.48 8.04 -39.74
N HIS V 55 35.54 7.55 -38.93
CA HIS V 55 35.91 6.72 -37.78
C HIS V 55 36.17 5.27 -38.18
N GLY V 56 35.52 4.79 -39.23
CA GLY V 56 35.73 3.43 -39.68
C GLY V 56 36.76 3.25 -40.77
N LEU V 57 37.29 4.35 -41.31
CA LEU V 57 38.24 4.34 -42.43
C LEU V 57 37.67 3.61 -43.64
N PHE V 58 36.38 3.80 -43.89
CA PHE V 58 35.71 3.27 -45.08
C PHE V 58 35.54 4.36 -46.12
N ASP V 59 35.29 3.94 -47.35
CA ASP V 59 34.93 4.85 -48.44
C ASP V 59 33.45 4.64 -48.72
N VAL V 60 32.64 5.65 -48.44
CA VAL V 60 31.19 5.58 -48.53
C VAL V 60 30.71 6.61 -49.55
N HIS V 61 29.94 6.14 -50.54
CA HIS V 61 29.35 7.00 -51.55
C HIS V 61 27.87 6.66 -51.67
N VAL V 62 27.00 7.63 -51.39
CA VAL V 62 25.56 7.45 -51.46
C VAL V 62 24.97 8.57 -52.30
N LYS V 63 24.15 8.20 -53.29
CA LYS V 63 23.38 9.16 -54.09
C LYS V 63 21.95 8.69 -54.13
N ALA V 64 21.02 9.55 -53.70
CA ALA V 64 19.62 9.15 -53.60
C ALA V 64 18.71 10.34 -53.84
N THR V 65 17.59 10.10 -54.52
CA THR V 65 16.52 11.06 -54.66
C THR V 65 15.20 10.32 -54.49
N GLY V 66 14.19 11.03 -54.00
CA GLY V 66 12.93 10.37 -53.70
C GLY V 66 11.84 11.35 -53.33
N ASP V 67 10.72 10.79 -52.88
CA ASP V 67 9.52 11.57 -52.57
C ASP V 67 9.58 12.09 -51.12
N THR V 68 10.53 13.01 -50.90
CA THR V 68 10.67 13.61 -49.58
C THR V 68 9.58 14.63 -49.28
N HIS V 69 8.76 15.01 -50.27
CA HIS V 69 7.66 15.92 -50.01
C HIS V 69 6.57 15.30 -49.15
N ILE V 70 6.48 13.96 -49.13
CA ILE V 70 5.57 13.28 -48.23
C ILE V 70 6.21 13.05 -46.86
N ASP V 71 7.34 12.37 -46.84
CA ASP V 71 8.05 12.03 -45.61
C ASP V 71 9.46 11.61 -45.97
N ASP V 72 10.30 11.48 -44.95
CA ASP V 72 11.63 10.92 -45.10
C ASP V 72 11.66 9.40 -44.92
N HIS V 73 10.50 8.78 -44.68
CA HIS V 73 10.46 7.37 -44.34
C HIS V 73 10.93 6.49 -45.50
N HIS V 74 10.38 6.72 -46.69
CA HIS V 74 10.68 5.83 -47.82
C HIS V 74 12.13 5.97 -48.28
N THR V 75 12.67 7.19 -48.22
CA THR V 75 14.07 7.40 -48.60
C THR V 75 15.02 6.80 -47.58
N ASN V 76 14.71 6.96 -46.28
CA ASN V 76 15.56 6.41 -45.22
C ASN V 76 15.61 4.90 -45.28
N GLU V 77 14.47 4.26 -45.56
CA GLU V 77 14.41 2.80 -45.60
C GLU V 77 15.19 2.24 -46.79
N ASP V 78 15.10 2.88 -47.95
CA ASP V 78 15.74 2.36 -49.14
C ASP V 78 17.26 2.52 -49.11
N VAL V 79 17.75 3.59 -48.47
CA VAL V 79 19.19 3.78 -48.34
C VAL V 79 19.80 2.69 -47.46
N ALA V 80 19.12 2.35 -46.36
CA ALA V 80 19.64 1.36 -45.44
C ALA V 80 19.68 -0.03 -46.08
N LEU V 81 18.68 -0.37 -46.89
CA LEU V 81 18.68 -1.66 -47.57
C LEU V 81 19.83 -1.76 -48.57
N ALA V 82 20.12 -0.67 -49.28
CA ALA V 82 21.17 -0.69 -50.29
C ALA V 82 22.55 -0.80 -49.65
N ILE V 83 22.76 -0.14 -48.51
CA ILE V 83 24.05 -0.22 -47.82
C ILE V 83 24.29 -1.64 -47.31
N GLY V 84 23.24 -2.29 -46.80
CA GLY V 84 23.39 -3.65 -46.30
C GLY V 84 23.72 -4.65 -47.40
N THR V 85 23.10 -4.50 -48.56
CA THR V 85 23.38 -5.41 -49.67
C THR V 85 24.80 -5.23 -50.20
N ALA V 86 25.26 -3.98 -50.32
CA ALA V 86 26.61 -3.73 -50.81
C ALA V 86 27.66 -4.24 -49.82
N LEU V 87 27.36 -4.17 -48.53
CA LEU V 87 28.28 -4.70 -47.52
C LEU V 87 28.41 -6.21 -47.64
N LEU V 88 27.31 -6.90 -47.91
CA LEU V 88 27.34 -8.36 -48.01
C LEU V 88 28.19 -8.81 -49.20
N GLN V 89 28.09 -8.12 -50.33
CA GLN V 89 28.81 -8.56 -51.52
C GLN V 89 30.31 -8.26 -51.39
N ALA V 90 30.65 -7.18 -50.69
CA ALA V 90 32.06 -6.86 -50.48
C ALA V 90 32.73 -7.86 -49.52
N LEU V 91 31.98 -8.39 -48.57
CA LEU V 91 32.54 -9.35 -47.62
C LEU V 91 32.91 -10.65 -48.31
N GLY V 92 32.08 -11.13 -49.23
CA GLY V 92 32.38 -12.37 -49.93
C GLY V 92 32.28 -13.57 -49.00
N ASP V 93 33.34 -14.39 -49.00
CA ASP V 93 33.34 -15.62 -48.23
C ASP V 93 33.67 -15.40 -46.75
N ARG V 94 34.13 -14.22 -46.38
CA ARG V 94 34.44 -13.87 -44.99
C ARG V 94 35.48 -14.80 -44.38
N LYS V 95 36.49 -15.15 -45.17
CA LYS V 95 37.52 -16.09 -44.73
C LYS V 95 38.74 -15.32 -44.23
N GLY V 96 39.18 -15.67 -43.02
CA GLY V 96 40.35 -15.05 -42.42
C GLY V 96 40.10 -13.75 -41.69
N ILE V 97 38.84 -13.39 -41.44
CA ILE V 97 38.52 -12.15 -40.76
C ILE V 97 38.13 -12.45 -39.31
N ASN V 98 38.11 -11.40 -38.50
CA ASN V 98 37.84 -11.55 -37.07
C ASN V 98 36.40 -11.94 -36.80
N ARG V 99 35.46 -11.38 -37.58
CA ARG V 99 34.01 -11.58 -37.53
C ARG V 99 33.36 -11.02 -36.26
N PHE V 100 34.12 -10.46 -35.32
CA PHE V 100 33.57 -9.94 -34.09
C PHE V 100 34.09 -8.53 -33.83
N GLY V 101 33.22 -7.67 -33.32
CA GLY V 101 33.60 -6.31 -33.01
C GLY V 101 32.90 -5.75 -31.78
N ASN V 102 33.64 -5.04 -30.93
CA ASN V 102 33.10 -4.44 -29.72
C ASN V 102 33.71 -3.06 -29.53
N PHE V 103 32.88 -2.10 -29.12
CA PHE V 103 33.37 -0.75 -28.86
C PHE V 103 32.37 0.03 -28.04
N SER V 104 32.87 0.83 -27.11
CA SER V 104 32.09 1.80 -26.36
C SER V 104 32.59 3.20 -26.70
N ALA V 105 31.68 4.10 -27.04
CA ALA V 105 32.04 5.44 -27.50
C ALA V 105 31.46 6.50 -26.57
N PRO V 106 32.29 7.31 -25.91
CA PRO V 106 31.76 8.43 -25.13
C PRO V 106 31.71 9.72 -25.94
N LEU V 107 30.64 10.47 -25.73
CA LEU V 107 30.47 11.79 -26.37
C LEU V 107 29.81 12.69 -25.33
N ASP V 108 30.66 13.45 -24.61
CA ASP V 108 30.24 14.34 -23.52
C ASP V 108 29.51 13.48 -22.48
N GLU V 109 28.23 13.71 -22.22
CA GLU V 109 27.50 12.93 -21.22
C GLU V 109 26.97 11.61 -21.76
N ALA V 110 27.05 11.36 -23.06
CA ALA V 110 26.49 10.17 -23.66
C ALA V 110 27.52 9.05 -23.74
N LEU V 111 27.04 7.81 -23.67
CA LEU V 111 27.90 6.63 -23.73
C LEU V 111 27.10 5.47 -24.30
N VAL V 112 27.53 4.96 -25.45
CA VAL V 112 26.82 3.90 -26.17
C VAL V 112 27.80 2.76 -26.46
N HIS V 113 27.36 1.52 -26.22
CA HIS V 113 28.14 0.33 -26.50
C HIS V 113 27.52 -0.46 -27.64
N VAL V 114 28.36 -0.95 -28.55
CA VAL V 114 27.91 -1.68 -29.73
C VAL V 114 28.64 -3.02 -29.78
N SER V 115 27.88 -4.10 -29.97
CA SER V 115 28.44 -5.44 -30.14
C SER V 115 27.83 -6.06 -31.39
N LEU V 116 28.67 -6.55 -32.30
CA LEU V 116 28.20 -7.11 -33.55
C LEU V 116 29.01 -8.35 -33.92
N ASP V 117 28.42 -9.18 -34.75
CA ASP V 117 29.06 -10.38 -35.27
C ASP V 117 28.48 -10.72 -36.64
N LEU V 118 29.34 -10.99 -37.60
CA LEU V 118 28.92 -11.28 -38.98
C LEU V 118 28.77 -12.78 -39.14
N SER V 119 27.53 -13.27 -39.06
CA SER V 119 27.27 -14.70 -39.02
C SER V 119 26.30 -15.21 -40.08
N GLY V 120 25.57 -14.34 -40.77
CA GLY V 120 24.55 -14.76 -41.70
C GLY V 120 23.16 -14.87 -41.11
N ARG V 121 23.01 -14.68 -39.79
CA ARG V 121 21.71 -14.73 -39.14
C ARG V 121 21.34 -13.33 -38.68
N PRO V 122 20.27 -12.73 -39.24
CA PRO V 122 19.94 -11.33 -38.90
C PRO V 122 19.22 -11.23 -37.55
N HIS V 123 19.68 -10.31 -36.72
CA HIS V 123 19.03 -10.01 -35.45
C HIS V 123 19.44 -8.61 -35.02
N LEU V 124 18.50 -7.86 -34.45
CA LEU V 124 18.76 -6.53 -33.94
C LEU V 124 18.31 -6.43 -32.48
N GLY V 125 19.23 -6.01 -31.61
CA GLY V 125 18.88 -5.67 -30.25
C GLY V 125 19.04 -4.18 -30.01
N TYR V 126 17.93 -3.47 -29.87
CA TYR V 126 17.91 -2.02 -29.84
C TYR V 126 17.47 -1.55 -28.45
N ASP V 127 18.36 -0.83 -27.75
CA ASP V 127 18.03 -0.23 -26.45
C ASP V 127 18.57 1.20 -26.46
N LEU V 128 17.74 2.12 -26.93
CA LEU V 128 18.08 3.54 -26.96
C LEU V 128 16.91 4.33 -26.40
N ASN V 129 17.23 5.46 -25.76
CA ASN V 129 16.22 6.35 -25.17
C ASN V 129 16.48 7.77 -25.66
N ILE V 130 15.90 8.12 -26.80
CA ILE V 130 16.07 9.44 -27.40
C ILE V 130 14.95 10.33 -26.85
N PRO V 131 15.26 11.42 -26.17
CA PRO V 131 14.21 12.17 -25.46
C PRO V 131 13.31 12.99 -26.38
N THR V 132 13.83 13.53 -27.48
CA THR V 132 13.05 14.42 -28.32
C THR V 132 12.58 13.71 -29.59
N GLN V 133 11.54 14.27 -30.19
CA GLN V 133 10.92 13.69 -31.37
C GLN V 133 11.59 14.12 -32.67
N ARG V 134 12.21 15.31 -32.70
CA ARG V 134 12.91 15.82 -33.86
C ARG V 134 14.27 16.35 -33.43
N VAL V 135 15.28 16.11 -34.25
CA VAL V 135 16.62 16.65 -33.99
C VAL V 135 16.76 17.94 -34.78
N GLY V 136 16.67 17.84 -36.11
CA GLY V 136 16.51 19.00 -36.96
C GLY V 136 15.17 18.93 -37.64
N LYS V 137 15.17 18.53 -38.91
CA LYS V 137 13.97 18.08 -39.60
C LYS V 137 13.84 16.56 -39.57
N TYR V 138 14.77 15.87 -38.92
CA TYR V 138 14.85 14.42 -38.96
C TYR V 138 14.00 13.81 -37.84
N ASP V 139 13.15 12.86 -38.22
CA ASP V 139 12.31 12.17 -37.26
C ASP V 139 13.10 11.08 -36.55
N THR V 140 13.08 11.10 -35.21
CA THR V 140 13.96 10.21 -34.44
C THR V 140 13.49 8.77 -34.44
N GLN V 141 12.27 8.50 -34.91
CA GLN V 141 11.82 7.11 -35.04
C GLN V 141 12.54 6.38 -36.17
N LEU V 142 13.22 7.11 -37.06
CA LEU V 142 13.90 6.49 -38.19
C LEU V 142 15.27 5.94 -37.84
N VAL V 143 15.79 6.21 -36.64
CA VAL V 143 17.07 5.64 -36.23
C VAL V 143 16.95 4.13 -36.07
N GLU V 144 15.88 3.67 -35.43
CA GLU V 144 15.63 2.23 -35.32
C GLU V 144 15.36 1.60 -36.69
N HIS V 145 14.58 2.28 -37.53
CA HIS V 145 14.24 1.73 -38.85
C HIS V 145 15.46 1.62 -39.74
N PHE V 146 16.44 2.51 -39.57
CA PHE V 146 17.66 2.44 -40.37
C PHE V 146 18.46 1.18 -40.05
N PHE V 147 18.67 0.91 -38.76
CA PHE V 147 19.50 -0.23 -38.38
C PHE V 147 18.79 -1.56 -38.56
N GLN V 148 17.46 -1.57 -38.48
CA GLN V 148 16.72 -2.80 -38.72
C GLN V 148 16.81 -3.22 -40.18
N SER V 149 16.73 -2.26 -41.10
CA SER V 149 16.82 -2.58 -42.52
C SER V 149 18.23 -2.96 -42.93
N LEU V 150 19.24 -2.45 -42.22
CA LEU V 150 20.62 -2.77 -42.56
C LEU V 150 20.96 -4.23 -42.23
N VAL V 151 20.51 -4.72 -41.08
CA VAL V 151 20.82 -6.09 -40.70
C VAL V 151 19.98 -7.11 -41.45
N ASN V 152 18.86 -6.69 -42.04
CA ASN V 152 18.03 -7.64 -42.78
C ASN V 152 18.66 -8.02 -44.12
N THR V 153 19.44 -7.13 -44.71
CA THR V 153 20.09 -7.40 -45.99
C THR V 153 21.54 -7.85 -45.85
N SER V 154 22.21 -7.51 -44.74
CA SER V 154 23.59 -7.90 -44.54
C SER V 154 23.75 -9.19 -43.74
N GLY V 155 22.69 -9.64 -43.06
CA GLY V 155 22.76 -10.86 -42.28
C GLY V 155 23.69 -10.80 -41.09
N MET V 156 23.57 -9.78 -40.27
CA MET V 156 24.45 -9.60 -39.11
C MET V 156 23.64 -9.57 -37.83
N THR V 157 24.32 -9.91 -36.73
CA THR V 157 23.74 -9.82 -35.39
C THR V 157 24.29 -8.55 -34.74
N LEU V 158 23.40 -7.67 -34.31
CA LEU V 158 23.78 -6.35 -33.82
C LEU V 158 23.07 -6.05 -32.51
N HIS V 159 23.83 -5.59 -31.52
CA HIS V 159 23.30 -5.19 -30.22
C HIS V 159 23.74 -3.77 -29.91
N ILE V 160 22.78 -2.92 -29.54
CA ILE V 160 23.05 -1.52 -29.19
C ILE V 160 22.45 -1.25 -27.82
N ARG V 161 23.27 -0.71 -26.91
CA ARG V 161 22.81 -0.39 -25.57
C ARG V 161 23.35 0.97 -25.15
N GLN V 162 22.49 1.77 -24.52
CA GLN V 162 22.82 3.10 -24.02
C GLN V 162 23.00 3.05 -22.51
N PHE V 163 24.09 3.62 -22.02
CA PHE V 163 24.36 3.68 -20.60
C PHE V 163 24.12 5.05 -19.98
N SER V 164 24.26 6.12 -20.76
CA SER V 164 23.98 7.47 -20.29
C SER V 164 23.76 8.38 -21.49
N GLY V 165 23.20 9.55 -21.22
CA GLY V 165 22.97 10.53 -22.27
C GLY V 165 21.69 11.31 -22.12
N THR V 166 21.72 12.60 -22.45
CA THR V 166 20.56 13.45 -22.36
C THR V 166 20.26 14.15 -23.69
N ASN V 167 21.31 14.57 -24.39
CA ASN V 167 21.17 15.33 -25.61
C ASN V 167 20.92 14.38 -26.80
N SER V 168 19.91 14.71 -27.61
CA SER V 168 19.53 13.84 -28.72
C SER V 168 20.61 13.76 -29.79
N HIS V 169 21.23 14.90 -30.12
CA HIS V 169 22.31 14.91 -31.10
C HIS V 169 23.49 14.07 -30.64
N HIS V 170 23.85 14.18 -29.35
CA HIS V 170 25.01 13.45 -28.84
C HIS V 170 24.75 11.94 -28.80
N ILE V 171 23.54 11.52 -28.46
CA ILE V 171 23.24 10.10 -28.32
C ILE V 171 23.31 9.40 -29.67
N ILE V 172 22.67 9.96 -30.69
CA ILE V 172 22.64 9.33 -32.01
C ILE V 172 24.03 9.30 -32.63
N GLU V 173 24.76 10.41 -32.54
CA GLU V 173 26.03 10.51 -33.24
C GLU V 173 27.13 9.75 -32.49
N ALA V 174 26.91 9.46 -31.21
CA ALA V 174 27.77 8.52 -30.51
C ALA V 174 27.49 7.08 -30.93
N THR V 175 26.24 6.77 -31.29
CA THR V 175 25.90 5.43 -31.74
C THR V 175 26.60 5.09 -33.05
N PHE V 176 26.65 6.05 -33.99
CA PHE V 176 27.29 5.80 -35.27
C PHE V 176 28.80 5.68 -35.14
N LYS V 177 29.40 6.38 -34.18
CA LYS V 177 30.84 6.24 -33.96
C LYS V 177 31.20 4.85 -33.45
N ALA V 178 30.40 4.31 -32.51
CA ALA V 178 30.69 3.00 -31.96
C ALA V 178 30.43 1.90 -32.99
N PHE V 179 29.43 2.09 -33.84
CA PHE V 179 29.13 1.11 -34.88
C PHE V 179 30.23 1.06 -35.93
N ALA V 180 30.80 2.21 -36.28
CA ALA V 180 31.83 2.26 -37.31
C ALA V 180 33.10 1.55 -36.85
N ARG V 181 33.53 1.77 -35.61
CA ARG V 181 34.75 1.17 -35.12
C ARG V 181 34.58 -0.31 -34.78
N ALA V 182 33.38 -0.73 -34.41
CA ALA V 182 33.13 -2.14 -34.18
C ALA V 182 33.06 -2.92 -35.50
N LEU V 183 32.52 -2.29 -36.54
CA LEU V 183 32.49 -2.92 -37.87
C LEU V 183 33.89 -3.00 -38.45
N ARG V 184 34.73 -2.00 -38.19
CA ARG V 184 36.11 -2.02 -38.68
C ARG V 184 36.88 -3.17 -38.06
N GLN V 185 36.71 -3.42 -36.77
CA GLN V 185 37.44 -4.49 -36.10
C GLN V 185 36.99 -5.85 -36.60
N ALA V 186 35.71 -5.99 -36.95
CA ALA V 186 35.21 -7.29 -37.41
C ALA V 186 35.69 -7.62 -38.82
N THR V 187 36.00 -6.60 -39.61
CA THR V 187 36.39 -6.83 -41.00
C THR V 187 37.90 -6.93 -41.21
N GLU V 188 38.72 -6.65 -40.20
CA GLU V 188 40.15 -6.81 -40.36
C GLU V 188 40.54 -8.28 -40.37
N TYR V 189 41.60 -8.59 -41.11
CA TYR V 189 42.10 -9.95 -41.19
C TYR V 189 42.77 -10.36 -39.89
N ASP V 190 42.48 -11.57 -39.44
CA ASP V 190 43.11 -12.08 -38.24
C ASP V 190 44.54 -12.50 -38.56
N THR V 191 45.46 -12.22 -37.63
CA THR V 191 46.87 -12.52 -37.83
C THR V 191 47.24 -13.94 -37.42
N ARG V 192 46.29 -14.71 -36.92
CA ARG V 192 46.50 -16.10 -36.44
C ARG V 192 47.52 -16.05 -35.31
N ARG V 193 48.46 -16.99 -35.25
CA ARG V 193 49.44 -17.01 -34.17
C ARG V 193 50.54 -15.99 -34.41
N ALA W 10 -49.00 45.02 -9.19
CA ALA W 10 -47.82 44.81 -8.37
C ALA W 10 -48.10 43.80 -7.27
N ARG W 11 -47.21 42.80 -7.14
CA ARG W 11 -47.34 41.74 -6.15
C ARG W 11 -46.51 42.10 -4.93
N ILE W 12 -47.17 42.18 -3.77
CA ILE W 12 -46.54 42.63 -2.52
C ILE W 12 -46.88 41.63 -1.42
N GLY W 13 -45.87 41.28 -0.64
CA GLY W 13 -46.07 40.39 0.49
C GLY W 13 -45.55 40.99 1.77
N GLU W 14 -46.24 40.71 2.88
CA GLU W 14 -45.86 41.22 4.19
C GLU W 14 -46.07 40.14 5.24
N MET W 15 -45.36 40.27 6.35
CA MET W 15 -45.43 39.29 7.44
C MET W 15 -45.05 39.97 8.75
N LYS W 16 -45.70 39.54 9.82
CA LYS W 16 -45.41 40.05 11.16
C LYS W 16 -45.58 38.91 12.16
N ARG W 17 -44.51 38.60 12.89
CA ARG W 17 -44.52 37.53 13.88
C ARG W 17 -43.87 38.00 15.16
N VAL W 18 -44.52 37.70 16.29
CA VAL W 18 -44.01 38.04 17.62
C VAL W 18 -43.86 36.75 18.41
N THR W 19 -42.64 36.46 18.85
CA THR W 19 -42.36 35.32 19.71
C THR W 19 -41.68 35.82 20.98
N LYS W 20 -41.33 34.88 21.86
CA LYS W 20 -40.65 35.23 23.11
C LYS W 20 -39.21 35.67 22.89
N GLU W 21 -38.66 35.48 21.70
CA GLU W 21 -37.27 35.83 21.42
C GLU W 21 -37.10 36.96 20.42
N THR W 22 -38.00 37.09 19.44
CA THR W 22 -37.78 38.00 18.33
C THR W 22 -39.09 38.70 17.96
N ASN W 23 -38.95 39.90 17.40
CA ASN W 23 -40.04 40.64 16.77
C ASN W 23 -39.60 41.02 15.37
N VAL W 24 -40.34 40.58 14.35
CA VAL W 24 -39.93 40.69 12.96
C VAL W 24 -41.08 41.24 12.13
N SER W 25 -40.79 42.21 11.28
CA SER W 25 -41.72 42.71 10.27
C SER W 25 -40.99 42.77 8.93
N VAL W 26 -41.58 42.19 7.89
CA VAL W 26 -40.93 42.04 6.59
C VAL W 26 -41.92 42.42 5.50
N LYS W 27 -41.44 43.17 4.50
CA LYS W 27 -42.25 43.55 3.35
C LYS W 27 -41.44 43.36 2.08
N ILE W 28 -42.02 42.68 1.09
CA ILE W 28 -41.36 42.35 -0.17
C ILE W 28 -42.26 42.77 -1.32
N ASN W 29 -41.65 43.39 -2.34
CA ASN W 29 -42.36 43.79 -3.55
C ASN W 29 -41.60 43.22 -4.74
N LEU W 30 -42.26 42.37 -5.52
CA LEU W 30 -41.60 41.71 -6.64
C LEU W 30 -41.42 42.64 -7.83
N ASP W 31 -42.32 43.60 -8.01
CA ASP W 31 -42.21 44.59 -9.08
C ASP W 31 -41.70 45.89 -8.48
N GLY W 32 -40.37 45.97 -8.31
CA GLY W 32 -39.74 47.08 -7.66
C GLY W 32 -38.61 47.67 -8.51
N THR W 33 -37.95 48.66 -7.92
CA THR W 33 -36.84 49.35 -8.57
C THR W 33 -35.53 49.22 -7.79
N GLY W 34 -35.50 48.42 -6.73
CA GLY W 34 -34.30 48.22 -5.96
C GLY W 34 -34.19 48.99 -4.67
N VAL W 35 -35.30 49.40 -4.07
CA VAL W 35 -35.25 50.11 -2.80
C VAL W 35 -34.91 49.12 -1.69
N ALA W 36 -33.93 49.48 -0.86
CA ALA W 36 -33.49 48.62 0.23
C ALA W 36 -33.56 49.39 1.54
N ASP W 37 -34.35 48.89 2.48
CA ASP W 37 -34.44 49.44 3.83
C ASP W 37 -34.40 48.26 4.81
N ASN W 38 -33.19 47.88 5.22
CA ASN W 38 -32.99 46.72 6.06
C ASN W 38 -32.31 47.15 7.35
N SER W 39 -32.91 46.76 8.49
CA SER W 39 -32.36 47.14 9.79
C SER W 39 -32.71 46.03 10.79
N SER W 40 -31.77 45.12 11.00
CA SER W 40 -31.83 44.12 12.04
C SER W 40 -30.63 44.29 12.96
N GLY W 41 -30.46 43.36 13.89
CA GLY W 41 -29.32 43.40 14.79
C GLY W 41 -28.07 42.77 14.25
N ILE W 42 -28.07 42.32 13.01
CA ILE W 42 -26.94 41.66 12.39
C ILE W 42 -26.48 42.51 11.20
N PRO W 43 -25.43 43.31 11.36
CA PRO W 43 -25.00 44.19 10.26
C PRO W 43 -24.59 43.48 8.99
N PHE W 44 -23.98 42.30 9.09
CA PHE W 44 -23.53 41.60 7.88
C PHE W 44 -24.71 41.06 7.09
N LEU W 45 -25.77 40.63 7.78
CA LEU W 45 -26.96 40.15 7.07
C LEU W 45 -27.65 41.31 6.33
N ASP W 46 -27.60 42.51 6.90
CA ASP W 46 -28.15 43.67 6.22
C ASP W 46 -27.38 44.00 4.94
N HIS W 47 -26.05 43.80 4.98
CA HIS W 47 -25.24 43.97 3.78
C HIS W 47 -25.64 42.97 2.70
N MET W 48 -25.99 41.74 3.11
CA MET W 48 -26.38 40.72 2.15
C MET W 48 -27.75 41.00 1.57
N LEU W 49 -28.69 41.48 2.39
CA LEU W 49 -30.05 41.71 1.92
C LEU W 49 -30.12 42.91 0.99
N ASP W 50 -29.18 43.85 1.09
CA ASP W 50 -29.15 44.97 0.16
C ASP W 50 -28.81 44.53 -1.25
N GLN W 51 -27.91 43.54 -1.39
CA GLN W 51 -27.56 43.05 -2.72
C GLN W 51 -28.71 42.33 -3.38
N LEU W 52 -29.61 41.74 -2.60
CA LEU W 52 -30.79 41.09 -3.19
C LEU W 52 -31.72 42.12 -3.82
N ALA W 53 -31.79 43.32 -3.23
CA ALA W 53 -32.63 44.37 -3.79
C ALA W 53 -32.00 44.98 -5.04
N SER W 54 -30.70 45.23 -5.02
CA SER W 54 -30.05 45.90 -6.15
C SER W 54 -29.94 44.99 -7.36
N HIS W 55 -29.51 43.74 -7.16
CA HIS W 55 -29.30 42.83 -8.28
C HIS W 55 -30.60 42.19 -8.76
N GLY W 56 -31.56 42.01 -7.87
CA GLY W 56 -32.84 41.43 -8.24
C GLY W 56 -33.93 42.42 -8.60
N LEU W 57 -33.68 43.71 -8.41
CA LEU W 57 -34.67 44.77 -8.63
C LEU W 57 -35.92 44.55 -7.80
N PHE W 58 -35.75 44.08 -6.57
CA PHE W 58 -36.84 43.92 -5.62
C PHE W 58 -36.83 45.07 -4.61
N ASP W 59 -37.96 45.24 -3.94
CA ASP W 59 -38.08 46.18 -2.82
C ASP W 59 -38.15 45.34 -1.54
N VAL W 60 -37.12 45.44 -0.72
CA VAL W 60 -36.98 44.62 0.48
C VAL W 60 -36.94 45.54 1.70
N HIS W 61 -37.83 45.28 2.67
CA HIS W 61 -37.88 46.02 3.92
C HIS W 61 -37.93 45.02 5.07
N VAL W 62 -36.92 45.05 5.94
CA VAL W 62 -36.83 44.16 7.08
C VAL W 62 -36.58 44.99 8.33
N LYS W 63 -37.40 44.76 9.37
CA LYS W 63 -37.20 45.37 10.69
C LYS W 63 -37.28 44.27 11.72
N ALA W 64 -36.23 44.12 12.53
CA ALA W 64 -36.18 43.03 13.49
C ALA W 64 -35.39 43.44 14.72
N THR W 65 -35.84 42.97 15.88
CA THR W 65 -35.11 43.09 17.13
C THR W 65 -35.24 41.77 17.88
N GLY W 66 -34.23 41.45 18.68
CA GLY W 66 -34.23 40.16 19.34
C GLY W 66 -33.11 40.04 20.35
N ASP W 67 -32.96 38.82 20.86
CA ASP W 67 -32.00 38.52 21.92
C ASP W 67 -30.62 38.20 21.32
N THR W 68 -30.01 39.24 20.74
CA THR W 68 -28.68 39.09 20.17
C THR W 68 -27.59 39.02 21.22
N HIS W 69 -27.90 39.30 22.49
CA HIS W 69 -26.90 39.18 23.54
C HIS W 69 -26.51 37.74 23.80
N ILE W 70 -27.36 36.78 23.44
CA ILE W 70 -27.01 35.37 23.52
C ILE W 70 -26.29 34.91 22.26
N ASP W 71 -26.93 35.08 21.10
CA ASP W 71 -26.39 34.64 19.82
C ASP W 71 -27.19 35.32 18.73
N ASP W 72 -26.68 35.20 17.50
CA ASP W 72 -27.41 35.65 16.32
C ASP W 72 -28.29 34.55 15.73
N HIS W 73 -28.33 33.37 16.35
CA HIS W 73 -29.02 32.23 15.77
C HIS W 73 -30.53 32.47 15.68
N HIS W 74 -31.14 32.89 16.79
CA HIS W 74 -32.60 32.99 16.82
C HIS W 74 -33.10 34.13 15.92
N THR W 75 -32.34 35.23 15.85
CA THR W 75 -32.73 36.33 14.96
C THR W 75 -32.56 35.96 13.49
N ASN W 76 -31.46 35.27 13.16
CA ASN W 76 -31.22 34.87 11.78
C ASN W 76 -32.27 33.90 11.28
N GLU W 77 -32.70 32.96 12.14
CA GLU W 77 -33.69 31.97 11.75
C GLU W 77 -35.06 32.60 11.52
N ASP W 78 -35.46 33.54 12.38
CA ASP W 78 -36.78 34.12 12.28
C ASP W 78 -36.92 35.07 11.09
N VAL W 79 -35.84 35.75 10.71
CA VAL W 79 -35.88 36.62 9.54
C VAL W 79 -36.08 35.80 8.27
N ALA W 80 -35.39 34.66 8.17
CA ALA W 80 -35.48 33.84 6.97
C ALA W 80 -36.87 33.23 6.82
N LEU W 81 -37.51 32.84 7.92
CA LEU W 81 -38.86 32.29 7.85
C LEU W 81 -39.86 33.35 7.39
N ALA W 82 -39.69 34.60 7.85
CA ALA W 82 -40.62 35.66 7.48
C ALA W 82 -40.49 36.04 6.02
N ILE W 83 -39.26 36.05 5.49
CA ILE W 83 -39.05 36.38 4.08
C ILE W 83 -39.67 35.31 3.19
N GLY W 84 -39.55 34.04 3.58
CA GLY W 84 -40.12 32.97 2.78
C GLY W 84 -41.64 33.01 2.74
N THR W 85 -42.26 33.33 3.87
CA THR W 85 -43.73 33.41 3.90
C THR W 85 -44.24 34.58 3.06
N ALA W 86 -43.58 35.73 3.15
CA ALA W 86 -44.01 36.89 2.37
C ALA W 86 -43.82 36.66 0.88
N LEU W 87 -42.79 35.91 0.50
CA LEU W 87 -42.58 35.58 -0.91
C LEU W 87 -43.70 34.69 -1.43
N LEU W 88 -44.16 33.74 -0.63
CA LEU W 88 -45.21 32.82 -1.06
C LEU W 88 -46.52 33.57 -1.31
N GLN W 89 -46.86 34.52 -0.45
CA GLN W 89 -48.14 35.21 -0.59
C GLN W 89 -48.12 36.18 -1.76
N ALA W 90 -46.95 36.76 -2.05
CA ALA W 90 -46.85 37.67 -3.19
C ALA W 90 -46.94 36.90 -4.52
N LEU W 91 -46.47 35.66 -4.55
CA LEU W 91 -46.52 34.88 -5.78
C LEU W 91 -47.96 34.54 -6.16
N GLY W 92 -48.79 34.19 -5.18
CA GLY W 92 -50.18 33.86 -5.46
C GLY W 92 -50.29 32.55 -6.22
N ASP W 93 -51.03 32.59 -7.34
CA ASP W 93 -51.29 31.38 -8.11
C ASP W 93 -50.14 31.00 -9.04
N ARG W 94 -49.16 31.88 -9.22
CA ARG W 94 -47.98 31.61 -10.05
C ARG W 94 -48.35 31.27 -11.48
N LYS W 95 -49.34 31.98 -12.03
CA LYS W 95 -49.83 31.71 -13.38
C LYS W 95 -49.17 32.66 -14.37
N GLY W 96 -48.61 32.09 -15.43
CA GLY W 96 -47.98 32.88 -16.47
C GLY W 96 -46.53 33.25 -16.23
N ILE W 97 -45.89 32.68 -15.22
CA ILE W 97 -44.51 33.00 -14.90
C ILE W 97 -43.60 31.89 -15.40
N ASN W 98 -42.30 32.20 -15.45
CA ASN W 98 -41.32 31.25 -15.99
C ASN W 98 -41.13 30.05 -15.07
N ARG W 99 -41.15 30.28 -13.75
CA ARG W 99 -40.98 29.31 -12.67
C ARG W 99 -39.58 28.71 -12.58
N PHE W 100 -38.66 29.07 -13.49
CA PHE W 100 -37.32 28.51 -13.49
C PHE W 100 -36.29 29.63 -13.59
N GLY W 101 -35.19 29.48 -12.87
CA GLY W 101 -34.12 30.45 -12.89
C GLY W 101 -32.74 29.84 -12.76
N ASN W 102 -31.79 30.33 -13.56
CA ASN W 102 -30.41 29.84 -13.53
C ASN W 102 -29.46 31.03 -13.68
N PHE W 103 -28.38 31.02 -12.90
CA PHE W 103 -27.38 32.07 -13.00
C PHE W 103 -26.08 31.64 -12.35
N SER W 104 -24.97 32.01 -12.96
CA SER W 104 -23.64 31.87 -12.39
C SER W 104 -23.04 33.25 -12.19
N ALA W 105 -22.52 33.51 -11.00
CA ALA W 105 -22.02 34.84 -10.65
C ALA W 105 -20.54 34.78 -10.29
N PRO W 106 -19.67 35.47 -11.04
CA PRO W 106 -18.27 35.56 -10.64
C PRO W 106 -17.98 36.79 -9.79
N LEU W 107 -17.14 36.60 -8.79
CA LEU W 107 -16.69 37.71 -7.91
C LEU W 107 -15.22 37.45 -7.61
N ASP W 108 -14.34 38.08 -8.41
CA ASP W 108 -12.89 37.92 -8.33
C ASP W 108 -12.58 36.43 -8.53
N GLU W 109 -12.00 35.74 -7.55
CA GLU W 109 -11.67 34.33 -7.69
C GLU W 109 -12.84 33.40 -7.41
N ALA W 110 -13.96 33.90 -6.92
CA ALA W 110 -15.10 33.08 -6.55
C ALA W 110 -16.08 32.94 -7.70
N LEU W 111 -16.78 31.80 -7.73
CA LEU W 111 -17.76 31.51 -8.77
C LEU W 111 -18.80 30.56 -8.21
N VAL W 112 -20.05 31.01 -8.15
CA VAL W 112 -21.15 30.25 -7.56
C VAL W 112 -22.29 30.17 -8.57
N HIS W 113 -22.87 28.97 -8.72
CA HIS W 113 -24.00 28.74 -9.59
C HIS W 113 -25.25 28.40 -8.78
N VAL W 114 -26.38 28.98 -9.16
CA VAL W 114 -27.65 28.81 -8.44
C VAL W 114 -28.71 28.35 -9.44
N SER W 115 -29.43 27.28 -9.07
CA SER W 115 -30.54 26.78 -9.86
C SER W 115 -31.75 26.62 -8.95
N LEU W 116 -32.88 27.20 -9.33
CA LEU W 116 -34.08 27.16 -8.51
C LEU W 116 -35.32 26.95 -9.38
N ASP W 117 -36.37 26.46 -8.74
CA ASP W 117 -37.66 26.27 -9.39
C ASP W 117 -38.77 26.37 -8.35
N LEU W 118 -39.80 27.14 -8.66
CA LEU W 118 -40.92 27.38 -7.73
C LEU W 118 -42.01 26.36 -8.01
N SER W 119 -42.05 25.29 -7.19
CA SER W 119 -42.93 24.16 -7.45
C SER W 119 -43.86 23.79 -6.31
N GLY W 120 -43.65 24.31 -5.10
CA GLY W 120 -44.41 23.90 -3.95
C GLY W 120 -43.81 22.77 -3.15
N ARG W 121 -42.71 22.17 -3.62
CA ARG W 121 -42.03 21.10 -2.91
C ARG W 121 -40.70 21.61 -2.38
N PRO W 122 -40.51 21.70 -1.05
CA PRO W 122 -39.27 22.29 -0.52
C PRO W 122 -38.11 21.31 -0.56
N HIS W 123 -36.97 21.78 -1.06
CA HIS W 123 -35.73 21.00 -1.07
C HIS W 123 -34.56 21.97 -1.17
N LEU W 124 -33.48 21.67 -0.45
CA LEU W 124 -32.27 22.47 -0.49
C LEU W 124 -31.07 21.58 -0.81
N GLY W 125 -30.33 21.96 -1.85
CA GLY W 125 -29.05 21.33 -2.14
C GLY W 125 -27.91 22.31 -1.91
N TYR W 126 -27.14 22.10 -0.85
CA TYR W 126 -26.14 23.06 -0.40
C TYR W 126 -24.75 22.46 -0.58
N ASP W 127 -23.93 23.10 -1.42
CA ASP W 127 -22.53 22.69 -1.61
C ASP W 127 -21.68 23.97 -1.59
N LEU W 128 -21.25 24.35 -0.39
CA LEU W 128 -20.39 25.50 -0.20
C LEU W 128 -19.24 25.12 0.72
N ASN W 129 -18.08 25.75 0.50
CA ASN W 129 -16.88 25.50 1.31
C ASN W 129 -16.33 26.84 1.79
N ILE W 130 -16.83 27.30 2.93
CA ILE W 130 -16.40 28.57 3.51
C ILE W 130 -15.21 28.28 4.43
N PRO W 131 -14.05 28.86 4.18
CA PRO W 131 -12.85 28.45 4.92
C PRO W 131 -12.80 28.94 6.37
N THR W 132 -13.33 30.13 6.65
CA THR W 132 -13.21 30.70 7.98
C THR W 132 -14.51 30.56 8.77
N GLN W 133 -14.38 30.65 10.09
CA GLN W 133 -15.52 30.49 10.99
C GLN W 133 -16.28 31.78 11.23
N ARG W 134 -15.62 32.94 11.11
CA ARG W 134 -16.25 34.24 11.28
C ARG W 134 -15.83 35.14 10.14
N VAL W 135 -16.76 35.95 9.65
CA VAL W 135 -16.45 36.93 8.60
C VAL W 135 -16.20 38.26 9.29
N GLY W 136 -17.21 38.79 9.98
CA GLY W 136 -17.01 39.89 10.90
C GLY W 136 -17.31 39.42 12.31
N LYS W 137 -18.50 39.77 12.80
CA LYS W 137 -19.07 39.12 13.97
C LYS W 137 -20.05 38.02 13.59
N TYR W 138 -20.21 37.76 12.29
CA TYR W 138 -21.22 36.84 11.79
C TYR W 138 -20.66 35.42 11.73
N ASP W 139 -21.42 34.48 12.30
CA ASP W 139 -21.03 33.08 12.29
C ASP W 139 -21.39 32.44 10.96
N THR W 140 -20.40 31.80 10.32
CA THR W 140 -20.59 31.32 8.94
C THR W 140 -21.48 30.08 8.86
N GLN W 141 -21.78 29.45 10.00
CA GLN W 141 -22.72 28.32 9.99
C GLN W 141 -24.15 28.78 9.73
N LEU W 142 -24.43 30.08 9.86
CA LEU W 142 -25.78 30.59 9.67
C LEU W 142 -26.14 30.82 8.21
N VAL W 143 -25.19 30.71 7.28
CA VAL W 143 -25.51 30.84 5.87
C VAL W 143 -26.37 29.68 5.40
N GLU W 144 -26.03 28.46 5.81
CA GLU W 144 -26.86 27.30 5.50
C GLU W 144 -28.22 27.39 6.20
N HIS W 145 -28.23 27.81 7.46
CA HIS W 145 -29.49 27.89 8.21
C HIS W 145 -30.43 28.93 7.63
N PHE W 146 -29.89 29.99 7.03
CA PHE W 146 -30.74 31.01 6.42
C PHE W 146 -31.48 30.45 5.21
N PHE W 147 -30.77 29.76 4.32
CA PHE W 147 -31.41 29.28 3.10
C PHE W 147 -32.30 28.07 3.34
N GLN W 148 -32.01 27.28 4.38
CA GLN W 148 -32.87 26.15 4.70
C GLN W 148 -34.22 26.62 5.22
N SER W 149 -34.23 27.68 6.04
CA SER W 149 -35.49 28.20 6.57
C SER W 149 -36.29 28.92 5.51
N LEU W 150 -35.62 29.49 4.50
CA LEU W 150 -36.33 30.21 3.45
C LEU W 150 -37.12 29.26 2.55
N VAL W 151 -36.54 28.12 2.19
CA VAL W 151 -37.23 27.18 1.32
C VAL W 151 -38.31 26.39 2.05
N ASN W 152 -38.25 26.33 3.38
CA ASN W 152 -39.27 25.58 4.12
C ASN W 152 -40.61 26.33 4.15
N THR W 153 -40.58 27.65 4.09
CA THR W 153 -41.80 28.44 4.11
C THR W 153 -42.26 28.88 2.73
N SER W 154 -41.35 28.95 1.75
CA SER W 154 -41.72 29.36 0.40
C SER W 154 -42.02 28.20 -0.53
N GLY W 155 -41.65 26.98 -0.15
CA GLY W 155 -41.91 25.81 -0.97
C GLY W 155 -41.18 25.80 -2.30
N MET W 156 -39.88 26.03 -2.29
CA MET W 156 -39.08 26.08 -3.51
C MET W 156 -37.99 25.03 -3.48
N THR W 157 -37.55 24.64 -4.68
CA THR W 157 -36.41 23.73 -4.85
C THR W 157 -35.19 24.58 -5.22
N LEU W 158 -34.14 24.47 -4.42
CA LEU W 158 -32.97 25.33 -4.55
C LEU W 158 -31.70 24.51 -4.53
N HIS W 159 -30.81 24.76 -5.49
CA HIS W 159 -29.51 24.11 -5.58
C HIS W 159 -28.42 25.16 -5.64
N ILE W 160 -27.41 25.02 -4.77
CA ILE W 160 -26.27 25.94 -4.72
C ILE W 160 -24.99 25.14 -4.83
N ARG W 161 -24.12 25.51 -5.77
CA ARG W 161 -22.85 24.83 -5.96
C ARG W 161 -21.74 25.85 -6.18
N GLN W 162 -20.59 25.60 -5.54
CA GLN W 162 -19.41 26.44 -5.63
C GLN W 162 -18.38 25.78 -6.54
N PHE W 163 -17.85 26.53 -7.49
CA PHE W 163 -16.83 26.03 -8.39
C PHE W 163 -15.42 26.53 -8.06
N SER W 164 -15.30 27.70 -7.45
CA SER W 164 -14.01 28.23 -7.03
C SER W 164 -14.23 29.29 -5.97
N GLY W 165 -13.15 29.64 -5.28
CA GLY W 165 -13.22 30.69 -4.26
C GLY W 165 -12.35 30.43 -3.06
N THR W 166 -11.74 31.47 -2.51
CA THR W 166 -10.89 31.36 -1.34
C THR W 166 -11.33 32.30 -0.23
N ASN W 167 -11.75 33.51 -0.60
CA ASN W 167 -12.11 34.53 0.36
C ASN W 167 -13.54 34.33 0.85
N SER W 168 -13.73 34.38 2.17
CA SER W 168 -15.05 34.11 2.75
C SER W 168 -16.07 35.18 2.38
N HIS W 169 -15.65 36.46 2.40
CA HIS W 169 -16.56 37.54 2.02
C HIS W 169 -17.00 37.41 0.56
N HIS W 170 -16.05 37.06 -0.33
CA HIS W 170 -16.38 36.97 -1.75
C HIS W 170 -17.31 35.79 -2.04
N ILE W 171 -17.13 34.66 -1.35
CA ILE W 171 -17.92 33.47 -1.63
C ILE W 171 -19.38 33.69 -1.25
N ILE W 172 -19.63 34.20 -0.04
CA ILE W 172 -20.99 34.40 0.44
C ILE W 172 -21.71 35.45 -0.39
N GLU W 173 -21.04 36.57 -0.68
CA GLU W 173 -21.71 37.68 -1.33
C GLU W 173 -21.87 37.42 -2.83
N ALA W 174 -21.09 36.49 -3.38
CA ALA W 174 -21.38 35.99 -4.72
C ALA W 174 -22.59 35.07 -4.74
N THR W 175 -22.84 34.34 -3.65
CA THR W 175 -23.99 33.46 -3.57
C THR W 175 -25.29 34.26 -3.60
N PHE W 176 -25.34 35.38 -2.88
CA PHE W 176 -26.54 36.19 -2.83
C PHE W 176 -26.80 36.89 -4.16
N LYS W 177 -25.75 37.23 -4.91
CA LYS W 177 -25.94 37.83 -6.22
C LYS W 177 -26.57 36.85 -7.20
N ALA W 178 -26.10 35.59 -7.20
CA ALA W 178 -26.64 34.60 -8.12
C ALA W 178 -28.06 34.21 -7.74
N PHE W 179 -28.37 34.19 -6.45
CA PHE W 179 -29.73 33.87 -6.00
C PHE W 179 -30.72 34.95 -6.39
N ALA W 180 -30.30 36.21 -6.32
CA ALA W 180 -31.20 37.32 -6.63
C ALA W 180 -31.57 37.33 -8.11
N ARG W 181 -30.60 37.11 -9.00
CA ARG W 181 -30.87 37.16 -10.42
C ARG W 181 -31.58 35.90 -10.92
N ALA W 182 -31.38 34.77 -10.26
CA ALA W 182 -32.11 33.56 -10.61
C ALA W 182 -33.57 33.64 -10.16
N LEU W 183 -33.80 34.27 -9.00
CA LEU W 183 -35.18 34.46 -8.53
C LEU W 183 -35.91 35.48 -9.40
N ARG W 184 -35.20 36.49 -9.89
CA ARG W 184 -35.82 37.48 -10.77
C ARG W 184 -36.28 36.84 -12.07
N GLN W 185 -35.47 35.96 -12.64
CA GLN W 185 -35.84 35.32 -13.90
C GLN W 185 -37.03 34.39 -13.73
N ALA W 186 -37.15 33.75 -12.56
CA ALA W 186 -38.25 32.82 -12.34
C ALA W 186 -39.57 33.54 -12.13
N THR W 187 -39.52 34.79 -11.67
CA THR W 187 -40.76 35.52 -11.37
C THR W 187 -41.24 36.40 -12.52
N GLU W 188 -40.48 36.56 -13.60
CA GLU W 188 -40.96 37.32 -14.73
C GLU W 188 -42.02 36.56 -15.50
N TYR W 189 -42.94 37.30 -16.10
CA TYR W 189 -44.01 36.70 -16.89
C TYR W 189 -43.46 36.16 -18.21
N ASP W 190 -43.89 34.97 -18.58
CA ASP W 190 -43.47 34.39 -19.84
C ASP W 190 -44.24 35.07 -20.98
N THR W 191 -43.55 35.32 -22.08
CA THR W 191 -44.15 36.00 -23.23
C THR W 191 -44.87 35.06 -24.18
N ARG W 192 -44.85 33.76 -23.90
CA ARG W 192 -45.46 32.71 -24.74
C ARG W 192 -44.80 32.76 -26.11
N ARG W 193 -45.55 32.63 -27.20
CA ARG W 193 -44.96 32.64 -28.53
C ARG W 193 -44.65 34.06 -28.99
N ALA X 10 28.28 -57.81 19.26
CA ALA X 10 27.91 -57.09 18.05
C ALA X 10 26.41 -57.18 17.81
N ARG X 11 25.78 -56.03 17.55
CA ARG X 11 24.34 -55.94 17.33
C ARG X 11 24.08 -55.94 15.83
N ILE X 12 23.29 -56.92 15.37
CA ILE X 12 23.03 -57.14 13.95
C ILE X 12 21.53 -57.28 13.74
N GLY X 13 21.03 -56.61 12.71
CA GLY X 13 19.62 -56.71 12.36
C GLY X 13 19.44 -57.11 10.92
N GLU X 14 18.40 -57.90 10.65
CA GLU X 14 18.08 -58.36 9.31
C GLU X 14 16.58 -58.34 9.09
N MET X 15 16.18 -58.28 7.83
CA MET X 15 14.76 -58.22 7.47
C MET X 15 14.58 -58.77 6.05
N LYS X 16 13.45 -59.44 5.84
CA LYS X 16 13.11 -59.99 4.53
C LYS X 16 11.60 -59.88 4.35
N ARG X 17 11.17 -59.18 3.31
CA ARG X 17 9.76 -58.98 3.02
C ARG X 17 9.50 -59.21 1.54
N VAL X 18 8.44 -59.97 1.24
CA VAL X 18 8.03 -60.25 -0.14
C VAL X 18 6.60 -59.74 -0.31
N THR X 19 6.40 -58.82 -1.24
CA THR X 19 5.08 -58.32 -1.60
C THR X 19 4.86 -58.54 -3.09
N LYS X 20 3.69 -58.11 -3.58
CA LYS X 20 3.37 -58.24 -5.00
C LYS X 20 4.18 -57.29 -5.87
N GLU X 21 4.89 -56.32 -5.29
CA GLU X 21 5.65 -55.34 -6.06
C GLU X 21 7.15 -55.44 -5.87
N THR X 22 7.62 -55.83 -4.69
CA THR X 22 9.04 -55.74 -4.37
C THR X 22 9.49 -56.97 -3.58
N ASN X 23 10.78 -57.29 -3.71
CA ASN X 23 11.45 -58.28 -2.88
C ASN X 23 12.69 -57.62 -2.30
N VAL X 24 12.79 -57.58 -0.97
CA VAL X 24 13.81 -56.81 -0.27
C VAL X 24 14.46 -57.67 0.81
N SER X 25 15.78 -57.65 0.87
CA SER X 25 16.55 -58.24 1.96
C SER X 25 17.58 -57.22 2.45
N VAL X 26 17.61 -56.98 3.76
CA VAL X 26 18.43 -55.92 4.34
C VAL X 26 19.14 -56.47 5.57
N LYS X 27 20.44 -56.15 5.70
CA LYS X 27 21.22 -56.53 6.87
C LYS X 27 22.03 -55.34 7.35
N ILE X 28 21.97 -55.05 8.65
CA ILE X 28 22.63 -53.90 9.26
C ILE X 28 23.43 -54.39 10.47
N ASN X 29 24.66 -53.88 10.59
CA ASN X 29 25.53 -54.19 11.73
C ASN X 29 25.98 -52.85 12.33
N LEU X 30 25.65 -52.62 13.59
CA LEU X 30 25.97 -51.35 14.23
C LEU X 30 27.45 -51.26 14.62
N ASP X 31 28.08 -52.40 14.94
CA ASP X 31 29.50 -52.44 15.26
C ASP X 31 30.25 -52.96 14.04
N GLY X 32 30.52 -52.05 13.10
CA GLY X 32 31.13 -52.40 11.84
C GLY X 32 32.35 -51.54 11.56
N THR X 33 32.92 -51.76 10.37
CA THR X 33 34.09 -51.05 9.90
C THR X 33 33.84 -50.27 8.61
N GLY X 34 32.60 -50.22 8.14
CA GLY X 34 32.26 -49.47 6.95
C GLY X 34 32.11 -50.28 5.68
N VAL X 35 31.80 -51.56 5.78
CA VAL X 35 31.58 -52.38 4.59
C VAL X 35 30.24 -52.00 3.96
N ALA X 36 30.25 -51.75 2.65
CA ALA X 36 29.05 -51.36 1.93
C ALA X 36 28.83 -52.31 0.76
N ASP X 37 27.70 -53.00 0.75
CA ASP X 37 27.28 -53.86 -0.35
C ASP X 37 25.80 -53.57 -0.63
N ASN X 38 25.55 -52.60 -1.49
CA ASN X 38 24.20 -52.14 -1.79
C ASN X 38 23.92 -52.33 -3.27
N SER X 39 22.80 -53.00 -3.58
CA SER X 39 22.43 -53.27 -4.96
C SER X 39 20.91 -53.31 -5.05
N SER X 40 20.31 -52.19 -5.43
CA SER X 40 18.90 -52.10 -5.76
C SER X 40 18.76 -51.62 -7.20
N GLY X 41 17.54 -51.35 -7.62
CA GLY X 41 17.29 -50.83 -8.95
C GLY X 41 17.44 -49.34 -9.09
N ILE X 42 17.84 -48.64 -8.04
CA ILE X 42 17.98 -47.19 -8.03
C ILE X 42 19.44 -46.85 -7.78
N PRO X 43 20.21 -46.53 -8.82
CA PRO X 43 21.64 -46.26 -8.63
C PRO X 43 21.96 -45.10 -7.71
N PHE X 44 21.14 -44.05 -7.72
CA PHE X 44 21.44 -42.89 -6.87
C PHE X 44 21.23 -43.21 -5.40
N LEU X 45 20.23 -44.04 -5.09
CA LEU X 45 20.02 -44.45 -3.70
C LEU X 45 21.18 -45.30 -3.19
N ASP X 46 21.77 -46.11 -4.07
CA ASP X 46 22.93 -46.89 -3.68
C ASP X 46 24.13 -46.00 -3.36
N HIS X 47 24.27 -44.90 -4.11
CA HIS X 47 25.32 -43.93 -3.81
C HIS X 47 25.10 -43.30 -2.44
N MET X 48 23.84 -43.07 -2.07
CA MET X 48 23.54 -42.47 -0.77
C MET X 48 23.78 -43.45 0.36
N LEU X 49 23.43 -44.72 0.16
CA LEU X 49 23.57 -45.72 1.22
C LEU X 49 25.03 -46.05 1.49
N ASP X 50 25.90 -45.86 0.50
CA ASP X 50 27.33 -46.10 0.72
C ASP X 50 27.92 -45.08 1.68
N GLN X 51 27.46 -43.82 1.61
CA GLN X 51 27.97 -42.80 2.52
C GLN X 51 27.55 -43.05 3.95
N LEU X 52 26.41 -43.71 4.16
CA LEU X 52 25.99 -44.05 5.52
C LEU X 52 26.93 -45.08 6.15
N ALA X 53 27.48 -45.98 5.33
CA ALA X 53 28.42 -46.97 5.84
C ALA X 53 29.79 -46.35 6.12
N SER X 54 30.27 -45.48 5.23
CA SER X 54 31.62 -44.93 5.39
C SER X 54 31.67 -43.92 6.52
N HIS X 55 30.70 -43.01 6.58
CA HIS X 55 30.73 -41.95 7.59
C HIS X 55 30.22 -42.43 8.94
N GLY X 56 29.32 -43.40 8.96
CA GLY X 56 28.80 -43.92 10.20
C GLY X 56 29.51 -45.14 10.74
N LEU X 57 30.44 -45.71 9.98
CA LEU X 57 31.15 -46.94 10.34
C LEU X 57 30.19 -48.09 10.59
N PHE X 58 29.13 -48.17 9.79
CA PHE X 58 28.18 -49.27 9.83
C PHE X 58 28.45 -50.24 8.69
N ASP X 59 27.91 -51.44 8.82
CA ASP X 59 27.92 -52.45 7.76
C ASP X 59 26.50 -52.53 7.20
N VAL X 60 26.32 -52.11 5.96
CA VAL X 60 25.01 -52.01 5.33
C VAL X 60 24.99 -52.92 4.11
N HIS X 61 24.00 -53.81 4.05
CA HIS X 61 23.80 -54.70 2.92
C HIS X 61 22.34 -54.64 2.51
N VAL X 62 22.08 -54.21 1.27
CA VAL X 62 20.73 -54.10 0.74
C VAL X 62 20.67 -54.81 -0.60
N LYS X 63 19.68 -55.70 -0.76
CA LYS X 63 19.40 -56.36 -2.03
C LYS X 63 17.92 -56.22 -2.31
N ALA X 64 17.57 -55.64 -3.46
CA ALA X 64 16.17 -55.38 -3.77
C ALA X 64 15.93 -55.45 -5.26
N THR X 65 14.76 -55.98 -5.64
CA THR X 65 14.29 -55.94 -7.01
C THR X 65 12.80 -55.62 -6.97
N GLY X 66 12.31 -54.98 -8.03
CA GLY X 66 10.93 -54.54 -8.02
C GLY X 66 10.49 -54.00 -9.36
N ASP X 67 9.29 -53.42 -9.36
CA ASP X 67 8.65 -52.93 -10.58
C ASP X 67 9.10 -51.49 -10.86
N THR X 68 10.38 -51.36 -11.20
CA THR X 68 10.93 -50.05 -11.54
C THR X 68 10.50 -49.57 -12.92
N HIS X 69 9.87 -50.42 -13.73
CA HIS X 69 9.39 -49.99 -15.03
C HIS X 69 8.22 -49.02 -14.92
N ILE X 70 7.50 -49.03 -13.79
CA ILE X 70 6.47 -48.05 -13.54
C ILE X 70 7.04 -46.78 -12.91
N ASP X 71 7.71 -46.94 -11.77
CA ASP X 71 8.28 -45.82 -11.02
C ASP X 71 9.27 -46.38 -10.02
N ASP X 72 10.04 -45.49 -9.41
CA ASP X 72 10.91 -45.84 -8.30
C ASP X 72 10.22 -45.71 -6.95
N HIS X 73 8.94 -45.34 -6.93
CA HIS X 73 8.26 -45.05 -5.68
C HIS X 73 8.13 -46.29 -4.79
N HIS X 74 7.64 -47.39 -5.37
CA HIS X 74 7.35 -48.57 -4.56
C HIS X 74 8.64 -49.22 -4.04
N THR X 75 9.71 -49.19 -4.85
CA THR X 75 10.99 -49.75 -4.40
C THR X 75 11.63 -48.88 -3.32
N ASN X 76 11.57 -47.55 -3.49
CA ASN X 76 12.14 -46.63 -2.51
C ASN X 76 11.45 -46.75 -1.17
N GLU X 77 10.12 -46.89 -1.17
CA GLU X 77 9.36 -46.98 0.07
C GLU X 77 9.66 -48.28 0.82
N ASP X 78 9.77 -49.40 0.10
CA ASP X 78 9.96 -50.68 0.76
C ASP X 78 11.36 -50.84 1.33
N VAL X 79 12.37 -50.24 0.70
CA VAL X 79 13.72 -50.29 1.23
C VAL X 79 13.81 -49.54 2.55
N ALA X 80 13.17 -48.38 2.63
CA ALA X 80 13.24 -47.56 3.84
C ALA X 80 12.54 -48.25 5.01
N LEU X 81 11.42 -48.94 4.76
CA LEU X 81 10.73 -49.65 5.82
C LEU X 81 11.58 -50.81 6.36
N ALA X 82 12.29 -51.51 5.47
CA ALA X 82 13.10 -52.64 5.89
C ALA X 82 14.31 -52.20 6.70
N ILE X 83 14.92 -51.08 6.34
CA ILE X 83 16.07 -50.56 7.09
C ILE X 83 15.64 -50.15 8.49
N GLY X 84 14.47 -49.52 8.61
CA GLY X 84 13.99 -49.09 9.91
C GLY X 84 13.69 -50.26 10.84
N THR X 85 13.10 -51.32 10.30
CA THR X 85 12.80 -52.49 11.13
C THR X 85 14.07 -53.20 11.60
N ALA X 86 15.06 -53.34 10.71
CA ALA X 86 16.31 -53.99 11.09
C ALA X 86 17.08 -53.17 12.12
N LEU X 87 16.98 -51.84 12.04
CA LEU X 87 17.62 -50.99 13.04
C LEU X 87 16.99 -51.17 14.41
N LEU X 88 15.67 -51.32 14.47
CA LEU X 88 14.98 -51.48 15.75
C LEU X 88 15.39 -52.78 16.44
N GLN X 89 15.52 -53.87 15.67
CA GLN X 89 15.82 -55.15 16.29
C GLN X 89 17.28 -55.22 16.75
N ALA X 90 18.17 -54.52 16.04
CA ALA X 90 19.57 -54.50 16.44
C ALA X 90 19.77 -53.67 17.72
N LEU X 91 18.95 -52.64 17.92
CA LEU X 91 19.08 -51.81 19.12
C LEU X 91 18.70 -52.59 20.37
N GLY X 92 17.65 -53.40 20.30
CA GLY X 92 17.24 -54.18 21.46
C GLY X 92 16.67 -53.30 22.56
N ASP X 93 17.20 -53.47 23.77
CA ASP X 93 16.68 -52.74 24.93
C ASP X 93 17.22 -51.31 25.03
N ARG X 94 18.23 -50.96 24.25
CA ARG X 94 18.80 -49.61 24.22
C ARG X 94 19.32 -49.19 25.59
N LYS X 95 19.95 -50.11 26.31
CA LYS X 95 20.44 -49.85 27.66
C LYS X 95 21.92 -49.48 27.61
N GLY X 96 22.25 -48.36 28.24
CA GLY X 96 23.63 -47.90 28.30
C GLY X 96 24.12 -47.10 27.12
N ILE X 97 23.22 -46.67 26.23
CA ILE X 97 23.60 -45.91 25.06
C ILE X 97 23.27 -44.44 25.27
N ASN X 98 23.84 -43.59 24.42
CA ASN X 98 23.67 -42.14 24.56
C ASN X 98 22.25 -41.70 24.24
N ARG X 99 21.63 -42.32 23.23
CA ARG X 99 20.28 -42.09 22.72
C ARG X 99 20.10 -40.73 22.04
N PHE X 100 21.14 -39.88 22.01
CA PHE X 100 21.03 -38.56 21.40
C PHE X 100 22.18 -38.34 20.45
N GLY X 101 21.90 -37.68 19.32
CA GLY X 101 22.91 -37.37 18.34
C GLY X 101 22.69 -36.04 17.64
N ASN X 102 23.77 -35.28 17.45
CA ASN X 102 23.71 -33.98 16.79
C ASN X 102 24.93 -33.83 15.89
N PHE X 103 24.71 -33.28 14.69
CA PHE X 103 25.81 -33.04 13.76
C PHE X 103 25.39 -32.07 12.68
N SER X 104 26.31 -31.18 12.31
CA SER X 104 26.17 -30.30 11.16
C SER X 104 27.25 -30.65 10.14
N ALA X 105 26.86 -30.84 8.89
CA ALA X 105 27.78 -31.30 7.85
C ALA X 105 27.87 -30.26 6.73
N PRO X 106 29.05 -29.69 6.48
CA PRO X 106 29.21 -28.81 5.32
C PRO X 106 29.70 -29.56 4.09
N LEU X 107 29.16 -29.18 2.94
CA LEU X 107 29.58 -29.75 1.65
C LEU X 107 29.55 -28.60 0.65
N ASP X 108 30.73 -27.97 0.45
CA ASP X 108 30.90 -26.80 -0.42
C ASP X 108 29.95 -25.71 0.08
N GLU X 109 28.97 -25.27 -0.70
CA GLU X 109 28.06 -24.21 -0.27
C GLU X 109 26.91 -24.72 0.58
N ALA X 110 26.73 -26.02 0.71
CA ALA X 110 25.61 -26.60 1.44
C ALA X 110 25.96 -26.84 2.90
N LEU X 111 24.95 -26.76 3.76
CA LEU X 111 25.12 -26.97 5.20
C LEU X 111 23.81 -27.47 5.78
N VAL X 112 23.82 -28.68 6.32
CA VAL X 112 22.62 -29.34 6.84
C VAL X 112 22.89 -29.80 8.27
N HIS X 113 21.94 -29.55 9.17
CA HIS X 113 22.02 -29.97 10.56
C HIS X 113 20.98 -31.04 10.85
N VAL X 114 21.38 -32.07 11.59
CA VAL X 114 20.52 -33.21 11.91
C VAL X 114 20.51 -33.41 13.42
N SER X 115 19.31 -33.53 13.99
CA SER X 115 19.12 -33.82 15.41
C SER X 115 18.18 -35.00 15.54
N LEU X 116 18.58 -36.03 16.28
CA LEU X 116 17.77 -37.22 16.43
C LEU X 116 17.84 -37.74 17.87
N ASP X 117 16.84 -38.52 18.23
CA ASP X 117 16.78 -39.16 19.54
C ASP X 117 15.97 -40.44 19.43
N LEU X 118 16.49 -41.53 19.99
CA LEU X 118 15.85 -42.85 19.91
C LEU X 118 14.98 -43.04 21.14
N SER X 119 13.67 -42.81 20.98
CA SER X 119 12.75 -42.78 22.11
C SER X 119 11.56 -43.72 22.00
N GLY X 120 11.28 -44.28 20.83
CA GLY X 120 10.09 -45.08 20.63
C GLY X 120 8.90 -44.31 20.11
N ARG X 121 8.99 -42.98 20.01
CA ARG X 121 7.90 -42.17 19.49
C ARG X 121 8.29 -41.61 18.13
N PRO X 122 7.60 -42.00 17.05
CA PRO X 122 8.02 -41.57 15.70
C PRO X 122 7.57 -40.14 15.40
N HIS X 123 8.51 -39.35 14.89
CA HIS X 123 8.21 -37.99 14.44
C HIS X 123 9.29 -37.57 13.45
N LEU X 124 8.88 -36.85 12.40
CA LEU X 124 9.80 -36.33 11.40
C LEU X 124 9.60 -34.83 11.24
N GLY X 125 10.69 -34.08 11.40
CA GLY X 125 10.69 -32.66 11.06
C GLY X 125 11.57 -32.40 9.85
N TYR X 126 10.96 -32.09 8.72
CA TYR X 126 11.65 -32.00 7.44
C TYR X 126 11.63 -30.56 6.95
N ASP X 127 12.82 -29.95 6.82
CA ASP X 127 12.95 -28.60 6.26
C ASP X 127 14.11 -28.63 5.26
N LEU X 128 13.79 -28.96 4.01
CA LEU X 128 14.76 -28.98 2.93
C LEU X 128 14.19 -28.24 1.74
N ASN X 129 15.07 -27.61 0.96
CA ASN X 129 14.68 -26.86 -0.24
C ASN X 129 15.55 -27.33 -1.40
N ILE X 130 15.09 -28.37 -2.09
CA ILE X 130 15.82 -28.94 -3.22
C ILE X 130 15.32 -28.21 -4.48
N PRO X 131 16.19 -27.54 -5.22
CA PRO X 131 15.71 -26.68 -6.31
C PRO X 131 15.24 -27.44 -7.55
N THR X 132 15.84 -28.57 -7.88
CA THR X 132 15.51 -29.28 -9.10
C THR X 132 14.62 -30.49 -8.82
N GLN X 133 13.93 -30.94 -9.87
CA GLN X 133 12.99 -32.04 -9.76
C GLN X 133 13.66 -33.40 -9.95
N ARG X 134 14.76 -33.47 -10.70
CA ARG X 134 15.50 -34.70 -10.92
C ARG X 134 16.98 -34.43 -10.70
N VAL X 135 17.67 -35.38 -10.09
CA VAL X 135 19.12 -35.29 -9.90
C VAL X 135 19.79 -36.05 -11.03
N GLY X 136 19.53 -37.35 -11.11
CA GLY X 136 19.87 -38.13 -12.29
C GLY X 136 18.60 -38.63 -12.93
N LYS X 137 18.28 -39.90 -12.70
CA LYS X 137 16.95 -40.44 -12.94
C LYS X 137 16.10 -40.45 -11.67
N TYR X 138 16.65 -39.95 -10.56
CA TYR X 138 16.01 -40.05 -9.26
C TYR X 138 15.09 -38.86 -9.02
N ASP X 139 13.85 -39.15 -8.63
CA ASP X 139 12.88 -38.11 -8.33
C ASP X 139 13.11 -37.55 -6.94
N THR X 140 13.24 -36.22 -6.84
CA THR X 140 13.65 -35.60 -5.57
C THR X 140 12.55 -35.60 -4.53
N GLN X 141 11.31 -35.91 -4.91
CA GLN X 141 10.24 -36.03 -3.93
C GLN X 141 10.40 -37.26 -3.05
N LEU X 142 11.25 -38.21 -3.45
CA LEU X 142 11.43 -39.45 -2.70
C LEU X 142 12.40 -39.30 -1.53
N VAL X 143 13.10 -38.17 -1.41
CA VAL X 143 13.97 -37.96 -0.26
C VAL X 143 13.16 -37.84 1.03
N GLU X 144 12.07 -37.07 0.98
CA GLU X 144 11.17 -36.98 2.12
C GLU X 144 10.49 -38.33 2.42
N HIS X 145 10.06 -39.03 1.37
CA HIS X 145 9.37 -40.31 1.57
C HIS X 145 10.29 -41.36 2.16
N PHE X 146 11.59 -41.29 1.86
CA PHE X 146 12.53 -42.25 2.43
C PHE X 146 12.66 -42.07 3.94
N PHE X 147 12.83 -40.83 4.40
CA PHE X 147 13.05 -40.61 5.82
C PHE X 147 11.77 -40.74 6.63
N GLN X 148 10.61 -40.49 6.02
CA GLN X 148 9.35 -40.67 6.73
C GLN X 148 9.08 -42.14 7.00
N SER X 149 9.39 -43.01 6.03
CA SER X 149 9.16 -44.44 6.22
C SER X 149 10.17 -45.05 7.18
N LEU X 150 11.37 -44.46 7.29
CA LEU X 150 12.38 -44.99 8.19
C LEU X 150 12.01 -44.75 9.65
N VAL X 151 11.49 -43.57 9.98
CA VAL X 151 11.14 -43.29 11.36
C VAL X 151 9.84 -43.96 11.78
N ASN X 152 9.00 -44.38 10.83
CA ASN X 152 7.75 -45.03 11.19
C ASN X 152 7.99 -46.46 11.70
N THR X 153 9.04 -47.12 11.23
CA THR X 153 9.34 -48.48 11.66
C THR X 153 10.40 -48.55 12.75
N SER X 154 11.26 -47.53 12.87
CA SER X 154 12.29 -47.52 13.89
C SER X 154 11.88 -46.80 15.17
N GLY X 155 10.82 -46.00 15.13
CA GLY X 155 10.36 -45.28 16.30
C GLY X 155 11.32 -44.23 16.82
N MET X 156 11.79 -43.36 15.93
CA MET X 156 12.76 -42.32 16.30
C MET X 156 12.20 -40.94 16.01
N THR X 157 12.73 -39.96 16.74
CA THR X 157 12.41 -38.55 16.52
C THR X 157 13.56 -37.93 15.73
N LEU X 158 13.25 -37.36 14.57
CA LEU X 158 14.26 -36.88 13.64
C LEU X 158 13.92 -35.48 13.17
N HIS X 159 14.91 -34.58 13.22
CA HIS X 159 14.76 -33.21 12.74
C HIS X 159 15.86 -32.91 11.74
N ILE X 160 15.48 -32.39 10.57
CA ILE X 160 16.42 -32.03 9.51
C ILE X 160 16.17 -30.58 9.12
N ARG X 161 17.23 -29.77 9.12
CA ARG X 161 17.12 -28.36 8.75
C ARG X 161 18.29 -27.97 7.85
N GLN X 162 17.99 -27.21 6.80
CA GLN X 162 18.97 -26.71 5.85
C GLN X 162 19.25 -25.24 6.11
N PHE X 163 20.53 -24.88 6.18
CA PHE X 163 20.93 -23.50 6.40
C PHE X 163 21.44 -22.81 5.14
N SER X 164 22.00 -23.57 4.19
CA SER X 164 22.46 -23.01 2.93
C SER X 164 22.58 -24.14 1.91
N GLY X 165 22.69 -23.76 0.65
CA GLY X 165 22.86 -24.74 -0.42
C GLY X 165 22.14 -24.39 -1.70
N THR X 166 22.75 -24.68 -2.84
CA THR X 166 22.16 -24.40 -4.13
C THR X 166 22.11 -25.65 -5.01
N ASN X 167 23.15 -26.47 -4.94
CA ASN X 167 23.27 -27.64 -5.79
C ASN X 167 22.49 -28.81 -5.19
N SER X 168 21.68 -29.47 -6.03
CA SER X 168 20.82 -30.55 -5.56
C SER X 168 21.62 -31.75 -5.08
N HIS X 169 22.68 -32.12 -5.81
CA HIS X 169 23.52 -33.24 -5.40
C HIS X 169 24.19 -32.97 -4.06
N HIS X 170 24.68 -31.74 -3.86
CA HIS X 170 25.39 -31.41 -2.63
C HIS X 170 24.44 -31.39 -1.43
N ILE X 171 23.21 -30.91 -1.60
CA ILE X 171 22.28 -30.78 -0.49
C ILE X 171 21.87 -32.15 0.03
N ILE X 172 21.48 -33.06 -0.86
CA ILE X 172 21.02 -34.38 -0.45
C ILE X 172 22.16 -35.18 0.18
N GLU X 173 23.34 -35.15 -0.44
CA GLU X 173 24.42 -36.01 0.02
C GLU X 173 25.09 -35.44 1.27
N ALA X 174 24.89 -34.15 1.54
CA ALA X 174 25.25 -33.60 2.84
C ALA X 174 24.27 -34.03 3.93
N THR X 175 22.99 -34.24 3.57
CA THR X 175 22.00 -34.69 4.54
C THR X 175 22.32 -36.09 5.04
N PHE X 176 22.74 -36.99 4.14
CA PHE X 176 23.04 -38.35 4.54
C PHE X 176 24.31 -38.43 5.37
N LYS X 177 25.27 -37.53 5.14
CA LYS X 177 26.47 -37.50 5.96
C LYS X 177 26.17 -37.10 7.40
N ALA X 178 25.31 -36.08 7.58
CA ALA X 178 24.98 -35.62 8.92
C ALA X 178 24.12 -36.64 9.66
N PHE X 179 23.25 -37.35 8.93
CA PHE X 179 22.42 -38.38 9.56
C PHE X 179 23.24 -39.56 10.02
N ALA X 180 24.26 -39.94 9.25
CA ALA X 180 25.08 -41.09 9.61
C ALA X 180 25.89 -40.84 10.87
N ARG X 181 26.49 -39.65 11.00
CA ARG X 181 27.31 -39.36 12.16
C ARG X 181 26.49 -39.05 13.40
N ALA X 182 25.27 -38.53 13.23
CA ALA X 182 24.39 -38.33 14.36
C ALA X 182 23.83 -39.65 14.88
N LEU X 183 23.56 -40.59 13.98
CA LEU X 183 23.10 -41.92 14.40
C LEU X 183 24.22 -42.69 15.08
N ARG X 184 25.46 -42.51 14.62
CA ARG X 184 26.60 -43.17 15.25
C ARG X 184 26.78 -42.70 16.68
N GLN X 185 26.64 -41.41 16.93
CA GLN X 185 26.82 -40.88 18.28
C GLN X 185 25.73 -41.37 19.23
N ALA X 186 24.51 -41.55 18.70
CA ALA X 186 23.40 -41.98 19.56
C ALA X 186 23.52 -43.45 19.93
N THR X 187 24.21 -44.24 19.11
CA THR X 187 24.30 -45.68 19.37
C THR X 187 25.54 -46.09 20.15
N GLU X 188 26.49 -45.19 20.39
CA GLU X 188 27.64 -45.54 21.20
C GLU X 188 27.27 -45.66 22.67
N TYR X 189 27.97 -46.54 23.37
CA TYR X 189 27.74 -46.74 24.80
C TYR X 189 28.25 -45.55 25.59
N ASP X 190 27.46 -45.10 26.56
CA ASP X 190 27.88 -44.02 27.42
C ASP X 190 28.89 -44.54 28.43
N THR X 191 29.92 -43.73 28.71
CA THR X 191 30.98 -44.13 29.62
C THR X 191 30.66 -43.82 31.08
N ARG X 192 29.51 -43.22 31.35
CA ARG X 192 29.07 -42.82 32.71
C ARG X 192 30.09 -41.84 33.26
N ARG X 193 30.46 -41.94 34.53
CA ARG X 193 31.41 -41.00 35.12
C ARG X 193 32.84 -41.35 34.73
MN MN Y . -13.68 19.47 -37.32
MN MN Z . 4.19 4.24 -47.03
MN MN AA . 38.53 21.50 -3.49
MN MN BA . 47.25 -2.36 -2.91
MN MN CA . 10.78 -11.60 41.33
MN MN DA . 7.08 -34.73 31.47
MN MN EA . -41.89 12.44 -7.03
MN MN FA . -46.16 -8.74 6.34
MN MN GA . -6.21 -34.46 -27.06
MN MN HA . 1.02 -47.00 -6.17
MN MN IA . -17.75 -2.85 40.44
MN MN JA . 6.09 -9.66 46.00
MN MN KA . -12.80 42.31 -2.11
MN MN LA . 5.20 44.42 15.70
MN MN MA . -41.43 -13.63 7.50
MN MN NA . -36.00 -28.14 -12.64
MN MN OA . 29.02 22.41 24.80
MN MN PA . 40.05 25.28 2.08
MN MN QA . 4.88 37.70 -22.67
MN MN RA . -12.20 26.20 -37.58
MN MN SA . 30.53 -31.37 -6.51
MN MN TA . 25.71 -25.36 -30.72
MN MN UA . 20.19 -21.78 -32.82
MN MN VA . -1.69 -34.69 -32.28
MN MN WA . 7.88 39.10 19.18
MN MN XA . -7.48 29.01 36.73
MN MN YA . 43.56 -7.80 -0.86
MN MN ZA . 39.69 -9.23 24.21
MN MN AB . -30.68 -27.04 -16.91
MN MN BB . -33.59 -7.30 -32.65
MN MN CB . -11.51 23.52 35.68
MN MN DB . -31.92 27.91 21.18
MN MN EB . 3.80 -35.95 25.53
MN MN FB . -21.42 -32.96 26.48
MN MN GB . 27.64 19.33 -28.66
MN MN HB . 11.15 38.40 -25.47
MN MN IB . -31.14 -0.97 -31.44
MN MN JB . -43.76 12.10 -13.66
MN MN KB . -24.73 -27.20 24.65
MN MN LB . -22.41 -7.90 41.01
MN MN MB . 34.05 -6.90 27.42
MN MN NB . 32.48 18.40 29.21
MN MN OB . 9.08 1.10 -43.30
MN MN PB . 27.53 16.43 -34.92
MN MN QB . -32.20 26.73 14.39
MN MN RB . -19.24 43.32 0.16
MN MN SB . 4.13 -44.06 -0.76
MN MN TB . 28.42 -37.67 -4.62
#